data_9E76
#
_entry.id   9E76
#
_cell.length_a   1.00
_cell.length_b   1.00
_cell.length_c   1.00
_cell.angle_alpha   90.00
_cell.angle_beta   90.00
_cell.angle_gamma   90.00
#
_symmetry.space_group_name_H-M   'P 1'
#
loop_
_entity.id
_entity.type
_entity.pdbx_description
1 polymer 'V-type proton ATPase subunit d'
2 polymer "V-type proton ATPase subunit c''"
3 polymer "V-type proton ATPase subunit c'"
4 polymer 'V-type proton ATPase subunit c'
5 polymer 'V-type proton ATPase subunit e'
6 polymer 'V0 assembly protein 1'
7 polymer 'Yeast V-ATPase subunit f'
8 polymer 'Nanobody 1WVA25'
9 polymer 'V-type proton ATPase subunit a, vacuolar isoform'
#
loop_
_entity_poly.entity_id
_entity_poly.type
_entity_poly.pdbx_seq_one_letter_code
_entity_poly.pdbx_strand_id
1 'polypeptide(L)'
;MEGVYFNIDNGFIEGVVRGYRNGLLSNNQYINLTQCDTLEDLKLQLSSTDYGNFLSSVSSESLTTSLIQEYASSKLYHEF
NYIRDQSSGSTRKFMDYITYGYMIDNVALMITGTIHDRDKGEILQRCHPLGWFDTLPTLSVATDLESLYETVLVDTPLAP
YFKNCFDTAEELDDMNIEIIRNKLYKAYLEDFYNFVTEEIPEPAKECMQTLLGFEADRRSINIALNSLQSSDIDPDLKSD
LLPNIGKLYPLATFHLAQAQDFEGVRAALANVYEYRGFLETGNLEDHFYQLEMELCRDAFTQQFAISTVWAWMKSKEQEV
RNITWIAECIAQNQRERINNYISVY
;
B
2 'polypeptide(L)'
;MNKESKDDDMSLGKFSFSHFLYYLVLIVVIVYGLYKLFTGHGSDINFGKFLLRTSPYMWANLGIALCVGLSVVGAAWGIF
ITGSSMIGAGVRAPRITTKNLISIIFCEVVAIYGLIIAIVFSSKLTVATAENMYSKSNLYTGYSLFWAGITVGASNLICG
IAVGITGATAAISDAADSALFVKILVIEIFGSILGLLGLIVGLLMAGKASEFQ
;
C
3 'polypeptide(L)'
;MSTQLASNIYAPLYAPFFGFAGCAAAMVLSCLGAAIGTAKSGIGIAGIGTFKPELIMKSLIPVVMSGILAIYGLVVAVLI
AGNLSPTEDYTLFNGFMHLSCGLCVGFACLSSGYAIGMVGDVGVRKYMHQPRLFVGIVLILIFSEVLGLYGMIVALILNT
RGSE
;
D
4 'polypeptide(L)'
;MTELCPVYAPFFGAIGCASAIIFTSLGAAYGTAKSGVGICATCVLRPDLLFKNIVPVIMAGIIAIYGLVVSVLVCYSLGQ
KQALYTGFIQLGAGLSVGLSGLAAGFAIGIVGDAGVRGSSQQPRLFVGMILILIFAEVLGLYGLIVALLLNSRATQDVVC
;
E,F,G,H,I,J,K,L
5 'polypeptide(L)' MSSFYTVVGVFIVVSAMSVLFWIMAPKNNQAVWRSTVILTLAMMFLMWAITFLCQLHPLVAPRRSDLRPEFAE M
6 'polypeptide(L)'
;MVFGQLYALFIFTLSCCISKTVQADSSKESSSFISFDKESNWDTISTISSTADVISSVDSAIAVFEFDNFSLLDNLMIDE
EYPFFNRFFANDVSLTVHDDSPLNISQSLSPIMEQFTVDELPESASDLLYEYSLDDKSIVLFKFTSDAYDLKKLDEFIDS
CLSFLEDKSGDNLTVVINSLGWAFEDEDGDDEYATEETLSHHDNNKGKEGDDDILSSIWTEGLLMCLIVSALLLFILIVA
LSWISNLDITYGALEKSTNPIKKNN
;
N
7 'polypeptide(L)'
;MRPVVSTGKAWCCTVLSAFGVVILSVIAHLFNTNHESFVGSINDPEDGPAVAHTVYLAALVYLVFFVFCGFQVYLARRKP
SIELR
;
O
8 'polypeptide(L)'
;QVQLQESGGGLVQPGGSLRLSCVASGFTFSRYAMTWVRQAPGKGLEWVSDISSGGSSTFYTDSVKGRFTISRDNAKNTLY
LQMNSLKPDDTAIYFCAKGVPSYYSDYERRSKRYDSRGQGTQVTVSSAAAYPYDVPDYGSHHHHHH
;
Q,R,S,T
9 'polypeptide(L)'
;MAEKEEAIFRSAEMALVQFYIPQEISRDSAYTLGQLGLVQFRDLNSKVRAFQRTFVNEIRRLDNVERQYRYFYSLLKKHD
IKLYEGDTDKYLDGSGELYVPPSGSVIDDYVRNASYLEERLIQMEDATDQIEVQKNDLEQYRFILQSGDEFFLKGDNTDS
TSYMDEDMIDANGENIAAAIGASVNYVTGVIARDKVATLEQILWRVLRGNLFFKTVEIEQPVYDVKTREYKHKNAFIVFS
HGDLIIKRIRKIAESLDANLYDVDSSNEGRSQQLAKVNKNLSDLYTVLKTTSTTLESELYAIAKELDSWFQDVTREKAIF
EILNKSNYDTNRKILIAEGWIPRDELATLQARLGEMIARLGIDVPSIIQVLDTNHTPPTFHRTNKFTAGFQSICDCYGIA
QYREINAGLPTIVTFPFMFAIMFGDMGHGFLMTLAALSLVLNEKKINKMKRGEIFDMAFTGRYIILLMGVFSMYTGFLYN
DIFSKTMTIFKSGWKWPDHWKKGESITATSVGTYPIGLDWAWHGTENALLFSNSYKMKLSILMGFIHMTYSYFFSLANHL
YFNSMIDIIGNFIPGLLFMQGIFGYLSVCIVYKWAVDWVKDGKPAPGLLNMLINMFLSPGTIDDELYPHQAKVQVFLLLM
ALVCIPWLLLVKPLHFKFTHKKKSHEPLPSTEADASSEDLEAQQLISAMDADDAEEEEVGSGSHGEDFGDIMIHQVIHTI
EFCLNCVSHTASYLRLWALSLAHAQLSSVLWTMTIQIAFGFRGFVGVFMTVALFAMWFALTCAVLVLMEGTSAMLHSLRL
HWVESMSKFFVGEGLPYEPFAFEYKDMEVAVASASSSASS
;
A
#
# COMPACT_ATOMS: atom_id res chain seq x y z
N MET A 1 -14.00 -3.93 5.70
CA MET A 1 -14.67 -4.73 6.75
C MET A 1 -13.67 -5.68 7.42
N GLU A 2 -14.14 -6.41 8.44
CA GLU A 2 -13.24 -7.17 9.30
C GLU A 2 -12.49 -8.25 8.53
N GLY A 3 -13.17 -8.99 7.66
CA GLY A 3 -12.59 -10.19 7.09
C GLY A 3 -11.47 -9.96 6.09
N VAL A 4 -11.28 -8.71 5.63
CA VAL A 4 -10.36 -8.47 4.53
C VAL A 4 -8.91 -8.66 4.97
N TYR A 5 -8.56 -8.21 6.17
CA TYR A 5 -7.18 -8.25 6.65
C TYR A 5 -6.94 -9.21 7.78
N PHE A 6 -7.98 -9.68 8.46
CA PHE A 6 -7.80 -10.46 9.68
C PHE A 6 -6.95 -11.70 9.44
N ASN A 7 -7.17 -12.39 8.33
CA ASN A 7 -6.54 -13.68 8.08
C ASN A 7 -5.06 -13.58 7.70
N ILE A 8 -4.49 -12.38 7.56
CA ILE A 8 -3.09 -12.28 7.19
C ILE A 8 -2.20 -12.91 8.25
N ASP A 9 -2.61 -12.83 9.52
CA ASP A 9 -1.85 -13.45 10.61
C ASP A 9 -2.70 -14.37 11.47
N ASN A 10 -3.97 -14.04 11.71
CA ASN A 10 -4.79 -14.76 12.66
C ASN A 10 -5.60 -15.88 12.04
N GLY A 11 -5.45 -16.15 10.74
CA GLY A 11 -6.28 -17.16 10.10
C GLY A 11 -6.09 -18.54 10.72
N PHE A 12 -4.85 -18.95 10.94
CA PHE A 12 -4.60 -20.25 11.56
C PHE A 12 -5.13 -20.30 12.98
N ILE A 13 -4.94 -19.24 13.76
CA ILE A 13 -5.41 -19.22 15.14
C ILE A 13 -6.92 -19.40 15.19
N GLU A 14 -7.64 -18.59 14.41
CA GLU A 14 -9.10 -18.64 14.45
C GLU A 14 -9.61 -20.02 14.08
N GLY A 15 -8.99 -20.66 13.09
CA GLY A 15 -9.44 -21.98 12.68
C GLY A 15 -9.26 -23.02 13.77
N VAL A 16 -8.07 -23.07 14.38
CA VAL A 16 -7.80 -24.07 15.40
C VAL A 16 -8.68 -23.85 16.62
N VAL A 17 -8.80 -22.59 17.07
CA VAL A 17 -9.56 -22.32 18.28
C VAL A 17 -11.00 -22.78 18.13
N ARG A 18 -11.60 -22.50 16.97
CA ARG A 18 -12.97 -22.98 16.75
C ARG A 18 -13.04 -24.49 16.68
N GLY A 19 -11.94 -25.14 16.29
CA GLY A 19 -11.86 -26.59 16.44
C GLY A 19 -12.09 -27.01 17.88
N TYR A 20 -11.48 -26.27 18.82
CA TYR A 20 -11.71 -26.54 20.23
C TYR A 20 -13.16 -26.27 20.62
N ARG A 21 -13.74 -25.18 20.11
CA ARG A 21 -15.12 -24.86 20.45
C ARG A 21 -16.05 -25.99 20.05
N ASN A 22 -15.80 -26.63 18.91
CA ASN A 22 -16.61 -27.75 18.48
C ASN A 22 -16.46 -28.96 19.39
N GLY A 23 -15.48 -28.95 20.30
CA GLY A 23 -15.28 -30.01 21.25
C GLY A 23 -15.86 -29.76 22.62
N LEU A 24 -16.43 -28.59 22.86
CA LEU A 24 -17.05 -28.32 24.15
C LEU A 24 -18.19 -29.30 24.38
N LEU A 25 -18.27 -29.82 25.61
CA LEU A 25 -19.29 -30.81 25.93
C LEU A 25 -20.68 -30.21 25.79
N SER A 26 -21.57 -30.93 25.12
CA SER A 26 -22.95 -30.51 24.99
C SER A 26 -23.76 -31.01 26.18
N ASN A 27 -24.99 -30.46 26.31
CA ASN A 27 -25.84 -30.84 27.42
C ASN A 27 -26.09 -32.35 27.44
N ASN A 28 -26.29 -32.96 26.27
CA ASN A 28 -26.54 -34.38 26.21
C ASN A 28 -25.37 -35.18 26.79
N GLN A 29 -24.14 -34.74 26.50
CA GLN A 29 -22.97 -35.43 27.04
C GLN A 29 -22.90 -35.27 28.56
N TYR A 30 -23.22 -34.09 29.08
CA TYR A 30 -23.28 -33.91 30.52
C TYR A 30 -24.27 -34.88 31.14
N ILE A 31 -25.47 -35.00 30.55
CA ILE A 31 -26.48 -35.89 31.07
C ILE A 31 -25.92 -37.30 31.20
N ASN A 32 -25.24 -37.78 30.15
CA ASN A 32 -24.64 -39.11 30.21
C ASN A 32 -23.62 -39.19 31.32
N LEU A 33 -22.79 -38.15 31.50
CA LEU A 33 -21.76 -38.18 32.53
C LEU A 33 -22.35 -38.34 33.92
N THR A 34 -23.49 -37.69 34.18
CA THR A 34 -24.09 -37.72 35.50
C THR A 34 -24.56 -39.10 35.93
N GLN A 35 -24.69 -40.05 34.99
CA GLN A 35 -25.25 -41.36 35.28
C GLN A 35 -24.17 -42.43 35.46
N CYS A 36 -22.91 -42.03 35.61
CA CYS A 36 -21.86 -43.00 35.92
C CYS A 36 -22.01 -43.49 37.35
N ASP A 37 -21.57 -44.74 37.59
CA ASP A 37 -21.63 -45.30 38.94
C ASP A 37 -20.38 -44.98 39.74
N THR A 38 -19.22 -45.00 39.09
CA THR A 38 -17.94 -44.79 39.78
C THR A 38 -17.04 -43.95 38.90
N LEU A 39 -15.98 -43.41 39.51
CA LEU A 39 -15.01 -42.62 38.75
C LEU A 39 -14.41 -43.42 37.61
N GLU A 40 -14.20 -44.72 37.83
CA GLU A 40 -13.67 -45.56 36.75
C GLU A 40 -14.62 -45.62 35.57
N ASP A 41 -15.92 -45.45 35.81
CA ASP A 41 -16.88 -45.33 34.71
C ASP A 41 -16.80 -43.94 34.08
N LEU A 42 -16.56 -42.91 34.90
CA LEU A 42 -16.45 -41.55 34.38
C LEU A 42 -15.29 -41.44 33.40
N LYS A 43 -14.16 -42.08 33.71
CA LYS A 43 -13.03 -42.06 32.78
C LYS A 43 -13.42 -42.70 31.45
N LEU A 44 -14.11 -43.84 31.50
CA LEU A 44 -14.52 -44.50 30.28
C LEU A 44 -15.50 -43.64 29.48
N GLN A 45 -16.44 -42.99 30.18
CA GLN A 45 -17.38 -42.12 29.48
C GLN A 45 -16.69 -40.93 28.85
N LEU A 46 -15.77 -40.29 29.59
CA LEU A 46 -15.06 -39.14 29.04
C LEU A 46 -14.23 -39.53 27.83
N SER A 47 -13.72 -40.76 27.79
CA SER A 47 -12.92 -41.20 26.64
C SER A 47 -13.71 -41.12 25.33
N SER A 48 -15.04 -41.11 25.41
CA SER A 48 -15.86 -40.97 24.21
C SER A 48 -15.82 -39.54 23.66
N THR A 49 -15.52 -38.57 24.52
CA THR A 49 -15.62 -37.16 24.17
C THR A 49 -14.30 -36.65 23.59
N ASP A 50 -14.23 -35.33 23.41
CA ASP A 50 -13.00 -34.72 22.90
C ASP A 50 -11.82 -34.91 23.86
N TYR A 51 -12.09 -35.24 25.12
CA TYR A 51 -11.00 -35.46 26.07
C TYR A 51 -10.17 -36.69 25.73
N GLY A 52 -10.79 -37.70 25.13
CA GLY A 52 -10.05 -38.85 24.64
C GLY A 52 -9.26 -39.55 25.73
N ASN A 53 -8.00 -39.85 25.43
CA ASN A 53 -7.14 -40.69 26.24
C ASN A 53 -6.39 -39.94 27.33
N PHE A 54 -6.86 -38.76 27.72
CA PHE A 54 -6.03 -37.88 28.55
C PHE A 54 -5.73 -38.49 29.93
N LEU A 55 -6.50 -39.47 30.38
CA LEU A 55 -6.23 -40.18 31.63
C LEU A 55 -5.66 -41.58 31.41
N SER A 56 -5.18 -41.89 30.21
CA SER A 56 -4.79 -43.26 29.90
C SER A 56 -3.62 -43.76 30.73
N SER A 57 -2.84 -42.86 31.34
CA SER A 57 -1.67 -43.24 32.11
C SER A 57 -1.96 -43.44 33.59
N VAL A 58 -3.21 -43.30 34.02
CA VAL A 58 -3.56 -43.28 35.44
C VAL A 58 -4.12 -44.64 35.83
N SER A 59 -3.57 -45.21 36.90
CA SER A 59 -4.02 -46.51 37.38
C SER A 59 -5.44 -46.42 37.94
N SER A 60 -6.09 -47.58 38.03
CA SER A 60 -7.47 -47.64 38.49
C SER A 60 -7.63 -46.99 39.86
N GLU A 61 -6.79 -47.41 40.82
CA GLU A 61 -6.92 -46.92 42.19
C GLU A 61 -6.37 -45.52 42.39
N SER A 62 -5.72 -44.94 41.38
CA SER A 62 -5.23 -43.57 41.49
C SER A 62 -6.28 -42.53 41.14
N LEU A 63 -7.41 -42.93 40.57
CA LEU A 63 -8.42 -41.96 40.17
C LEU A 63 -9.01 -41.28 41.40
N THR A 64 -8.89 -39.96 41.45
CA THR A 64 -9.52 -39.17 42.48
C THR A 64 -9.97 -37.86 41.87
N THR A 65 -10.98 -37.24 42.48
CA THR A 65 -11.55 -36.02 41.94
C THR A 65 -10.49 -34.93 41.80
N SER A 66 -9.55 -34.87 42.74
CA SER A 66 -8.48 -33.88 42.65
C SER A 66 -7.61 -34.13 41.43
N LEU A 67 -7.30 -35.39 41.14
CA LEU A 67 -6.44 -35.71 40.01
C LEU A 67 -7.14 -35.41 38.68
N ILE A 68 -8.43 -35.72 38.58
CA ILE A 68 -9.16 -35.42 37.35
C ILE A 68 -9.14 -33.92 37.09
N GLN A 69 -9.32 -33.11 38.14
CA GLN A 69 -9.25 -31.67 37.97
C GLN A 69 -7.89 -31.24 37.45
N GLU A 70 -6.83 -31.83 38.00
CA GLU A 70 -5.48 -31.46 37.57
C GLU A 70 -5.25 -31.80 36.10
N TYR A 71 -5.63 -33.01 35.69
CA TYR A 71 -5.39 -33.44 34.32
C TYR A 71 -6.27 -32.68 33.33
N ALA A 72 -7.53 -32.46 33.68
CA ALA A 72 -8.41 -31.71 32.79
C ALA A 72 -7.93 -30.28 32.62
N SER A 73 -7.44 -29.66 33.69
CA SER A 73 -6.91 -28.31 33.59
C SER A 73 -5.62 -28.28 32.78
N SER A 74 -4.72 -29.25 33.01
CA SER A 74 -3.45 -29.26 32.30
C SER A 74 -3.64 -29.36 30.80
N LYS A 75 -4.69 -30.06 30.36
CA LYS A 75 -4.98 -30.13 28.93
C LYS A 75 -5.30 -28.75 28.38
N LEU A 76 -6.09 -27.97 29.11
CA LEU A 76 -6.45 -26.63 28.66
C LEU A 76 -5.23 -25.72 28.57
N TYR A 77 -4.35 -25.77 29.58
CA TYR A 77 -3.23 -24.84 29.62
C TYR A 77 -2.25 -25.10 28.48
N HIS A 78 -1.97 -26.37 28.18
CA HIS A 78 -1.08 -26.68 27.06
C HIS A 78 -1.68 -26.19 25.74
N GLU A 79 -2.99 -26.35 25.58
CA GLU A 79 -3.64 -25.84 24.37
C GLU A 79 -3.56 -24.32 24.31
N PHE A 80 -3.71 -23.65 25.45
CA PHE A 80 -3.60 -22.19 25.47
C PHE A 80 -2.19 -21.76 25.09
N ASN A 81 -1.18 -22.38 25.70
CA ASN A 81 0.20 -21.99 25.41
C ASN A 81 0.53 -22.25 23.94
N TYR A 82 0.01 -23.33 23.38
CA TYR A 82 0.21 -23.58 21.94
C TYR A 82 -0.36 -22.45 21.11
N ILE A 83 -1.61 -22.05 21.39
CA ILE A 83 -2.24 -20.99 20.62
C ILE A 83 -1.45 -19.69 20.77
N ARG A 84 -0.98 -19.39 21.98
CA ARG A 84 -0.16 -18.20 22.16
C ARG A 84 1.14 -18.29 21.39
N ASP A 85 1.79 -19.46 21.44
CA ASP A 85 3.10 -19.61 20.79
C ASP A 85 3.01 -19.41 19.29
N GLN A 86 1.86 -19.70 18.68
CA GLN A 86 1.67 -19.56 17.25
C GLN A 86 1.16 -18.18 16.84
N SER A 87 1.36 -17.15 17.66
CA SER A 87 0.75 -15.84 17.43
C SER A 87 1.84 -14.78 17.47
N SER A 88 1.45 -13.56 17.07
CA SER A 88 2.40 -12.47 16.92
C SER A 88 1.69 -11.14 17.12
N GLY A 89 2.50 -10.09 17.28
CA GLY A 89 1.99 -8.73 17.18
C GLY A 89 0.89 -8.44 18.18
N SER A 90 -0.13 -7.71 17.73
CA SER A 90 -1.21 -7.30 18.62
C SER A 90 -1.88 -8.51 19.25
N THR A 91 -2.02 -9.60 18.50
CA THR A 91 -2.60 -10.82 19.06
C THR A 91 -1.76 -11.36 20.21
N ARG A 92 -0.43 -11.32 20.05
CA ARG A 92 0.44 -11.77 21.13
C ARG A 92 0.25 -10.91 22.37
N LYS A 93 0.17 -9.58 22.20
CA LYS A 93 -0.09 -8.71 23.34
C LYS A 93 -1.42 -9.05 24.00
N PHE A 94 -2.46 -9.27 23.19
CA PHE A 94 -3.77 -9.57 23.73
C PHE A 94 -3.74 -10.82 24.59
N MET A 95 -3.07 -11.87 24.11
CA MET A 95 -3.04 -13.12 24.86
C MET A 95 -2.20 -12.98 26.13
N ASP A 96 -1.12 -12.20 26.08
CA ASP A 96 -0.38 -11.93 27.30
C ASP A 96 -1.23 -11.19 28.31
N TYR A 97 -2.01 -10.21 27.86
CA TYR A 97 -2.89 -9.49 28.77
C TYR A 97 -3.86 -10.43 29.48
N ILE A 98 -4.24 -11.53 28.83
CA ILE A 98 -5.12 -12.51 29.48
C ILE A 98 -4.41 -13.13 30.69
N THR A 99 -3.10 -13.34 30.57
CA THR A 99 -2.37 -14.01 31.64
C THR A 99 -2.22 -13.14 32.89
N TYR A 100 -2.15 -11.82 32.72
CA TYR A 100 -1.86 -10.95 33.85
C TYR A 100 -2.82 -11.19 35.01
N GLY A 101 -4.10 -11.38 34.72
CA GLY A 101 -5.07 -11.59 35.79
C GLY A 101 -4.70 -12.76 36.67
N TYR A 102 -4.21 -13.84 36.07
CA TYR A 102 -3.86 -15.03 36.83
C TYR A 102 -2.65 -14.80 37.72
N MET A 103 -1.62 -14.13 37.20
CA MET A 103 -0.43 -13.90 38.02
C MET A 103 -0.69 -12.89 39.12
N ILE A 104 -1.68 -12.01 38.96
CA ILE A 104 -2.08 -11.14 40.07
C ILE A 104 -2.62 -11.98 41.22
N ASP A 105 -3.46 -12.97 40.90
CA ASP A 105 -3.96 -13.87 41.93
C ASP A 105 -2.85 -14.70 42.55
N ASN A 106 -1.89 -15.13 41.73
CA ASN A 106 -0.75 -15.87 42.26
C ASN A 106 0.04 -15.02 43.24
N VAL A 107 0.23 -13.74 42.93
CA VAL A 107 0.96 -12.85 43.83
C VAL A 107 0.29 -12.80 45.20
N ALA A 108 -1.03 -12.57 45.22
CA ALA A 108 -1.73 -12.49 46.48
C ALA A 108 -1.74 -13.85 47.20
N LEU A 109 -1.89 -14.94 46.46
CA LEU A 109 -1.80 -16.26 47.06
C LEU A 109 -0.41 -16.50 47.63
N MET A 110 0.64 -16.10 46.89
CA MET A 110 2.00 -16.32 47.35
C MET A 110 2.28 -15.58 48.66
N ILE A 111 1.77 -14.36 48.78
CA ILE A 111 2.07 -13.54 49.95
C ILE A 111 1.28 -14.06 51.17
N THR A 112 -0.03 -14.19 51.02
CA THR A 112 -0.85 -14.71 52.12
C THR A 112 -0.35 -16.08 52.57
N GLY A 113 0.04 -16.93 51.62
CA GLY A 113 0.54 -18.25 51.97
C GLY A 113 1.86 -18.26 52.67
N THR A 114 2.53 -17.11 52.80
CA THR A 114 3.77 -17.01 53.55
C THR A 114 3.72 -16.01 54.69
N ILE A 115 2.70 -15.14 54.75
CA ILE A 115 2.42 -14.45 56.00
C ILE A 115 2.14 -15.45 57.10
N HIS A 116 1.35 -16.48 56.77
CA HIS A 116 1.28 -17.68 57.61
C HIS A 116 2.43 -18.61 57.22
N ASP A 117 3.12 -19.13 58.22
CA ASP A 117 4.42 -19.79 58.02
C ASP A 117 4.21 -21.19 57.45
N ARG A 118 4.13 -21.27 56.12
CA ARG A 118 4.25 -22.52 55.40
C ARG A 118 5.11 -22.28 54.16
N ASP A 119 5.96 -23.25 53.84
CA ASP A 119 7.02 -23.05 52.87
C ASP A 119 6.48 -23.05 51.45
N LYS A 120 7.30 -22.54 50.53
CA LYS A 120 6.89 -22.37 49.14
C LYS A 120 6.56 -23.70 48.46
N GLY A 121 7.07 -24.82 48.97
CA GLY A 121 6.83 -26.08 48.30
C GLY A 121 5.36 -26.39 48.12
N GLU A 122 4.55 -26.10 49.15
CA GLU A 122 3.11 -26.30 49.04
C GLU A 122 2.48 -25.27 48.10
N ILE A 123 2.87 -24.00 48.25
CA ILE A 123 2.17 -22.92 47.57
C ILE A 123 2.30 -23.07 46.06
N LEU A 124 3.50 -23.38 45.57
CA LEU A 124 3.69 -23.48 44.13
C LEU A 124 2.80 -24.53 43.51
N GLN A 125 2.44 -25.56 44.27
CA GLN A 125 1.49 -26.56 43.77
C GLN A 125 0.06 -26.05 43.76
N ARG A 126 -0.25 -25.01 44.55
CA ARG A 126 -1.55 -24.38 44.53
C ARG A 126 -1.66 -23.24 43.54
N CYS A 127 -0.53 -22.80 42.97
CA CYS A 127 -0.55 -21.68 42.05
C CYS A 127 -1.16 -22.08 40.71
N HIS A 128 -1.62 -21.08 39.96
CA HIS A 128 -2.24 -21.30 38.66
C HIS A 128 -1.18 -21.16 37.57
N PRO A 129 -0.94 -22.21 36.77
CA PRO A 129 0.27 -22.20 35.92
C PRO A 129 0.31 -21.11 34.87
N LEU A 130 -0.83 -20.61 34.39
CA LEU A 130 -0.79 -19.54 33.40
C LEU A 130 -0.25 -18.25 33.99
N GLY A 131 -0.17 -18.15 35.32
CA GLY A 131 0.29 -16.94 35.97
C GLY A 131 1.73 -17.01 36.45
N TRP A 132 2.53 -17.85 35.81
CA TRP A 132 3.92 -18.01 36.22
C TRP A 132 4.80 -16.89 35.69
N PHE A 133 5.72 -16.43 36.54
CA PHE A 133 6.84 -15.60 36.11
C PHE A 133 8.03 -15.95 36.99
N ASP A 134 9.22 -15.90 36.39
CA ASP A 134 10.37 -16.61 36.93
C ASP A 134 10.73 -16.17 38.34
N THR A 135 10.42 -14.94 38.73
CA THR A 135 10.74 -14.45 40.06
C THR A 135 9.61 -14.65 41.06
N LEU A 136 8.51 -15.29 40.65
CA LEU A 136 7.36 -15.48 41.53
C LEU A 136 7.73 -16.10 42.88
N PRO A 137 8.45 -17.21 42.95
CA PRO A 137 8.76 -17.80 44.26
C PRO A 137 9.61 -16.90 45.14
N THR A 138 10.31 -15.93 44.57
CA THR A 138 11.12 -15.02 45.38
C THR A 138 10.25 -14.17 46.30
N LEU A 139 8.96 -14.04 46.02
CA LEU A 139 8.08 -13.26 46.88
C LEU A 139 7.95 -13.87 48.27
N SER A 140 8.38 -15.12 48.45
CA SER A 140 8.43 -15.74 49.77
C SER A 140 9.52 -15.13 50.65
N VAL A 141 10.35 -14.23 50.12
CA VAL A 141 11.52 -13.76 50.87
C VAL A 141 11.10 -12.86 52.02
N ALA A 142 10.10 -12.01 51.83
CA ALA A 142 9.82 -10.93 52.77
C ALA A 142 8.33 -10.82 53.04
N THR A 143 8.01 -10.06 54.08
CA THR A 143 6.63 -9.82 54.52
C THR A 143 6.32 -8.33 54.55
N ASP A 144 6.73 -7.61 53.50
CA ASP A 144 6.57 -6.17 53.46
C ASP A 144 6.43 -5.73 52.02
N LEU A 145 5.36 -4.99 51.72
CA LEU A 145 5.10 -4.59 50.34
C LEU A 145 6.24 -3.76 49.76
N GLU A 146 6.82 -2.87 50.56
CA GLU A 146 7.93 -2.06 50.05
C GLU A 146 9.10 -2.94 49.65
N SER A 147 9.47 -3.90 50.51
CA SER A 147 10.55 -4.82 50.17
C SER A 147 10.20 -5.65 48.95
N LEU A 148 8.97 -6.18 48.92
CA LEU A 148 8.57 -7.03 47.81
C LEU A 148 8.56 -6.25 46.49
N TYR A 149 8.15 -4.99 46.54
CA TYR A 149 8.11 -4.20 45.31
C TYR A 149 9.52 -3.92 44.78
N GLU A 150 10.38 -3.36 45.64
CA GLU A 150 11.68 -2.91 45.15
C GLU A 150 12.57 -4.05 44.72
N THR A 151 12.43 -5.23 45.35
CA THR A 151 13.31 -6.34 45.07
C THR A 151 12.80 -7.24 43.93
N VAL A 152 11.50 -7.35 43.74
CA VAL A 152 10.96 -8.29 42.74
C VAL A 152 10.01 -7.61 41.77
N LEU A 153 8.93 -7.03 42.28
CA LEU A 153 7.80 -6.70 41.41
C LEU A 153 8.12 -5.61 40.39
N VAL A 154 9.15 -4.80 40.63
CA VAL A 154 9.49 -3.73 39.69
C VAL A 154 9.77 -4.31 38.31
N ASP A 155 10.27 -5.54 38.24
CA ASP A 155 10.65 -6.15 36.97
C ASP A 155 9.46 -6.78 36.24
N THR A 156 8.37 -7.05 36.94
CA THR A 156 7.24 -7.76 36.34
C THR A 156 6.41 -6.83 35.47
N PRO A 157 5.61 -7.39 34.57
CA PRO A 157 4.64 -6.55 33.84
C PRO A 157 3.62 -5.90 34.73
N LEU A 158 3.46 -6.39 35.97
CA LEU A 158 2.51 -5.82 36.92
C LEU A 158 2.98 -4.50 37.53
N ALA A 159 4.23 -4.10 37.30
CA ALA A 159 4.77 -2.93 38.00
C ALA A 159 3.89 -1.70 37.89
N PRO A 160 3.33 -1.33 36.73
CA PRO A 160 2.56 -0.08 36.65
C PRO A 160 1.33 -0.05 37.54
N TYR A 161 0.85 -1.19 38.03
CA TYR A 161 -0.44 -1.26 38.68
C TYR A 161 -0.40 -0.96 40.18
N PHE A 162 0.79 -0.85 40.78
CA PHE A 162 0.90 -0.66 42.23
C PHE A 162 0.77 0.79 42.66
N LYS A 163 0.31 1.69 41.79
CA LYS A 163 0.36 3.12 42.09
C LYS A 163 -0.42 3.51 43.34
N ASN A 164 -1.39 2.70 43.76
CA ASN A 164 -2.23 3.03 44.90
C ASN A 164 -2.04 2.10 46.10
N CYS A 165 -1.06 1.20 46.05
CA CYS A 165 -0.90 0.21 47.11
C CYS A 165 -0.01 0.70 48.25
N PHE A 166 1.01 1.51 47.94
CA PHE A 166 2.01 1.86 48.95
C PHE A 166 1.44 2.72 50.08
N ASP A 167 0.26 3.30 49.90
CA ASP A 167 -0.34 4.13 50.94
C ASP A 167 -0.79 3.32 52.14
N THR A 168 -0.81 1.99 52.06
CA THR A 168 -1.33 1.16 53.11
C THR A 168 -0.34 1.06 54.29
N ALA A 169 -0.70 0.22 55.26
CA ALA A 169 0.08 0.08 56.48
C ALA A 169 1.41 -0.61 56.19
N GLU A 170 2.31 -0.50 57.17
CA GLU A 170 3.65 -1.09 57.08
C GLU A 170 3.67 -2.58 57.42
N GLU A 171 2.52 -3.17 57.73
CA GLU A 171 2.46 -4.55 58.17
C GLU A 171 1.34 -5.26 57.42
N LEU A 172 1.60 -6.51 57.03
CA LEU A 172 0.73 -7.25 56.12
C LEU A 172 -0.04 -8.32 56.87
N ASP A 173 -1.34 -8.39 56.61
CA ASP A 173 -2.20 -9.47 57.07
C ASP A 173 -3.22 -9.77 56.00
N ASP A 174 -4.06 -10.77 56.26
CA ASP A 174 -5.01 -11.22 55.24
C ASP A 174 -5.85 -10.05 54.70
N MET A 175 -6.34 -9.19 55.59
CA MET A 175 -7.15 -8.07 55.13
C MET A 175 -6.34 -7.14 54.23
N ASN A 176 -5.12 -6.82 54.62
CA ASN A 176 -4.32 -5.86 53.85
C ASN A 176 -3.97 -6.42 52.46
N ILE A 177 -3.72 -7.72 52.37
CA ILE A 177 -3.45 -8.30 51.05
C ILE A 177 -4.68 -8.23 50.18
N GLU A 178 -5.86 -8.51 50.75
CA GLU A 178 -7.08 -8.47 49.97
C GLU A 178 -7.34 -7.06 49.43
N ILE A 179 -6.97 -6.03 50.18
CA ILE A 179 -7.03 -4.67 49.66
C ILE A 179 -6.07 -4.52 48.48
N ILE A 180 -4.85 -5.02 48.64
CA ILE A 180 -3.86 -4.93 47.56
C ILE A 180 -4.34 -5.70 46.34
N ARG A 181 -4.87 -6.90 46.56
CA ARG A 181 -5.30 -7.74 45.44
C ARG A 181 -6.35 -7.05 44.60
N ASN A 182 -7.33 -6.41 45.25
CA ASN A 182 -8.38 -5.73 44.50
C ASN A 182 -7.87 -4.45 43.84
N LYS A 183 -7.00 -3.71 44.54
CA LYS A 183 -6.46 -2.49 43.95
C LYS A 183 -5.71 -2.80 42.65
N LEU A 184 -4.98 -3.92 42.62
CA LEU A 184 -4.29 -4.32 41.40
C LEU A 184 -5.29 -4.65 40.30
N TYR A 185 -6.34 -5.41 40.62
CA TYR A 185 -7.33 -5.76 39.61
C TYR A 185 -7.96 -4.52 38.99
N LYS A 186 -8.20 -3.50 39.81
CA LYS A 186 -8.78 -2.27 39.30
C LYS A 186 -7.93 -1.67 38.19
N ALA A 187 -6.64 -1.47 38.46
CA ALA A 187 -5.76 -0.90 37.44
C ALA A 187 -5.57 -1.85 36.27
N TYR A 188 -5.57 -3.16 36.52
CA TYR A 188 -5.37 -4.13 35.45
C TYR A 188 -6.51 -4.07 34.44
N LEU A 189 -7.75 -4.14 34.92
CA LEU A 189 -8.89 -4.10 34.00
C LEU A 189 -8.97 -2.77 33.26
N GLU A 190 -8.74 -1.67 33.98
CA GLU A 190 -8.77 -0.35 33.32
C GLU A 190 -7.68 -0.24 32.26
N ASP A 191 -6.52 -0.83 32.52
CA ASP A 191 -5.46 -0.83 31.51
C ASP A 191 -5.81 -1.76 30.36
N PHE A 192 -6.33 -2.95 30.68
CA PHE A 192 -6.72 -3.89 29.64
C PHE A 192 -7.79 -3.29 28.74
N TYR A 193 -8.78 -2.60 29.34
CA TYR A 193 -9.86 -2.02 28.56
C TYR A 193 -9.34 -0.97 27.60
N ASN A 194 -8.37 -0.16 28.03
CA ASN A 194 -7.80 0.86 27.14
C ASN A 194 -7.05 0.22 25.98
N PHE A 195 -6.27 -0.82 26.25
CA PHE A 195 -5.56 -1.50 25.17
C PHE A 195 -6.53 -2.05 24.14
N VAL A 196 -7.63 -2.66 24.59
CA VAL A 196 -8.64 -3.15 23.67
C VAL A 196 -9.24 -1.99 22.88
N THR A 197 -9.54 -0.87 23.55
CA THR A 197 -10.15 0.25 22.86
C THR A 197 -9.24 0.83 21.78
N GLU A 198 -7.92 0.72 21.95
CA GLU A 198 -6.98 1.38 21.07
C GLU A 198 -6.52 0.48 19.92
N GLU A 199 -6.12 -0.74 20.23
CA GLU A 199 -5.30 -1.53 19.32
C GLU A 199 -5.98 -2.80 18.80
N ILE A 200 -7.25 -3.02 19.11
CA ILE A 200 -8.00 -4.18 18.62
C ILE A 200 -9.07 -3.70 17.66
N PRO A 201 -9.20 -4.29 16.47
CA PRO A 201 -10.19 -3.82 15.49
C PRO A 201 -11.59 -4.33 15.81
N GLU A 202 -12.55 -3.75 15.11
CA GLU A 202 -13.91 -4.25 15.15
C GLU A 202 -14.01 -5.57 14.40
N PRO A 203 -15.00 -6.41 14.73
CA PRO A 203 -16.01 -6.27 15.78
C PRO A 203 -15.49 -6.76 17.12
N ALA A 204 -14.23 -7.18 17.19
CA ALA A 204 -13.67 -7.66 18.46
C ALA A 204 -13.71 -6.57 19.51
N LYS A 205 -13.51 -5.31 19.10
CA LYS A 205 -13.47 -4.21 20.06
C LYS A 205 -14.78 -4.12 20.83
N GLU A 206 -15.90 -4.04 20.11
CA GLU A 206 -17.19 -3.93 20.78
C GLU A 206 -17.49 -5.17 21.61
N CYS A 207 -17.22 -6.36 21.06
CA CYS A 207 -17.47 -7.59 21.80
C CYS A 207 -16.60 -7.67 23.05
N MET A 208 -15.30 -7.35 22.91
CA MET A 208 -14.40 -7.46 24.05
C MET A 208 -14.72 -6.42 25.11
N GLN A 209 -15.10 -5.20 24.70
CA GLN A 209 -15.52 -4.21 25.67
C GLN A 209 -16.70 -4.71 26.49
N THR A 210 -17.59 -5.48 25.88
CA THR A 210 -18.72 -6.04 26.62
C THR A 210 -18.24 -7.07 27.64
N LEU A 211 -17.35 -7.96 27.22
CA LEU A 211 -16.89 -9.02 28.12
C LEU A 211 -16.13 -8.46 29.31
N LEU A 212 -15.23 -7.51 29.08
CA LEU A 212 -14.53 -6.89 30.20
C LEU A 212 -15.48 -6.06 31.05
N GLY A 213 -16.49 -5.45 30.45
CA GLY A 213 -17.48 -4.73 31.23
C GLY A 213 -18.17 -5.63 32.25
N PHE A 214 -18.63 -6.80 31.79
CA PHE A 214 -19.24 -7.75 32.71
C PHE A 214 -18.25 -8.19 33.78
N GLU A 215 -16.99 -8.42 33.41
CA GLU A 215 -16.00 -8.83 34.39
C GLU A 215 -15.83 -7.77 35.46
N ALA A 216 -15.79 -6.50 35.07
CA ALA A 216 -15.67 -5.42 36.06
C ALA A 216 -16.89 -5.36 36.95
N ASP A 217 -18.09 -5.55 36.39
CA ASP A 217 -19.30 -5.54 37.20
C ASP A 217 -19.30 -6.65 38.23
N ARG A 218 -18.87 -7.85 37.82
CA ARG A 218 -18.86 -8.97 38.75
C ARG A 218 -17.95 -8.68 39.94
N ARG A 219 -16.77 -8.11 39.70
CA ARG A 219 -15.90 -7.73 40.80
C ARG A 219 -16.55 -6.69 41.70
N SER A 220 -17.22 -5.70 41.10
CA SER A 220 -17.82 -4.63 41.88
C SER A 220 -18.84 -5.16 42.87
N ILE A 221 -19.75 -6.03 42.40
CA ILE A 221 -20.79 -6.55 43.27
C ILE A 221 -20.19 -7.45 44.33
N ASN A 222 -19.24 -8.31 43.96
CA ASN A 222 -18.60 -9.18 44.93
C ASN A 222 -17.89 -8.37 46.01
N ILE A 223 -17.20 -7.29 45.61
CA ILE A 223 -16.51 -6.45 46.59
C ILE A 223 -17.51 -5.84 47.56
N ALA A 224 -18.62 -5.32 47.03
CA ALA A 224 -19.63 -4.70 47.88
C ALA A 224 -20.15 -5.69 48.92
N LEU A 225 -20.55 -6.88 48.48
CA LEU A 225 -21.09 -7.87 49.40
C LEU A 225 -20.06 -8.28 50.45
N ASN A 226 -18.82 -8.54 50.03
CA ASN A 226 -17.79 -8.95 50.97
C ASN A 226 -17.53 -7.89 52.03
N SER A 227 -17.60 -6.62 51.65
CA SER A 227 -17.33 -5.54 52.60
C SER A 227 -18.32 -5.52 53.75
N LEU A 228 -19.53 -6.07 53.56
CA LEU A 228 -20.53 -6.08 54.61
C LEU A 228 -20.14 -6.96 55.79
N GLN A 229 -19.13 -7.82 55.64
CA GLN A 229 -18.65 -8.60 56.78
C GLN A 229 -17.84 -7.74 57.74
N SER A 230 -17.16 -6.72 57.24
CA SER A 230 -16.43 -5.80 58.11
C SER A 230 -17.39 -4.93 58.90
N SER A 231 -16.94 -4.47 60.07
CA SER A 231 -17.76 -3.59 60.89
C SER A 231 -18.02 -2.27 60.18
N ASP A 232 -16.98 -1.62 59.68
CA ASP A 232 -17.13 -0.38 58.95
C ASP A 232 -15.89 -0.12 58.11
N ILE A 233 -16.10 0.60 57.00
CA ILE A 233 -15.01 0.99 56.10
C ILE A 233 -15.37 2.34 55.51
N ASP A 234 -14.35 3.15 55.25
CA ASP A 234 -14.58 4.45 54.64
C ASP A 234 -15.15 4.28 53.23
N PRO A 235 -16.29 4.90 52.91
CA PRO A 235 -16.79 4.83 51.53
C PRO A 235 -15.78 5.33 50.51
N ASP A 236 -15.03 6.38 50.84
CA ASP A 236 -14.00 6.88 49.93
C ASP A 236 -12.82 5.93 49.82
N LEU A 237 -12.72 4.94 50.70
CA LEU A 237 -11.74 3.88 50.51
C LEU A 237 -12.30 2.79 49.59
N LYS A 238 -13.54 2.38 49.84
CA LYS A 238 -14.18 1.40 48.96
C LYS A 238 -14.17 1.86 47.51
N SER A 239 -14.34 3.16 47.28
CA SER A 239 -14.41 3.67 45.93
C SER A 239 -13.13 3.43 45.15
N ASP A 240 -12.01 3.20 45.85
CA ASP A 240 -10.75 2.91 45.18
C ASP A 240 -10.61 1.45 44.78
N LEU A 241 -11.51 0.58 45.22
CA LEU A 241 -11.50 -0.82 44.84
C LEU A 241 -12.41 -1.13 43.66
N LEU A 242 -13.39 -0.29 43.38
CA LEU A 242 -14.33 -0.54 42.29
C LEU A 242 -13.73 -0.10 40.96
N PRO A 243 -13.72 -0.96 39.94
CA PRO A 243 -13.21 -0.55 38.63
C PRO A 243 -14.18 0.39 37.90
N ASN A 244 -13.61 1.22 37.03
CA ASN A 244 -14.37 2.30 36.37
C ASN A 244 -14.98 1.90 35.04
N ILE A 245 -14.63 0.74 34.48
CA ILE A 245 -15.02 0.42 33.10
C ILE A 245 -16.38 -0.22 32.97
N GLY A 246 -16.99 -0.65 34.08
CA GLY A 246 -18.14 -1.51 34.01
C GLY A 246 -19.41 -0.80 33.53
N LYS A 247 -20.48 -1.59 33.46
CA LYS A 247 -21.80 -1.05 33.18
C LYS A 247 -22.37 -0.33 34.40
N LEU A 248 -21.94 -0.72 35.60
CA LEU A 248 -22.40 -0.08 36.83
C LEU A 248 -21.83 1.31 37.02
N TYR A 249 -20.85 1.72 36.23
CA TYR A 249 -20.16 2.98 36.45
C TYR A 249 -20.79 4.11 35.64
N PRO A 250 -20.91 5.32 36.18
CA PRO A 250 -20.56 5.76 37.55
C PRO A 250 -21.71 5.66 38.56
N LEU A 251 -22.96 5.64 38.10
CA LEU A 251 -24.08 5.79 39.01
C LEU A 251 -24.13 4.69 40.07
N ALA A 252 -24.24 3.44 39.63
CA ALA A 252 -24.40 2.35 40.58
C ALA A 252 -23.16 2.17 41.45
N THR A 253 -21.97 2.37 40.88
CA THR A 253 -20.75 2.24 41.67
C THR A 253 -20.72 3.23 42.81
N PHE A 254 -21.19 4.46 42.58
CA PHE A 254 -21.24 5.44 43.66
C PHE A 254 -22.12 4.97 44.80
N HIS A 255 -23.31 4.47 44.48
CA HIS A 255 -24.22 3.99 45.52
C HIS A 255 -23.66 2.73 46.19
N LEU A 256 -23.01 1.86 45.43
CA LEU A 256 -22.40 0.67 46.02
C LEU A 256 -21.31 1.06 47.01
N ALA A 257 -20.52 2.07 46.68
CA ALA A 257 -19.45 2.49 47.58
C ALA A 257 -20.00 2.97 48.92
N GLN A 258 -21.15 3.63 48.90
CA GLN A 258 -21.76 4.19 50.11
C GLN A 258 -22.73 3.25 50.80
N ALA A 259 -22.97 2.06 50.25
CA ALA A 259 -23.89 1.12 50.87
C ALA A 259 -23.31 0.60 52.19
N GLN A 260 -24.19 0.39 53.17
CA GLN A 260 -23.79 -0.12 54.47
C GLN A 260 -24.51 -1.39 54.90
N ASP A 261 -25.49 -1.86 54.12
CA ASP A 261 -26.17 -3.11 54.45
C ASP A 261 -26.72 -3.71 53.16
N PHE A 262 -27.18 -4.96 53.27
CA PHE A 262 -27.61 -5.70 52.09
C PHE A 262 -28.72 -4.95 51.35
N GLU A 263 -29.66 -4.36 52.08
CA GLU A 263 -30.73 -3.62 51.43
C GLU A 263 -30.19 -2.43 50.66
N GLY A 264 -29.16 -1.76 51.19
CA GLY A 264 -28.55 -0.67 50.46
C GLY A 264 -27.96 -1.13 49.14
N VAL A 265 -27.24 -2.25 49.15
CA VAL A 265 -26.69 -2.81 47.91
C VAL A 265 -27.81 -3.22 46.97
N ARG A 266 -28.84 -3.89 47.49
CA ARG A 266 -29.94 -4.31 46.65
C ARG A 266 -30.61 -3.12 45.98
N ALA A 267 -30.81 -2.03 46.73
CA ALA A 267 -31.36 -0.81 46.13
C ALA A 267 -30.42 -0.26 45.08
N ALA A 268 -29.11 -0.33 45.32
CA ALA A 268 -28.14 0.24 44.39
C ALA A 268 -28.22 -0.43 43.03
N LEU A 269 -28.47 -1.74 42.98
CA LEU A 269 -28.53 -2.45 41.71
C LEU A 269 -29.90 -2.36 41.04
N ALA A 270 -30.96 -2.09 41.81
CA ALA A 270 -32.32 -2.18 41.28
C ALA A 270 -32.56 -1.24 40.11
N ASN A 271 -31.77 -0.17 39.98
CA ASN A 271 -31.95 0.79 38.91
C ASN A 271 -31.22 0.39 37.61
N VAL A 272 -30.45 -0.69 37.63
CA VAL A 272 -29.77 -1.19 36.44
C VAL A 272 -30.49 -2.43 35.96
N TYR A 273 -30.98 -2.40 34.72
CA TYR A 273 -31.87 -3.45 34.23
C TYR A 273 -31.16 -4.80 34.16
N GLU A 274 -29.96 -4.84 33.57
CA GLU A 274 -29.34 -6.11 33.23
C GLU A 274 -29.12 -7.01 34.44
N TYR A 275 -29.04 -6.45 35.64
CA TYR A 275 -28.74 -7.21 36.84
C TYR A 275 -29.89 -7.21 37.86
N ARG A 276 -31.07 -6.70 37.50
CA ARG A 276 -32.08 -6.42 38.51
C ARG A 276 -32.57 -7.67 39.23
N GLY A 277 -32.31 -8.85 38.68
CA GLY A 277 -32.77 -10.10 39.28
C GLY A 277 -31.77 -10.86 40.10
N PHE A 278 -30.54 -10.36 40.22
CA PHE A 278 -29.45 -11.19 40.74
C PHE A 278 -29.56 -11.41 42.24
N LEU A 279 -29.84 -10.36 43.01
CA LEU A 279 -29.84 -10.49 44.47
C LEU A 279 -31.16 -10.97 45.04
N GLU A 280 -32.27 -10.71 44.35
CA GLU A 280 -33.58 -11.06 44.91
C GLU A 280 -33.77 -12.56 45.03
N THR A 281 -33.22 -13.34 44.09
CA THR A 281 -33.58 -14.75 43.98
C THR A 281 -32.34 -15.62 43.77
N GLY A 282 -32.32 -16.75 44.46
CA GLY A 282 -31.40 -17.82 44.14
C GLY A 282 -29.96 -17.54 44.50
N ASN A 283 -29.11 -18.46 44.05
CA ASN A 283 -27.67 -18.39 44.33
C ASN A 283 -27.02 -17.33 43.44
N LEU A 284 -26.37 -16.36 44.07
CA LEU A 284 -25.71 -15.29 43.30
C LEU A 284 -24.55 -15.84 42.49
N GLU A 285 -23.80 -16.79 43.05
CA GLU A 285 -22.63 -17.32 42.35
C GLU A 285 -23.01 -17.90 40.99
N ASP A 286 -24.07 -18.71 40.95
CA ASP A 286 -24.46 -19.36 39.71
C ASP A 286 -24.99 -18.36 38.69
N HIS A 287 -25.66 -17.31 39.14
CA HIS A 287 -26.20 -16.33 38.20
C HIS A 287 -25.09 -15.70 37.36
N PHE A 288 -23.97 -15.36 37.99
CA PHE A 288 -22.86 -14.78 37.24
C PHE A 288 -22.31 -15.76 36.21
N TYR A 289 -22.14 -17.03 36.62
CA TYR A 289 -21.66 -18.02 35.67
C TYR A 289 -22.66 -18.24 34.54
N GLN A 290 -23.95 -18.13 34.83
CA GLN A 290 -24.96 -18.25 33.79
C GLN A 290 -24.83 -17.11 32.78
N LEU A 291 -24.75 -15.87 33.26
CA LEU A 291 -24.61 -14.74 32.36
C LEU A 291 -23.27 -14.77 31.63
N GLU A 292 -22.22 -15.24 32.30
CA GLU A 292 -20.91 -15.30 31.66
C GLU A 292 -20.94 -16.23 30.45
N MET A 293 -21.54 -17.40 30.60
CA MET A 293 -21.60 -18.34 29.48
C MET A 293 -22.40 -17.78 28.32
N GLU A 294 -23.53 -17.11 28.62
CA GLU A 294 -24.34 -16.55 27.55
C GLU A 294 -23.59 -15.46 26.80
N LEU A 295 -22.82 -14.63 27.50
CA LEU A 295 -21.99 -13.66 26.81
C LEU A 295 -20.93 -14.34 25.96
N CYS A 296 -20.32 -15.41 26.47
CA CYS A 296 -19.36 -16.17 25.68
C CYS A 296 -20.03 -16.77 24.46
N ARG A 297 -21.24 -17.32 24.62
CA ARG A 297 -21.93 -17.93 23.49
C ARG A 297 -22.20 -16.90 22.41
N ASP A 298 -22.61 -15.69 22.81
CA ASP A 298 -22.81 -14.62 21.82
C ASP A 298 -21.50 -14.31 21.08
N ALA A 299 -20.39 -14.25 21.81
CA ALA A 299 -19.13 -13.89 21.19
C ALA A 299 -18.74 -14.86 20.09
N PHE A 300 -19.06 -16.15 20.27
CA PHE A 300 -18.72 -17.15 19.27
C PHE A 300 -19.46 -16.95 17.95
N THR A 301 -20.59 -16.23 17.97
CA THR A 301 -21.34 -15.99 16.75
C THR A 301 -20.63 -15.02 15.81
N GLN A 302 -19.71 -14.22 16.33
CA GLN A 302 -18.87 -13.38 15.49
C GLN A 302 -17.92 -14.27 14.68
N GLN A 303 -17.21 -13.63 13.75
CA GLN A 303 -16.12 -14.30 13.06
C GLN A 303 -15.12 -13.24 12.62
N PHE A 304 -13.89 -13.68 12.36
CA PHE A 304 -12.78 -12.78 12.06
C PHE A 304 -12.58 -11.79 13.20
N ALA A 305 -12.75 -12.28 14.43
CA ALA A 305 -12.58 -11.46 15.62
C ALA A 305 -11.80 -12.27 16.65
N ILE A 306 -10.77 -11.65 17.25
CA ILE A 306 -9.91 -12.35 18.18
C ILE A 306 -10.58 -12.61 19.53
N SER A 307 -11.78 -12.07 19.75
CA SER A 307 -12.47 -12.31 21.01
C SER A 307 -12.78 -13.79 21.20
N THR A 308 -12.75 -14.59 20.13
CA THR A 308 -13.02 -16.01 20.27
C THR A 308 -12.05 -16.68 21.23
N VAL A 309 -10.81 -16.15 21.31
CA VAL A 309 -9.85 -16.71 22.25
C VAL A 309 -10.34 -16.54 23.69
N TRP A 310 -10.84 -15.35 24.02
CA TRP A 310 -11.39 -15.13 25.35
C TRP A 310 -12.60 -16.01 25.58
N ALA A 311 -13.50 -16.09 24.61
CA ALA A 311 -14.69 -16.91 24.76
C ALA A 311 -14.33 -18.38 24.97
N TRP A 312 -13.38 -18.89 24.20
CA TRP A 312 -12.96 -20.28 24.35
C TRP A 312 -12.35 -20.52 25.72
N MET A 313 -11.46 -19.63 26.16
CA MET A 313 -10.81 -19.79 27.46
C MET A 313 -11.85 -19.86 28.58
N LYS A 314 -12.63 -18.79 28.74
CA LYS A 314 -13.59 -18.74 29.84
C LYS A 314 -14.63 -19.84 29.72
N SER A 315 -15.00 -20.23 28.50
CA SER A 315 -15.98 -21.29 28.33
C SER A 315 -15.43 -22.63 28.82
N LYS A 316 -14.24 -23.00 28.35
CA LYS A 316 -13.69 -24.30 28.74
C LYS A 316 -13.26 -24.32 30.19
N GLU A 317 -12.95 -23.16 30.77
CA GLU A 317 -12.72 -23.10 32.21
C GLU A 317 -13.96 -23.54 32.98
N GLN A 318 -15.13 -23.07 32.55
CA GLN A 318 -16.37 -23.51 33.18
C GLN A 318 -16.60 -25.01 32.99
N GLU A 319 -16.15 -25.56 31.85
CA GLU A 319 -16.31 -26.99 31.62
C GLU A 319 -15.59 -27.81 32.68
N VAL A 320 -14.37 -27.38 33.05
CA VAL A 320 -13.64 -28.09 34.09
C VAL A 320 -14.40 -28.04 35.41
N ARG A 321 -14.98 -26.88 35.73
CA ARG A 321 -15.78 -26.78 36.94
C ARG A 321 -16.97 -27.73 36.88
N ASN A 322 -17.59 -27.88 35.71
CA ASN A 322 -18.69 -28.83 35.57
C ASN A 322 -18.20 -30.26 35.78
N ILE A 323 -17.07 -30.62 35.17
CA ILE A 323 -16.56 -31.99 35.29
C ILE A 323 -16.27 -32.32 36.75
N THR A 324 -15.60 -31.41 37.45
CA THR A 324 -15.20 -31.69 38.83
C THR A 324 -16.42 -31.75 39.75
N TRP A 325 -17.41 -30.90 39.53
CA TRP A 325 -18.63 -30.97 40.35
C TRP A 325 -19.31 -32.32 40.19
N ILE A 326 -19.44 -32.78 38.94
CA ILE A 326 -20.03 -34.10 38.71
C ILE A 326 -19.15 -35.18 39.32
N ALA A 327 -17.84 -35.07 39.16
CA ALA A 327 -16.94 -36.08 39.71
C ALA A 327 -17.05 -36.15 41.23
N GLU A 328 -17.12 -35.00 41.90
CA GLU A 328 -17.26 -35.00 43.35
C GLU A 328 -18.53 -35.70 43.79
N CYS A 329 -19.65 -35.40 43.13
CA CYS A 329 -20.91 -36.06 43.49
C CYS A 329 -20.81 -37.56 43.30
N ILE A 330 -20.16 -38.01 42.23
CA ILE A 330 -19.97 -39.44 42.02
C ILE A 330 -19.10 -40.02 43.14
N ALA A 331 -17.98 -39.37 43.44
CA ALA A 331 -17.05 -39.92 44.42
C ALA A 331 -17.66 -39.98 45.81
N GLN A 332 -18.51 -39.02 46.15
CA GLN A 332 -19.12 -38.96 47.47
C GLN A 332 -20.47 -39.66 47.55
N ASN A 333 -20.94 -40.26 46.46
CA ASN A 333 -22.16 -41.06 46.43
C ASN A 333 -23.42 -40.27 46.73
N GLN A 334 -23.34 -38.94 46.77
CA GLN A 334 -24.51 -38.08 46.97
C GLN A 334 -24.76 -37.32 45.68
N ARG A 335 -25.99 -37.41 45.17
CA ARG A 335 -26.30 -37.01 43.81
C ARG A 335 -27.45 -36.03 43.67
N GLU A 336 -28.06 -35.59 44.77
CA GLU A 336 -29.20 -34.69 44.66
C GLU A 336 -28.82 -33.39 43.98
N ARG A 337 -27.55 -32.99 44.07
CA ARG A 337 -27.06 -31.75 43.47
C ARG A 337 -26.37 -31.96 42.14
N ILE A 338 -26.36 -33.18 41.60
CA ILE A 338 -25.49 -33.49 40.48
C ILE A 338 -25.88 -32.72 39.24
N ASN A 339 -27.16 -32.40 39.07
CA ASN A 339 -27.63 -31.72 37.88
C ASN A 339 -27.38 -30.21 37.91
N ASN A 340 -26.62 -29.71 38.87
CA ASN A 340 -26.36 -28.29 38.98
C ASN A 340 -25.15 -27.85 38.17
N TYR A 341 -24.66 -28.68 37.26
CA TYR A 341 -23.73 -28.20 36.26
C TYR A 341 -24.43 -27.16 35.38
N ILE A 342 -23.65 -26.22 34.88
CA ILE A 342 -24.17 -25.07 34.16
C ILE A 342 -23.55 -25.04 32.78
N SER A 343 -24.38 -25.04 31.74
CA SER A 343 -23.89 -25.22 30.38
C SER A 343 -24.88 -24.61 29.40
N VAL A 344 -24.37 -23.83 28.46
CA VAL A 344 -25.21 -23.21 27.45
C VAL A 344 -25.35 -24.09 26.22
N TYR A 345 -24.29 -24.81 25.87
CA TYR A 345 -24.24 -25.54 24.60
C TYR A 345 -25.10 -26.80 24.65
N SER B 16 -1.04 12.30 11.77
CA SER B 16 -0.55 11.16 10.95
C SER B 16 0.04 11.67 9.64
N PHE B 17 1.22 11.12 9.28
CA PHE B 17 1.96 11.64 8.14
C PHE B 17 1.20 11.47 6.83
N SER B 18 0.60 10.30 6.62
CA SER B 18 -0.06 10.03 5.34
C SER B 18 -1.20 11.00 5.09
N HIS B 19 -2.04 11.24 6.10
CA HIS B 19 -3.17 12.15 5.91
C HIS B 19 -2.71 13.59 5.78
N PHE B 20 -1.59 13.96 6.42
CA PHE B 20 -1.00 15.27 6.16
C PHE B 20 -0.62 15.40 4.69
N LEU B 21 -0.04 14.35 4.12
CA LEU B 21 0.33 14.39 2.71
C LEU B 21 -0.89 14.57 1.82
N TYR B 22 -1.99 13.86 2.13
CA TYR B 22 -3.20 13.99 1.32
C TYR B 22 -3.72 15.41 1.32
N TYR B 23 -3.79 16.03 2.51
CA TYR B 23 -4.29 17.40 2.59
C TYR B 23 -3.34 18.37 1.89
N LEU B 24 -2.04 18.14 2.00
CA LEU B 24 -1.08 19.01 1.33
C LEU B 24 -1.26 18.98 -0.18
N VAL B 25 -1.44 17.78 -0.74
CA VAL B 25 -1.68 17.66 -2.18
C VAL B 25 -2.96 18.38 -2.56
N LEU B 26 -4.02 18.20 -1.76
CA LEU B 26 -5.29 18.84 -2.05
C LEU B 26 -5.14 20.37 -2.04
N ILE B 27 -4.45 20.90 -1.04
CA ILE B 27 -4.27 22.36 -0.96
C ILE B 27 -3.46 22.86 -2.15
N VAL B 28 -2.40 22.15 -2.51
CA VAL B 28 -1.58 22.56 -3.65
C VAL B 28 -2.40 22.61 -4.93
N VAL B 29 -3.23 21.57 -5.16
CA VAL B 29 -4.03 21.53 -6.37
C VAL B 29 -5.00 22.72 -6.40
N ILE B 30 -5.68 22.98 -5.30
CA ILE B 30 -6.66 24.07 -5.26
C ILE B 30 -5.97 25.41 -5.53
N VAL B 31 -4.86 25.66 -4.85
CA VAL B 31 -4.17 26.93 -5.01
C VAL B 31 -3.69 27.10 -6.44
N TYR B 32 -3.13 26.05 -7.03
CA TYR B 32 -2.69 26.13 -8.41
C TYR B 32 -3.87 26.41 -9.34
N GLY B 33 -5.00 25.73 -9.11
CA GLY B 33 -6.17 25.97 -9.93
C GLY B 33 -6.63 27.42 -9.85
N LEU B 34 -6.71 27.97 -8.64
CA LEU B 34 -7.13 29.35 -8.49
C LEU B 34 -6.14 30.31 -9.14
N TYR B 35 -4.84 30.03 -9.03
CA TYR B 35 -3.85 30.91 -9.63
C TYR B 35 -4.04 31.02 -11.14
N LYS B 36 -4.18 29.88 -11.82
CA LYS B 36 -4.42 29.91 -13.25
C LYS B 36 -5.76 30.57 -13.56
N LEU B 37 -6.76 30.31 -12.73
CA LEU B 37 -8.10 30.86 -12.99
C LEU B 37 -8.12 32.37 -12.86
N PHE B 38 -7.59 32.91 -11.75
CA PHE B 38 -7.70 34.34 -11.50
C PHE B 38 -6.88 35.16 -12.49
N THR B 39 -5.73 34.65 -12.92
CA THR B 39 -4.91 35.37 -13.89
C THR B 39 -5.46 35.29 -15.31
N GLY B 40 -6.62 34.65 -15.51
CA GLY B 40 -7.26 34.59 -16.80
C GLY B 40 -6.84 33.42 -17.66
N HIS B 41 -5.78 32.71 -17.29
CA HIS B 41 -5.27 31.60 -18.09
C HIS B 41 -5.96 30.29 -17.73
N GLY B 42 -7.14 30.36 -17.13
CA GLY B 42 -7.81 29.17 -16.65
C GLY B 42 -8.02 28.10 -17.70
N SER B 43 -7.98 28.48 -18.98
CA SER B 43 -8.13 27.50 -20.07
C SER B 43 -6.89 26.66 -20.29
N ASP B 44 -5.79 26.94 -19.58
CA ASP B 44 -4.55 26.20 -19.83
C ASP B 44 -4.63 24.76 -19.35
N ILE B 45 -5.39 24.48 -18.29
CA ILE B 45 -5.37 23.15 -17.70
C ILE B 45 -5.93 22.12 -18.67
N ASN B 46 -7.07 22.41 -19.30
CA ASN B 46 -7.48 21.73 -20.52
C ASN B 46 -7.34 20.21 -20.49
N PHE B 47 -8.16 19.53 -19.68
CA PHE B 47 -8.13 18.08 -19.68
C PHE B 47 -8.43 17.51 -21.07
N GLY B 48 -9.29 18.19 -21.84
CA GLY B 48 -9.68 17.66 -23.14
C GLY B 48 -8.50 17.48 -24.06
N LYS B 49 -7.63 18.50 -24.16
CA LYS B 49 -6.46 18.39 -25.02
C LYS B 49 -5.56 17.26 -24.55
N PHE B 50 -5.46 17.06 -23.23
CA PHE B 50 -4.64 15.96 -22.71
C PHE B 50 -5.13 14.62 -23.22
N LEU B 51 -6.45 14.42 -23.25
CA LEU B 51 -6.99 13.16 -23.74
C LEU B 51 -6.77 12.98 -25.24
N LEU B 52 -6.68 14.09 -25.99
CA LEU B 52 -6.47 13.99 -27.43
C LEU B 52 -5.02 13.74 -27.80
N ARG B 53 -4.07 14.26 -27.02
CA ARG B 53 -2.66 14.19 -27.39
C ARG B 53 -1.96 12.95 -26.86
N THR B 54 -2.41 12.40 -25.74
CA THR B 54 -1.78 11.18 -25.23
C THR B 54 -2.04 10.02 -26.20
N SER B 55 -1.00 9.22 -26.42
CA SER B 55 -1.10 8.18 -27.42
C SER B 55 -2.09 7.11 -26.98
N PRO B 56 -2.94 6.61 -27.88
CA PRO B 56 -3.93 5.61 -27.47
C PRO B 56 -3.34 4.29 -27.03
N TYR B 57 -2.09 3.98 -27.41
CA TYR B 57 -1.50 2.73 -26.98
C TYR B 57 -1.32 2.67 -25.47
N MET B 58 -1.09 3.81 -24.83
CA MET B 58 -0.96 3.84 -23.37
C MET B 58 -2.25 3.36 -22.71
N TRP B 59 -3.38 3.95 -23.11
CA TRP B 59 -4.65 3.57 -22.49
C TRP B 59 -4.95 2.10 -22.70
N ALA B 60 -4.68 1.59 -23.91
CA ALA B 60 -4.95 0.19 -24.21
C ALA B 60 -4.10 -0.73 -23.34
N ASN B 61 -2.80 -0.46 -23.25
CA ASN B 61 -1.90 -1.36 -22.54
C ASN B 61 -2.13 -1.32 -21.04
N LEU B 62 -2.41 -0.14 -20.48
CA LEU B 62 -2.78 -0.07 -19.07
C LEU B 62 -4.06 -0.85 -18.81
N GLY B 63 -5.01 -0.80 -19.74
CA GLY B 63 -6.22 -1.58 -19.59
C GLY B 63 -5.95 -3.07 -19.55
N ILE B 64 -5.13 -3.56 -20.48
CA ILE B 64 -4.85 -4.99 -20.54
C ILE B 64 -4.03 -5.43 -19.33
N ALA B 65 -2.98 -4.68 -19.00
CA ALA B 65 -2.11 -5.08 -17.90
C ALA B 65 -2.86 -5.10 -16.58
N LEU B 66 -3.65 -4.05 -16.30
CA LEU B 66 -4.39 -4.01 -15.06
C LEU B 66 -5.55 -5.01 -15.05
N CYS B 67 -6.03 -5.41 -16.24
CA CYS B 67 -7.08 -6.41 -16.31
C CYS B 67 -6.63 -7.73 -15.69
N VAL B 68 -5.51 -8.27 -16.17
CA VAL B 68 -4.97 -9.50 -15.61
C VAL B 68 -4.38 -9.23 -14.22
N GLY B 69 -3.75 -8.08 -14.04
CA GLY B 69 -3.12 -7.76 -12.78
C GLY B 69 -4.10 -7.73 -11.62
N LEU B 70 -5.13 -6.89 -11.73
CA LEU B 70 -6.11 -6.80 -10.65
C LEU B 70 -6.89 -8.08 -10.50
N SER B 71 -7.16 -8.79 -11.59
CA SER B 71 -7.86 -10.06 -11.49
C SER B 71 -7.05 -11.06 -10.66
N VAL B 72 -5.74 -11.12 -10.88
CA VAL B 72 -4.89 -12.04 -10.14
C VAL B 72 -4.85 -11.65 -8.67
N VAL B 73 -4.75 -10.35 -8.38
CA VAL B 73 -4.78 -9.89 -6.99
C VAL B 73 -6.07 -10.37 -6.32
N GLY B 74 -7.18 -10.30 -7.02
CA GLY B 74 -8.43 -10.80 -6.49
C GLY B 74 -8.38 -12.27 -6.14
N ALA B 75 -7.92 -13.08 -7.08
CA ALA B 75 -7.82 -14.52 -6.83
C ALA B 75 -6.86 -14.82 -5.69
N ALA B 76 -5.70 -14.18 -5.68
CA ALA B 76 -4.72 -14.43 -4.63
C ALA B 76 -5.24 -13.99 -3.27
N TRP B 77 -5.87 -12.83 -3.20
CA TRP B 77 -6.40 -12.35 -1.92
C TRP B 77 -7.46 -13.29 -1.39
N GLY B 78 -8.35 -13.77 -2.26
CA GLY B 78 -9.37 -14.72 -1.82
C GLY B 78 -8.79 -16.03 -1.34
N ILE B 79 -7.78 -16.54 -2.06
CA ILE B 79 -7.25 -17.87 -1.78
C ILE B 79 -6.66 -17.93 -0.38
N PHE B 80 -5.89 -16.92 0.01
CA PHE B 80 -5.22 -17.00 1.31
C PHE B 80 -6.21 -16.82 2.46
N ILE B 81 -7.31 -16.11 2.24
CA ILE B 81 -8.35 -16.03 3.26
C ILE B 81 -9.00 -17.39 3.48
N THR B 82 -9.39 -18.05 2.39
CA THR B 82 -9.98 -19.37 2.50
C THR B 82 -8.94 -20.42 2.88
N GLY B 83 -7.77 -20.37 2.23
CA GLY B 83 -6.78 -21.41 2.46
C GLY B 83 -6.31 -21.48 3.90
N SER B 84 -6.02 -20.33 4.50
CA SER B 84 -5.60 -20.31 5.89
C SER B 84 -6.68 -20.85 6.80
N SER B 85 -7.95 -20.52 6.52
CA SER B 85 -9.04 -21.05 7.34
C SER B 85 -9.18 -22.55 7.17
N MET B 86 -9.08 -23.06 5.94
CA MET B 86 -9.16 -24.49 5.72
C MET B 86 -8.07 -25.23 6.49
N ILE B 87 -6.84 -24.72 6.45
CA ILE B 87 -5.74 -25.38 7.13
C ILE B 87 -5.93 -25.31 8.65
N GLY B 88 -6.36 -24.17 9.15
CA GLY B 88 -6.60 -24.06 10.58
C GLY B 88 -7.71 -24.96 11.06
N ALA B 89 -8.87 -24.91 10.40
CA ALA B 89 -10.00 -25.74 10.79
C ALA B 89 -9.73 -27.22 10.53
N GLY B 90 -8.84 -27.53 9.58
CA GLY B 90 -8.59 -28.91 9.22
C GLY B 90 -7.77 -29.69 10.22
N VAL B 91 -7.19 -29.03 11.23
CA VAL B 91 -6.35 -29.72 12.19
C VAL B 91 -7.16 -30.77 12.96
N ARG B 92 -8.35 -30.38 13.42
CA ARG B 92 -9.19 -31.32 14.15
C ARG B 92 -10.00 -32.22 13.23
N ALA B 93 -10.32 -31.74 12.02
CA ALA B 93 -11.17 -32.48 11.10
C ALA B 93 -10.56 -32.44 9.71
N PRO B 94 -9.67 -33.38 9.39
CA PRO B 94 -9.02 -33.36 8.07
C PRO B 94 -9.99 -33.56 6.91
N ARG B 95 -11.17 -34.13 7.16
CA ARG B 95 -12.09 -34.46 6.07
C ARG B 95 -12.48 -33.25 5.24
N ILE B 96 -12.40 -32.04 5.80
CA ILE B 96 -12.89 -30.86 5.10
C ILE B 96 -11.94 -30.48 3.96
N THR B 97 -10.68 -30.89 4.03
CA THR B 97 -9.66 -30.33 3.15
C THR B 97 -9.96 -30.57 1.68
N THR B 98 -10.48 -31.75 1.33
CA THR B 98 -10.77 -32.06 -0.06
C THR B 98 -12.13 -31.53 -0.50
N LYS B 99 -13.15 -31.63 0.37
CA LYS B 99 -14.49 -31.21 -0.02
C LYS B 99 -14.55 -29.70 -0.24
N ASN B 100 -13.81 -28.94 0.55
CA ASN B 100 -13.82 -27.48 0.46
C ASN B 100 -12.93 -26.93 -0.64
N LEU B 101 -12.25 -27.80 -1.40
CA LEU B 101 -11.43 -27.31 -2.51
C LEU B 101 -12.28 -26.53 -3.51
N ILE B 102 -13.60 -26.76 -3.51
CA ILE B 102 -14.49 -25.98 -4.36
C ILE B 102 -14.33 -24.49 -4.07
N SER B 103 -14.18 -24.13 -2.80
CA SER B 103 -14.02 -22.73 -2.45
C SER B 103 -12.76 -22.13 -3.07
N ILE B 104 -11.66 -22.89 -3.10
CA ILE B 104 -10.45 -22.42 -3.77
C ILE B 104 -10.72 -22.23 -5.26
N ILE B 105 -11.52 -23.12 -5.86
CA ILE B 105 -11.78 -23.05 -7.29
C ILE B 105 -12.53 -21.76 -7.62
N PHE B 106 -13.55 -21.44 -6.83
CA PHE B 106 -14.31 -20.23 -7.09
C PHE B 106 -13.45 -18.97 -6.99
N CYS B 107 -12.37 -19.02 -6.20
CA CYS B 107 -11.43 -17.92 -6.17
C CYS B 107 -10.52 -17.91 -7.39
N GLU B 108 -10.00 -19.08 -7.76
CA GLU B 108 -9.05 -19.17 -8.86
C GLU B 108 -9.68 -18.78 -10.20
N VAL B 109 -10.98 -19.05 -10.36
CA VAL B 109 -11.60 -18.90 -11.68
C VAL B 109 -11.62 -17.45 -12.13
N VAL B 110 -11.73 -16.50 -11.19
CA VAL B 110 -11.77 -15.10 -11.59
C VAL B 110 -10.46 -14.68 -12.24
N ALA B 111 -9.37 -15.39 -11.98
CA ALA B 111 -8.14 -15.16 -12.73
C ALA B 111 -8.28 -15.64 -14.17
N ILE B 112 -8.98 -16.76 -14.37
CA ILE B 112 -9.22 -17.24 -15.73
C ILE B 112 -10.02 -16.21 -16.52
N TYR B 113 -11.06 -15.64 -15.90
CA TYR B 113 -11.83 -14.60 -16.59
C TYR B 113 -10.92 -13.44 -17.00
N GLY B 114 -10.05 -13.00 -16.10
CA GLY B 114 -9.12 -11.94 -16.46
C GLY B 114 -8.18 -12.35 -17.57
N LEU B 115 -7.70 -13.59 -17.52
CA LEU B 115 -6.84 -14.09 -18.59
C LEU B 115 -7.57 -14.07 -19.93
N ILE B 116 -8.81 -14.54 -19.96
CA ILE B 116 -9.56 -14.63 -21.21
C ILE B 116 -9.69 -13.26 -21.86
N ILE B 117 -10.05 -12.25 -21.07
CA ILE B 117 -10.17 -10.90 -21.62
C ILE B 117 -8.82 -10.43 -22.15
N ALA B 118 -7.73 -10.79 -21.48
CA ALA B 118 -6.42 -10.41 -21.98
C ALA B 118 -6.15 -11.02 -23.35
N ILE B 119 -6.63 -12.24 -23.60
CA ILE B 119 -6.50 -12.84 -24.94
C ILE B 119 -7.31 -12.01 -25.94
N VAL B 120 -8.57 -11.73 -25.61
CA VAL B 120 -9.45 -11.05 -26.55
C VAL B 120 -8.93 -9.67 -26.89
N PHE B 121 -8.52 -8.90 -25.87
CA PHE B 121 -8.06 -7.55 -26.12
C PHE B 121 -6.74 -7.51 -26.87
N SER B 122 -5.88 -8.51 -26.64
CA SER B 122 -4.59 -8.53 -27.32
C SER B 122 -4.74 -8.58 -28.84
N SER B 123 -5.85 -9.13 -29.33
CA SER B 123 -6.05 -9.26 -30.77
C SER B 123 -6.17 -7.91 -31.46
N LYS B 124 -6.43 -6.84 -30.70
CA LYS B 124 -6.69 -5.52 -31.29
C LYS B 124 -5.48 -4.61 -31.31
N LEU B 125 -4.33 -5.05 -30.81
CA LEU B 125 -3.16 -4.18 -30.74
C LEU B 125 -2.37 -4.17 -32.03
N THR B 126 -3.01 -3.87 -33.15
CA THR B 126 -2.28 -3.67 -34.39
C THR B 126 -1.59 -2.30 -34.38
N VAL B 127 -0.77 -2.07 -35.39
CA VAL B 127 0.01 -0.85 -35.52
C VAL B 127 -0.74 0.09 -36.46
N ALA B 128 -1.00 1.31 -36.00
CA ALA B 128 -1.74 2.29 -36.79
C ALA B 128 -0.79 3.06 -37.70
N THR B 129 -1.29 3.44 -38.87
CA THR B 129 -0.53 4.28 -39.77
C THR B 129 -0.35 5.67 -39.16
N ALA B 130 0.80 6.28 -39.42
CA ALA B 130 1.13 7.54 -38.77
C ALA B 130 0.11 8.62 -39.07
N GLU B 131 -0.31 8.74 -40.33
CA GLU B 131 -1.28 9.76 -40.69
C GLU B 131 -2.64 9.52 -40.05
N ASN B 132 -2.92 8.29 -39.62
CA ASN B 132 -4.18 7.93 -39.00
C ASN B 132 -4.10 7.83 -37.49
N MET B 133 -3.00 8.31 -36.88
CA MET B 133 -2.65 7.93 -35.52
C MET B 133 -3.72 8.35 -34.51
N TYR B 134 -4.21 9.58 -34.60
CA TYR B 134 -5.10 10.13 -33.58
C TYR B 134 -6.54 10.29 -34.08
N SER B 135 -6.94 9.49 -35.06
CA SER B 135 -8.27 9.66 -35.65
C SER B 135 -9.36 9.15 -34.71
N LYS B 136 -10.60 9.46 -35.08
CA LYS B 136 -11.76 9.16 -34.23
C LYS B 136 -11.79 7.72 -33.79
N SER B 137 -11.64 6.78 -34.72
CA SER B 137 -11.77 5.36 -34.37
C SER B 137 -10.66 4.91 -33.44
N ASN B 138 -9.42 5.35 -33.69
CA ASN B 138 -8.31 4.89 -32.88
C ASN B 138 -8.42 5.39 -31.45
N LEU B 139 -8.84 6.64 -31.26
CA LEU B 139 -9.06 7.14 -29.91
C LEU B 139 -10.16 6.36 -29.21
N TYR B 140 -11.23 6.03 -29.92
CA TYR B 140 -12.32 5.28 -29.32
C TYR B 140 -11.82 3.94 -28.79
N THR B 141 -11.05 3.22 -29.59
CA THR B 141 -10.51 1.93 -29.13
C THR B 141 -9.59 2.14 -27.93
N GLY B 142 -8.80 3.22 -27.93
CA GLY B 142 -7.94 3.47 -26.79
C GLY B 142 -8.71 3.62 -25.49
N TYR B 143 -9.74 4.46 -25.49
CA TYR B 143 -10.57 4.63 -24.30
C TYR B 143 -11.31 3.34 -23.97
N SER B 144 -11.82 2.65 -25.00
CA SER B 144 -12.64 1.47 -24.77
C SER B 144 -11.88 0.41 -23.99
N LEU B 145 -10.69 0.03 -24.48
CA LEU B 145 -9.95 -1.05 -23.85
C LEU B 145 -9.48 -0.66 -22.45
N PHE B 146 -9.23 0.63 -22.21
CA PHE B 146 -8.80 1.05 -20.88
C PHE B 146 -9.89 0.82 -19.84
N TRP B 147 -11.06 1.41 -20.05
CA TRP B 147 -12.14 1.29 -19.08
C TRP B 147 -12.68 -0.12 -19.01
N ALA B 148 -12.74 -0.83 -20.15
CA ALA B 148 -13.16 -2.22 -20.13
C ALA B 148 -12.20 -3.07 -19.31
N GLY B 149 -10.89 -2.84 -19.49
CA GLY B 149 -9.92 -3.58 -18.69
C GLY B 149 -10.02 -3.26 -17.21
N ILE B 150 -10.20 -1.98 -16.86
CA ILE B 150 -10.39 -1.62 -15.47
C ILE B 150 -11.65 -2.26 -14.91
N THR B 151 -12.73 -2.26 -15.69
CA THR B 151 -13.99 -2.83 -15.20
C THR B 151 -13.85 -4.30 -14.88
N VAL B 152 -13.28 -5.07 -15.81
CA VAL B 152 -13.10 -6.50 -15.58
C VAL B 152 -12.16 -6.74 -14.40
N GLY B 153 -11.05 -6.00 -14.37
CA GLY B 153 -10.08 -6.17 -13.30
C GLY B 153 -10.63 -5.85 -11.93
N ALA B 154 -11.24 -4.67 -11.78
CA ALA B 154 -11.72 -4.26 -10.47
C ALA B 154 -12.84 -5.17 -9.99
N SER B 155 -13.78 -5.52 -10.87
CA SER B 155 -14.88 -6.38 -10.46
C SER B 155 -14.40 -7.77 -10.09
N ASN B 156 -13.37 -8.28 -10.77
CA ASN B 156 -12.79 -9.55 -10.36
C ASN B 156 -12.06 -9.42 -9.03
N LEU B 157 -11.40 -8.29 -8.80
CA LEU B 157 -10.77 -8.04 -7.51
C LEU B 157 -11.81 -8.05 -6.39
N ILE B 158 -12.92 -7.34 -6.59
CA ILE B 158 -13.99 -7.33 -5.59
C ILE B 158 -14.58 -8.72 -5.43
N CYS B 159 -14.86 -9.39 -6.55
CA CYS B 159 -15.48 -10.71 -6.49
C CYS B 159 -14.57 -11.71 -5.77
N GLY B 160 -13.28 -11.70 -6.08
CA GLY B 160 -12.37 -12.66 -5.49
C GLY B 160 -12.31 -12.57 -3.99
N ILE B 161 -12.29 -11.35 -3.45
CA ILE B 161 -12.22 -11.16 -2.00
C ILE B 161 -13.54 -11.58 -1.36
N ALA B 162 -14.66 -11.19 -1.96
CA ALA B 162 -15.95 -11.54 -1.37
C ALA B 162 -16.14 -13.06 -1.33
N VAL B 163 -15.77 -13.76 -2.41
CA VAL B 163 -15.87 -15.21 -2.41
C VAL B 163 -14.91 -15.80 -1.37
N GLY B 164 -13.69 -15.27 -1.30
CA GLY B 164 -12.74 -15.78 -0.34
C GLY B 164 -13.23 -15.69 1.10
N ILE B 165 -13.81 -14.55 1.47
CA ILE B 165 -14.34 -14.39 2.81
C ILE B 165 -15.46 -15.39 3.06
N THR B 166 -16.36 -15.56 2.09
CA THR B 166 -17.43 -16.53 2.24
C THR B 166 -16.87 -17.94 2.40
N GLY B 167 -15.84 -18.28 1.62
CA GLY B 167 -15.26 -19.61 1.71
C GLY B 167 -14.70 -19.92 3.07
N ALA B 168 -14.14 -18.92 3.75
CA ALA B 168 -13.59 -19.15 5.09
C ALA B 168 -14.68 -19.56 6.06
N THR B 169 -15.82 -18.87 6.02
CA THR B 169 -16.94 -19.22 6.89
C THR B 169 -17.50 -20.59 6.54
N ALA B 170 -17.50 -20.95 5.25
CA ALA B 170 -17.96 -22.26 4.84
C ALA B 170 -17.08 -23.37 5.40
N ALA B 171 -15.76 -23.21 5.27
CA ALA B 171 -14.85 -24.24 5.78
C ALA B 171 -14.98 -24.40 7.29
N ILE B 172 -15.06 -23.30 8.03
CA ILE B 172 -15.14 -23.38 9.48
C ILE B 172 -16.49 -23.93 9.92
N SER B 173 -17.54 -23.74 9.09
CA SER B 173 -18.83 -24.36 9.39
C SER B 173 -18.79 -25.87 9.11
N ASP B 174 -18.16 -26.28 8.01
CA ASP B 174 -18.11 -27.70 7.67
C ASP B 174 -17.43 -28.50 8.76
N ALA B 175 -16.40 -27.93 9.40
CA ALA B 175 -15.72 -28.63 10.47
C ALA B 175 -16.63 -28.90 11.65
N ALA B 176 -17.71 -28.14 11.80
CA ALA B 176 -18.63 -28.31 12.91
C ALA B 176 -19.72 -29.35 12.61
N ASP B 177 -20.36 -29.23 11.45
CA ASP B 177 -21.45 -30.14 11.08
C ASP B 177 -21.51 -30.20 9.56
N SER B 178 -21.39 -31.40 8.99
CA SER B 178 -21.32 -31.54 7.54
C SER B 178 -22.58 -31.03 6.86
N ALA B 179 -23.72 -31.06 7.55
CA ALA B 179 -24.97 -30.62 6.94
C ALA B 179 -24.97 -29.12 6.64
N LEU B 180 -24.10 -28.35 7.29
CA LEU B 180 -24.08 -26.91 7.06
C LEU B 180 -23.43 -26.54 5.73
N PHE B 181 -22.55 -27.38 5.21
CA PHE B 181 -21.75 -27.00 4.05
C PHE B 181 -22.63 -26.70 2.85
N VAL B 182 -23.51 -27.62 2.48
CA VAL B 182 -24.33 -27.42 1.29
C VAL B 182 -25.23 -26.21 1.44
N LYS B 183 -25.63 -25.90 2.67
CA LYS B 183 -26.48 -24.73 2.90
C LYS B 183 -25.73 -23.42 2.67
N ILE B 184 -24.46 -23.37 3.08
CA ILE B 184 -23.69 -22.14 2.97
C ILE B 184 -23.07 -21.96 1.59
N LEU B 185 -22.86 -23.05 0.85
CA LEU B 185 -22.32 -22.92 -0.50
C LEU B 185 -23.22 -22.08 -1.39
N VAL B 186 -24.52 -22.01 -1.07
CA VAL B 186 -25.44 -21.18 -1.84
C VAL B 186 -25.01 -19.72 -1.79
N ILE B 187 -24.51 -19.26 -0.63
CA ILE B 187 -24.00 -17.90 -0.55
C ILE B 187 -22.77 -17.76 -1.42
N GLU B 188 -22.00 -18.83 -1.58
CA GLU B 188 -20.74 -18.76 -2.32
C GLU B 188 -20.99 -18.62 -3.81
N ILE B 189 -21.91 -19.40 -4.37
CA ILE B 189 -22.21 -19.29 -5.79
C ILE B 189 -22.85 -17.95 -6.10
N PHE B 190 -23.66 -17.43 -5.16
CA PHE B 190 -24.17 -16.08 -5.32
C PHE B 190 -23.04 -15.07 -5.44
N GLY B 191 -21.99 -15.23 -4.64
CA GLY B 191 -20.85 -14.33 -4.74
C GLY B 191 -20.10 -14.47 -6.05
N SER B 192 -19.97 -15.70 -6.54
CA SER B 192 -19.19 -15.93 -7.76
C SER B 192 -19.81 -15.26 -8.98
N ILE B 193 -21.10 -14.94 -8.95
CA ILE B 193 -21.75 -14.35 -10.11
C ILE B 193 -21.19 -12.97 -10.42
N LEU B 194 -20.72 -12.24 -9.40
CA LEU B 194 -20.26 -10.88 -9.64
C LEU B 194 -19.14 -10.84 -10.66
N GLY B 195 -18.19 -11.77 -10.59
CA GLY B 195 -17.11 -11.78 -11.56
C GLY B 195 -17.61 -12.05 -12.97
N LEU B 196 -18.60 -12.93 -13.11
CA LEU B 196 -19.12 -13.24 -14.44
C LEU B 196 -19.85 -12.05 -15.04
N LEU B 197 -20.62 -11.33 -14.24
CA LEU B 197 -21.24 -10.10 -14.74
C LEU B 197 -20.19 -9.09 -15.17
N GLY B 198 -19.11 -8.99 -14.42
CA GLY B 198 -18.01 -8.12 -14.83
C GLY B 198 -17.49 -8.50 -16.21
N LEU B 199 -17.31 -9.79 -16.44
CA LEU B 199 -16.86 -10.26 -17.76
C LEU B 199 -17.83 -9.85 -18.85
N ILE B 200 -19.13 -10.03 -18.62
CA ILE B 200 -20.12 -9.73 -19.64
C ILE B 200 -20.09 -8.24 -20.01
N VAL B 201 -20.04 -7.37 -19.01
CA VAL B 201 -19.96 -5.94 -19.30
C VAL B 201 -18.65 -5.62 -20.01
N GLY B 202 -17.57 -6.30 -19.65
CA GLY B 202 -16.30 -6.08 -20.33
C GLY B 202 -16.38 -6.37 -21.81
N LEU B 203 -16.98 -7.52 -22.16
CA LEU B 203 -17.12 -7.87 -23.57
C LEU B 203 -18.07 -6.92 -24.30
N LEU B 204 -19.05 -6.36 -23.60
CA LEU B 204 -19.94 -5.40 -24.23
C LEU B 204 -19.23 -4.08 -24.50
N MET B 205 -18.49 -3.57 -23.52
CA MET B 205 -17.80 -2.30 -23.70
C MET B 205 -16.80 -2.36 -24.84
N ALA B 206 -16.11 -3.49 -24.98
CA ALA B 206 -15.10 -3.67 -26.02
C ALA B 206 -15.69 -4.22 -27.32
N GLY B 207 -17.00 -4.40 -27.40
CA GLY B 207 -17.58 -5.09 -28.55
C GLY B 207 -17.39 -4.34 -29.85
N LYS B 208 -17.72 -3.05 -29.87
CA LYS B 208 -17.68 -2.28 -31.11
C LYS B 208 -16.30 -1.70 -31.41
N ALA B 209 -15.32 -1.89 -30.54
CA ALA B 209 -14.00 -1.31 -30.76
C ALA B 209 -13.30 -1.99 -31.93
N SER B 210 -12.89 -1.21 -32.91
CA SER B 210 -12.16 -1.74 -34.05
C SER B 210 -10.67 -1.88 -33.71
N GLU B 211 -9.99 -2.71 -34.50
CA GLU B 211 -8.55 -2.83 -34.38
C GLU B 211 -7.90 -1.49 -34.70
N PHE B 212 -6.73 -1.24 -34.10
CA PHE B 212 -6.00 -0.02 -34.41
C PHE B 212 -5.67 0.01 -35.88
N GLN B 213 -6.35 0.88 -36.63
CA GLN B 213 -6.21 0.94 -38.08
C GLN B 213 -4.90 1.63 -38.47
N SER C 7 -15.94 20.00 -38.46
CA SER C 7 -16.29 19.05 -37.36
C SER C 7 -17.25 19.71 -36.36
N ASN C 8 -18.13 18.91 -35.78
CA ASN C 8 -19.11 19.41 -34.83
C ASN C 8 -18.44 19.69 -33.49
N ILE C 9 -18.45 20.96 -33.07
CA ILE C 9 -17.74 21.35 -31.86
C ILE C 9 -18.36 20.72 -30.61
N TYR C 10 -19.63 20.33 -30.67
CA TYR C 10 -20.28 19.70 -29.52
C TYR C 10 -19.92 18.22 -29.40
N ALA C 11 -19.16 17.67 -30.34
CA ALA C 11 -18.78 16.25 -30.32
C ALA C 11 -17.28 16.12 -30.52
N PRO C 12 -16.48 16.64 -29.60
CA PRO C 12 -15.04 16.46 -29.69
C PRO C 12 -14.68 15.00 -29.49
N LEU C 13 -13.55 14.60 -30.08
CA LEU C 13 -13.20 13.19 -30.17
C LEU C 13 -12.91 12.55 -28.81
N TYR C 14 -12.67 13.33 -27.77
CA TYR C 14 -12.43 12.76 -26.44
C TYR C 14 -13.71 12.46 -25.68
N ALA C 15 -14.88 12.82 -26.22
CA ALA C 15 -16.13 12.61 -25.49
C ALA C 15 -16.34 11.16 -25.05
N PRO C 16 -16.08 10.13 -25.87
CA PRO C 16 -16.35 8.77 -25.42
C PRO C 16 -15.65 8.39 -24.14
N PHE C 17 -14.55 9.08 -23.78
CA PHE C 17 -13.85 8.75 -22.54
C PHE C 17 -14.77 8.83 -21.35
N PHE C 18 -15.56 9.91 -21.26
CA PHE C 18 -16.46 10.07 -20.12
C PHE C 18 -17.62 9.09 -20.19
N GLY C 19 -18.05 8.71 -21.40
CA GLY C 19 -19.10 7.71 -21.51
C GLY C 19 -18.67 6.37 -20.94
N PHE C 20 -17.47 5.91 -21.32
CA PHE C 20 -16.96 4.67 -20.77
C PHE C 20 -16.69 4.78 -19.28
N ALA C 21 -16.21 5.94 -18.82
CA ALA C 21 -15.95 6.11 -17.39
C ALA C 21 -17.22 5.90 -16.59
N GLY C 22 -18.35 6.46 -17.05
CA GLY C 22 -19.61 6.18 -16.41
C GLY C 22 -19.99 4.71 -16.45
N CYS C 23 -19.76 4.06 -17.60
CA CYS C 23 -20.06 2.65 -17.71
C CYS C 23 -19.26 1.83 -16.70
N ALA C 24 -17.97 2.14 -16.56
CA ALA C 24 -17.14 1.43 -15.60
C ALA C 24 -17.60 1.70 -14.17
N ALA C 25 -17.92 2.97 -13.85
CA ALA C 25 -18.36 3.30 -12.51
C ALA C 25 -19.66 2.58 -12.16
N ALA C 26 -20.56 2.43 -13.13
CA ALA C 26 -21.83 1.77 -12.87
C ALA C 26 -21.62 0.34 -12.38
N MET C 27 -20.80 -0.43 -13.10
CA MET C 27 -20.67 -1.85 -12.80
C MET C 27 -19.75 -2.10 -11.60
N VAL C 28 -18.62 -1.41 -11.53
CA VAL C 28 -17.66 -1.68 -10.47
C VAL C 28 -18.26 -1.37 -9.10
N LEU C 29 -18.83 -0.17 -8.96
CA LEU C 29 -19.37 0.23 -7.66
C LEU C 29 -20.55 -0.64 -7.26
N SER C 30 -21.38 -1.04 -8.22
CA SER C 30 -22.51 -1.92 -7.91
C SER C 30 -22.01 -3.26 -7.36
N CYS C 31 -20.94 -3.81 -7.95
CA CYS C 31 -20.37 -5.04 -7.41
C CYS C 31 -19.85 -4.82 -6.00
N LEU C 32 -19.21 -3.68 -5.74
CA LEU C 32 -18.73 -3.40 -4.40
C LEU C 32 -19.88 -3.38 -3.40
N GLY C 33 -20.99 -2.76 -3.77
CA GLY C 33 -22.16 -2.80 -2.90
C GLY C 33 -22.68 -4.21 -2.69
N ALA C 34 -22.82 -4.96 -3.78
CA ALA C 34 -23.29 -6.34 -3.67
C ALA C 34 -22.31 -7.19 -2.87
N ALA C 35 -21.02 -7.01 -3.11
CA ALA C 35 -20.02 -7.82 -2.42
C ALA C 35 -20.08 -7.61 -0.91
N ILE C 36 -20.20 -6.36 -0.47
CA ILE C 36 -20.27 -6.08 0.96
C ILE C 36 -21.53 -6.70 1.56
N GLY C 37 -22.65 -6.59 0.84
CA GLY C 37 -23.91 -7.08 1.39
C GLY C 37 -23.92 -8.57 1.63
N THR C 38 -23.40 -9.34 0.67
CA THR C 38 -23.37 -10.79 0.82
C THR C 38 -22.30 -11.23 1.82
N ALA C 39 -21.14 -10.58 1.80
CA ALA C 39 -20.06 -10.96 2.71
C ALA C 39 -20.47 -10.76 4.17
N LYS C 40 -20.99 -9.58 4.50
CA LYS C 40 -21.43 -9.33 5.87
C LYS C 40 -22.57 -10.27 6.27
N SER C 41 -23.52 -10.48 5.37
CA SER C 41 -24.63 -11.40 5.66
C SER C 41 -24.12 -12.83 5.84
N GLY C 42 -23.17 -13.26 4.99
CA GLY C 42 -22.66 -14.61 5.10
C GLY C 42 -22.04 -14.88 6.45
N ILE C 43 -21.34 -13.89 7.01
CA ILE C 43 -20.79 -14.04 8.36
C ILE C 43 -21.91 -14.25 9.36
N GLY C 44 -23.01 -13.51 9.23
CA GLY C 44 -24.14 -13.70 10.13
C GLY C 44 -24.79 -15.06 9.97
N ILE C 45 -24.99 -15.49 8.72
CA ILE C 45 -25.61 -16.79 8.47
C ILE C 45 -24.74 -17.91 9.04
N ALA C 46 -23.44 -17.87 8.75
CA ALA C 46 -22.54 -18.88 9.28
C ALA C 46 -22.44 -18.80 10.80
N GLY C 47 -22.58 -17.59 11.37
CA GLY C 47 -22.43 -17.45 12.80
C GLY C 47 -23.42 -18.28 13.59
N ILE C 48 -24.68 -18.32 13.14
CA ILE C 48 -25.70 -19.11 13.83
C ILE C 48 -25.69 -20.58 13.41
N GLY C 49 -24.84 -20.96 12.46
CA GLY C 49 -24.92 -22.30 11.90
C GLY C 49 -24.79 -23.39 12.94
N THR C 50 -23.81 -23.28 13.82
CA THR C 50 -23.55 -24.32 14.81
C THR C 50 -24.62 -24.37 15.89
N PHE C 51 -25.42 -23.32 16.04
CA PHE C 51 -26.38 -23.21 17.13
C PHE C 51 -27.81 -23.56 16.72
N LYS C 52 -28.25 -23.13 15.54
CA LYS C 52 -29.59 -23.43 15.04
C LYS C 52 -29.53 -23.67 13.54
N PRO C 53 -29.17 -24.89 13.12
CA PRO C 53 -29.10 -25.18 11.69
C PRO C 53 -30.40 -24.99 10.94
N GLU C 54 -31.55 -25.02 11.63
CA GLU C 54 -32.83 -25.01 10.91
C GLU C 54 -33.10 -23.67 10.24
N LEU C 55 -32.56 -22.58 10.77
CA LEU C 55 -32.97 -21.25 10.37
C LEU C 55 -32.32 -20.77 9.07
N ILE C 56 -31.35 -21.49 8.54
CA ILE C 56 -30.52 -20.95 7.46
C ILE C 56 -31.35 -20.74 6.18
N MET C 57 -31.93 -21.82 5.66
CA MET C 57 -32.56 -21.74 4.35
C MET C 57 -33.70 -20.73 4.30
N LYS C 58 -34.35 -20.45 5.42
CA LYS C 58 -35.41 -19.46 5.47
C LYS C 58 -34.93 -18.09 5.92
N SER C 59 -33.60 -17.87 5.93
CA SER C 59 -33.04 -16.58 6.30
C SER C 59 -31.95 -16.10 5.35
N LEU C 60 -31.83 -16.68 4.16
CA LEU C 60 -30.91 -16.15 3.16
C LEU C 60 -31.43 -14.89 2.49
N ILE C 61 -32.54 -14.32 2.97
CA ILE C 61 -33.13 -13.15 2.31
C ILE C 61 -32.11 -12.04 2.16
N PRO C 62 -31.32 -11.67 3.16
CA PRO C 62 -30.33 -10.60 2.96
C PRO C 62 -29.40 -10.85 1.80
N VAL C 63 -28.96 -12.11 1.61
CA VAL C 63 -28.07 -12.43 0.52
C VAL C 63 -28.78 -12.23 -0.82
N VAL C 64 -30.02 -12.70 -0.93
CA VAL C 64 -30.75 -12.56 -2.20
C VAL C 64 -30.96 -11.08 -2.52
N MET C 65 -31.42 -10.31 -1.54
CA MET C 65 -31.62 -8.87 -1.78
C MET C 65 -30.30 -8.19 -2.11
N SER C 66 -29.22 -8.56 -1.43
CA SER C 66 -27.91 -8.01 -1.75
C SER C 66 -27.51 -8.33 -3.19
N GLY C 67 -28.00 -9.45 -3.72
CA GLY C 67 -27.67 -9.81 -5.10
C GLY C 67 -28.38 -8.94 -6.13
N ILE C 68 -29.57 -8.44 -5.79
CA ILE C 68 -30.30 -7.59 -6.74
C ILE C 68 -29.51 -6.33 -7.07
N LEU C 69 -28.70 -5.85 -6.12
CA LEU C 69 -27.93 -4.64 -6.38
C LEU C 69 -27.03 -4.80 -7.60
N ALA C 70 -26.47 -5.99 -7.79
CA ALA C 70 -25.67 -6.22 -8.99
C ALA C 70 -26.49 -6.08 -10.25
N ILE C 71 -27.77 -6.45 -10.21
CA ILE C 71 -28.61 -6.34 -11.39
C ILE C 71 -28.86 -4.87 -11.74
N TYR C 72 -29.07 -4.03 -10.73
CA TYR C 72 -29.19 -2.59 -10.99
C TYR C 72 -27.98 -2.08 -11.76
N GLY C 73 -26.78 -2.45 -11.32
CA GLY C 73 -25.59 -2.03 -12.02
C GLY C 73 -25.53 -2.57 -13.44
N LEU C 74 -25.85 -3.85 -13.61
CA LEU C 74 -25.81 -4.47 -14.93
C LEU C 74 -26.72 -3.74 -15.91
N VAL C 75 -27.94 -3.44 -15.49
CA VAL C 75 -28.91 -2.82 -16.40
C VAL C 75 -28.38 -1.48 -16.91
N VAL C 76 -27.87 -0.64 -16.00
CA VAL C 76 -27.39 0.67 -16.41
C VAL C 76 -26.14 0.53 -17.28
N ALA C 77 -25.22 -0.35 -16.89
CA ALA C 77 -24.01 -0.53 -17.67
C ALA C 77 -24.33 -1.02 -19.08
N VAL C 78 -25.29 -1.94 -19.20
CA VAL C 78 -25.68 -2.44 -20.52
C VAL C 78 -26.25 -1.31 -21.37
N LEU C 79 -27.11 -0.49 -20.77
CA LEU C 79 -27.75 0.59 -21.53
C LEU C 79 -26.72 1.61 -22.02
N ILE C 80 -25.74 1.95 -21.18
CA ILE C 80 -24.69 2.86 -21.61
C ILE C 80 -23.88 2.25 -22.75
N ALA C 81 -23.42 1.02 -22.57
CA ALA C 81 -22.61 0.37 -23.59
C ALA C 81 -23.34 0.23 -24.92
N GLY C 82 -24.67 0.23 -24.90
CA GLY C 82 -25.43 0.13 -26.13
C GLY C 82 -25.44 1.40 -26.94
N ASN C 83 -25.13 2.54 -26.33
CA ASN C 83 -25.16 3.83 -27.02
C ASN C 83 -23.81 4.23 -27.59
N LEU C 84 -22.71 3.82 -26.96
CA LEU C 84 -21.39 4.21 -27.44
C LEU C 84 -21.05 3.46 -28.72
N SER C 85 -20.46 4.18 -29.68
CA SER C 85 -20.07 3.60 -30.95
C SER C 85 -18.95 4.44 -31.55
N PRO C 86 -18.07 3.83 -32.34
CA PRO C 86 -17.04 4.63 -33.02
C PRO C 86 -17.54 5.36 -34.26
N THR C 87 -18.69 5.00 -34.79
CA THR C 87 -19.18 5.55 -36.04
C THR C 87 -20.22 6.65 -35.85
N GLU C 88 -20.49 7.07 -34.62
CA GLU C 88 -21.52 8.07 -34.34
C GLU C 88 -20.91 9.29 -33.69
N ASP C 89 -21.52 10.45 -33.95
CA ASP C 89 -21.09 11.72 -33.38
C ASP C 89 -21.59 11.84 -31.94
N TYR C 90 -21.10 10.94 -31.09
CA TYR C 90 -21.41 10.93 -29.68
C TYR C 90 -20.97 12.25 -29.05
N THR C 91 -21.92 13.07 -28.61
CA THR C 91 -21.64 14.42 -28.18
C THR C 91 -21.07 14.45 -26.77
N LEU C 92 -20.38 15.54 -26.46
CA LEU C 92 -19.80 15.69 -25.13
C LEU C 92 -20.88 15.79 -24.07
N PHE C 93 -22.01 16.44 -24.39
CA PHE C 93 -23.12 16.47 -23.45
C PHE C 93 -23.55 15.06 -23.07
N ASN C 94 -23.65 14.17 -24.06
CA ASN C 94 -24.00 12.79 -23.77
C ASN C 94 -22.93 12.13 -22.92
N GLY C 95 -21.65 12.51 -23.11
CA GLY C 95 -20.59 11.92 -22.30
C GLY C 95 -20.76 12.21 -20.82
N PHE C 96 -21.03 13.47 -20.48
CA PHE C 96 -21.24 13.82 -19.07
C PHE C 96 -22.48 13.14 -18.51
N MET C 97 -23.55 13.07 -19.30
CA MET C 97 -24.78 12.45 -18.80
C MET C 97 -24.57 10.99 -18.45
N HIS C 98 -23.84 10.25 -19.29
CA HIS C 98 -23.58 8.86 -18.98
C HIS C 98 -22.60 8.71 -17.82
N LEU C 99 -21.72 9.69 -17.63
CA LEU C 99 -20.87 9.67 -16.44
C LEU C 99 -21.71 9.74 -15.17
N SER C 100 -22.71 10.63 -15.15
CA SER C 100 -23.59 10.72 -14.00
C SER C 100 -24.45 9.47 -13.84
N CYS C 101 -24.83 8.84 -14.95
CA CYS C 101 -25.53 7.57 -14.87
C CYS C 101 -24.75 6.56 -14.03
N GLY C 102 -23.44 6.47 -14.27
CA GLY C 102 -22.62 5.54 -13.50
C GLY C 102 -22.51 5.94 -12.04
N LEU C 103 -22.27 7.23 -11.77
CA LEU C 103 -22.11 7.67 -10.40
C LEU C 103 -23.39 7.46 -9.59
N CYS C 104 -24.54 7.75 -10.18
CA CYS C 104 -25.81 7.63 -9.47
C CYS C 104 -26.04 6.19 -9.03
N VAL C 105 -26.14 5.28 -10.00
CA VAL C 105 -26.44 3.89 -9.67
C VAL C 105 -25.29 3.27 -8.88
N GLY C 106 -24.05 3.67 -9.17
CA GLY C 106 -22.91 3.12 -8.49
C GLY C 106 -22.91 3.39 -7.01
N PHE C 107 -22.92 4.66 -6.62
CA PHE C 107 -22.86 5.00 -5.20
C PHE C 107 -24.17 4.70 -4.49
N ALA C 108 -25.30 4.76 -5.19
CA ALA C 108 -26.56 4.35 -4.58
C ALA C 108 -26.52 2.88 -4.21
N CYS C 109 -26.02 2.03 -5.10
CA CYS C 109 -25.91 0.61 -4.79
C CYS C 109 -24.86 0.33 -3.73
N LEU C 110 -23.74 1.05 -3.78
CA LEU C 110 -22.72 0.89 -2.74
C LEU C 110 -23.28 1.25 -1.37
N SER C 111 -23.98 2.37 -1.28
CA SER C 111 -24.57 2.76 -0.01
C SER C 111 -25.61 1.75 0.45
N SER C 112 -26.47 1.30 -0.47
CA SER C 112 -27.49 0.32 -0.11
C SER C 112 -26.85 -0.99 0.34
N GLY C 113 -25.81 -1.44 -0.35
CA GLY C 113 -25.16 -2.69 0.03
C GLY C 113 -24.60 -2.64 1.44
N TYR C 114 -24.01 -1.51 1.82
CA TYR C 114 -23.48 -1.38 3.17
C TYR C 114 -24.57 -1.53 4.22
N ALA C 115 -25.72 -0.87 4.01
CA ALA C 115 -26.79 -0.97 4.98
C ALA C 115 -27.38 -2.38 5.04
N ILE C 116 -27.57 -3.02 3.88
CA ILE C 116 -28.08 -4.39 3.87
C ILE C 116 -27.15 -5.31 4.63
N GLY C 117 -25.84 -5.13 4.46
CA GLY C 117 -24.89 -5.95 5.20
C GLY C 117 -24.99 -5.76 6.70
N MET C 118 -25.01 -4.51 7.16
CA MET C 118 -25.04 -4.24 8.59
C MET C 118 -26.34 -4.76 9.21
N VAL C 119 -27.48 -4.46 8.60
CA VAL C 119 -28.76 -4.92 9.14
C VAL C 119 -28.87 -6.44 9.04
N GLY C 120 -28.48 -7.00 7.90
CA GLY C 120 -28.57 -8.44 7.71
C GLY C 120 -27.79 -9.21 8.75
N ASP C 121 -26.59 -8.76 9.08
CA ASP C 121 -25.73 -9.47 10.01
C ASP C 121 -26.39 -9.61 11.37
N VAL C 122 -26.63 -8.48 12.05
CA VAL C 122 -27.22 -8.53 13.38
C VAL C 122 -28.63 -9.10 13.32
N GLY C 123 -29.32 -8.94 12.21
CA GLY C 123 -30.67 -9.44 12.08
C GLY C 123 -30.75 -10.94 12.28
N VAL C 124 -30.10 -11.69 11.38
CA VAL C 124 -30.10 -13.14 11.50
C VAL C 124 -29.32 -13.58 12.73
N ARG C 125 -28.24 -12.87 13.06
CA ARG C 125 -27.39 -13.29 14.16
C ARG C 125 -28.11 -13.24 15.50
N LYS C 126 -29.12 -12.39 15.65
CA LYS C 126 -29.95 -12.37 16.84
C LYS C 126 -31.33 -12.96 16.60
N TYR C 127 -31.69 -13.24 15.35
CA TYR C 127 -32.93 -13.94 15.04
C TYR C 127 -32.99 -15.29 15.74
N MET C 128 -31.83 -15.90 16.01
CA MET C 128 -31.81 -17.19 16.69
C MET C 128 -32.31 -17.09 18.13
N HIS C 129 -32.20 -15.93 18.75
CA HIS C 129 -32.68 -15.74 20.11
C HIS C 129 -34.17 -15.45 20.21
N GLN C 130 -34.78 -15.01 19.12
CA GLN C 130 -36.15 -14.47 19.17
C GLN C 130 -36.83 -14.70 17.83
N PRO C 131 -37.61 -15.78 17.69
CA PRO C 131 -38.17 -16.11 16.38
C PRO C 131 -39.20 -15.12 15.86
N ARG C 132 -39.80 -14.29 16.73
CA ARG C 132 -40.76 -13.30 16.28
C ARG C 132 -40.10 -12.11 15.58
N LEU C 133 -38.77 -12.07 15.58
CA LEU C 133 -38.04 -10.91 15.07
C LEU C 133 -38.09 -10.80 13.55
N PHE C 134 -38.35 -11.90 12.84
CA PHE C 134 -38.00 -11.97 11.43
C PHE C 134 -38.76 -10.94 10.60
N VAL C 135 -40.07 -10.80 10.80
CA VAL C 135 -40.83 -9.88 9.96
C VAL C 135 -40.27 -8.46 10.08
N GLY C 136 -39.73 -8.12 11.25
CA GLY C 136 -39.07 -6.83 11.38
C GLY C 136 -37.83 -6.71 10.52
N ILE C 137 -37.02 -7.75 10.49
CA ILE C 137 -35.78 -7.71 9.70
C ILE C 137 -36.09 -7.48 8.24
N VAL C 138 -37.08 -8.20 7.70
CA VAL C 138 -37.43 -8.06 6.30
C VAL C 138 -37.90 -6.63 6.01
N LEU C 139 -38.68 -6.06 6.93
CA LEU C 139 -39.20 -4.71 6.71
C LEU C 139 -38.08 -3.68 6.67
N ILE C 140 -37.10 -3.80 7.57
CA ILE C 140 -35.98 -2.86 7.57
C ILE C 140 -35.15 -3.02 6.31
N LEU C 141 -34.95 -4.26 5.86
CA LEU C 141 -34.15 -4.49 4.66
C LEU C 141 -34.78 -3.84 3.44
N ILE C 142 -36.11 -3.82 3.36
CA ILE C 142 -36.78 -3.20 2.22
C ILE C 142 -36.46 -1.72 2.16
N PHE C 143 -36.51 -1.02 3.30
CA PHE C 143 -36.13 0.38 3.32
C PHE C 143 -34.65 0.55 2.97
N SER C 144 -33.82 -0.41 3.35
CA SER C 144 -32.42 -0.39 2.94
C SER C 144 -32.28 -0.70 1.44
N GLU C 145 -33.20 -1.49 0.89
CA GLU C 145 -33.09 -1.90 -0.50
C GLU C 145 -33.39 -0.75 -1.45
N VAL C 146 -34.48 -0.01 -1.19
CA VAL C 146 -34.93 0.99 -2.15
C VAL C 146 -33.90 2.09 -2.36
N LEU C 147 -32.96 2.27 -1.44
CA LEU C 147 -31.91 3.25 -1.66
C LEU C 147 -31.20 2.99 -2.97
N GLY C 148 -30.93 1.72 -3.28
CA GLY C 148 -30.36 1.40 -4.58
C GLY C 148 -31.32 1.66 -5.72
N LEU C 149 -32.62 1.40 -5.50
CA LEU C 149 -33.59 1.58 -6.58
C LEU C 149 -33.68 3.04 -7.00
N TYR C 150 -33.66 3.97 -6.04
CA TYR C 150 -33.69 5.38 -6.39
C TYR C 150 -32.55 5.75 -7.33
N GLY C 151 -31.36 5.19 -7.09
CA GLY C 151 -30.24 5.46 -7.97
C GLY C 151 -30.50 5.02 -9.40
N MET C 152 -31.09 3.83 -9.56
CA MET C 152 -31.37 3.35 -10.91
C MET C 152 -32.39 4.24 -11.61
N ILE C 153 -33.42 4.71 -10.89
CA ILE C 153 -34.45 5.53 -11.51
C ILE C 153 -33.82 6.76 -12.17
N VAL C 154 -32.99 7.48 -11.41
CA VAL C 154 -32.37 8.68 -11.97
C VAL C 154 -31.40 8.31 -13.08
N ALA C 155 -30.70 7.19 -12.94
CA ALA C 155 -29.78 6.76 -13.99
C ALA C 155 -30.52 6.52 -15.30
N LEU C 156 -31.70 5.91 -15.24
CA LEU C 156 -32.48 5.68 -16.45
C LEU C 156 -32.97 6.99 -17.05
N ILE C 157 -33.37 7.94 -16.21
CA ILE C 157 -33.82 9.24 -16.72
C ILE C 157 -32.68 9.99 -17.38
N LEU C 158 -31.50 10.01 -16.74
CA LEU C 158 -30.35 10.67 -17.34
C LEU C 158 -30.02 10.07 -18.70
N ASN C 159 -30.00 8.73 -18.79
CA ASN C 159 -29.71 8.08 -20.05
C ASN C 159 -30.75 8.43 -21.10
N THR C 160 -32.01 8.55 -20.71
CA THR C 160 -33.06 8.87 -21.67
C THR C 160 -32.86 10.26 -22.26
N ARG C 161 -32.46 11.23 -21.45
CA ARG C 161 -32.29 12.60 -21.93
C ARG C 161 -30.98 12.79 -22.67
N GLY C 162 -29.92 12.07 -22.25
CA GLY C 162 -28.60 12.34 -22.81
C GLY C 162 -28.56 12.15 -24.32
N SER C 163 -29.12 11.06 -24.81
CA SER C 163 -29.13 10.78 -26.25
C SER C 163 -30.22 11.54 -26.99
N GLU C 164 -30.91 12.46 -26.31
CA GLU C 164 -31.96 13.25 -26.97
C GLU C 164 -32.04 14.64 -26.33
N MET D 1 -21.38 27.26 -27.56
CA MET D 1 -20.33 27.95 -28.36
C MET D 1 -19.98 29.30 -27.75
N THR D 2 -20.97 30.16 -27.60
CA THR D 2 -20.73 31.49 -27.06
C THR D 2 -20.03 31.39 -25.71
N GLU D 3 -19.32 32.46 -25.35
CA GLU D 3 -18.52 32.44 -24.14
C GLU D 3 -19.36 32.16 -22.91
N LEU D 4 -20.62 32.62 -22.90
CA LEU D 4 -21.51 32.31 -21.78
C LEU D 4 -21.96 30.86 -21.76
N CYS D 5 -21.75 30.12 -22.84
CA CYS D 5 -22.25 28.75 -22.97
C CYS D 5 -21.16 27.82 -23.50
N PRO D 6 -20.08 27.60 -22.73
CA PRO D 6 -19.05 26.66 -23.18
C PRO D 6 -19.61 25.25 -23.32
N VAL D 7 -19.01 24.48 -24.21
CA VAL D 7 -19.47 23.12 -24.46
C VAL D 7 -19.34 22.23 -23.24
N TYR D 8 -18.46 22.58 -22.30
CA TYR D 8 -18.29 21.81 -21.07
C TYR D 8 -19.23 22.26 -19.95
N ALA D 9 -20.10 23.23 -20.21
CA ALA D 9 -21.01 23.70 -19.17
C ALA D 9 -21.84 22.60 -18.53
N PRO D 10 -22.38 21.63 -19.28
CA PRO D 10 -23.23 20.61 -18.64
C PRO D 10 -22.51 19.81 -17.57
N PHE D 11 -21.18 19.79 -17.58
CA PHE D 11 -20.45 18.99 -16.59
C PHE D 11 -20.84 19.36 -15.17
N PHE D 12 -20.85 20.66 -14.86
CA PHE D 12 -21.18 21.07 -13.50
C PHE D 12 -22.61 20.69 -13.16
N GLY D 13 -23.55 20.86 -14.08
CA GLY D 13 -24.91 20.43 -13.84
C GLY D 13 -25.00 18.93 -13.62
N ALA D 14 -24.31 18.16 -14.46
CA ALA D 14 -24.37 16.71 -14.34
C ALA D 14 -23.79 16.24 -13.00
N ILE D 15 -22.70 16.87 -12.55
CA ILE D 15 -22.14 16.50 -11.24
C ILE D 15 -23.11 16.88 -10.12
N GLY D 16 -23.75 18.05 -10.23
CA GLY D 16 -24.75 18.41 -9.24
C GLY D 16 -25.90 17.42 -9.19
N CYS D 17 -26.35 16.94 -10.35
CA CYS D 17 -27.42 15.96 -10.39
C CYS D 17 -27.01 14.69 -9.64
N ALA D 18 -25.79 14.21 -9.86
CA ALA D 18 -25.32 13.02 -9.16
C ALA D 18 -25.08 13.31 -7.68
N SER D 19 -24.53 14.49 -7.37
CA SER D 19 -24.23 14.81 -5.97
C SER D 19 -25.47 14.72 -5.10
N ALA D 20 -26.62 15.12 -5.62
CA ALA D 20 -27.85 15.10 -4.83
C ALA D 20 -28.17 13.69 -4.32
N ILE D 21 -27.84 12.66 -5.09
CA ILE D 21 -28.17 11.29 -4.72
C ILE D 21 -27.04 10.61 -3.98
N ILE D 22 -25.78 10.90 -4.35
CA ILE D 22 -24.65 10.24 -3.71
C ILE D 22 -24.70 10.45 -2.20
N PHE D 23 -24.73 11.72 -1.78
CA PHE D 23 -24.57 12.03 -0.37
C PHE D 23 -25.85 11.75 0.43
N THR D 24 -27.02 11.99 -0.16
CA THR D 24 -28.26 11.65 0.53
C THR D 24 -28.34 10.14 0.76
N SER D 25 -27.90 9.35 -0.22
CA SER D 25 -27.93 7.90 -0.05
C SER D 25 -27.00 7.46 1.08
N LEU D 26 -25.83 8.07 1.19
CA LEU D 26 -24.93 7.74 2.29
C LEU D 26 -25.56 8.13 3.63
N GLY D 27 -26.22 9.28 3.69
CA GLY D 27 -26.90 9.66 4.91
C GLY D 27 -28.02 8.71 5.27
N ALA D 28 -28.85 8.35 4.29
CA ALA D 28 -29.95 7.43 4.55
C ALA D 28 -29.44 6.05 4.96
N ALA D 29 -28.38 5.57 4.30
CA ALA D 29 -27.85 4.25 4.62
C ALA D 29 -27.30 4.21 6.04
N TYR D 30 -26.52 5.21 6.42
CA TYR D 30 -25.97 5.26 7.76
C TYR D 30 -27.08 5.34 8.80
N GLY D 31 -28.08 6.20 8.56
CA GLY D 31 -29.20 6.29 9.48
C GLY D 31 -29.95 4.98 9.60
N THR D 32 -30.18 4.30 8.48
CA THR D 32 -30.85 3.00 8.51
C THR D 32 -29.99 1.96 9.23
N ALA D 33 -28.69 1.93 8.91
CA ALA D 33 -27.84 0.86 9.42
C ALA D 33 -27.74 0.91 10.95
N LYS D 34 -27.39 2.08 11.50
CA LYS D 34 -27.17 2.13 12.94
C LYS D 34 -28.50 2.10 13.71
N SER D 35 -29.58 2.60 13.10
CA SER D 35 -30.89 2.42 13.72
C SER D 35 -31.30 0.95 13.73
N GLY D 36 -30.98 0.23 12.65
CA GLY D 36 -31.33 -1.19 12.60
C GLY D 36 -30.64 -1.99 13.69
N VAL D 37 -29.36 -1.70 13.95
CA VAL D 37 -28.65 -2.39 15.02
C VAL D 37 -29.35 -2.17 16.35
N GLY D 38 -29.79 -0.94 16.61
CA GLY D 38 -30.52 -0.67 17.84
C GLY D 38 -31.84 -1.43 17.92
N ILE D 39 -32.60 -1.46 16.83
CA ILE D 39 -33.88 -2.15 16.82
C ILE D 39 -33.67 -3.65 17.02
N CYS D 40 -32.71 -4.24 16.30
CA CYS D 40 -32.50 -5.67 16.41
C CYS D 40 -32.02 -6.07 17.79
N ALA D 41 -31.23 -5.22 18.44
CA ALA D 41 -30.70 -5.56 19.77
C ALA D 41 -31.81 -5.56 20.82
N THR D 42 -32.72 -4.59 20.77
CA THR D 42 -33.76 -4.46 21.79
C THR D 42 -34.86 -5.50 21.63
N CYS D 43 -35.23 -5.84 20.40
CA CYS D 43 -36.42 -6.65 20.18
C CYS D 43 -36.26 -8.09 20.66
N VAL D 44 -35.05 -8.52 21.03
CA VAL D 44 -34.89 -9.86 21.59
C VAL D 44 -35.72 -10.00 22.86
N LEU D 45 -35.64 -8.99 23.75
CA LEU D 45 -36.40 -9.04 24.99
C LEU D 45 -37.81 -8.47 24.82
N ARG D 46 -38.00 -7.51 23.92
CA ARG D 46 -39.26 -6.77 23.80
C ARG D 46 -39.74 -6.80 22.36
N PRO D 47 -40.11 -7.99 21.86
CA PRO D 47 -40.54 -8.08 20.45
C PRO D 47 -41.83 -7.34 20.15
N ASP D 48 -42.72 -7.18 21.14
CA ASP D 48 -43.99 -6.48 20.89
C ASP D 48 -43.77 -5.01 20.57
N LEU D 49 -42.59 -4.48 20.86
CA LEU D 49 -42.29 -3.07 20.67
C LEU D 49 -41.79 -2.73 19.27
N LEU D 50 -41.60 -3.74 18.42
CA LEU D 50 -40.83 -3.54 17.19
C LEU D 50 -41.45 -2.47 16.29
N PHE D 51 -42.72 -2.61 15.95
CA PHE D 51 -43.34 -1.71 14.99
C PHE D 51 -43.55 -0.30 15.54
N LYS D 52 -43.37 -0.11 16.85
CA LYS D 52 -43.43 1.23 17.41
C LYS D 52 -42.09 1.94 17.30
N ASN D 53 -41.00 1.25 17.63
CA ASN D 53 -39.67 1.83 17.65
C ASN D 53 -38.95 1.75 16.31
N ILE D 54 -39.60 1.23 15.27
CA ILE D 54 -39.00 1.21 13.94
C ILE D 54 -38.93 2.60 13.30
N VAL D 55 -39.56 3.59 13.92
CA VAL D 55 -39.77 4.90 13.32
C VAL D 55 -38.46 5.49 12.77
N PRO D 56 -37.35 5.41 13.51
CA PRO D 56 -36.11 6.03 12.99
C PRO D 56 -35.75 5.58 11.59
N VAL D 57 -36.05 4.32 11.23
CA VAL D 57 -35.77 3.86 9.88
C VAL D 57 -36.61 4.64 8.87
N ILE D 58 -37.86 4.94 9.20
CA ILE D 58 -38.68 5.76 8.30
C ILE D 58 -38.05 7.13 8.14
N MET D 59 -37.61 7.73 9.26
CA MET D 59 -37.01 9.06 9.19
C MET D 59 -35.76 9.06 8.31
N ALA D 60 -34.91 8.05 8.47
CA ALA D 60 -33.73 7.94 7.62
C ALA D 60 -34.12 7.74 6.16
N GLY D 61 -35.16 6.94 5.90
CA GLY D 61 -35.56 6.69 4.53
C GLY D 61 -36.01 7.95 3.80
N ILE D 62 -36.68 8.86 4.51
CA ILE D 62 -37.21 10.06 3.86
C ILE D 62 -36.09 10.94 3.32
N ILE D 63 -34.91 10.88 3.94
CA ILE D 63 -33.80 11.68 3.45
C ILE D 63 -33.49 11.33 1.99
N ALA D 64 -33.64 10.05 1.63
CA ALA D 64 -33.38 9.66 0.24
C ALA D 64 -34.43 10.25 -0.70
N ILE D 65 -35.65 10.48 -0.23
CA ILE D 65 -36.66 11.11 -1.07
C ILE D 65 -36.22 12.51 -1.45
N TYR D 66 -35.69 13.27 -0.49
CA TYR D 66 -35.19 14.60 -0.80
C TYR D 66 -34.17 14.56 -1.94
N GLY D 67 -33.20 13.65 -1.85
CA GLY D 67 -32.21 13.54 -2.90
C GLY D 67 -32.82 13.22 -4.25
N LEU D 68 -33.76 12.28 -4.27
CA LEU D 68 -34.42 11.92 -5.51
C LEU D 68 -35.17 13.10 -6.11
N VAL D 69 -35.89 13.85 -5.28
CA VAL D 69 -36.72 14.95 -5.78
C VAL D 69 -35.85 16.02 -6.42
N VAL D 70 -34.77 16.43 -5.74
CA VAL D 70 -33.88 17.44 -6.30
C VAL D 70 -33.18 16.91 -7.53
N SER D 71 -32.72 15.65 -7.48
CA SER D 71 -31.97 15.10 -8.61
C SER D 71 -32.81 15.09 -9.88
N VAL D 72 -34.08 14.68 -9.77
CA VAL D 72 -34.95 14.66 -10.94
C VAL D 72 -35.19 16.09 -11.44
N LEU D 73 -35.38 17.04 -10.53
CA LEU D 73 -35.72 18.40 -10.95
C LEU D 73 -34.59 19.02 -11.76
N VAL D 74 -33.35 18.90 -11.29
CA VAL D 74 -32.22 19.39 -12.07
C VAL D 74 -32.05 18.55 -13.34
N CYS D 75 -32.32 17.25 -13.24
CA CYS D 75 -32.13 16.37 -14.40
C CYS D 75 -32.99 16.81 -15.58
N TYR D 76 -34.26 17.16 -15.32
CA TYR D 76 -35.13 17.66 -16.37
C TYR D 76 -34.75 19.06 -16.83
N SER D 77 -33.76 19.70 -16.19
CA SER D 77 -33.33 21.04 -16.56
C SER D 77 -31.98 21.05 -17.29
N LEU D 78 -31.34 19.90 -17.44
CA LEU D 78 -30.09 19.84 -18.18
C LEU D 78 -30.34 19.91 -19.67
N GLY D 79 -29.35 20.43 -20.40
CA GLY D 79 -29.48 20.59 -21.84
C GLY D 79 -28.14 20.76 -22.52
N GLN D 80 -28.09 20.41 -23.80
CA GLN D 80 -26.82 20.41 -24.53
C GLN D 80 -26.23 21.81 -24.65
N LYS D 81 -27.06 22.84 -24.67
CA LYS D 81 -26.61 24.21 -24.90
C LYS D 81 -26.88 25.12 -23.71
N GLN D 82 -26.94 24.58 -22.51
CA GLN D 82 -27.25 25.40 -21.35
C GLN D 82 -26.10 26.33 -21.01
N ALA D 83 -26.44 27.46 -20.39
CA ALA D 83 -25.44 28.44 -20.01
C ALA D 83 -24.57 27.92 -18.87
N LEU D 84 -23.38 28.51 -18.74
CA LEU D 84 -22.48 28.14 -17.65
C LEU D 84 -23.09 28.48 -16.30
N TYR D 85 -23.74 29.65 -16.20
CA TYR D 85 -24.39 30.03 -14.95
C TYR D 85 -25.39 28.97 -14.51
N THR D 86 -26.16 28.41 -15.45
CA THR D 86 -27.09 27.35 -15.11
C THR D 86 -26.37 26.15 -14.52
N GLY D 87 -25.15 25.87 -14.99
CA GLY D 87 -24.40 24.76 -14.45
C GLY D 87 -24.04 24.96 -12.99
N PHE D 88 -23.54 26.15 -12.65
CA PHE D 88 -23.12 26.41 -11.28
C PHE D 88 -24.29 26.33 -10.31
N ILE D 89 -25.45 26.89 -10.69
CA ILE D 89 -26.61 26.83 -9.82
C ILE D 89 -27.00 25.40 -9.55
N GLN D 90 -27.03 24.57 -10.59
CA GLN D 90 -27.38 23.16 -10.40
C GLN D 90 -26.36 22.46 -9.50
N LEU D 91 -25.08 22.80 -9.64
CA LEU D 91 -24.08 22.24 -8.74
C LEU D 91 -24.34 22.65 -7.30
N GLY D 92 -24.65 23.93 -7.08
CA GLY D 92 -24.97 24.38 -5.74
C GLY D 92 -26.19 23.69 -5.16
N ALA D 93 -27.22 23.52 -5.98
CA ALA D 93 -28.43 22.82 -5.52
C ALA D 93 -28.10 21.37 -5.16
N GLY D 94 -27.29 20.70 -5.97
CA GLY D 94 -26.95 19.32 -5.68
C GLY D 94 -26.16 19.18 -4.39
N LEU D 95 -25.15 20.03 -4.19
CA LEU D 95 -24.38 19.99 -2.97
C LEU D 95 -25.23 20.33 -1.75
N SER D 96 -26.15 21.28 -1.91
CA SER D 96 -26.92 21.76 -0.76
C SER D 96 -27.74 20.63 -0.15
N VAL D 97 -28.54 19.95 -0.97
CA VAL D 97 -29.36 18.85 -0.46
C VAL D 97 -28.49 17.65 -0.12
N GLY D 98 -27.43 17.42 -0.89
CA GLY D 98 -26.58 16.28 -0.69
C GLY D 98 -25.91 16.26 0.67
N LEU D 99 -25.02 17.23 0.92
CA LEU D 99 -24.24 17.21 2.14
C LEU D 99 -25.07 17.59 3.36
N SER D 100 -26.12 18.40 3.18
CA SER D 100 -27.03 18.65 4.28
C SER D 100 -27.81 17.39 4.65
N GLY D 101 -28.20 16.61 3.64
CA GLY D 101 -28.85 15.34 3.91
C GLY D 101 -27.92 14.35 4.60
N LEU D 102 -26.64 14.38 4.24
CA LEU D 102 -25.67 13.55 4.93
C LEU D 102 -25.57 13.91 6.41
N ALA D 103 -25.60 15.20 6.72
CA ALA D 103 -25.57 15.61 8.12
C ALA D 103 -26.79 15.10 8.87
N ALA D 104 -27.97 15.21 8.25
CA ALA D 104 -29.18 14.70 8.88
C ALA D 104 -29.10 13.20 9.12
N GLY D 105 -28.55 12.45 8.15
CA GLY D 105 -28.45 11.01 8.31
C GLY D 105 -27.63 10.60 9.51
N PHE D 106 -26.48 11.25 9.71
CA PHE D 106 -25.65 10.93 10.87
C PHE D 106 -26.39 11.23 12.17
N ALA D 107 -27.09 12.35 12.23
CA ALA D 107 -27.85 12.68 13.44
C ALA D 107 -28.92 11.64 13.72
N ILE D 108 -29.68 11.24 12.70
CA ILE D 108 -30.73 10.25 12.89
C ILE D 108 -30.14 8.92 13.32
N GLY D 109 -28.99 8.55 12.77
CA GLY D 109 -28.37 7.29 13.16
C GLY D 109 -28.02 7.24 14.62
N ILE D 110 -27.35 8.28 15.12
CA ILE D 110 -26.91 8.29 16.51
C ILE D 110 -28.10 8.40 17.45
N VAL D 111 -29.02 9.33 17.18
CA VAL D 111 -30.16 9.53 18.06
C VAL D 111 -31.06 8.31 18.05
N GLY D 112 -31.33 7.75 16.86
CA GLY D 112 -32.18 6.58 16.78
C GLY D 112 -31.63 5.39 17.54
N ASP D 113 -30.32 5.15 17.41
CA ASP D 113 -29.70 4.04 18.12
C ASP D 113 -29.90 4.18 19.62
N ALA D 114 -29.50 5.33 20.17
CA ALA D 114 -29.63 5.54 21.61
C ALA D 114 -31.10 5.59 22.03
N GLY D 115 -31.93 6.26 21.25
CA GLY D 115 -33.33 6.41 21.63
C GLY D 115 -34.08 5.09 21.68
N VAL D 116 -33.87 4.23 20.68
CA VAL D 116 -34.55 2.95 20.64
C VAL D 116 -34.11 2.08 21.82
N ARG D 117 -32.80 2.02 22.08
CA ARG D 117 -32.32 1.24 23.22
C ARG D 117 -32.91 1.76 24.52
N GLY D 118 -32.92 3.08 24.71
CA GLY D 118 -33.51 3.63 25.92
C GLY D 118 -35.00 3.36 26.03
N SER D 119 -35.72 3.49 24.93
CA SER D 119 -37.17 3.33 24.97
C SER D 119 -37.59 1.94 25.44
N SER D 120 -36.75 0.94 25.25
CA SER D 120 -37.10 -0.40 25.73
C SER D 120 -37.12 -0.46 27.25
N GLN D 121 -36.37 0.41 27.91
CA GLN D 121 -36.31 0.44 29.36
C GLN D 121 -37.34 1.37 29.98
N GLN D 122 -37.77 2.39 29.25
CA GLN D 122 -38.56 3.48 29.83
C GLN D 122 -39.57 3.95 28.81
N PRO D 123 -40.84 3.53 28.91
CA PRO D 123 -41.83 3.91 27.90
C PRO D 123 -42.06 5.41 27.79
N ARG D 124 -41.83 6.16 28.88
CA ARG D 124 -42.01 7.61 28.82
C ARG D 124 -41.07 8.27 27.83
N LEU D 125 -39.98 7.60 27.47
CA LEU D 125 -38.93 8.21 26.66
C LEU D 125 -39.26 8.25 25.17
N PHE D 126 -40.26 7.50 24.72
CA PHE D 126 -40.50 7.39 23.29
C PHE D 126 -40.80 8.76 22.67
N VAL D 127 -41.70 9.52 23.29
CA VAL D 127 -42.04 10.84 22.75
C VAL D 127 -40.82 11.74 22.76
N GLY D 128 -39.90 11.52 23.70
CA GLY D 128 -38.65 12.27 23.67
C GLY D 128 -37.83 11.97 22.43
N MET D 129 -37.73 10.69 22.08
CA MET D 129 -36.98 10.31 20.88
C MET D 129 -37.58 10.95 19.64
N ILE D 130 -38.91 10.95 19.53
CA ILE D 130 -39.55 11.49 18.33
C ILE D 130 -39.25 12.98 18.20
N LEU D 131 -39.30 13.72 19.30
CA LEU D 131 -39.03 15.15 19.24
C LEU D 131 -37.61 15.42 18.77
N ILE D 132 -36.63 14.69 19.34
CA ILE D 132 -35.25 14.90 18.95
C ILE D 132 -35.03 14.50 17.50
N LEU D 133 -35.69 13.44 17.06
CA LEU D 133 -35.57 13.04 15.66
C LEU D 133 -36.19 14.07 14.73
N ILE D 134 -37.28 14.71 15.15
CA ILE D 134 -37.87 15.77 14.33
C ILE D 134 -36.86 16.87 14.09
N PHE D 135 -36.11 17.25 15.12
CA PHE D 135 -35.10 18.28 14.95
C PHE D 135 -33.96 17.79 14.04
N ALA D 136 -33.58 16.52 14.17
CA ALA D 136 -32.61 15.95 13.25
C ALA D 136 -33.17 15.90 11.83
N GLU D 137 -34.43 15.51 11.69
CA GLU D 137 -35.06 15.44 10.37
C GLU D 137 -35.06 16.79 9.67
N VAL D 138 -35.37 17.85 10.41
CA VAL D 138 -35.53 19.16 9.79
C VAL D 138 -34.24 19.66 9.16
N LEU D 139 -33.07 19.18 9.62
CA LEU D 139 -31.84 19.61 8.99
C LEU D 139 -31.80 19.20 7.52
N GLY D 140 -32.42 18.06 7.18
CA GLY D 140 -32.56 17.71 5.79
C GLY D 140 -33.51 18.64 5.05
N LEU D 141 -34.60 19.02 5.70
CA LEU D 141 -35.60 19.86 5.05
C LEU D 141 -35.03 21.23 4.71
N TYR D 142 -34.23 21.81 5.59
CA TYR D 142 -33.60 23.08 5.28
C TYR D 142 -32.76 22.99 4.02
N GLY D 143 -31.96 21.92 3.90
CA GLY D 143 -31.16 21.75 2.70
C GLY D 143 -32.01 21.66 1.45
N LEU D 144 -33.13 20.96 1.53
CA LEU D 144 -34.04 20.86 0.39
C LEU D 144 -34.58 22.23 0.00
N ILE D 145 -34.97 23.03 1.00
CA ILE D 145 -35.55 24.34 0.72
C ILE D 145 -34.56 25.20 -0.05
N VAL D 146 -33.31 25.23 0.41
CA VAL D 146 -32.28 25.98 -0.31
C VAL D 146 -32.11 25.42 -1.72
N ALA D 147 -32.06 24.10 -1.85
CA ALA D 147 -31.85 23.48 -3.15
C ALA D 147 -32.97 23.85 -4.12
N LEU D 148 -34.22 23.84 -3.65
CA LEU D 148 -35.33 24.19 -4.53
C LEU D 148 -35.30 25.67 -4.91
N LEU D 149 -34.96 26.55 -3.96
CA LEU D 149 -34.84 27.96 -4.29
C LEU D 149 -33.77 28.20 -5.33
N LEU D 150 -32.60 27.58 -5.16
CA LEU D 150 -31.55 27.71 -6.15
C LEU D 150 -32.02 27.23 -7.52
N ASN D 151 -32.61 26.04 -7.57
CA ASN D 151 -33.02 25.47 -8.85
C ASN D 151 -34.04 26.36 -9.55
N SER D 152 -34.91 27.04 -8.80
CA SER D 152 -35.91 27.89 -9.43
C SER D 152 -35.26 29.04 -10.19
N ARG D 153 -34.07 29.48 -9.78
CA ARG D 153 -33.35 30.55 -10.43
C ARG D 153 -32.37 30.07 -11.50
N ALA D 154 -32.30 28.76 -11.74
CA ALA D 154 -31.27 28.23 -12.64
C ALA D 154 -31.47 28.67 -14.08
N THR D 155 -32.69 29.01 -14.49
CA THR D 155 -32.96 29.42 -15.85
C THR D 155 -33.72 30.74 -15.95
N GLN D 156 -34.06 31.36 -14.82
CA GLN D 156 -34.76 32.64 -14.84
C GLN D 156 -33.82 33.74 -15.32
N ASP D 157 -34.29 34.55 -16.26
CA ASP D 157 -33.56 35.72 -16.74
C ASP D 157 -32.23 35.35 -17.37
N VAL D 158 -32.06 34.11 -17.79
CA VAL D 158 -30.82 33.68 -18.43
C VAL D 158 -30.84 34.04 -19.91
N VAL D 159 -29.67 34.32 -20.45
CA VAL D 159 -29.48 34.52 -21.88
C VAL D 159 -28.36 33.61 -22.34
N CYS D 160 -28.53 33.00 -23.51
CA CYS D 160 -27.53 32.08 -24.04
C CYS D 160 -26.20 32.80 -24.26
N MET E 1 -17.24 38.98 -23.79
CA MET E 1 -16.93 38.91 -22.34
C MET E 1 -16.54 40.29 -21.82
N THR E 2 -16.41 40.41 -20.50
CA THR E 2 -15.95 41.64 -19.88
C THR E 2 -15.07 41.29 -18.69
N GLU E 3 -14.13 42.19 -18.39
CA GLU E 3 -13.07 41.88 -17.45
C GLU E 3 -13.59 41.75 -16.02
N LEU E 4 -14.42 42.71 -15.58
CA LEU E 4 -14.88 42.71 -14.20
C LEU E 4 -15.96 41.68 -13.93
N CYS E 5 -16.53 41.07 -14.96
CA CYS E 5 -17.55 40.03 -14.82
C CYS E 5 -17.16 38.81 -15.63
N PRO E 6 -16.09 38.12 -15.26
CA PRO E 6 -15.72 36.90 -15.97
C PRO E 6 -16.81 35.85 -15.80
N VAL E 7 -16.97 35.02 -16.84
CA VAL E 7 -18.10 34.11 -16.89
C VAL E 7 -18.10 33.12 -15.73
N TYR E 8 -16.95 32.88 -15.11
CA TYR E 8 -16.89 31.96 -13.98
C TYR E 8 -17.28 32.61 -12.65
N ALA E 9 -17.57 33.90 -12.64
CA ALA E 9 -17.83 34.59 -11.37
C ALA E 9 -18.94 33.95 -10.56
N PRO E 10 -20.09 33.56 -11.13
CA PRO E 10 -21.17 33.03 -10.30
C PRO E 10 -20.79 31.78 -9.54
N PHE E 11 -19.71 31.09 -9.94
CA PHE E 11 -19.31 29.88 -9.25
C PHE E 11 -19.07 30.14 -7.77
N PHE E 12 -18.38 31.23 -7.45
CA PHE E 12 -18.12 31.53 -6.05
C PHE E 12 -19.39 31.95 -5.31
N GLY E 13 -20.33 32.59 -6.01
CA GLY E 13 -21.62 32.87 -5.39
C GLY E 13 -22.38 31.59 -5.08
N ALA E 14 -22.43 30.67 -6.06
CA ALA E 14 -23.17 29.42 -5.85
C ALA E 14 -22.54 28.60 -4.73
N ILE E 15 -21.21 28.50 -4.70
CA ILE E 15 -20.56 27.75 -3.64
C ILE E 15 -20.77 28.42 -2.30
N GLY E 16 -20.72 29.75 -2.26
CA GLY E 16 -21.03 30.44 -1.02
C GLY E 16 -22.44 30.19 -0.54
N CYS E 17 -23.41 30.16 -1.46
CA CYS E 17 -24.79 29.89 -1.09
C CYS E 17 -24.93 28.52 -0.44
N ALA E 18 -24.40 27.48 -1.10
CA ALA E 18 -24.49 26.13 -0.56
C ALA E 18 -23.68 26.00 0.73
N SER E 19 -22.50 26.61 0.78
CA SER E 19 -21.63 26.46 1.94
C SER E 19 -22.32 26.92 3.23
N ALA E 20 -23.15 27.96 3.14
CA ALA E 20 -23.78 28.49 4.34
C ALA E 20 -24.65 27.45 5.03
N ILE E 21 -25.46 26.71 4.26
CA ILE E 21 -26.36 25.75 4.87
C ILE E 21 -25.67 24.42 5.14
N ILE E 22 -24.64 24.09 4.36
CA ILE E 22 -23.96 22.81 4.55
C ILE E 22 -23.27 22.77 5.91
N PHE E 23 -22.42 23.77 6.17
CA PHE E 23 -21.58 23.72 7.37
C PHE E 23 -22.39 23.94 8.64
N THR E 24 -23.40 24.80 8.59
CA THR E 24 -24.29 24.95 9.74
C THR E 24 -25.04 23.66 10.02
N SER E 25 -25.47 22.96 8.97
CA SER E 25 -26.16 21.68 9.16
C SER E 25 -25.25 20.66 9.84
N LEU E 26 -23.98 20.61 9.43
CA LEU E 26 -23.04 19.72 10.10
C LEU E 26 -22.88 20.10 11.57
N GLY E 27 -22.79 21.39 11.87
CA GLY E 27 -22.72 21.82 13.25
C GLY E 27 -23.96 21.47 14.03
N ALA E 28 -25.14 21.75 13.45
CA ALA E 28 -26.39 21.43 14.13
C ALA E 28 -26.57 19.94 14.30
N ALA E 29 -26.15 19.15 13.31
CA ALA E 29 -26.26 17.70 13.42
C ALA E 29 -25.43 17.18 14.58
N TYR E 30 -24.18 17.63 14.69
CA TYR E 30 -23.33 17.19 15.79
C TYR E 30 -23.89 17.62 17.14
N GLY E 31 -24.36 18.86 17.23
CA GLY E 31 -24.98 19.30 18.47
C GLY E 31 -26.19 18.47 18.84
N THR E 32 -27.00 18.09 17.85
CA THR E 32 -28.15 17.23 18.12
C THR E 32 -27.72 15.83 18.53
N ALA E 33 -26.69 15.28 17.88
CA ALA E 33 -26.28 13.92 18.17
C ALA E 33 -25.74 13.78 19.59
N LYS E 34 -24.77 14.62 19.95
CA LYS E 34 -24.16 14.51 21.28
C LYS E 34 -25.19 14.78 22.38
N SER E 35 -26.03 15.80 22.20
CA SER E 35 -27.05 16.08 23.19
C SER E 35 -28.07 14.95 23.27
N GLY E 36 -28.44 14.39 22.11
CA GLY E 36 -29.46 13.35 22.11
C GLY E 36 -29.08 12.13 22.92
N VAL E 37 -27.82 11.72 22.83
CA VAL E 37 -27.37 10.57 23.61
C VAL E 37 -27.46 10.87 25.09
N GLY E 38 -27.08 12.08 25.50
CA GLY E 38 -27.17 12.43 26.90
C GLY E 38 -28.60 12.45 27.41
N ILE E 39 -29.52 12.99 26.61
CA ILE E 39 -30.93 13.02 27.00
C ILE E 39 -31.48 11.60 27.12
N CYS E 40 -31.17 10.76 26.13
CA CYS E 40 -31.68 9.39 26.17
C CYS E 40 -31.08 8.59 27.32
N ALA E 41 -29.86 8.93 27.73
CA ALA E 41 -29.23 8.19 28.83
C ALA E 41 -29.87 8.53 30.17
N THR E 42 -30.06 9.82 30.44
CA THR E 42 -30.59 10.24 31.74
C THR E 42 -32.08 9.98 31.87
N CYS E 43 -32.85 10.23 30.82
CA CYS E 43 -34.31 10.17 30.92
C CYS E 43 -34.82 8.76 31.19
N VAL E 44 -33.99 7.73 31.06
CA VAL E 44 -34.40 6.39 31.43
C VAL E 44 -34.80 6.35 32.90
N LEU E 45 -34.02 6.99 33.76
CA LEU E 45 -34.30 7.02 35.18
C LEU E 45 -35.07 8.24 35.62
N ARG E 46 -34.91 9.37 34.93
CA ARG E 46 -35.54 10.64 35.30
C ARG E 46 -36.36 11.18 34.13
N PRO E 47 -37.45 10.50 33.76
CA PRO E 47 -38.27 11.00 32.66
C PRO E 47 -38.95 12.32 32.96
N ASP E 48 -39.09 12.68 34.24
CA ASP E 48 -39.72 13.96 34.58
C ASP E 48 -38.91 15.15 34.08
N LEU E 49 -37.62 14.96 33.78
CA LEU E 49 -36.76 16.03 33.30
C LEU E 49 -36.75 16.16 31.78
N LEU E 50 -37.49 15.31 31.07
CA LEU E 50 -37.33 15.21 29.62
C LEU E 50 -37.49 16.55 28.92
N PHE E 51 -38.60 17.24 29.18
CA PHE E 51 -38.89 18.49 28.48
C PHE E 51 -38.10 19.67 29.04
N LYS E 52 -37.40 19.48 30.16
CA LYS E 52 -36.47 20.46 30.68
C LYS E 52 -35.09 20.27 30.06
N ASN E 53 -34.64 19.02 29.93
CA ASN E 53 -33.33 18.70 29.39
C ASN E 53 -33.24 18.83 27.89
N ILE E 54 -34.35 19.03 27.18
CA ILE E 54 -34.31 19.06 25.71
C ILE E 54 -33.72 20.34 25.16
N VAL E 55 -33.49 21.34 25.99
CA VAL E 55 -33.10 22.69 25.53
C VAL E 55 -31.86 22.63 24.64
N PRO E 56 -30.82 21.89 24.99
CA PRO E 56 -29.62 21.88 24.14
C PRO E 56 -29.92 21.53 22.70
N VAL E 57 -30.90 20.66 22.45
CA VAL E 57 -31.29 20.34 21.08
C VAL E 57 -31.90 21.58 20.42
N ILE E 58 -32.67 22.35 21.17
CA ILE E 58 -33.22 23.60 20.64
C ILE E 58 -32.08 24.54 20.26
N MET E 59 -31.09 24.66 21.16
CA MET E 59 -29.97 25.57 20.90
C MET E 59 -29.21 25.15 19.65
N ALA E 60 -28.93 23.85 19.51
CA ALA E 60 -28.26 23.36 18.31
C ALA E 60 -29.11 23.58 17.07
N GLY E 61 -30.43 23.39 17.18
CA GLY E 61 -31.30 23.57 16.04
C GLY E 61 -31.30 24.99 15.50
N ILE E 62 -31.16 25.98 16.38
CA ILE E 62 -31.18 27.38 15.94
C ILE E 62 -29.98 27.68 15.04
N ILE E 63 -28.86 26.98 15.25
CA ILE E 63 -27.68 27.24 14.42
C ILE E 63 -28.00 27.02 12.95
N ALA E 64 -28.79 25.99 12.65
CA ALA E 64 -29.13 25.72 11.26
C ALA E 64 -29.95 26.85 10.65
N ILE E 65 -30.80 27.51 11.44
CA ILE E 65 -31.62 28.58 10.91
C ILE E 65 -30.75 29.76 10.48
N TYR E 66 -29.66 30.02 11.20
CA TYR E 66 -28.72 31.04 10.75
C TYR E 66 -28.22 30.75 9.35
N GLY E 67 -27.85 29.49 9.08
CA GLY E 67 -27.41 29.14 7.75
C GLY E 67 -28.48 29.37 6.70
N LEU E 68 -29.72 29.04 7.03
CA LEU E 68 -30.81 29.15 6.07
C LEU E 68 -31.01 30.61 5.63
N VAL E 69 -31.07 31.53 6.60
CA VAL E 69 -31.37 32.92 6.26
C VAL E 69 -30.24 33.54 5.45
N VAL E 70 -28.99 33.24 5.78
CA VAL E 70 -27.87 33.72 4.99
C VAL E 70 -27.90 33.10 3.60
N SER E 71 -28.15 31.78 3.54
CA SER E 71 -28.20 31.11 2.24
C SER E 71 -29.29 31.68 1.37
N VAL E 72 -30.47 31.93 1.93
CA VAL E 72 -31.57 32.48 1.15
C VAL E 72 -31.24 33.89 0.68
N LEU E 73 -30.65 34.70 1.55
CA LEU E 73 -30.27 36.05 1.15
C LEU E 73 -29.28 36.03 0.00
N VAL E 74 -28.28 35.16 0.07
CA VAL E 74 -27.34 35.01 -1.03
C VAL E 74 -28.05 34.50 -2.28
N CYS E 75 -28.95 33.52 -2.11
CA CYS E 75 -29.59 32.88 -3.26
C CYS E 75 -30.30 33.92 -4.14
N TYR E 76 -31.09 34.80 -3.53
CA TYR E 76 -31.84 35.79 -4.29
C TYR E 76 -30.94 36.85 -4.92
N SER E 77 -29.63 36.82 -4.69
CA SER E 77 -28.73 37.83 -5.23
C SER E 77 -27.80 37.27 -6.30
N LEU E 78 -27.89 35.97 -6.62
CA LEU E 78 -27.08 35.43 -7.70
C LEU E 78 -27.61 35.89 -9.04
N GLY E 79 -26.72 35.95 -10.03
CA GLY E 79 -27.08 36.35 -11.36
C GLY E 79 -26.05 35.95 -12.39
N GLN E 80 -26.48 35.80 -13.65
CA GLN E 80 -25.58 35.32 -14.68
C GLN E 80 -24.42 36.29 -14.92
N LYS E 81 -24.68 37.60 -14.81
CA LYS E 81 -23.70 38.62 -15.13
C LYS E 81 -23.16 39.34 -13.90
N GLN E 82 -23.20 38.70 -12.74
CA GLN E 82 -22.74 39.35 -11.52
C GLN E 82 -21.23 39.55 -11.56
N ALA E 83 -20.77 40.64 -10.95
CA ALA E 83 -19.35 40.96 -10.93
C ALA E 83 -18.60 39.97 -10.04
N LEU E 84 -17.29 39.84 -10.31
CA LEU E 84 -16.47 38.92 -9.53
C LEU E 84 -16.40 39.35 -8.07
N TYR E 85 -16.37 40.66 -7.82
CA TYR E 85 -16.36 41.14 -6.44
C TYR E 85 -17.58 40.63 -5.68
N THR E 86 -18.75 40.66 -6.31
CA THR E 86 -19.94 40.10 -5.68
C THR E 86 -19.74 38.61 -5.39
N GLY E 87 -19.05 37.91 -6.27
CA GLY E 87 -18.81 36.49 -6.03
C GLY E 87 -17.99 36.24 -4.79
N PHE E 88 -16.92 37.01 -4.60
CA PHE E 88 -16.07 36.83 -3.43
C PHE E 88 -16.79 37.20 -2.15
N ILE E 89 -17.56 38.29 -2.17
CA ILE E 89 -18.30 38.70 -0.98
C ILE E 89 -19.28 37.61 -0.57
N GLN E 90 -19.98 37.02 -1.54
CA GLN E 90 -20.92 35.95 -1.22
C GLN E 90 -20.21 34.72 -0.69
N LEU E 91 -19.02 34.42 -1.21
CA LEU E 91 -18.23 33.33 -0.65
C LEU E 91 -17.81 33.64 0.78
N GLY E 92 -17.36 34.87 1.03
CA GLY E 92 -16.98 35.25 2.39
C GLY E 92 -18.14 35.16 3.36
N ALA E 93 -19.33 35.60 2.93
CA ALA E 93 -20.50 35.50 3.79
C ALA E 93 -20.84 34.05 4.09
N GLY E 94 -20.77 33.19 3.07
CA GLY E 94 -21.11 31.79 3.28
C GLY E 94 -20.19 31.10 4.27
N LEU E 95 -18.88 31.30 4.10
CA LEU E 95 -17.93 30.66 5.01
C LEU E 95 -18.05 31.23 6.42
N SER E 96 -18.34 32.53 6.55
CA SER E 96 -18.37 33.15 7.87
C SER E 96 -19.44 32.52 8.74
N VAL E 97 -20.68 32.45 8.25
CA VAL E 97 -21.74 31.84 9.04
C VAL E 97 -21.57 30.33 9.11
N GLY E 98 -21.06 29.73 8.05
CA GLY E 98 -20.90 28.29 8.00
C GLY E 98 -19.96 27.73 9.05
N LEU E 99 -18.67 28.06 8.95
CA LEU E 99 -17.68 27.43 9.80
C LEU E 99 -17.76 27.91 11.24
N SER E 100 -18.14 29.17 11.47
CA SER E 100 -18.39 29.60 12.84
C SER E 100 -19.59 28.88 13.43
N GLY E 101 -20.62 28.64 12.61
CA GLY E 101 -21.73 27.81 13.06
C GLY E 101 -21.31 26.39 13.36
N LEU E 102 -20.36 25.87 12.57
CA LEU E 102 -19.81 24.55 12.87
C LEU E 102 -19.09 24.56 14.21
N ALA E 103 -18.34 25.62 14.51
CA ALA E 103 -17.67 25.73 15.80
C ALA E 103 -18.70 25.81 16.92
N ALA E 104 -19.75 26.62 16.75
CA ALA E 104 -20.79 26.71 17.77
C ALA E 104 -21.47 25.37 17.99
N GLY E 105 -21.69 24.61 16.92
CA GLY E 105 -22.32 23.30 17.07
C GLY E 105 -21.52 22.36 17.94
N PHE E 106 -20.19 22.35 17.76
CA PHE E 106 -19.34 21.50 18.58
C PHE E 106 -19.42 21.91 20.05
N ALA E 107 -19.36 23.21 20.33
CA ALA E 107 -19.46 23.68 21.71
C ALA E 107 -20.80 23.30 22.34
N ILE E 108 -21.88 23.56 21.62
CA ILE E 108 -23.21 23.23 22.14
C ILE E 108 -23.33 21.73 22.40
N GLY E 109 -22.80 20.92 21.49
CA GLY E 109 -22.89 19.48 21.67
C GLY E 109 -22.17 19.00 22.92
N ILE E 110 -20.95 19.49 23.14
CA ILE E 110 -20.11 18.95 24.21
C ILE E 110 -20.65 19.36 25.58
N VAL E 111 -20.94 20.65 25.76
CA VAL E 111 -21.45 21.10 27.06
C VAL E 111 -22.84 20.55 27.31
N GLY E 112 -23.65 20.42 26.25
CA GLY E 112 -24.95 19.80 26.41
C GLY E 112 -24.85 18.34 26.81
N ASP E 113 -23.91 17.61 26.20
CA ASP E 113 -23.74 16.20 26.55
C ASP E 113 -23.39 16.04 28.02
N ALA E 114 -22.48 16.87 28.53
CA ALA E 114 -22.13 16.81 29.94
C ALA E 114 -23.20 17.45 30.81
N GLY E 115 -23.84 18.50 30.32
CA GLY E 115 -24.75 19.27 31.17
C GLY E 115 -25.96 18.48 31.62
N VAL E 116 -26.61 17.77 30.70
CA VAL E 116 -27.84 17.07 31.06
C VAL E 116 -27.59 15.94 32.04
N ARG E 117 -26.42 15.30 31.95
CA ARG E 117 -26.05 14.33 32.97
C ARG E 117 -25.87 15.01 34.32
N GLY E 118 -25.21 16.17 34.33
CA GLY E 118 -25.02 16.90 35.58
C GLY E 118 -26.33 17.31 36.21
N SER E 119 -27.25 17.85 35.41
CA SER E 119 -28.50 18.37 35.94
C SER E 119 -29.29 17.29 36.67
N SER E 120 -29.24 16.05 36.19
CA SER E 120 -30.00 14.98 36.84
C SER E 120 -29.49 14.73 38.25
N GLN E 121 -28.19 14.90 38.49
CA GLN E 121 -27.59 14.62 39.79
C GLN E 121 -27.62 15.82 40.72
N GLN E 122 -27.76 17.03 40.19
CA GLN E 122 -27.74 18.25 41.01
C GLN E 122 -28.65 19.28 40.36
N PRO E 123 -29.89 19.42 40.84
CA PRO E 123 -30.86 20.27 40.12
C PRO E 123 -30.45 21.73 40.04
N ARG E 124 -29.59 22.22 40.93
CA ARG E 124 -29.15 23.61 40.84
C ARG E 124 -28.26 23.86 39.64
N LEU E 125 -27.77 22.80 38.99
CA LEU E 125 -26.82 22.95 37.91
C LEU E 125 -27.47 23.28 36.57
N PHE E 126 -28.79 23.16 36.45
CA PHE E 126 -29.42 23.37 35.15
C PHE E 126 -29.21 24.81 34.66
N VAL E 127 -29.43 25.79 35.53
CA VAL E 127 -29.23 27.17 35.12
C VAL E 127 -27.77 27.41 34.74
N GLY E 128 -26.85 26.65 35.34
CA GLY E 128 -25.46 26.74 34.93
C GLY E 128 -25.26 26.29 33.50
N MET E 129 -25.88 25.16 33.13
CA MET E 129 -25.79 24.68 31.76
C MET E 129 -26.37 25.70 30.79
N ILE E 130 -27.54 26.25 31.11
CA ILE E 130 -28.18 27.22 30.22
C ILE E 130 -27.27 28.42 30.03
N LEU E 131 -26.74 28.97 31.13
CA LEU E 131 -25.90 30.16 31.03
C LEU E 131 -24.66 29.89 30.20
N ILE E 132 -24.05 28.71 30.38
CA ILE E 132 -22.88 28.35 29.56
C ILE E 132 -23.29 28.20 28.10
N LEU E 133 -24.47 27.63 27.84
CA LEU E 133 -24.91 27.44 26.47
C LEU E 133 -25.09 28.77 25.74
N ILE E 134 -25.44 29.83 26.47
CA ILE E 134 -25.57 31.14 25.84
C ILE E 134 -24.24 31.54 25.22
N PHE E 135 -23.15 31.38 25.97
CA PHE E 135 -21.84 31.76 25.45
C PHE E 135 -21.39 30.85 24.31
N ALA E 136 -21.86 29.60 24.28
CA ALA E 136 -21.63 28.77 23.10
C ALA E 136 -22.54 29.19 21.96
N GLU E 137 -23.80 29.53 22.26
CA GLU E 137 -24.73 29.94 21.21
C GLU E 137 -24.26 31.22 20.52
N VAL E 138 -23.80 32.19 21.30
CA VAL E 138 -23.52 33.51 20.74
C VAL E 138 -22.41 33.47 19.71
N LEU E 139 -21.57 32.43 19.73
CA LEU E 139 -20.55 32.32 18.69
C LEU E 139 -21.18 32.25 17.31
N GLY E 140 -22.27 31.49 17.18
CA GLY E 140 -22.97 31.45 15.91
C GLY E 140 -23.57 32.79 15.54
N LEU E 141 -24.06 33.54 16.53
CA LEU E 141 -24.66 34.83 16.25
C LEU E 141 -23.63 35.80 15.69
N TYR E 142 -22.40 35.77 16.20
CA TYR E 142 -21.35 36.60 15.62
C TYR E 142 -21.13 36.25 14.15
N GLY E 143 -21.12 34.95 13.83
CA GLY E 143 -20.97 34.55 12.44
C GLY E 143 -22.07 35.14 11.56
N LEU E 144 -23.32 35.08 12.04
CA LEU E 144 -24.41 35.67 11.29
C LEU E 144 -24.21 37.16 11.10
N ILE E 145 -23.79 37.86 12.15
CA ILE E 145 -23.63 39.32 12.07
C ILE E 145 -22.61 39.68 11.01
N VAL E 146 -21.46 38.99 11.01
CA VAL E 146 -20.45 39.26 9.98
C VAL E 146 -20.99 38.91 8.60
N ALA E 147 -21.70 37.78 8.49
CA ALA E 147 -22.22 37.38 7.19
C ALA E 147 -23.20 38.40 6.64
N LEU E 148 -24.10 38.91 7.49
CA LEU E 148 -25.06 39.90 7.01
C LEU E 148 -24.38 41.19 6.61
N LEU E 149 -23.36 41.61 7.36
CA LEU E 149 -22.65 42.84 7.02
C LEU E 149 -21.94 42.72 5.68
N LEU E 150 -21.30 41.58 5.42
CA LEU E 150 -20.69 41.35 4.11
C LEU E 150 -21.74 41.42 3.00
N ASN E 151 -22.87 40.75 3.22
CA ASN E 151 -23.90 40.69 2.18
C ASN E 151 -24.43 42.07 1.84
N SER E 152 -24.58 42.93 2.84
CA SER E 152 -25.23 44.22 2.63
C SER E 152 -24.45 45.13 1.69
N ARG E 153 -23.14 44.94 1.57
CA ARG E 153 -22.31 45.69 0.63
C ARG E 153 -21.88 44.84 -0.56
N ALA E 154 -22.55 43.72 -0.81
CA ALA E 154 -22.17 42.84 -1.90
C ALA E 154 -22.57 43.37 -3.27
N THR E 155 -23.50 44.33 -3.32
CA THR E 155 -24.00 44.82 -4.60
C THR E 155 -24.07 46.33 -4.75
N GLN E 156 -23.95 47.11 -3.67
CA GLN E 156 -24.01 48.56 -3.81
C GLN E 156 -22.70 49.08 -4.39
N ASP E 157 -22.81 50.04 -5.30
CA ASP E 157 -21.66 50.65 -5.97
C ASP E 157 -20.86 49.65 -6.78
N VAL E 158 -21.42 48.49 -7.11
CA VAL E 158 -20.68 47.51 -7.90
C VAL E 158 -20.89 47.85 -9.36
N VAL E 159 -20.10 48.80 -9.86
CA VAL E 159 -20.10 49.13 -11.27
C VAL E 159 -19.25 48.11 -12.02
N CYS E 160 -19.66 47.78 -13.24
CA CYS E 160 -18.94 46.80 -14.03
C CYS E 160 -19.22 46.96 -15.51
N MET F 1 -7.54 46.27 -16.75
CA MET F 1 -8.17 47.08 -15.67
C MET F 1 -7.17 48.11 -15.13
N THR F 2 -6.29 47.64 -14.24
CA THR F 2 -5.21 48.47 -13.71
C THR F 2 -4.17 47.54 -13.13
N GLU F 3 -2.90 47.86 -13.38
CA GLU F 3 -1.82 46.94 -13.00
C GLU F 3 -1.80 46.72 -11.48
N LEU F 4 -1.99 47.78 -10.71
CA LEU F 4 -1.94 47.68 -9.25
C LEU F 4 -3.26 47.21 -8.65
N CYS F 5 -4.32 47.06 -9.44
CA CYS F 5 -5.65 46.71 -8.94
C CYS F 5 -6.25 45.57 -9.76
N PRO F 6 -5.67 44.38 -9.69
CA PRO F 6 -6.26 43.25 -10.39
C PRO F 6 -7.66 42.95 -9.86
N VAL F 7 -8.51 42.42 -10.74
CA VAL F 7 -9.89 42.15 -10.37
C VAL F 7 -9.98 41.11 -9.26
N TYR F 8 -8.97 40.26 -9.10
CA TYR F 8 -8.98 39.26 -8.04
C TYR F 8 -8.52 39.81 -6.70
N ALA F 9 -8.15 41.09 -6.63
CA ALA F 9 -7.67 41.65 -5.36
C ALA F 9 -8.63 41.44 -4.21
N PRO F 10 -9.94 41.66 -4.36
CA PRO F 10 -10.84 41.51 -3.20
C PRO F 10 -10.85 40.11 -2.61
N PHE F 11 -10.41 39.10 -3.35
CA PHE F 11 -10.45 37.74 -2.84
C PHE F 11 -9.69 37.63 -1.52
N PHE F 12 -8.46 38.15 -1.50
CA PHE F 12 -7.69 38.10 -0.27
C PHE F 12 -8.36 38.92 0.83
N GLY F 13 -9.04 40.01 0.47
CA GLY F 13 -9.78 40.77 1.46
C GLY F 13 -10.93 39.98 2.04
N ALA F 14 -11.74 39.36 1.17
CA ALA F 14 -12.90 38.61 1.65
C ALA F 14 -12.46 37.42 2.52
N ILE F 15 -11.43 36.70 2.11
CA ILE F 15 -10.95 35.57 2.90
C ILE F 15 -10.37 36.06 4.23
N GLY F 16 -9.68 37.20 4.20
CA GLY F 16 -9.22 37.78 5.45
C GLY F 16 -10.36 38.15 6.37
N CYS F 17 -11.42 38.73 5.81
CA CYS F 17 -12.59 39.09 6.63
C CYS F 17 -13.22 37.86 7.26
N ALA F 18 -13.41 36.79 6.48
CA ALA F 18 -14.01 35.58 7.00
C ALA F 18 -13.08 34.88 7.98
N SER F 19 -11.77 34.89 7.70
CA SER F 19 -10.83 34.13 8.52
C SER F 19 -10.82 34.60 9.97
N ALA F 20 -10.94 35.92 10.18
CA ALA F 20 -10.85 36.45 11.53
C ALA F 20 -11.91 35.86 12.44
N ILE F 21 -13.18 35.88 12.01
CA ILE F 21 -14.25 35.40 12.87
C ILE F 21 -14.27 33.87 12.94
N ILE F 22 -13.80 33.20 11.90
CA ILE F 22 -13.82 31.74 11.87
C ILE F 22 -12.88 31.17 12.93
N PHE F 23 -11.59 31.50 12.80
CA PHE F 23 -10.59 30.88 13.67
C PHE F 23 -10.75 31.30 15.12
N THR F 24 -11.14 32.55 15.37
CA THR F 24 -11.43 32.96 16.74
C THR F 24 -12.62 32.21 17.30
N SER F 25 -13.65 31.99 16.47
CA SER F 25 -14.80 31.22 16.92
C SER F 25 -14.42 29.79 17.28
N LEU F 26 -13.54 29.17 16.49
CA LEU F 26 -13.04 27.85 16.85
C LEU F 26 -12.25 27.90 18.15
N GLY F 27 -11.47 28.97 18.34
CA GLY F 27 -10.74 29.12 19.59
C GLY F 27 -11.68 29.26 20.78
N ALA F 28 -12.70 30.12 20.65
CA ALA F 28 -13.66 30.29 21.72
C ALA F 28 -14.47 29.03 21.96
N ALA F 29 -14.82 28.30 20.89
CA ALA F 29 -15.59 27.08 21.05
C ALA F 29 -14.84 26.05 21.88
N TYR F 30 -13.57 25.83 21.55
CA TYR F 30 -12.77 24.87 22.32
C TYR F 30 -12.59 25.32 23.76
N GLY F 31 -12.38 26.62 23.97
CA GLY F 31 -12.28 27.12 25.33
C GLY F 31 -13.54 26.91 26.13
N THR F 32 -14.71 27.11 25.50
CA THR F 32 -15.96 26.89 26.18
C THR F 32 -16.19 25.41 26.46
N ALA F 33 -15.90 24.55 25.47
CA ALA F 33 -16.17 23.12 25.63
C ALA F 33 -15.34 22.53 26.76
N LYS F 34 -14.03 22.78 26.76
CA LYS F 34 -13.16 22.19 27.77
C LYS F 34 -13.52 22.66 29.17
N SER F 35 -13.69 23.97 29.34
CA SER F 35 -14.00 24.49 30.66
C SER F 35 -15.43 24.13 31.08
N GLY F 36 -16.35 24.08 30.12
CA GLY F 36 -17.72 23.72 30.45
C GLY F 36 -17.83 22.33 31.07
N VAL F 37 -17.10 21.36 30.53
CA VAL F 37 -17.12 20.01 31.08
C VAL F 37 -16.58 20.02 32.51
N GLY F 38 -15.47 20.74 32.73
CA GLY F 38 -14.93 20.82 34.08
C GLY F 38 -15.90 21.44 35.07
N ILE F 39 -16.62 22.49 34.64
CA ILE F 39 -17.58 23.14 35.52
C ILE F 39 -18.69 22.17 35.90
N CYS F 40 -19.25 21.45 34.91
CA CYS F 40 -20.31 20.51 35.19
C CYS F 40 -19.82 19.37 36.07
N ALA F 41 -18.58 18.93 35.87
CA ALA F 41 -18.06 17.79 36.61
C ALA F 41 -17.83 18.10 38.09
N THR F 42 -17.63 19.38 38.44
CA THR F 42 -17.39 19.78 39.82
C THR F 42 -18.64 20.31 40.51
N CYS F 43 -19.46 21.12 39.82
CA CYS F 43 -20.60 21.75 40.46
C CYS F 43 -21.65 20.75 40.92
N VAL F 44 -21.60 19.50 40.44
CA VAL F 44 -22.53 18.49 40.93
C VAL F 44 -22.35 18.31 42.43
N LEU F 45 -21.12 18.34 42.91
CA LEU F 45 -20.84 18.27 44.34
C LEU F 45 -20.85 19.62 45.02
N ARG F 46 -20.37 20.66 44.34
CA ARG F 46 -20.19 21.99 44.92
C ARG F 46 -20.96 23.02 44.07
N PRO F 47 -22.28 23.03 44.16
CA PRO F 47 -23.05 24.01 43.40
C PRO F 47 -22.81 25.45 43.84
N ASP F 48 -22.31 25.67 45.05
CA ASP F 48 -22.06 27.02 45.52
C ASP F 48 -20.96 27.73 44.73
N LEU F 49 -20.06 26.96 44.09
CA LEU F 49 -18.97 27.53 43.31
C LEU F 49 -19.36 27.85 41.87
N LEU F 50 -20.58 27.51 41.46
CA LEU F 50 -20.94 27.52 40.05
C LEU F 50 -20.69 28.89 39.41
N PHE F 51 -21.23 29.95 40.00
CA PHE F 51 -21.13 31.26 39.38
C PHE F 51 -19.76 31.89 39.55
N LYS F 52 -18.89 31.33 40.39
CA LYS F 52 -17.50 31.76 40.45
C LYS F 52 -16.64 31.00 39.45
N ASN F 53 -16.96 29.74 39.19
CA ASN F 53 -16.19 28.91 38.28
C ASN F 53 -16.44 29.23 36.81
N ILE F 54 -17.42 30.07 36.49
CA ILE F 54 -17.78 30.31 35.09
C ILE F 54 -16.84 31.29 34.40
N VAL F 55 -15.89 31.88 35.12
CA VAL F 55 -15.03 32.93 34.57
C VAL F 55 -14.33 32.46 33.31
N PRO F 56 -13.75 31.25 33.29
CA PRO F 56 -13.05 30.80 32.07
C PRO F 56 -13.94 30.86 30.83
N VAL F 57 -15.23 30.59 30.98
CA VAL F 57 -16.14 30.71 29.85
C VAL F 57 -16.26 32.16 29.41
N ILE F 58 -16.28 33.10 30.37
CA ILE F 58 -16.33 34.52 30.01
C ILE F 58 -15.10 34.91 29.20
N MET F 59 -13.92 34.50 29.69
CA MET F 59 -12.69 34.90 29.02
C MET F 59 -12.57 34.24 27.65
N ALA F 60 -12.96 32.97 27.53
CA ALA F 60 -12.99 32.34 26.22
C ALA F 60 -13.94 33.07 25.27
N GLY F 61 -15.06 33.55 25.80
CA GLY F 61 -15.99 34.32 24.98
C GLY F 61 -15.40 35.60 24.42
N ILE F 62 -14.52 36.25 25.19
CA ILE F 62 -13.94 37.51 24.74
C ILE F 62 -13.06 37.30 23.52
N ILE F 63 -12.49 36.10 23.35
CA ILE F 63 -11.67 35.84 22.16
C ILE F 63 -12.50 36.06 20.91
N ALA F 64 -13.77 35.63 20.93
CA ALA F 64 -14.62 35.82 19.76
C ALA F 64 -14.88 37.30 19.49
N ILE F 65 -14.89 38.14 20.52
CA ILE F 65 -15.11 39.56 20.30
C ILE F 65 -13.95 40.17 19.51
N TYR F 66 -12.72 39.76 19.81
CA TYR F 66 -11.59 40.20 18.99
C TYR F 66 -11.81 39.84 17.53
N GLY F 67 -12.31 38.63 17.27
CA GLY F 67 -12.60 38.23 15.90
C GLY F 67 -13.66 39.13 15.26
N LEU F 68 -14.74 39.39 15.98
CA LEU F 68 -15.81 40.23 15.45
C LEU F 68 -15.30 41.63 15.12
N VAL F 69 -14.48 42.21 16.01
CA VAL F 69 -14.03 43.58 15.81
C VAL F 69 -13.19 43.69 14.54
N VAL F 70 -12.25 42.77 14.35
CA VAL F 70 -11.38 42.83 13.18
C VAL F 70 -12.19 42.55 11.91
N SER F 71 -13.12 41.60 11.97
CA SER F 71 -13.93 41.29 10.80
C SER F 71 -14.73 42.51 10.35
N VAL F 72 -15.33 43.23 11.30
CA VAL F 72 -16.11 44.40 10.93
C VAL F 72 -15.21 45.49 10.35
N LEU F 73 -14.05 45.73 10.96
CA LEU F 73 -13.15 46.76 10.46
C LEU F 73 -12.67 46.42 9.05
N VAL F 74 -12.31 45.16 8.81
CA VAL F 74 -11.93 44.74 7.46
C VAL F 74 -13.12 44.85 6.52
N CYS F 75 -14.31 44.44 6.97
CA CYS F 75 -15.46 44.40 6.09
C CYS F 75 -15.74 45.75 5.46
N TYR F 76 -15.70 46.82 6.26
CA TYR F 76 -15.95 48.16 5.75
C TYR F 76 -14.79 48.71 4.94
N SER F 77 -13.75 47.93 4.66
CA SER F 77 -12.63 48.36 3.84
C SER F 77 -12.57 47.62 2.51
N LEU F 78 -13.52 46.74 2.23
CA LEU F 78 -13.57 46.05 0.95
C LEU F 78 -14.21 46.94 -0.10
N GLY F 79 -13.82 46.73 -1.35
CA GLY F 79 -14.38 47.52 -2.43
C GLY F 79 -14.27 46.80 -3.76
N GLN F 80 -15.04 47.30 -4.72
CA GLN F 80 -14.99 46.77 -6.07
C GLN F 80 -13.60 46.97 -6.67
N LYS F 81 -13.02 48.15 -6.47
CA LYS F 81 -11.69 48.47 -6.97
C LYS F 81 -10.80 48.82 -5.77
N GLN F 82 -9.78 47.99 -5.54
CA GLN F 82 -8.85 48.25 -4.45
C GLN F 82 -7.49 47.68 -4.83
N ALA F 83 -6.45 48.28 -4.27
CA ALA F 83 -5.10 47.83 -4.57
C ALA F 83 -4.89 46.41 -4.06
N LEU F 84 -4.09 45.64 -4.80
CA LEU F 84 -3.74 44.31 -4.35
C LEU F 84 -3.03 44.36 -3.00
N TYR F 85 -2.25 45.41 -2.77
CA TYR F 85 -1.63 45.60 -1.47
C TYR F 85 -2.66 45.66 -0.36
N THR F 86 -3.78 46.35 -0.61
CA THR F 86 -4.86 46.38 0.39
C THR F 86 -5.36 44.96 0.67
N GLY F 87 -5.43 44.12 -0.36
CA GLY F 87 -5.89 42.76 -0.13
C GLY F 87 -4.97 41.97 0.77
N PHE F 88 -3.66 42.05 0.52
CA PHE F 88 -2.71 41.30 1.33
C PHE F 88 -2.72 41.78 2.78
N ILE F 89 -2.74 43.10 2.99
CA ILE F 89 -2.77 43.63 4.36
C ILE F 89 -4.00 43.11 5.09
N GLN F 90 -5.15 43.06 4.42
CA GLN F 90 -6.36 42.55 5.05
C GLN F 90 -6.22 41.07 5.37
N LEU F 91 -5.58 40.31 4.48
CA LEU F 91 -5.34 38.90 4.79
C LEU F 91 -4.43 38.75 6.00
N GLY F 92 -3.38 39.57 6.07
CA GLY F 92 -2.50 39.52 7.24
C GLY F 92 -3.23 39.87 8.52
N ALA F 93 -4.09 40.89 8.47
CA ALA F 93 -4.89 41.24 9.63
C ALA F 93 -5.82 40.09 10.02
N GLY F 94 -6.46 39.46 9.05
CA GLY F 94 -7.38 38.38 9.37
C GLY F 94 -6.69 37.20 10.01
N LEU F 95 -5.57 36.76 9.44
CA LEU F 95 -4.87 35.60 9.99
C LEU F 95 -4.26 35.91 11.34
N SER F 96 -3.69 37.09 11.52
CA SER F 96 -2.95 37.38 12.74
C SER F 96 -3.84 37.32 13.97
N VAL F 97 -5.03 37.93 13.90
CA VAL F 97 -5.96 37.82 15.02
C VAL F 97 -6.59 36.44 15.05
N GLY F 98 -6.81 35.85 13.88
CA GLY F 98 -7.49 34.57 13.78
C GLY F 98 -6.75 33.44 14.47
N LEU F 99 -5.52 33.16 14.03
CA LEU F 99 -4.81 31.98 14.52
C LEU F 99 -4.17 32.22 15.88
N SER F 100 -3.83 33.46 16.22
CA SER F 100 -3.38 33.73 17.58
C SER F 100 -4.53 33.58 18.57
N GLY F 101 -5.73 34.04 18.18
CA GLY F 101 -6.89 33.80 19.01
C GLY F 101 -7.18 32.32 19.18
N LEU F 102 -7.00 31.54 18.12
CA LEU F 102 -7.15 30.09 18.22
C LEU F 102 -6.17 29.51 19.23
N ALA F 103 -4.92 29.97 19.22
CA ALA F 103 -3.95 29.52 20.20
C ALA F 103 -4.38 29.90 21.61
N ALA F 104 -4.86 31.13 21.80
CA ALA F 104 -5.35 31.54 23.11
C ALA F 104 -6.52 30.67 23.56
N GLY F 105 -7.40 30.30 22.62
CA GLY F 105 -8.52 29.45 22.98
C GLY F 105 -8.09 28.12 23.55
N PHE F 106 -7.09 27.48 22.95
CA PHE F 106 -6.59 26.22 23.48
C PHE F 106 -6.06 26.40 24.90
N ALA F 107 -5.27 27.45 25.14
CA ALA F 107 -4.70 27.65 26.47
C ALA F 107 -5.79 27.87 27.51
N ILE F 108 -6.77 28.72 27.20
CA ILE F 108 -7.85 29.00 28.15
C ILE F 108 -8.65 27.74 28.41
N GLY F 109 -8.84 26.90 27.40
CA GLY F 109 -9.55 25.64 27.60
C GLY F 109 -8.81 24.71 28.55
N ILE F 110 -7.52 24.49 28.29
CA ILE F 110 -6.76 23.54 29.10
C ILE F 110 -6.62 24.04 30.54
N VAL F 111 -6.22 25.30 30.71
CA VAL F 111 -6.04 25.83 32.05
C VAL F 111 -7.38 25.88 32.78
N GLY F 112 -8.44 26.30 32.10
CA GLY F 112 -9.74 26.36 32.75
C GLY F 112 -10.21 25.02 33.25
N ASP F 113 -9.96 23.96 32.50
CA ASP F 113 -10.36 22.63 32.93
C ASP F 113 -9.62 22.23 34.20
N ALA F 114 -8.30 22.33 34.20
CA ALA F 114 -7.52 21.95 35.38
C ALA F 114 -7.80 22.91 36.54
N GLY F 115 -7.86 24.21 36.26
CA GLY F 115 -8.03 25.17 37.33
C GLY F 115 -9.35 25.01 38.07
N VAL F 116 -10.45 24.82 37.33
CA VAL F 116 -11.75 24.68 37.98
C VAL F 116 -11.79 23.42 38.82
N ARG F 117 -11.29 22.30 38.29
CA ARG F 117 -11.28 21.06 39.05
C ARG F 117 -10.46 21.22 40.33
N GLY F 118 -9.26 21.77 40.22
CA GLY F 118 -8.45 21.99 41.41
C GLY F 118 -9.08 22.97 42.38
N SER F 119 -9.72 24.02 41.86
CA SER F 119 -10.29 25.05 42.71
C SER F 119 -11.41 24.53 43.61
N SER F 120 -11.98 23.37 43.30
CA SER F 120 -13.00 22.80 44.16
C SER F 120 -12.41 22.27 45.46
N GLN F 121 -11.11 21.94 45.45
CA GLN F 121 -10.46 21.35 46.61
C GLN F 121 -9.62 22.34 47.40
N GLN F 122 -9.08 23.36 46.75
CA GLN F 122 -8.35 24.44 47.43
C GLN F 122 -9.03 25.77 47.13
N PRO F 123 -9.71 26.39 48.10
CA PRO F 123 -10.17 27.77 47.88
C PRO F 123 -9.03 28.72 47.54
N ARG F 124 -7.82 28.42 48.02
CA ARG F 124 -6.67 29.28 47.74
C ARG F 124 -6.38 29.36 46.25
N LEU F 125 -6.73 28.32 45.49
CA LEU F 125 -6.25 28.15 44.14
C LEU F 125 -6.99 29.00 43.11
N PHE F 126 -8.13 29.60 43.47
CA PHE F 126 -8.91 30.33 42.47
C PHE F 126 -8.11 31.49 41.87
N VAL F 127 -7.50 32.32 42.73
CA VAL F 127 -6.73 33.44 42.21
C VAL F 127 -5.57 32.95 41.37
N GLY F 128 -5.06 31.75 41.66
CA GLY F 128 -4.04 31.18 40.79
C GLY F 128 -4.55 30.92 39.39
N MET F 129 -5.75 30.35 39.28
CA MET F 129 -6.33 30.08 37.97
C MET F 129 -6.54 31.38 37.19
N ILE F 130 -7.07 32.41 37.86
CA ILE F 130 -7.32 33.67 37.17
C ILE F 130 -6.01 34.29 36.72
N LEU F 131 -4.98 34.25 37.56
CA LEU F 131 -3.71 34.84 37.19
C LEU F 131 -3.13 34.16 35.94
N ILE F 132 -3.19 32.83 35.88
CA ILE F 132 -2.69 32.12 34.71
C ILE F 132 -3.56 32.44 33.50
N LEU F 133 -4.88 32.47 33.67
CA LEU F 133 -5.77 32.73 32.54
C LEU F 133 -5.52 34.12 31.94
N ILE F 134 -5.12 35.09 32.75
CA ILE F 134 -4.81 36.42 32.22
C ILE F 134 -3.69 36.32 31.21
N PHE F 135 -2.65 35.55 31.53
CA PHE F 135 -1.53 35.42 30.59
C PHE F 135 -1.96 34.71 29.32
N ALA F 136 -2.84 33.70 29.43
CA ALA F 136 -3.41 33.08 28.24
C ALA F 136 -4.28 34.06 27.47
N GLU F 137 -5.08 34.86 28.19
CA GLU F 137 -5.93 35.84 27.53
C GLU F 137 -5.12 36.87 26.76
N VAL F 138 -4.01 37.34 27.33
CA VAL F 138 -3.24 38.40 26.71
C VAL F 138 -2.68 37.99 25.36
N LEU F 139 -2.52 36.69 25.12
CA LEU F 139 -2.05 36.25 23.81
C LEU F 139 -3.00 36.70 22.71
N GLY F 140 -4.31 36.59 22.95
CA GLY F 140 -5.27 37.09 21.98
C GLY F 140 -5.18 38.60 21.82
N LEU F 141 -4.90 39.32 22.90
CA LEU F 141 -4.81 40.77 22.81
C LEU F 141 -3.66 41.20 21.92
N TYR F 142 -2.51 40.52 22.01
CA TYR F 142 -1.42 40.80 21.08
C TYR F 142 -1.88 40.60 19.65
N GLY F 143 -2.64 39.54 19.38
CA GLY F 143 -3.16 39.32 18.04
C GLY F 143 -3.98 40.50 17.55
N LEU F 144 -4.86 41.01 18.41
CA LEU F 144 -5.69 42.15 18.04
C LEU F 144 -4.83 43.37 17.71
N ILE F 145 -3.81 43.64 18.53
CA ILE F 145 -2.97 44.82 18.34
C ILE F 145 -2.31 44.77 16.96
N VAL F 146 -1.73 43.62 16.61
CA VAL F 146 -1.09 43.49 15.30
C VAL F 146 -2.12 43.70 14.19
N ALA F 147 -3.29 43.08 14.32
CA ALA F 147 -4.31 43.19 13.28
C ALA F 147 -4.76 44.63 13.09
N LEU F 148 -4.96 45.37 14.20
CA LEU F 148 -5.37 46.76 14.08
C LEU F 148 -4.28 47.61 13.45
N LEU F 149 -3.03 47.38 13.81
CA LEU F 149 -1.93 48.14 13.20
C LEU F 149 -1.84 47.87 11.71
N LEU F 150 -1.92 46.60 11.31
CA LEU F 150 -1.93 46.27 9.89
C LEU F 150 -3.08 46.96 9.18
N ASN F 151 -4.28 46.84 9.74
CA ASN F 151 -5.47 47.41 9.09
C ASN F 151 -5.36 48.92 8.96
N SER F 152 -4.71 49.59 9.90
CA SER F 152 -4.57 51.04 9.81
C SER F 152 -3.78 51.46 8.59
N ARG F 153 -2.87 50.59 8.13
CA ARG F 153 -2.04 50.87 6.96
C ARG F 153 -2.65 50.35 5.66
N ALA F 154 -3.80 49.67 5.71
CA ALA F 154 -4.35 49.04 4.52
C ALA F 154 -4.76 50.05 3.45
N THR F 155 -5.02 51.30 3.83
CA THR F 155 -5.41 52.34 2.88
C THR F 155 -4.46 53.52 2.90
N GLN F 156 -3.44 53.52 3.76
CA GLN F 156 -2.55 54.66 3.89
C GLN F 156 -1.66 54.78 2.67
N ASP F 157 -1.69 55.95 2.02
CA ASP F 157 -0.82 56.26 0.90
C ASP F 157 -0.98 55.27 -0.24
N VAL F 158 -2.13 54.61 -0.33
CA VAL F 158 -2.41 53.69 -1.43
C VAL F 158 -2.85 54.48 -2.65
N VAL F 159 -2.42 54.04 -3.82
CA VAL F 159 -2.82 54.65 -5.08
C VAL F 159 -3.30 53.57 -6.02
N CYS F 160 -4.29 53.91 -6.84
CA CYS F 160 -4.90 52.95 -7.75
C CYS F 160 -4.83 53.45 -9.20
N MET G 1 4.62 45.62 -13.72
CA MET G 1 4.76 46.94 -13.03
C MET G 1 6.17 47.46 -13.23
N THR G 2 7.10 46.94 -12.44
CA THR G 2 8.52 47.16 -12.65
C THR G 2 9.26 45.90 -12.22
N GLU G 3 10.43 45.68 -12.83
CA GLU G 3 11.12 44.39 -12.68
C GLU G 3 11.40 44.08 -11.22
N LEU G 4 11.95 45.05 -10.48
CA LEU G 4 12.37 44.79 -9.11
C LEU G 4 11.21 44.77 -8.12
N CYS G 5 10.02 45.23 -8.52
CA CYS G 5 8.89 45.39 -7.60
C CYS G 5 7.60 44.90 -8.24
N PRO G 6 7.46 43.58 -8.35
CA PRO G 6 6.17 43.04 -8.80
C PRO G 6 5.06 43.43 -7.82
N VAL G 7 3.84 43.58 -8.36
CA VAL G 7 2.73 44.01 -7.54
C VAL G 7 2.43 43.02 -6.42
N TYR G 8 2.85 41.76 -6.55
CA TYR G 8 2.63 40.78 -5.51
C TYR G 8 3.69 40.80 -4.42
N ALA G 9 4.68 41.69 -4.52
CA ALA G 9 5.75 41.72 -3.53
C ALA G 9 5.25 41.85 -2.10
N PRO G 10 4.27 42.70 -1.79
CA PRO G 10 3.85 42.84 -0.38
C PRO G 10 3.33 41.56 0.24
N PHE G 11 2.95 40.58 -0.58
CA PHE G 11 2.37 39.35 -0.04
C PHE G 11 3.32 38.70 0.96
N PHE G 12 4.59 38.56 0.59
CA PHE G 12 5.55 37.96 1.51
C PHE G 12 5.73 38.79 2.77
N GLY G 13 5.62 40.12 2.65
CA GLY G 13 5.68 40.96 3.83
C GLY G 13 4.51 40.71 4.77
N ALA G 14 3.31 40.64 4.23
CA ALA G 14 2.12 40.40 5.07
C ALA G 14 2.20 39.05 5.75
N ILE G 15 2.60 38.01 5.01
CA ILE G 15 2.72 36.68 5.62
C ILE G 15 3.82 36.70 6.67
N GLY G 16 4.93 37.38 6.41
CA GLY G 16 5.97 37.49 7.42
C GLY G 16 5.51 38.25 8.65
N CYS G 17 4.74 39.33 8.44
CA CYS G 17 4.23 40.11 9.56
C CYS G 17 3.30 39.27 10.44
N ALA G 18 2.39 38.53 9.81
CA ALA G 18 1.48 37.70 10.57
C ALA G 18 2.19 36.49 11.18
N SER G 19 3.12 35.88 10.44
CA SER G 19 3.81 34.69 10.92
C SER G 19 4.55 34.97 12.22
N ALA G 20 5.08 36.17 12.38
CA ALA G 20 5.89 36.48 13.57
C ALA G 20 5.07 36.32 14.84
N ILE G 21 3.83 36.80 14.86
CA ILE G 21 3.02 36.74 16.07
C ILE G 21 2.25 35.43 16.17
N ILE G 22 1.94 34.79 15.05
CA ILE G 22 1.16 33.56 15.07
C ILE G 22 1.97 32.44 15.74
N PHE G 23 3.14 32.13 15.18
CA PHE G 23 3.91 30.99 15.66
C PHE G 23 4.45 31.21 17.07
N THR G 24 4.78 32.45 17.41
CA THR G 24 5.16 32.74 18.79
C THR G 24 3.99 32.56 19.74
N SER G 25 2.76 32.85 19.27
CA SER G 25 1.59 32.63 20.10
C SER G 25 1.33 31.15 20.32
N LEU G 26 1.53 30.33 19.29
CA LEU G 26 1.44 28.89 19.49
C LEU G 26 2.47 28.42 20.52
N GLY G 27 3.69 28.94 20.43
CA GLY G 27 4.71 28.57 21.41
C GLY G 27 4.34 29.02 22.82
N ALA G 28 3.93 30.28 22.96
CA ALA G 28 3.56 30.77 24.29
C ALA G 28 2.30 30.08 24.80
N ALA G 29 1.35 29.76 23.91
CA ALA G 29 0.13 29.09 24.35
C ALA G 29 0.44 27.71 24.90
N TYR G 30 1.27 26.93 24.20
CA TYR G 30 1.64 25.62 24.69
C TYR G 30 2.39 25.72 26.02
N GLY G 31 3.34 26.66 26.10
CA GLY G 31 4.07 26.84 27.34
C GLY G 31 3.17 27.17 28.52
N THR G 32 2.17 28.02 28.29
CA THR G 32 1.23 28.36 29.35
C THR G 32 0.37 27.15 29.72
N ALA G 33 -0.15 26.44 28.72
CA ALA G 33 -1.06 25.33 28.99
C ALA G 33 -0.33 24.18 29.69
N LYS G 34 0.80 23.74 29.14
CA LYS G 34 1.45 22.54 29.65
C LYS G 34 1.96 22.74 31.07
N SER G 35 2.45 23.95 31.37
CA SER G 35 2.92 24.23 32.73
C SER G 35 1.79 24.59 33.66
N GLY G 36 0.75 25.26 33.15
CA GLY G 36 -0.37 25.63 34.00
C GLY G 36 -1.04 24.43 34.63
N VAL G 37 -1.16 23.33 33.89
CA VAL G 37 -1.72 22.10 34.45
C VAL G 37 -0.87 21.63 35.62
N GLY G 38 0.45 21.74 35.50
CA GLY G 38 1.31 21.36 36.60
C GLY G 38 1.11 22.22 37.84
N ILE G 39 0.97 23.53 37.64
CA ILE G 39 0.73 24.42 38.77
C ILE G 39 -0.56 24.07 39.50
N CYS G 40 -1.63 23.87 38.72
CA CYS G 40 -2.90 23.49 39.34
C CYS G 40 -2.79 22.16 40.06
N ALA G 41 -2.04 21.21 39.48
CA ALA G 41 -1.94 19.89 40.07
C ALA G 41 -1.26 19.92 41.43
N THR G 42 -0.19 20.71 41.56
CA THR G 42 0.62 20.73 42.77
C THR G 42 0.07 21.67 43.84
N CYS G 43 -0.51 22.80 43.45
CA CYS G 43 -0.99 23.77 44.42
C CYS G 43 -2.17 23.25 45.23
N VAL G 44 -2.81 22.15 44.81
CA VAL G 44 -3.88 21.58 45.60
C VAL G 44 -3.37 21.15 46.97
N LEU G 45 -2.16 20.61 47.02
CA LEU G 45 -1.54 20.21 48.28
C LEU G 45 -0.85 21.39 48.99
N ARG G 46 -0.08 22.17 48.24
CA ARG G 46 0.80 23.21 48.79
C ARG G 46 0.49 24.55 48.13
N PRO G 47 -0.59 25.21 48.54
CA PRO G 47 -0.88 26.53 47.97
C PRO G 47 0.16 27.58 48.31
N ASP G 48 0.99 27.35 49.34
CA ASP G 48 2.00 28.34 49.70
C ASP G 48 2.98 28.59 48.55
N LEU G 49 3.19 27.59 47.69
CA LEU G 49 4.13 27.70 46.58
C LEU G 49 3.56 28.44 45.36
N LEU G 50 2.29 28.83 45.39
CA LEU G 50 1.61 29.27 44.18
C LEU G 50 2.36 30.39 43.47
N PHE G 51 2.69 31.46 44.18
CA PHE G 51 3.27 32.64 43.55
C PHE G 51 4.76 32.50 43.26
N LYS G 52 5.39 31.41 43.71
CA LYS G 52 6.73 31.09 43.26
C LYS G 52 6.72 30.17 42.04
N ASN G 53 5.72 29.30 41.94
CA ASN G 53 5.60 28.40 40.81
C ASN G 53 5.09 29.08 39.55
N ILE G 54 4.69 30.36 39.62
CA ILE G 54 4.14 31.03 38.45
C ILE G 54 5.20 31.31 37.40
N VAL G 55 6.49 31.18 37.75
CA VAL G 55 7.55 31.68 36.86
C VAL G 55 7.47 31.05 35.47
N PRO G 56 7.30 29.74 35.31
CA PRO G 56 7.27 29.18 33.94
C PRO G 56 6.23 29.84 33.06
N VAL G 57 5.11 30.26 33.62
CA VAL G 57 4.11 30.98 32.83
C VAL G 57 4.64 32.35 32.44
N ILE G 58 5.36 33.02 33.33
CA ILE G 58 5.97 34.31 32.99
C ILE G 58 6.99 34.12 31.87
N MET G 59 7.82 33.09 31.99
CA MET G 59 8.83 32.83 30.95
C MET G 59 8.17 32.57 29.61
N ALA G 60 7.13 31.73 29.60
CA ALA G 60 6.42 31.46 28.34
C ALA G 60 5.81 32.73 27.77
N GLY G 61 5.26 33.59 28.62
CA GLY G 61 4.63 34.81 28.14
C GLY G 61 5.59 35.70 27.37
N ILE G 62 6.85 35.75 27.80
CA ILE G 62 7.82 36.63 27.15
C ILE G 62 8.08 36.19 25.71
N ILE G 63 7.87 34.91 25.40
CA ILE G 63 8.05 34.46 24.02
C ILE G 63 7.13 35.24 23.09
N ALA G 64 5.90 35.50 23.54
CA ALA G 64 4.97 36.27 22.72
C ALA G 64 5.42 37.72 22.56
N ILE G 65 6.12 38.27 23.54
CA ILE G 65 6.63 39.63 23.42
C ILE G 65 7.61 39.73 22.25
N TYR G 66 8.47 38.72 22.10
CA TYR G 66 9.37 38.70 20.95
C TYR G 66 8.59 38.73 19.65
N GLY G 67 7.51 37.95 19.57
CA GLY G 67 6.70 37.96 18.37
C GLY G 67 6.08 39.32 18.09
N LEU G 68 5.54 39.95 19.13
CA LEU G 68 4.90 41.26 18.96
C LEU G 68 5.91 42.29 18.47
N VAL G 69 7.11 42.31 19.04
CA VAL G 69 8.10 43.32 18.67
C VAL G 69 8.46 43.21 17.19
N VAL G 70 8.81 42.00 16.74
CA VAL G 70 9.16 41.81 15.33
C VAL G 70 7.97 42.13 14.44
N SER G 71 6.78 41.69 14.84
CA SER G 71 5.60 41.93 14.01
C SER G 71 5.33 43.41 13.84
N VAL G 72 5.48 44.20 14.91
CA VAL G 72 5.27 45.63 14.81
C VAL G 72 6.34 46.27 13.93
N LEU G 73 7.60 45.89 14.12
CA LEU G 73 8.68 46.47 13.32
C LEU G 73 8.48 46.17 11.84
N VAL G 74 8.10 44.94 11.50
CA VAL G 74 7.83 44.60 10.11
C VAL G 74 6.64 45.41 9.60
N CYS G 75 5.57 45.50 10.40
CA CYS G 75 4.35 46.14 9.94
C CYS G 75 4.60 47.56 9.46
N TYR G 76 5.34 48.35 10.25
CA TYR G 76 5.59 49.75 9.92
C TYR G 76 6.52 49.92 8.73
N SER G 77 7.00 48.84 8.11
CA SER G 77 7.86 48.93 6.94
C SER G 77 7.16 48.47 5.66
N LEU G 78 5.93 47.97 5.76
CA LEU G 78 5.21 47.53 4.56
C LEU G 78 4.77 48.72 3.72
N GLY G 79 4.69 48.48 2.41
CA GLY G 79 4.26 49.52 1.48
C GLY G 79 3.80 48.89 0.19
N GLN G 80 2.97 49.65 -0.53
CA GLN G 80 2.38 49.13 -1.76
C GLN G 80 3.44 48.83 -2.81
N LYS G 81 4.44 49.71 -2.95
CA LYS G 81 5.43 49.62 -4.01
C LYS G 81 6.78 49.12 -3.52
N GLN G 82 6.81 48.34 -2.44
CA GLN G 82 8.08 47.89 -1.89
C GLN G 82 8.75 46.89 -2.83
N ALA G 83 10.07 46.84 -2.75
CA ALA G 83 10.85 45.94 -3.59
C ALA G 83 10.63 44.50 -3.17
N LEU G 84 10.79 43.60 -4.15
CA LEU G 84 10.63 42.17 -3.87
C LEU G 84 11.66 41.68 -2.86
N TYR G 85 12.89 42.21 -2.94
CA TYR G 85 13.92 41.86 -1.97
C TYR G 85 13.44 42.14 -0.55
N THR G 86 12.84 43.31 -0.33
CA THR G 86 12.29 43.61 0.99
C THR G 86 11.25 42.59 1.40
N GLY G 87 10.48 42.08 0.44
CA GLY G 87 9.47 41.09 0.77
C GLY G 87 10.07 39.80 1.33
N PHE G 88 11.11 39.29 0.66
CA PHE G 88 11.72 38.05 1.11
C PHE G 88 12.38 38.22 2.47
N ILE G 89 13.05 39.34 2.69
CA ILE G 89 13.69 39.59 3.98
C ILE G 89 12.65 39.59 5.10
N GLN G 90 11.53 40.26 4.86
CA GLN G 90 10.49 40.32 5.89
C GLN G 90 9.92 38.92 6.17
N LEU G 91 9.76 38.11 5.14
CA LEU G 91 9.35 36.72 5.37
C LEU G 91 10.39 35.97 6.19
N GLY G 92 11.67 36.17 5.87
CA GLY G 92 12.71 35.52 6.65
C GLY G 92 12.72 35.98 8.10
N ALA G 93 12.54 37.28 8.33
CA ALA G 93 12.49 37.79 9.69
C ALA G 93 11.31 37.18 10.46
N GLY G 94 10.14 37.12 9.84
CA GLY G 94 8.97 36.57 10.48
C GLY G 94 9.13 35.11 10.86
N LEU G 95 9.53 34.29 9.89
CA LEU G 95 9.71 32.86 10.17
C LEU G 95 10.78 32.64 11.22
N SER G 96 11.83 33.46 11.21
CA SER G 96 12.96 33.23 12.12
C SER G 96 12.52 33.33 13.57
N VAL G 97 11.86 34.43 13.95
CA VAL G 97 11.40 34.58 15.32
C VAL G 97 10.21 33.65 15.58
N GLY G 98 9.36 33.46 14.57
CA GLY G 98 8.18 32.65 14.72
C GLY G 98 8.46 31.22 15.14
N LEU G 99 9.13 30.47 14.27
CA LEU G 99 9.35 29.06 14.52
C LEU G 99 10.46 28.81 15.54
N SER G 100 11.35 29.77 15.76
CA SER G 100 12.31 29.64 16.85
C SER G 100 11.63 29.82 18.19
N GLY G 101 10.71 30.79 18.28
CA GLY G 101 9.93 30.94 19.50
C GLY G 101 9.03 29.75 19.77
N LEU G 102 8.46 29.17 18.71
CA LEU G 102 7.63 27.97 18.87
C LEU G 102 8.41 26.86 19.57
N ALA G 103 9.65 26.61 19.13
CA ALA G 103 10.46 25.59 19.76
C ALA G 103 10.73 25.92 21.22
N ALA G 104 11.06 27.19 21.51
CA ALA G 104 11.26 27.59 22.90
C ALA G 104 10.00 27.37 23.73
N GLY G 105 8.83 27.63 23.15
CA GLY G 105 7.59 27.40 23.87
C GLY G 105 7.41 25.96 24.31
N PHE G 106 7.72 25.01 23.42
CA PHE G 106 7.63 23.60 23.78
C PHE G 106 8.58 23.27 24.91
N ALA G 107 9.83 23.74 24.82
CA ALA G 107 10.80 23.42 25.86
C ALA G 107 10.39 24.01 27.21
N ILE G 108 9.93 25.27 27.21
CA ILE G 108 9.49 25.88 28.46
C ILE G 108 8.31 25.11 29.04
N GLY G 109 7.42 24.63 28.18
CA GLY G 109 6.28 23.85 28.64
C GLY G 109 6.68 22.55 29.32
N ILE G 110 7.49 21.74 28.65
CA ILE G 110 7.85 20.43 29.19
C ILE G 110 8.71 20.58 30.44
N VAL G 111 9.70 21.47 30.41
CA VAL G 111 10.54 21.68 31.59
C VAL G 111 9.69 22.22 32.74
N GLY G 112 8.84 23.21 32.46
CA GLY G 112 8.01 23.78 33.50
C GLY G 112 7.09 22.76 34.14
N ASP G 113 6.47 21.91 33.32
CA ASP G 113 5.56 20.90 33.85
C ASP G 113 6.31 19.96 34.79
N ALA G 114 7.51 19.54 34.42
CA ALA G 114 8.29 18.67 35.30
C ALA G 114 8.79 19.42 36.53
N GLY G 115 9.21 20.68 36.36
CA GLY G 115 9.85 21.39 37.44
C GLY G 115 8.91 21.74 38.58
N VAL G 116 7.72 22.24 38.27
CA VAL G 116 6.79 22.67 39.31
C VAL G 116 6.28 21.48 40.12
N ARG G 117 6.25 20.28 39.53
CA ARG G 117 5.89 19.09 40.29
C ARG G 117 7.01 18.68 41.23
N GLY G 118 8.22 18.51 40.69
CA GLY G 118 9.33 18.06 41.52
C GLY G 118 9.66 19.03 42.64
N SER G 119 9.66 20.33 42.34
CA SER G 119 10.07 21.32 43.33
C SER G 119 9.14 21.37 44.54
N SER G 120 7.95 20.79 44.45
CA SER G 120 7.10 20.68 45.64
C SER G 120 7.58 19.59 46.58
N GLN G 121 8.14 18.51 46.03
CA GLN G 121 8.71 17.44 46.86
C GLN G 121 10.07 17.83 47.41
N GLN G 122 10.87 18.56 46.64
CA GLN G 122 12.25 18.85 46.98
C GLN G 122 12.51 20.35 46.81
N PRO G 123 12.48 21.13 47.89
CA PRO G 123 12.58 22.59 47.74
C PRO G 123 13.89 23.07 47.16
N ARG G 124 14.96 22.27 47.24
CA ARG G 124 16.24 22.69 46.67
C ARG G 124 16.23 22.68 45.15
N LEU G 125 15.23 22.06 44.54
CA LEU G 125 15.21 21.87 43.08
C LEU G 125 14.76 23.12 42.33
N PHE G 126 14.14 24.08 43.00
CA PHE G 126 13.55 25.21 42.27
C PHE G 126 14.61 25.99 41.50
N VAL G 127 15.74 26.30 42.15
CA VAL G 127 16.80 27.03 41.46
C VAL G 127 17.30 26.23 40.27
N GLY G 128 17.27 24.89 40.36
CA GLY G 128 17.63 24.08 39.22
C GLY G 128 16.69 24.30 38.04
N MET G 129 15.40 24.38 38.31
CA MET G 129 14.43 24.61 37.25
C MET G 129 14.68 25.94 36.56
N ILE G 130 15.00 26.98 37.32
CA ILE G 130 15.21 28.30 36.74
C ILE G 130 16.38 28.28 35.78
N LEU G 131 17.47 27.62 36.16
CA LEU G 131 18.63 27.53 35.27
C LEU G 131 18.25 26.88 33.95
N ILE G 132 17.52 25.77 33.99
CA ILE G 132 17.13 25.08 32.77
C ILE G 132 16.21 25.96 31.94
N LEU G 133 15.24 26.62 32.59
CA LEU G 133 14.33 27.49 31.85
C LEU G 133 15.07 28.65 31.19
N ILE G 134 16.12 29.16 31.83
CA ILE G 134 16.90 30.22 31.22
C ILE G 134 17.49 29.75 29.89
N PHE G 135 18.01 28.53 29.87
CA PHE G 135 18.55 27.98 28.63
C PHE G 135 17.45 27.79 27.59
N ALA G 136 16.28 27.30 28.01
CA ALA G 136 15.15 27.20 27.10
C ALA G 136 14.69 28.57 26.64
N GLU G 137 14.67 29.55 27.54
CA GLU G 137 14.24 30.90 27.19
C GLU G 137 15.12 31.50 26.10
N VAL G 138 16.44 31.31 26.21
CA VAL G 138 17.37 31.96 25.30
C VAL G 138 17.16 31.51 23.86
N LEU G 139 16.61 30.30 23.65
CA LEU G 139 16.37 29.87 22.28
C LEU G 139 15.39 30.80 21.57
N GLY G 140 14.47 31.40 22.32
CA GLY G 140 13.62 32.43 21.74
C GLY G 140 14.39 33.70 21.44
N LEU G 141 15.33 34.06 22.32
CA LEU G 141 16.09 35.30 22.13
C LEU G 141 16.93 35.26 20.86
N TYR G 142 17.58 34.14 20.58
CA TYR G 142 18.39 34.05 19.37
C TYR G 142 17.55 34.30 18.13
N GLY G 143 16.34 33.76 18.09
CA GLY G 143 15.47 34.01 16.95
C GLY G 143 15.16 35.49 16.79
N LEU G 144 14.95 36.19 17.90
CA LEU G 144 14.73 37.63 17.85
C LEU G 144 15.95 38.35 17.30
N ILE G 145 17.15 37.98 17.77
CA ILE G 145 18.36 38.67 17.34
C ILE G 145 18.55 38.52 15.83
N VAL G 146 18.31 37.32 15.30
CA VAL G 146 18.40 37.12 13.85
C VAL G 146 17.37 38.00 13.13
N ALA G 147 16.14 38.02 13.64
CA ALA G 147 15.09 38.77 12.98
C ALA G 147 15.40 40.26 12.97
N LEU G 148 15.92 40.79 14.07
CA LEU G 148 16.24 42.22 14.12
C LEU G 148 17.32 42.58 13.11
N LEU G 149 18.32 41.73 12.95
CA LEU G 149 19.35 41.99 11.94
C LEU G 149 18.75 41.98 10.53
N LEU G 150 17.91 41.00 10.23
CA LEU G 150 17.29 40.95 8.92
C LEU G 150 16.42 42.17 8.67
N ASN G 151 15.59 42.54 9.65
CA ASN G 151 14.71 43.68 9.48
C ASN G 151 15.50 44.98 9.31
N SER G 152 16.63 45.11 10.00
CA SER G 152 17.48 46.28 9.80
C SER G 152 17.98 46.33 8.36
N ARG G 153 18.34 45.18 7.81
CA ARG G 153 18.86 45.10 6.45
C ARG G 153 17.75 45.24 5.40
N ALA G 154 16.49 45.07 5.79
CA ALA G 154 15.42 44.88 4.82
C ALA G 154 15.26 46.05 3.86
N THR G 155 15.68 47.27 4.23
CA THR G 155 15.52 48.41 3.35
C THR G 155 16.79 49.25 3.25
N GLN G 156 17.95 48.69 3.61
CA GLN G 156 19.21 49.43 3.53
C GLN G 156 19.68 49.47 2.08
N ASP G 157 19.60 50.64 1.47
CA ASP G 157 20.09 50.87 0.11
C ASP G 157 19.39 49.99 -0.92
N VAL G 158 18.19 49.51 -0.61
CA VAL G 158 17.37 48.87 -1.64
C VAL G 158 16.80 49.96 -2.55
N VAL G 159 16.68 49.63 -3.83
CA VAL G 159 16.18 50.58 -4.83
C VAL G 159 15.18 49.88 -5.72
N CYS G 160 14.08 50.57 -6.03
CA CYS G 160 13.04 50.01 -6.86
C CYS G 160 13.44 50.05 -8.34
N MET H 1 16.05 41.38 -16.11
CA MET H 1 17.12 42.07 -15.32
C MET H 1 18.49 41.57 -15.74
N THR H 2 18.81 40.35 -15.29
CA THR H 2 20.04 39.68 -15.67
C THR H 2 19.92 38.21 -15.30
N GLU H 3 20.10 37.31 -16.27
CA GLU H 3 19.75 35.91 -16.04
C GLU H 3 20.60 35.26 -14.95
N LEU H 4 21.80 35.78 -14.71
CA LEU H 4 22.59 35.34 -13.56
C LEU H 4 22.13 35.97 -12.25
N CYS H 5 21.26 36.98 -12.31
CA CYS H 5 20.78 37.64 -11.11
C CYS H 5 19.27 37.84 -11.14
N PRO H 6 18.48 36.77 -11.20
CA PRO H 6 17.02 36.95 -11.18
C PRO H 6 16.56 37.56 -9.88
N VAL H 7 15.47 38.33 -9.95
CA VAL H 7 14.98 39.05 -8.78
C VAL H 7 14.54 38.11 -7.66
N TYR H 8 14.29 36.85 -7.96
CA TYR H 8 13.93 35.89 -6.91
C TYR H 8 15.15 35.25 -6.26
N ALA H 9 16.36 35.58 -6.70
CA ALA H 9 17.56 35.00 -6.07
C ALA H 9 17.60 35.22 -4.57
N PRO H 10 17.28 36.40 -4.02
CA PRO H 10 17.38 36.58 -2.56
C PRO H 10 16.48 35.65 -1.77
N PHE H 11 15.45 35.08 -2.39
CA PHE H 11 14.55 34.20 -1.65
C PHE H 11 15.30 33.04 -1.04
N PHE H 12 16.15 32.38 -1.83
CA PHE H 12 16.94 31.28 -1.29
C PHE H 12 17.88 31.76 -0.20
N GLY H 13 18.40 32.99 -0.32
CA GLY H 13 19.21 33.53 0.76
C GLY H 13 18.43 33.73 2.04
N ALA H 14 17.24 34.33 1.95
CA ALA H 14 16.44 34.57 3.13
C ALA H 14 16.05 33.25 3.80
N ILE H 15 15.64 32.26 3.02
CA ILE H 15 15.30 30.95 3.58
C ILE H 15 16.54 30.31 4.21
N GLY H 16 17.69 30.44 3.56
CA GLY H 16 18.91 29.91 4.14
C GLY H 16 19.24 30.56 5.47
N CYS H 17 19.11 31.89 5.54
CA CYS H 17 19.36 32.59 6.79
C CYS H 17 18.40 32.13 7.89
N ALA H 18 17.11 32.06 7.57
CA ALA H 18 16.12 31.68 8.58
C ALA H 18 16.27 30.21 8.96
N SER H 19 16.50 29.33 7.99
CA SER H 19 16.56 27.91 8.28
C SER H 19 17.71 27.56 9.22
N ALA H 20 18.79 28.33 9.19
CA ALA H 20 19.94 28.02 10.04
C ALA H 20 19.56 28.05 11.51
N ILE H 21 18.81 29.07 11.92
CA ILE H 21 18.45 29.21 13.32
C ILE H 21 17.20 28.42 13.68
N ILE H 22 16.27 28.24 12.75
CA ILE H 22 15.02 27.54 13.05
C ILE H 22 15.30 26.10 13.44
N PHE H 23 16.05 25.38 12.60
CA PHE H 23 16.24 23.96 12.83
C PHE H 23 17.19 23.68 13.97
N THR H 24 18.19 24.54 14.18
CA THR H 24 19.05 24.39 15.35
C THR H 24 18.29 24.68 16.64
N SER H 25 17.33 25.62 16.60
CA SER H 25 16.51 25.87 17.78
C SER H 25 15.64 24.67 18.12
N LEU H 26 15.10 23.99 17.10
CA LEU H 26 14.36 22.76 17.35
C LEU H 26 15.26 21.71 17.98
N GLY H 27 16.48 21.54 17.47
CA GLY H 27 17.39 20.58 18.06
C GLY H 27 17.76 20.93 19.48
N ALA H 28 18.06 22.20 19.74
CA ALA H 28 18.39 22.62 21.10
C ALA H 28 17.20 22.48 22.03
N ALA H 29 16.00 22.82 21.55
CA ALA H 29 14.81 22.73 22.40
C ALA H 29 14.56 21.29 22.82
N TYR H 30 14.60 20.35 21.86
CA TYR H 30 14.39 18.95 22.20
C TYR H 30 15.48 18.45 23.15
N GLY H 31 16.74 18.81 22.88
CA GLY H 31 17.81 18.41 23.77
C GLY H 31 17.63 18.95 25.18
N THR H 32 17.14 20.19 25.29
CA THR H 32 16.89 20.76 26.61
C THR H 32 15.73 20.06 27.31
N ALA H 33 14.65 19.78 26.57
CA ALA H 33 13.43 19.26 27.19
C ALA H 33 13.67 17.89 27.82
N LYS H 34 14.20 16.94 27.04
CA LYS H 34 14.37 15.59 27.57
C LYS H 34 15.44 15.54 28.65
N SER H 35 16.48 16.36 28.54
CA SER H 35 17.45 16.46 29.62
C SER H 35 16.81 17.05 30.87
N GLY H 36 15.96 18.06 30.71
CA GLY H 36 15.34 18.68 31.87
C GLY H 36 14.44 17.73 32.63
N VAL H 37 13.70 16.88 31.92
CA VAL H 37 12.86 15.89 32.59
C VAL H 37 13.73 14.95 33.41
N GLY H 38 14.84 14.49 32.84
CA GLY H 38 15.73 13.61 33.58
C GLY H 38 16.33 14.27 34.80
N ILE H 39 16.74 15.53 34.67
CA ILE H 39 17.32 16.25 35.80
C ILE H 39 16.29 16.41 36.90
N CYS H 40 15.08 16.86 36.54
CA CYS H 40 14.05 17.07 37.55
C CYS H 40 13.63 15.77 38.22
N ALA H 41 13.69 14.65 37.48
CA ALA H 41 13.31 13.37 38.05
C ALA H 41 14.31 12.90 39.10
N THR H 42 15.60 12.97 38.77
CA THR H 42 16.64 12.45 39.67
C THR H 42 16.91 13.38 40.85
N CYS H 43 16.92 14.69 40.61
CA CYS H 43 17.38 15.63 41.64
C CYS H 43 16.45 15.69 42.84
N VAL H 44 15.23 15.13 42.75
CA VAL H 44 14.36 15.08 43.92
C VAL H 44 15.04 14.29 45.04
N LEU H 45 15.61 13.14 44.69
CA LEU H 45 16.29 12.31 45.68
C LEU H 45 17.71 12.78 45.95
N ARG H 46 18.38 13.35 44.94
CA ARG H 46 19.80 13.67 45.01
C ARG H 46 20.04 15.12 44.61
N PRO H 47 19.70 16.08 45.48
CA PRO H 47 19.97 17.48 45.16
C PRO H 47 21.45 17.78 44.97
N ASP H 48 22.34 17.00 45.60
CA ASP H 48 23.77 17.29 45.49
C ASP H 48 24.28 17.14 44.06
N LEU H 49 23.66 16.28 43.26
CA LEU H 49 24.08 16.06 41.88
C LEU H 49 23.58 17.13 40.92
N LEU H 50 22.72 18.05 41.39
CA LEU H 50 22.01 18.94 40.48
C LEU H 50 22.96 19.69 39.56
N PHE H 51 23.96 20.37 40.12
CA PHE H 51 24.82 21.23 39.33
C PHE H 51 25.86 20.46 38.53
N LYS H 52 25.99 19.15 38.73
CA LYS H 52 26.81 18.33 37.85
C LYS H 52 25.98 17.74 36.72
N ASN H 53 24.70 17.44 36.98
CA ASN H 53 23.81 16.89 35.96
C ASN H 53 23.35 17.93 34.95
N ILE H 54 23.74 19.20 35.11
CA ILE H 54 23.25 20.23 34.21
C ILE H 54 23.94 20.18 32.84
N VAL H 55 25.07 19.50 32.74
CA VAL H 55 25.94 19.58 31.56
C VAL H 55 25.17 19.26 30.28
N PRO H 56 24.35 18.21 30.25
CA PRO H 56 23.61 17.93 29.00
C PRO H 56 22.80 19.11 28.49
N VAL H 57 22.26 19.92 29.40
CA VAL H 57 21.55 21.12 28.97
C VAL H 57 22.53 22.15 28.40
N ILE H 58 23.72 22.26 28.99
CA ILE H 58 24.72 23.20 28.47
C ILE H 58 25.05 22.84 27.03
N MET H 59 25.32 21.56 26.77
CA MET H 59 25.74 21.15 25.43
C MET H 59 24.59 21.27 24.44
N ALA H 60 23.37 20.94 24.86
CA ALA H 60 22.22 21.17 23.99
C ALA H 60 22.06 22.64 23.67
N GLY H 61 22.37 23.52 24.61
CA GLY H 61 22.30 24.95 24.36
C GLY H 61 23.32 25.42 23.33
N ILE H 62 24.52 24.82 23.35
CA ILE H 62 25.58 25.25 22.45
C ILE H 62 25.21 25.00 20.99
N ILE H 63 24.39 23.99 20.73
CA ILE H 63 23.99 23.72 19.35
C ILE H 63 23.35 24.96 18.74
N ALA H 64 22.59 25.72 19.53
CA ALA H 64 21.95 26.91 19.02
C ALA H 64 22.97 27.99 18.63
N ILE H 65 24.16 28.00 19.24
CA ILE H 65 25.18 28.96 18.85
C ILE H 65 25.62 28.72 17.41
N TYR H 66 25.76 27.44 17.03
CA TYR H 66 26.16 27.13 15.66
C TYR H 66 25.17 27.70 14.67
N GLY H 67 23.88 27.62 14.97
CA GLY H 67 22.88 28.23 14.10
C GLY H 67 23.02 29.74 14.04
N LEU H 68 23.26 30.36 15.19
CA LEU H 68 23.30 31.83 15.24
C LEU H 68 24.43 32.39 14.39
N VAL H 69 25.64 31.85 14.53
CA VAL H 69 26.78 32.40 13.81
C VAL H 69 26.58 32.24 12.31
N VAL H 70 26.14 31.07 11.85
CA VAL H 70 25.88 30.87 10.42
C VAL H 70 24.78 31.80 9.96
N SER H 71 23.71 31.94 10.75
CA SER H 71 22.62 32.82 10.37
C SER H 71 23.10 34.25 10.20
N VAL H 72 23.90 34.75 11.14
CA VAL H 72 24.41 36.11 11.05
C VAL H 72 25.33 36.25 9.84
N LEU H 73 26.23 35.29 9.64
CA LEU H 73 27.15 35.38 8.51
C LEU H 73 26.40 35.41 7.19
N VAL H 74 25.40 34.54 7.04
CA VAL H 74 24.58 34.58 5.82
C VAL H 74 23.85 35.91 5.70
N CYS H 75 23.33 36.42 6.82
CA CYS H 75 22.50 37.61 6.77
C CYS H 75 23.23 38.80 6.15
N TYR H 76 24.49 39.00 6.57
CA TYR H 76 25.24 40.17 6.11
C TYR H 76 25.67 40.05 4.65
N SER H 77 25.48 38.90 4.01
CA SER H 77 25.76 38.76 2.58
C SER H 77 24.55 39.00 1.69
N LEU H 78 23.36 39.12 2.27
CA LEU H 78 22.14 39.28 1.46
C LEU H 78 22.10 40.66 0.83
N GLY H 79 21.94 40.70 -0.48
CA GLY H 79 21.82 41.96 -1.20
C GLY H 79 20.78 41.82 -2.28
N GLN H 80 20.24 42.96 -2.71
CA GLN H 80 19.15 42.95 -3.67
C GLN H 80 19.55 42.32 -5.00
N LYS H 81 20.77 42.59 -5.46
CA LYS H 81 21.23 42.12 -6.76
C LYS H 81 22.28 41.03 -6.65
N GLN H 82 22.17 40.18 -5.64
CA GLN H 82 23.12 39.07 -5.51
C GLN H 82 22.84 38.01 -6.56
N ALA H 83 23.90 37.29 -6.94
CA ALA H 83 23.77 36.26 -7.96
C ALA H 83 22.94 35.09 -7.47
N LEU H 84 22.32 34.38 -8.41
CA LEU H 84 21.54 33.21 -8.05
C LEU H 84 22.42 32.14 -7.44
N TYR H 85 23.66 32.00 -7.93
CA TYR H 85 24.60 31.06 -7.34
C TYR H 85 24.81 31.35 -5.86
N THR H 86 24.98 32.63 -5.52
CA THR H 86 25.12 33.00 -4.10
C THR H 86 23.90 32.54 -3.31
N GLY H 87 22.71 32.68 -3.88
CA GLY H 87 21.50 32.28 -3.17
C GLY H 87 21.51 30.79 -2.84
N PHE H 88 21.86 29.96 -3.81
CA PHE H 88 21.88 28.52 -3.59
C PHE H 88 22.92 28.14 -2.54
N ILE H 89 24.10 28.75 -2.59
CA ILE H 89 25.12 28.47 -1.59
C ILE H 89 24.62 28.82 -0.20
N GLN H 90 23.93 29.96 -0.08
CA GLN H 90 23.38 30.34 1.22
C GLN H 90 22.35 29.35 1.70
N LEU H 91 21.49 28.87 0.79
CA LEU H 91 20.54 27.83 1.18
C LEU H 91 21.25 26.56 1.62
N GLY H 92 22.29 26.14 0.88
CA GLY H 92 23.03 24.96 1.27
C GLY H 92 23.71 25.11 2.62
N ALA H 93 24.30 26.28 2.86
CA ALA H 93 24.95 26.53 4.15
C ALA H 93 23.93 26.49 5.28
N GLY H 94 22.79 27.13 5.10
CA GLY H 94 21.78 27.16 6.16
C GLY H 94 21.28 25.77 6.51
N LEU H 95 20.95 24.96 5.50
CA LEU H 95 20.46 23.62 5.76
C LEU H 95 21.52 22.74 6.41
N SER H 96 22.79 22.93 6.02
CA SER H 96 23.84 22.05 6.50
C SER H 96 23.99 22.14 8.02
N VAL H 97 24.00 23.36 8.57
CA VAL H 97 24.07 23.51 10.01
C VAL H 97 22.71 23.30 10.64
N GLY H 98 21.65 23.65 9.93
CA GLY H 98 20.31 23.52 10.45
C GLY H 98 19.92 22.09 10.76
N LEU H 99 19.87 21.24 9.73
CA LEU H 99 19.39 19.88 9.91
C LEU H 99 20.44 18.98 10.55
N SER H 100 21.73 19.28 10.38
CA SER H 100 22.74 18.54 11.12
C SER H 100 22.66 18.86 12.61
N GLY H 101 22.42 20.12 12.96
CA GLY H 101 22.22 20.47 14.35
C GLY H 101 20.98 19.84 14.93
N LEU H 102 19.91 19.74 14.12
CA LEU H 102 18.71 19.05 14.57
C LEU H 102 19.00 17.60 14.92
N ALA H 103 19.78 16.91 14.08
CA ALA H 103 20.16 15.53 14.38
C ALA H 103 20.98 15.45 15.65
N ALA H 104 21.94 16.36 15.82
CA ALA H 104 22.75 16.36 17.03
C ALA H 104 21.91 16.61 18.27
N GLY H 105 20.90 17.47 18.16
CA GLY H 105 20.05 17.75 19.31
C GLY H 105 19.29 16.54 19.80
N PHE H 106 18.81 15.71 18.87
CA PHE H 106 18.11 14.49 19.27
C PHE H 106 19.04 13.55 20.01
N ALA H 107 20.27 13.39 19.54
CA ALA H 107 21.21 12.51 20.22
C ALA H 107 21.51 13.01 21.64
N ILE H 108 21.73 14.30 21.80
CA ILE H 108 22.01 14.85 23.13
C ILE H 108 20.81 14.65 24.05
N GLY H 109 19.61 14.87 23.54
CA GLY H 109 18.42 14.69 24.37
C GLY H 109 18.25 13.25 24.83
N ILE H 110 18.44 12.29 23.91
CA ILE H 110 18.27 10.89 24.28
C ILE H 110 19.35 10.45 25.26
N VAL H 111 20.61 10.76 24.97
CA VAL H 111 21.70 10.33 25.84
C VAL H 111 21.60 11.03 27.19
N GLY H 112 21.30 12.33 27.19
CA GLY H 112 21.21 13.06 28.44
C GLY H 112 20.15 12.47 29.37
N ASP H 113 18.99 12.14 28.84
CA ASP H 113 17.92 11.58 29.67
C ASP H 113 18.39 10.28 30.33
N ALA H 114 18.94 9.36 29.53
CA ALA H 114 19.42 8.10 30.08
C ALA H 114 20.61 8.30 31.00
N GLY H 115 21.50 9.23 30.64
CA GLY H 115 22.75 9.36 31.36
C GLY H 115 22.57 9.81 32.79
N VAL H 116 21.78 10.87 33.01
CA VAL H 116 21.63 11.41 34.36
C VAL H 116 20.92 10.41 35.27
N ARG H 117 19.95 9.67 34.73
CA ARG H 117 19.29 8.65 35.54
C ARG H 117 20.29 7.60 36.01
N GLY H 118 21.10 7.08 35.09
CA GLY H 118 22.11 6.12 35.49
C GLY H 118 23.13 6.71 36.44
N SER H 119 23.50 7.98 36.22
CA SER H 119 24.46 8.63 37.11
C SER H 119 23.92 8.78 38.52
N SER H 120 22.60 8.71 38.71
CA SER H 120 22.04 8.77 40.04
C SER H 120 22.27 7.47 40.82
N GLN H 121 22.62 6.38 40.14
CA GLN H 121 22.80 5.09 40.77
C GLN H 121 24.23 4.57 40.71
N GLN H 122 25.01 4.98 39.71
CA GLN H 122 26.39 4.53 39.56
C GLN H 122 27.25 5.73 39.22
N PRO H 123 27.91 6.35 40.21
CA PRO H 123 28.62 7.61 39.93
C PRO H 123 29.76 7.47 38.93
N ARG H 124 30.32 6.28 38.77
CA ARG H 124 31.40 6.08 37.80
C ARG H 124 30.91 6.23 36.37
N LEU H 125 29.58 6.26 36.17
CA LEU H 125 29.05 6.39 34.81
C LEU H 125 29.24 7.80 34.25
N PHE H 126 29.40 8.80 35.11
CA PHE H 126 29.33 10.18 34.64
C PHE H 126 30.39 10.47 33.57
N VAL H 127 31.63 10.04 33.80
CA VAL H 127 32.67 10.31 32.82
C VAL H 127 32.35 9.65 31.49
N GLY H 128 31.68 8.49 31.52
CA GLY H 128 31.21 7.88 30.30
C GLY H 128 30.07 8.65 29.67
N MET H 129 29.17 9.16 30.49
CA MET H 129 28.06 9.95 29.96
C MET H 129 28.57 11.18 29.21
N ILE H 130 29.57 11.86 29.78
CA ILE H 130 30.16 13.02 29.12
C ILE H 130 30.85 12.60 27.82
N LEU H 131 31.59 11.49 27.87
CA LEU H 131 32.32 11.07 26.68
C LEU H 131 31.38 10.79 25.51
N ILE H 132 30.24 10.17 25.78
CA ILE H 132 29.27 9.90 24.72
C ILE H 132 28.70 11.22 24.18
N LEU H 133 28.40 12.17 25.07
CA LEU H 133 27.85 13.44 24.61
C LEU H 133 28.82 14.17 23.68
N ILE H 134 30.12 14.03 23.92
CA ILE H 134 31.10 14.66 23.03
C ILE H 134 30.94 14.13 21.61
N PHE H 135 30.71 12.82 21.47
CA PHE H 135 30.53 12.26 20.13
C PHE H 135 29.22 12.69 19.51
N ALA H 136 28.21 12.97 20.33
CA ALA H 136 27.00 13.61 19.81
C ALA H 136 27.25 15.07 19.47
N GLU H 137 28.08 15.74 20.26
CA GLU H 137 28.31 17.17 20.06
C GLU H 137 28.96 17.46 18.72
N VAL H 138 29.97 16.66 18.34
CA VAL H 138 30.72 16.94 17.11
C VAL H 138 29.84 16.86 15.88
N LEU H 139 28.76 16.07 15.92
CA LEU H 139 27.87 16.03 14.77
C LEU H 139 27.31 17.41 14.46
N GLY H 140 27.15 18.25 15.48
CA GLY H 140 26.83 19.64 15.24
C GLY H 140 28.01 20.40 14.67
N LEU H 141 29.21 20.11 15.16
CA LEU H 141 30.39 20.84 14.69
C LEU H 141 30.66 20.58 13.22
N TYR H 142 30.47 19.33 12.77
CA TYR H 142 30.65 19.04 11.35
C TYR H 142 29.71 19.87 10.50
N GLY H 143 28.46 20.04 10.93
CA GLY H 143 27.54 20.88 10.19
C GLY H 143 28.02 22.32 10.09
N LEU H 144 28.56 22.86 11.19
CA LEU H 144 29.09 24.21 11.16
C LEU H 144 30.27 24.32 10.19
N ILE H 145 31.17 23.34 10.21
CA ILE H 145 32.34 23.39 9.34
C ILE H 145 31.92 23.44 7.88
N VAL H 146 31.00 22.55 7.48
CA VAL H 146 30.53 22.55 6.10
C VAL H 146 29.87 23.88 5.76
N ALA H 147 29.06 24.40 6.67
CA ALA H 147 28.39 25.67 6.42
C ALA H 147 29.39 26.80 6.22
N LEU H 148 30.43 26.85 7.07
CA LEU H 148 31.41 27.93 6.97
C LEU H 148 32.21 27.83 5.68
N LEU H 149 32.53 26.61 5.24
CA LEU H 149 33.22 26.45 3.97
C LEU H 149 32.35 26.92 2.82
N LEU H 150 31.09 26.48 2.78
CA LEU H 150 30.18 26.93 1.74
C LEU H 150 30.04 28.45 1.73
N ASN H 151 29.85 29.04 2.91
CA ASN H 151 29.69 30.48 2.99
C ASN H 151 30.90 31.22 2.44
N SER H 152 32.09 30.63 2.56
CA SER H 152 33.28 31.27 2.03
C SER H 152 33.27 31.31 0.51
N ARG H 153 32.70 30.29 -0.13
CA ARG H 153 32.60 30.29 -1.60
C ARG H 153 31.57 31.28 -2.11
N ALA H 154 30.59 31.64 -1.28
CA ALA H 154 29.36 32.25 -1.78
C ALA H 154 29.61 33.52 -2.58
N THR H 155 30.70 34.24 -2.31
CA THR H 155 31.02 35.48 -3.02
C THR H 155 32.34 35.39 -3.76
N GLN H 156 33.00 34.24 -3.75
CA GLN H 156 34.32 34.09 -4.33
C GLN H 156 34.20 33.94 -5.85
N ASP H 157 34.86 34.83 -6.59
CA ASP H 157 34.90 34.81 -8.04
C ASP H 157 33.52 34.98 -8.67
N VAL H 158 32.53 35.46 -7.92
CA VAL H 158 31.20 35.65 -8.47
C VAL H 158 31.14 36.93 -9.28
N VAL H 159 30.33 36.90 -10.35
CA VAL H 159 30.10 38.07 -11.19
C VAL H 159 28.59 38.22 -11.39
N CYS H 160 28.13 39.46 -11.41
CA CYS H 160 26.71 39.74 -11.58
C CYS H 160 26.23 39.35 -12.97
N MET I 1 23.36 33.36 -21.44
CA MET I 1 23.41 31.99 -20.83
C MET I 1 23.96 30.99 -21.84
N THR I 2 24.22 29.77 -21.39
CA THR I 2 24.76 28.71 -22.23
C THR I 2 23.86 27.49 -22.12
N GLU I 3 23.69 26.80 -23.25
CA GLU I 3 22.77 25.66 -23.30
C GLU I 3 23.14 24.61 -22.25
N LEU I 4 24.41 24.21 -22.21
CA LEU I 4 24.85 23.16 -21.29
C LEU I 4 25.05 23.66 -19.87
N CYS I 5 24.90 24.95 -19.62
CA CYS I 5 25.16 25.55 -18.30
C CYS I 5 24.01 26.45 -17.89
N PRO I 6 22.83 25.88 -17.63
CA PRO I 6 21.73 26.71 -17.16
C PRO I 6 22.07 27.39 -15.85
N VAL I 7 21.54 28.60 -15.65
CA VAL I 7 21.86 29.37 -14.47
C VAL I 7 21.46 28.66 -13.19
N TYR I 8 20.48 27.76 -13.25
CA TYR I 8 20.05 27.02 -12.08
C TYR I 8 20.91 25.80 -11.79
N ALA I 9 21.94 25.52 -12.60
CA ALA I 9 22.73 24.32 -12.41
C ALA I 9 23.30 24.19 -10.99
N PRO I 10 23.82 25.24 -10.35
CA PRO I 10 24.43 25.05 -9.03
C PRO I 10 23.47 24.53 -7.98
N PHE I 11 22.16 24.63 -8.20
CA PHE I 11 21.20 24.18 -7.21
C PHE I 11 21.44 22.71 -6.85
N PHE I 12 21.60 21.86 -7.86
CA PHE I 12 21.86 20.45 -7.58
C PHE I 12 23.21 20.27 -6.90
N GLY I 13 24.16 21.17 -7.15
CA GLY I 13 25.44 21.09 -6.44
C GLY I 13 25.29 21.42 -4.96
N ALA I 14 24.59 22.51 -4.65
CA ALA I 14 24.42 22.90 -3.26
C ALA I 14 23.63 21.83 -2.49
N ILE I 15 22.56 21.31 -3.09
CA ILE I 15 21.77 20.29 -2.41
C ILE I 15 22.59 19.02 -2.22
N GLY I 16 23.37 18.64 -3.23
CA GLY I 16 24.26 17.50 -3.06
C GLY I 16 25.30 17.73 -1.99
N CYS I 17 25.87 18.93 -1.93
CA CYS I 17 26.86 19.23 -0.91
C CYS I 17 26.25 19.13 0.49
N ALA I 18 25.08 19.74 0.68
CA ALA I 18 24.44 19.68 2.00
C ALA I 18 23.93 18.29 2.30
N SER I 19 23.36 17.59 1.31
CA SER I 19 22.79 16.28 1.55
C SER I 19 23.82 15.28 2.06
N ALA I 20 25.09 15.45 1.67
CA ALA I 20 26.12 14.50 2.08
C ALA I 20 26.26 14.46 3.59
N ILE I 21 26.29 15.63 4.23
CA ILE I 21 26.50 15.69 5.66
C ILE I 21 25.19 15.51 6.42
N ILE I 22 24.08 16.05 5.88
CA ILE I 22 22.81 16.05 6.60
C ILE I 22 22.38 14.62 6.89
N PHE I 23 22.29 13.79 5.85
CA PHE I 23 21.81 12.42 6.03
C PHE I 23 22.83 11.58 6.79
N THR I 24 24.13 11.83 6.60
CA THR I 24 25.12 11.08 7.35
C THR I 24 25.08 11.43 8.83
N SER I 25 24.91 12.72 9.15
CA SER I 25 24.78 13.11 10.55
C SER I 25 23.54 12.50 11.18
N LEU I 26 22.45 12.43 10.42
CA LEU I 26 21.25 11.80 10.93
C LEU I 26 21.50 10.33 11.25
N GLY I 27 22.24 9.63 10.39
CA GLY I 27 22.58 8.25 10.68
C GLY I 27 23.48 8.11 11.90
N ALA I 28 24.52 8.93 11.97
CA ALA I 28 25.43 8.88 13.11
C ALA I 28 24.72 9.25 14.41
N ALA I 29 23.79 10.20 14.35
CA ALA I 29 23.06 10.59 15.56
C ALA I 29 22.24 9.42 16.10
N TYR I 30 21.50 8.73 15.22
CA TYR I 30 20.71 7.60 15.67
C TYR I 30 21.59 6.48 16.21
N GLY I 31 22.70 6.20 15.54
CA GLY I 31 23.63 5.21 16.05
C GLY I 31 24.16 5.55 17.42
N THR I 32 24.51 6.82 17.63
CA THR I 32 24.95 7.26 18.95
C THR I 32 23.81 7.16 19.97
N ALA I 33 22.59 7.50 19.55
CA ALA I 33 21.47 7.53 20.49
C ALA I 33 21.12 6.14 21.00
N LYS I 34 20.81 5.22 20.08
CA LYS I 34 20.43 3.87 20.51
C LYS I 34 21.54 3.22 21.32
N SER I 35 22.79 3.32 20.85
CA SER I 35 23.90 2.73 21.59
C SER I 35 24.11 3.42 22.93
N GLY I 36 23.89 4.74 23.00
CA GLY I 36 24.10 5.45 24.25
C GLY I 36 23.16 4.97 25.34
N VAL I 37 21.89 4.74 25.00
CA VAL I 37 20.95 4.19 25.98
C VAL I 37 21.43 2.82 26.45
N GLY I 38 21.93 2.00 25.52
CA GLY I 38 22.43 0.69 25.90
C GLY I 38 23.59 0.77 26.87
N ILE I 39 24.55 1.66 26.61
CA ILE I 39 25.71 1.77 27.47
C ILE I 39 25.31 2.21 28.87
N CYS I 40 24.49 3.26 28.96
CA CYS I 40 24.10 3.78 30.27
C CYS I 40 23.29 2.76 31.06
N ALA I 41 22.56 1.88 30.38
CA ALA I 41 21.74 0.89 31.06
C ALA I 41 22.56 -0.33 31.48
N THR I 42 23.52 -0.74 30.67
CA THR I 42 24.19 -2.02 30.90
C THR I 42 25.18 -1.95 32.05
N CYS I 43 25.90 -0.84 32.17
CA CYS I 43 27.09 -0.79 33.03
C CYS I 43 26.81 -0.28 34.44
N VAL I 44 25.56 -0.01 34.79
CA VAL I 44 25.27 0.36 36.17
C VAL I 44 25.70 -0.76 37.11
N LEU I 45 25.48 -2.01 36.72
CA LEU I 45 25.95 -3.14 37.51
C LEU I 45 27.45 -3.35 37.39
N ARG I 46 28.07 -2.81 36.34
CA ARG I 46 29.35 -3.32 35.89
C ARG I 46 30.15 -2.24 35.17
N PRO I 47 30.58 -1.19 35.88
CA PRO I 47 31.22 -0.05 35.20
C PRO I 47 32.59 -0.34 34.62
N ASP I 48 33.28 -1.41 35.06
CA ASP I 48 34.61 -1.68 34.54
C ASP I 48 34.61 -1.96 33.04
N LEU I 49 33.47 -2.36 32.48
CA LEU I 49 33.36 -2.56 31.04
C LEU I 49 33.04 -1.29 30.28
N LEU I 50 32.89 -0.16 30.98
CA LEU I 50 32.36 1.05 30.35
C LEU I 50 33.15 1.46 29.13
N PHE I 51 34.47 1.60 29.27
CA PHE I 51 35.27 2.09 28.15
C PHE I 51 35.43 1.05 27.04
N LYS I 52 35.24 -0.24 27.36
CA LYS I 52 35.20 -1.26 26.32
C LYS I 52 33.94 -1.11 25.48
N ASN I 53 32.84 -0.71 26.10
CA ASN I 53 31.54 -0.66 25.42
C ASN I 53 31.36 0.60 24.58
N ILE I 54 32.32 1.52 24.57
CA ILE I 54 32.15 2.75 23.81
C ILE I 54 32.28 2.53 22.31
N VAL I 55 32.86 1.41 21.90
CA VAL I 55 33.28 1.21 20.51
C VAL I 55 32.13 1.47 19.54
N PRO I 56 30.92 0.97 19.79
CA PRO I 56 29.82 1.24 18.84
C PRO I 56 29.59 2.72 18.62
N VAL I 57 29.78 3.54 19.66
CA VAL I 57 29.68 4.98 19.49
C VAL I 57 30.81 5.49 18.61
N ILE I 58 32.01 4.94 18.77
CA ILE I 58 33.12 5.34 17.92
C ILE I 58 32.79 5.09 16.46
N MET I 59 32.27 3.90 16.15
CA MET I 59 31.96 3.56 14.77
C MET I 59 30.83 4.42 14.23
N ALA I 60 29.80 4.68 15.04
CA ALA I 60 28.76 5.61 14.62
C ALA I 60 29.35 6.98 14.33
N GLY I 61 30.33 7.41 15.13
CA GLY I 61 31.00 8.67 14.85
C GLY I 61 31.79 8.66 13.56
N ILE I 62 32.44 7.53 13.26
CA ILE I 62 33.25 7.44 12.05
C ILE I 62 32.38 7.62 10.81
N ILE I 63 31.14 7.14 10.85
CA ILE I 63 30.23 7.30 9.71
C ILE I 63 30.12 8.77 9.34
N ALA I 64 29.96 9.62 10.34
CA ALA I 64 29.82 11.05 10.07
C ALA I 64 31.01 11.60 9.30
N ILE I 65 32.21 11.08 9.54
CA ILE I 65 33.39 11.60 8.86
C ILE I 65 33.34 11.31 7.37
N TYR I 66 32.76 10.17 6.98
CA TYR I 66 32.53 9.93 5.56
C TYR I 66 31.70 11.06 4.95
N GLY I 67 30.65 11.48 5.66
CA GLY I 67 29.86 12.59 5.16
C GLY I 67 30.66 13.87 5.03
N LEU I 68 31.56 14.12 5.97
CA LEU I 68 32.32 15.36 5.95
C LEU I 68 33.22 15.45 4.72
N VAL I 69 34.00 14.40 4.46
CA VAL I 69 34.99 14.47 3.39
C VAL I 69 34.31 14.61 2.02
N VAL I 70 33.22 13.89 1.80
CA VAL I 70 32.50 14.04 0.54
C VAL I 70 31.92 15.44 0.42
N SER I 71 31.32 15.95 1.50
CA SER I 71 30.78 17.30 1.47
C SER I 71 31.89 18.32 1.23
N VAL I 72 33.04 18.14 1.87
CA VAL I 72 34.16 19.06 1.65
C VAL I 72 34.64 19.01 0.21
N LEU I 73 34.77 17.80 -0.34
CA LEU I 73 35.24 17.67 -1.71
C LEU I 73 34.28 18.35 -2.69
N VAL I 74 32.97 18.12 -2.51
CA VAL I 74 32.00 18.79 -3.38
C VAL I 74 32.06 20.30 -3.19
N CYS I 75 32.25 20.76 -1.97
CA CYS I 75 32.19 22.19 -1.70
C CYS I 75 33.21 22.97 -2.52
N TYR I 76 34.37 22.37 -2.79
CA TYR I 76 35.38 23.01 -3.62
C TYR I 76 35.16 22.79 -5.11
N SER I 77 34.24 21.92 -5.49
CA SER I 77 33.90 21.73 -6.90
C SER I 77 32.95 22.80 -7.40
N LEU I 78 32.13 23.36 -6.52
CA LEU I 78 31.07 24.26 -6.96
C LEU I 78 31.64 25.52 -7.60
N GLY I 79 30.87 26.07 -8.52
CA GLY I 79 31.21 27.33 -9.15
C GLY I 79 30.00 27.91 -9.83
N GLN I 80 30.03 29.22 -10.05
CA GLN I 80 28.85 29.92 -10.54
C GLN I 80 28.43 29.42 -11.92
N LYS I 81 29.42 29.14 -12.79
CA LYS I 81 29.15 28.82 -14.18
C LYS I 81 29.31 27.33 -14.48
N GLN I 82 29.20 26.46 -13.47
CA GLN I 82 29.43 25.05 -13.71
C GLN I 82 28.34 24.46 -14.59
N ALA I 83 28.71 23.43 -15.37
CA ALA I 83 27.78 22.80 -16.28
C ALA I 83 26.75 21.99 -15.51
N LEU I 84 25.63 21.71 -16.18
CA LEU I 84 24.56 20.95 -15.55
C LEU I 84 25.03 19.53 -15.21
N TYR I 85 25.83 18.92 -16.07
CA TYR I 85 26.28 17.56 -15.85
C TYR I 85 26.95 17.40 -14.51
N THR I 86 27.91 18.28 -14.19
CA THR I 86 28.58 18.21 -12.91
C THR I 86 27.63 18.50 -11.76
N GLY I 87 26.51 19.19 -12.01
CA GLY I 87 25.51 19.36 -10.99
C GLY I 87 24.88 18.03 -10.58
N PHE I 88 24.51 17.22 -11.57
CA PHE I 88 23.89 15.93 -11.29
C PHE I 88 24.88 15.00 -10.59
N ILE I 89 26.15 15.00 -11.03
CA ILE I 89 27.13 14.12 -10.42
C ILE I 89 27.33 14.48 -8.95
N GLN I 90 27.38 15.78 -8.64
CA GLN I 90 27.50 16.20 -7.25
C GLN I 90 26.30 15.71 -6.45
N LEU I 91 25.10 15.82 -6.99
CA LEU I 91 23.92 15.29 -6.31
C LEU I 91 24.04 13.78 -6.11
N GLY I 92 24.48 13.07 -7.15
CA GLY I 92 24.65 11.63 -7.03
C GLY I 92 25.64 11.25 -5.95
N ALA I 93 26.77 11.96 -5.89
CA ALA I 93 27.74 11.71 -4.82
C ALA I 93 27.13 12.00 -3.45
N GLY I 94 26.41 13.12 -3.33
CA GLY I 94 25.84 13.49 -2.04
C GLY I 94 24.85 12.46 -1.53
N LEU I 95 23.93 12.03 -2.39
CA LEU I 95 22.95 11.02 -1.97
C LEU I 95 23.62 9.67 -1.72
N SER I 96 24.64 9.33 -2.52
CA SER I 96 25.25 8.01 -2.42
C SER I 96 25.83 7.79 -1.02
N VAL I 97 26.66 8.71 -0.55
CA VAL I 97 27.23 8.57 0.78
C VAL I 97 26.16 8.86 1.83
N GLY I 98 25.26 9.79 1.55
CA GLY I 98 24.26 10.20 2.52
C GLY I 98 23.35 9.08 2.96
N LEU I 99 22.55 8.55 2.02
CA LEU I 99 21.58 7.54 2.40
C LEU I 99 22.24 6.22 2.77
N SER I 100 23.36 5.89 2.12
CA SER I 100 24.09 4.69 2.52
C SER I 100 24.63 4.83 3.93
N GLY I 101 25.11 6.02 4.29
CA GLY I 101 25.53 6.25 5.66
C GLY I 101 24.37 6.21 6.64
N LEU I 102 23.20 6.70 6.21
CA LEU I 102 22.01 6.62 7.05
C LEU I 102 21.65 5.18 7.37
N ALA I 103 21.73 4.30 6.35
CA ALA I 103 21.46 2.88 6.59
C ALA I 103 22.46 2.28 7.56
N ALA I 104 23.75 2.61 7.40
CA ALA I 104 24.78 2.05 8.27
C ALA I 104 24.58 2.50 9.72
N GLY I 105 24.28 3.78 9.93
CA GLY I 105 24.05 4.25 11.29
C GLY I 105 22.87 3.56 11.95
N PHE I 106 21.83 3.29 11.17
CA PHE I 106 20.67 2.56 11.69
C PHE I 106 21.08 1.17 12.16
N ALA I 107 21.87 0.47 11.35
CA ALA I 107 22.31 -0.86 11.74
C ALA I 107 23.24 -0.82 12.96
N ILE I 108 24.19 0.11 12.96
CA ILE I 108 25.13 0.20 14.08
C ILE I 108 24.37 0.49 15.38
N GLY I 109 23.33 1.30 15.32
CA GLY I 109 22.56 1.61 16.51
C GLY I 109 21.88 0.38 17.09
N ILE I 110 21.22 -0.40 16.24
CA ILE I 110 20.47 -1.55 16.72
C ILE I 110 21.41 -2.65 17.23
N VAL I 111 22.47 -2.94 16.48
CA VAL I 111 23.40 -3.98 16.90
C VAL I 111 24.12 -3.54 18.17
N GLY I 112 24.49 -2.27 18.26
CA GLY I 112 25.11 -1.77 19.47
C GLY I 112 24.20 -1.90 20.68
N ASP I 113 22.93 -1.54 20.51
CA ASP I 113 22.00 -1.64 21.63
C ASP I 113 21.88 -3.09 22.11
N ALA I 114 21.75 -4.04 21.19
CA ALA I 114 21.64 -5.43 21.59
C ALA I 114 22.97 -5.99 22.09
N GLY I 115 24.06 -5.70 21.38
CA GLY I 115 25.34 -6.27 21.76
C GLY I 115 25.85 -5.77 23.11
N VAL I 116 25.72 -4.47 23.36
CA VAL I 116 26.25 -3.90 24.60
C VAL I 116 25.52 -4.45 25.83
N ARG I 117 24.26 -4.87 25.67
CA ARG I 117 23.55 -5.49 26.79
C ARG I 117 24.05 -6.91 27.02
N GLY I 118 24.16 -7.70 25.95
CA GLY I 118 24.62 -9.07 26.08
C GLY I 118 26.06 -9.16 26.54
N SER I 119 26.91 -8.25 26.07
CA SER I 119 28.33 -8.35 26.34
C SER I 119 28.67 -8.13 27.82
N SER I 120 27.74 -7.60 28.60
CA SER I 120 27.97 -7.45 30.03
C SER I 120 27.58 -8.68 30.82
N GLN I 121 26.81 -9.59 30.23
CA GLN I 121 26.48 -10.87 30.84
C GLN I 121 27.43 -11.96 30.40
N GLN I 122 27.83 -11.95 29.13
CA GLN I 122 28.63 -13.01 28.52
C GLN I 122 29.88 -12.40 27.92
N PRO I 123 31.00 -12.40 28.64
CA PRO I 123 32.19 -11.68 28.16
C PRO I 123 32.75 -12.23 26.86
N ARG I 124 32.46 -13.47 26.50
CA ARG I 124 32.94 -14.03 25.24
C ARG I 124 32.26 -13.39 24.04
N LEU I 125 31.16 -12.66 24.26
CA LEU I 125 30.36 -12.14 23.16
C LEU I 125 30.93 -10.86 22.55
N PHE I 126 31.90 -10.21 23.21
CA PHE I 126 32.36 -8.92 22.73
C PHE I 126 32.95 -9.02 21.33
N VAL I 127 33.80 -10.02 21.07
CA VAL I 127 34.39 -10.15 19.75
C VAL I 127 33.32 -10.37 18.70
N GLY I 128 32.22 -11.04 19.08
CA GLY I 128 31.12 -11.20 18.14
C GLY I 128 30.48 -9.86 17.79
N MET I 129 30.24 -9.02 18.79
CA MET I 129 29.65 -7.71 18.54
C MET I 129 30.53 -6.88 17.61
N ILE I 130 31.84 -6.88 17.86
CA ILE I 130 32.76 -6.12 17.02
C ILE I 130 32.72 -6.65 15.60
N LEU I 131 32.71 -7.97 15.44
CA LEU I 131 32.69 -8.54 14.10
C LEU I 131 31.44 -8.11 13.33
N ILE I 132 30.29 -8.16 13.98
CA ILE I 132 29.04 -7.77 13.31
C ILE I 132 29.07 -6.29 12.96
N LEU I 133 29.55 -5.45 13.88
CA LEU I 133 29.57 -4.01 13.63
C LEU I 133 30.46 -3.65 12.44
N ILE I 134 31.52 -4.42 12.22
CA ILE I 134 32.37 -4.16 11.06
C ILE I 134 31.58 -4.38 9.77
N PHE I 135 30.76 -5.43 9.73
CA PHE I 135 29.91 -5.65 8.55
C PHE I 135 28.94 -4.51 8.36
N ALA I 136 28.36 -3.99 9.46
CA ALA I 136 27.50 -2.82 9.35
C ALA I 136 28.30 -1.58 8.99
N GLU I 137 29.49 -1.42 9.56
CA GLU I 137 30.33 -0.26 9.24
C GLU I 137 30.67 -0.20 7.76
N VAL I 138 30.96 -1.36 7.15
CA VAL I 138 31.41 -1.38 5.77
C VAL I 138 30.36 -0.78 4.83
N LEU I 139 29.07 -0.88 5.20
CA LEU I 139 28.04 -0.36 4.32
C LEU I 139 28.20 1.15 4.12
N GLY I 140 28.72 1.85 5.12
CA GLY I 140 29.05 3.26 4.92
C GLY I 140 30.21 3.43 3.97
N LEU I 141 31.23 2.56 4.07
CA LEU I 141 32.41 2.69 3.24
C LEU I 141 32.09 2.50 1.77
N TYR I 142 31.19 1.57 1.44
CA TYR I 142 30.78 1.42 0.05
C TYR I 142 30.21 2.71 -0.51
N GLY I 143 29.33 3.36 0.26
CA GLY I 143 28.77 4.62 -0.21
C GLY I 143 29.84 5.67 -0.46
N LEU I 144 30.85 5.71 0.40
CA LEU I 144 31.96 6.62 0.18
C LEU I 144 32.71 6.28 -1.11
N ILE I 145 32.98 5.00 -1.34
CA ILE I 145 33.74 4.60 -2.52
C ILE I 145 33.01 5.02 -3.80
N VAL I 146 31.69 4.76 -3.85
CA VAL I 146 30.90 5.19 -5.00
C VAL I 146 30.94 6.70 -5.13
N ALA I 147 30.80 7.42 -4.01
CA ALA I 147 30.79 8.87 -4.06
C ALA I 147 32.10 9.41 -4.61
N LEU I 148 33.23 8.86 -4.18
CA LEU I 148 34.52 9.34 -4.66
C LEU I 148 34.69 9.07 -6.14
N LEU I 149 34.27 7.89 -6.61
CA LEU I 149 34.35 7.59 -8.04
C LEU I 149 33.50 8.56 -8.85
N LEU I 150 32.29 8.84 -8.38
CA LEU I 150 31.44 9.81 -9.06
C LEU I 150 32.10 11.19 -9.09
N ASN I 151 32.59 11.65 -7.93
CA ASN I 151 33.21 12.96 -7.87
C ASN I 151 34.43 13.04 -8.77
N SER I 152 35.13 11.93 -8.98
CA SER I 152 36.25 11.92 -9.90
C SER I 152 35.81 12.26 -11.31
N ARG I 153 34.68 11.71 -11.75
CA ARG I 153 34.14 11.96 -13.08
C ARG I 153 33.34 13.24 -13.17
N ALA I 154 33.19 13.99 -12.07
CA ALA I 154 32.33 15.16 -12.09
C ALA I 154 32.80 16.21 -13.09
N THR I 155 34.11 16.44 -13.16
CA THR I 155 34.60 17.55 -13.97
C THR I 155 35.85 17.22 -14.79
N GLN I 156 36.25 15.95 -14.91
CA GLN I 156 37.53 15.66 -15.56
C GLN I 156 37.52 16.06 -17.04
N ASP I 157 36.37 15.92 -17.73
CA ASP I 157 36.32 16.19 -19.16
C ASP I 157 35.08 16.99 -19.55
N VAL I 158 34.49 17.72 -18.62
CA VAL I 158 33.29 18.50 -18.91
C VAL I 158 33.68 19.76 -19.67
N VAL I 159 32.74 20.28 -20.46
CA VAL I 159 32.96 21.51 -21.20
C VAL I 159 31.63 22.24 -21.32
N CYS I 160 31.70 23.56 -21.45
CA CYS I 160 30.51 24.39 -21.50
C CYS I 160 30.13 24.71 -22.94
N MET J 1 19.95 21.47 -27.86
CA MET J 1 20.93 20.34 -28.00
C MET J 1 20.32 19.21 -28.82
N THR J 2 21.18 18.40 -29.44
CA THR J 2 20.72 17.25 -30.21
C THR J 2 19.69 16.46 -29.41
N GLU J 3 18.48 16.33 -29.97
CA GLU J 3 17.35 15.88 -29.16
C GLU J 3 17.53 14.45 -28.65
N LEU J 4 18.40 13.66 -29.26
CA LEU J 4 18.72 12.36 -28.69
C LEU J 4 19.67 12.47 -27.50
N CYS J 5 20.25 13.64 -27.25
CA CYS J 5 21.18 13.86 -26.14
C CYS J 5 20.80 15.13 -25.39
N PRO J 6 19.62 15.17 -24.77
CA PRO J 6 19.24 16.37 -24.02
C PRO J 6 20.20 16.63 -22.87
N VAL J 7 20.27 17.89 -22.45
CA VAL J 7 21.20 18.28 -21.39
C VAL J 7 20.89 17.53 -20.10
N TYR J 8 19.64 17.15 -19.89
CA TYR J 8 19.23 16.47 -18.66
C TYR J 8 19.42 14.96 -18.71
N ALA J 9 19.91 14.42 -19.82
CA ALA J 9 20.09 12.97 -19.93
C ALA J 9 20.89 12.37 -18.79
N PRO J 10 22.05 12.91 -18.39
CA PRO J 10 22.83 12.26 -17.32
C PRO J 10 22.16 12.28 -15.96
N PHE J 11 21.05 13.00 -15.79
CA PHE J 11 20.36 12.97 -14.50
C PHE J 11 19.91 11.56 -14.16
N PHE J 12 19.31 10.86 -15.13
CA PHE J 12 18.88 9.49 -14.89
C PHE J 12 20.07 8.57 -14.68
N GLY J 13 21.20 8.85 -15.33
CA GLY J 13 22.40 8.07 -15.06
C GLY J 13 22.88 8.23 -13.63
N ALA J 14 22.96 9.48 -13.16
CA ALA J 14 23.42 9.72 -11.79
C ALA J 14 22.49 9.09 -10.77
N ILE J 15 21.17 9.27 -10.93
CA ILE J 15 20.22 8.69 -9.99
C ILE J 15 20.27 7.17 -10.09
N GLY J 16 20.42 6.63 -11.30
CA GLY J 16 20.61 5.20 -11.43
C GLY J 16 21.86 4.70 -10.71
N CYS J 17 22.96 5.44 -10.86
CA CYS J 17 24.19 5.07 -10.16
C CYS J 17 24.00 5.09 -8.65
N ALA J 18 23.42 6.17 -8.12
CA ALA J 18 23.21 6.27 -6.68
C ALA J 18 22.19 5.24 -6.20
N SER J 19 21.11 5.04 -6.96
CA SER J 19 20.07 4.11 -6.53
C SER J 19 20.61 2.71 -6.32
N ALA J 20 21.60 2.31 -7.13
CA ALA J 20 22.11 0.95 -7.06
C ALA J 20 22.69 0.64 -5.68
N ILE J 21 23.43 1.59 -5.11
CA ILE J 21 24.07 1.38 -3.82
C ILE J 21 23.15 1.73 -2.67
N ILE J 22 22.30 2.75 -2.84
CA ILE J 22 21.47 3.22 -1.74
C ILE J 22 20.51 2.13 -1.29
N PHE J 23 19.72 1.61 -2.23
CA PHE J 23 18.66 0.68 -1.85
C PHE J 23 19.21 -0.66 -1.37
N THR J 24 20.32 -1.12 -1.96
CA THR J 24 20.90 -2.37 -1.49
C THR J 24 21.50 -2.20 -0.10
N SER J 25 22.09 -1.04 0.18
CA SER J 25 22.62 -0.77 1.51
C SER J 25 21.51 -0.79 2.56
N LEU J 26 20.34 -0.25 2.22
CA LEU J 26 19.20 -0.36 3.13
C LEU J 26 18.82 -1.82 3.34
N GLY J 27 18.83 -2.62 2.27
CA GLY J 27 18.55 -4.04 2.41
C GLY J 27 19.59 -4.75 3.26
N ALA J 28 20.87 -4.49 2.99
CA ALA J 28 21.93 -5.11 3.77
C ALA J 28 21.91 -4.62 5.21
N ALA J 29 21.57 -3.35 5.44
CA ALA J 29 21.49 -2.84 6.81
C ALA J 29 20.40 -3.54 7.60
N TYR J 30 19.23 -3.72 7.00
CA TYR J 30 18.14 -4.42 7.69
C TYR J 30 18.52 -5.86 7.98
N GLY J 31 19.13 -6.55 7.01
CA GLY J 31 19.55 -7.92 7.25
C GLY J 31 20.57 -8.03 8.38
N THR J 32 21.53 -7.12 8.42
CA THR J 32 22.52 -7.13 9.49
C THR J 32 21.88 -6.80 10.84
N ALA J 33 20.96 -5.84 10.86
CA ALA J 33 20.37 -5.41 12.12
C ALA J 33 19.45 -6.48 12.69
N LYS J 34 18.47 -6.92 11.90
CA LYS J 34 17.47 -7.84 12.42
C LYS J 34 18.09 -9.15 12.88
N SER J 35 19.00 -9.71 12.08
CA SER J 35 19.65 -10.95 12.47
C SER J 35 20.68 -10.70 13.58
N GLY J 36 21.27 -9.52 13.63
CA GLY J 36 22.24 -9.22 14.67
C GLY J 36 21.63 -9.30 16.06
N VAL J 37 20.39 -8.83 16.21
CA VAL J 37 19.71 -8.93 17.50
C VAL J 37 19.51 -10.39 17.87
N GLY J 38 19.13 -11.22 16.90
CA GLY J 38 18.95 -12.63 17.19
C GLY J 38 20.24 -13.30 17.64
N ILE J 39 21.36 -12.97 16.99
CA ILE J 39 22.64 -13.55 17.37
C ILE J 39 22.99 -13.19 18.82
N CYS J 40 22.89 -11.90 19.15
CA CYS J 40 23.23 -11.46 20.50
C CYS J 40 22.31 -12.11 21.54
N ALA J 41 21.01 -12.16 21.24
CA ALA J 41 20.05 -12.67 22.23
C ALA J 41 20.25 -14.15 22.51
N THR J 42 20.77 -14.91 21.54
CA THR J 42 20.99 -16.34 21.73
C THR J 42 22.36 -16.64 22.32
N CYS J 43 23.40 -15.93 21.89
CA CYS J 43 24.77 -16.29 22.25
C CYS J 43 25.10 -16.01 23.70
N VAL J 44 24.27 -15.26 24.43
CA VAL J 44 24.53 -15.03 25.85
C VAL J 44 24.53 -16.36 26.61
N LEU J 45 23.59 -17.24 26.29
CA LEU J 45 23.56 -18.57 26.88
C LEU J 45 24.46 -19.55 26.15
N ARG J 46 24.60 -19.40 24.83
CA ARG J 46 25.33 -20.34 23.99
C ARG J 46 26.43 -19.60 23.23
N PRO J 47 27.50 -19.20 23.92
CA PRO J 47 28.62 -18.58 23.21
C PRO J 47 29.32 -19.52 22.25
N ASP J 48 29.24 -20.83 22.47
CA ASP J 48 29.90 -21.78 21.60
C ASP J 48 29.36 -21.77 20.18
N LEU J 49 28.12 -21.29 19.98
CA LEU J 49 27.50 -21.22 18.67
C LEU J 49 27.79 -19.93 17.93
N LEU J 50 28.57 -19.02 18.52
CA LEU J 50 28.68 -17.66 18.00
C LEU J 50 29.14 -17.64 16.54
N PHE J 51 30.26 -18.32 16.24
CA PHE J 51 30.84 -18.25 14.92
C PHE J 51 30.16 -19.16 13.91
N LYS J 52 29.20 -19.98 14.35
CA LYS J 52 28.30 -20.67 13.43
C LYS J 52 27.08 -19.82 13.11
N ASN J 53 26.60 -19.04 14.08
CA ASN J 53 25.45 -18.18 13.89
C ASN J 53 25.76 -16.94 13.05
N ILE J 54 27.02 -16.71 12.70
CA ILE J 54 27.38 -15.47 12.01
C ILE J 54 26.92 -15.46 10.56
N VAL J 55 26.59 -16.64 9.99
CA VAL J 55 26.40 -16.73 8.55
C VAL J 55 25.34 -15.76 8.04
N PRO J 56 24.17 -15.62 8.68
CA PRO J 56 23.16 -14.69 8.13
C PRO J 56 23.69 -13.28 7.93
N VAL J 57 24.59 -12.82 8.81
CA VAL J 57 25.18 -11.50 8.62
C VAL J 57 26.04 -11.48 7.36
N ILE J 58 26.81 -12.54 7.13
CA ILE J 58 27.67 -12.60 5.95
C ILE J 58 26.83 -12.51 4.68
N MET J 59 25.76 -13.31 4.61
CA MET J 59 24.92 -13.30 3.42
C MET J 59 24.26 -11.94 3.23
N ALA J 60 23.75 -11.34 4.30
CA ALA J 60 23.22 -9.99 4.19
C ALA J 60 24.29 -9.01 3.71
N GLY J 61 25.55 -9.24 4.09
CA GLY J 61 26.63 -8.38 3.61
C GLY J 61 26.87 -8.51 2.12
N ILE J 62 26.76 -9.73 1.59
CA ILE J 62 26.98 -9.95 0.16
C ILE J 62 26.00 -9.14 -0.67
N ILE J 63 24.75 -9.00 -0.18
CA ILE J 63 23.74 -8.27 -0.94
C ILE J 63 24.25 -6.88 -1.28
N ALA J 64 25.00 -6.27 -0.36
CA ALA J 64 25.53 -4.93 -0.62
C ALA J 64 26.56 -4.96 -1.75
N ILE J 65 27.34 -6.03 -1.87
CA ILE J 65 28.39 -6.08 -2.88
C ILE J 65 27.79 -6.10 -4.29
N TYR J 66 26.64 -6.75 -4.46
CA TYR J 66 25.97 -6.70 -5.76
C TYR J 66 25.75 -5.25 -6.20
N GLY J 67 25.22 -4.41 -5.31
CA GLY J 67 24.97 -3.04 -5.67
C GLY J 67 26.23 -2.25 -5.94
N LEU J 68 27.29 -2.53 -5.19
CA LEU J 68 28.56 -1.85 -5.42
C LEU J 68 29.07 -2.15 -6.83
N VAL J 69 28.98 -3.42 -7.25
CA VAL J 69 29.46 -3.80 -8.57
C VAL J 69 28.67 -3.06 -9.65
N VAL J 70 27.33 -3.09 -9.56
CA VAL J 70 26.51 -2.42 -10.56
C VAL J 70 26.74 -0.92 -10.54
N SER J 71 26.82 -0.33 -9.34
CA SER J 71 27.02 1.10 -9.24
C SER J 71 28.32 1.53 -9.89
N VAL J 72 29.40 0.78 -9.66
CA VAL J 72 30.68 1.09 -10.28
C VAL J 72 30.59 0.93 -11.80
N LEU J 73 29.87 -0.09 -12.26
CA LEU J 73 29.78 -0.35 -13.69
C LEU J 73 29.10 0.80 -14.43
N VAL J 74 27.93 1.21 -13.95
CA VAL J 74 27.23 2.32 -14.59
C VAL J 74 27.98 3.63 -14.39
N CYS J 75 28.71 3.75 -13.27
CA CYS J 75 29.43 4.99 -12.99
C CYS J 75 30.43 5.32 -14.10
N TYR J 76 31.13 4.30 -14.60
CA TYR J 76 32.12 4.52 -15.65
C TYR J 76 31.51 4.89 -16.98
N SER J 77 30.19 4.78 -17.13
CA SER J 77 29.52 5.04 -18.40
C SER J 77 28.87 6.41 -18.49
N LEU J 78 28.91 7.19 -17.41
CA LEU J 78 28.30 8.52 -17.44
C LEU J 78 29.14 9.46 -18.29
N GLY J 79 28.50 10.53 -18.79
CA GLY J 79 29.20 11.48 -19.62
C GLY J 79 28.38 12.72 -19.88
N GLN J 80 29.08 13.79 -20.25
CA GLN J 80 28.43 15.07 -20.49
C GLN J 80 27.43 14.99 -21.64
N LYS J 81 27.68 14.12 -22.63
CA LYS J 81 26.92 14.10 -23.86
C LYS J 81 26.28 12.74 -24.13
N GLN J 82 25.98 11.97 -23.09
CA GLN J 82 25.41 10.65 -23.29
C GLN J 82 23.98 10.74 -23.81
N ALA J 83 23.57 9.70 -24.53
CA ALA J 83 22.22 9.65 -25.07
C ALA J 83 21.20 9.47 -23.96
N LEU J 84 19.98 9.98 -24.21
CA LEU J 84 18.90 9.78 -23.26
C LEU J 84 18.60 8.30 -23.08
N TYR J 85 18.64 7.53 -24.16
CA TYR J 85 18.45 6.08 -24.07
C TYR J 85 19.42 5.47 -23.06
N THR J 86 20.70 5.85 -23.16
CA THR J 86 21.67 5.34 -22.18
C THR J 86 21.27 5.73 -20.76
N GLY J 87 20.63 6.90 -20.61
CA GLY J 87 20.18 7.31 -19.28
C GLY J 87 19.13 6.38 -18.70
N PHE J 88 18.12 6.05 -19.51
CA PHE J 88 17.05 5.19 -19.03
C PHE J 88 17.56 3.80 -18.70
N ILE J 89 18.45 3.26 -19.52
CA ILE J 89 18.99 1.93 -19.27
C ILE J 89 19.76 1.92 -17.95
N GLN J 90 20.56 2.95 -17.71
CA GLN J 90 21.29 3.04 -16.44
C GLN J 90 20.31 3.14 -15.27
N LEU J 91 19.24 3.90 -15.43
CA LEU J 91 18.22 3.98 -14.38
C LEU J 91 17.60 2.61 -14.14
N GLY J 92 17.24 1.90 -15.22
CA GLY J 92 16.65 0.58 -15.06
C GLY J 92 17.57 -0.40 -14.37
N ALA J 93 18.86 -0.37 -14.72
CA ALA J 93 19.81 -1.26 -14.06
C ALA J 93 19.92 -0.94 -12.57
N GLY J 94 19.98 0.35 -12.22
CA GLY J 94 20.10 0.72 -10.82
C GLY J 94 18.91 0.27 -10.00
N LEU J 95 17.70 0.56 -10.48
CA LEU J 95 16.51 0.15 -9.75
C LEU J 95 16.41 -1.37 -9.66
N SER J 96 16.84 -2.07 -10.71
CA SER J 96 16.69 -3.52 -10.74
C SER J 96 17.47 -4.17 -9.59
N VAL J 97 18.76 -3.86 -9.49
CA VAL J 97 19.57 -4.46 -8.42
C VAL J 97 19.21 -3.86 -7.08
N GLY J 98 18.85 -2.58 -7.05
CA GLY J 98 18.56 -1.90 -5.80
C GLY J 98 17.36 -2.46 -5.09
N LEU J 99 16.18 -2.36 -5.71
CA LEU J 99 14.96 -2.78 -5.04
C LEU J 99 14.85 -4.30 -4.93
N SER J 100 15.42 -5.03 -5.89
CA SER J 100 15.50 -6.48 -5.74
C SER J 100 16.39 -6.84 -4.56
N GLY J 101 17.53 -6.15 -4.41
CA GLY J 101 18.37 -6.38 -3.25
C GLY J 101 17.69 -6.02 -1.95
N LEU J 102 16.88 -4.95 -1.96
CA LEU J 102 16.11 -4.60 -0.78
C LEU J 102 15.16 -5.72 -0.38
N ALA J 103 14.49 -6.34 -1.36
CA ALA J 103 13.60 -7.45 -1.07
C ALA J 103 14.37 -8.61 -0.45
N ALA J 104 15.53 -8.96 -1.01
CA ALA J 104 16.36 -10.01 -0.44
C ALA J 104 16.80 -9.65 0.98
N GLY J 105 17.08 -8.37 1.22
CA GLY J 105 17.50 -7.96 2.55
C GLY J 105 16.47 -8.28 3.62
N PHE J 106 15.20 -7.97 3.34
CA PHE J 106 14.15 -8.28 4.30
C PHE J 106 14.08 -9.77 4.58
N ALA J 107 14.15 -10.61 3.53
CA ALA J 107 14.01 -12.05 3.72
C ALA J 107 15.15 -12.60 4.59
N ILE J 108 16.39 -12.21 4.29
CA ILE J 108 17.53 -12.70 5.07
C ILE J 108 17.43 -12.22 6.51
N GLY J 109 16.97 -10.97 6.70
CA GLY J 109 16.83 -10.47 8.07
C GLY J 109 15.84 -11.26 8.88
N ILE J 110 14.66 -11.53 8.31
CA ILE J 110 13.61 -12.22 9.05
C ILE J 110 14.03 -13.66 9.33
N VAL J 111 14.41 -14.41 8.30
CA VAL J 111 14.71 -15.82 8.49
C VAL J 111 15.99 -15.98 9.30
N GLY J 112 16.94 -15.06 9.15
CA GLY J 112 18.14 -15.12 9.96
C GLY J 112 17.84 -14.96 11.44
N ASP J 113 17.01 -13.99 11.79
CA ASP J 113 16.65 -13.80 13.20
C ASP J 113 15.91 -15.01 13.73
N ALA J 114 14.89 -15.48 13.00
CA ALA J 114 14.15 -16.66 13.44
C ALA J 114 15.04 -17.89 13.44
N GLY J 115 15.94 -17.99 12.47
CA GLY J 115 16.73 -19.21 12.33
C GLY J 115 17.68 -19.44 13.50
N VAL J 116 18.45 -18.42 13.86
CA VAL J 116 19.43 -18.57 14.93
C VAL J 116 18.75 -18.81 16.27
N ARG J 117 17.60 -18.19 16.50
CA ARG J 117 16.86 -18.44 17.73
C ARG J 117 16.41 -19.90 17.80
N GLY J 118 15.82 -20.41 16.72
CA GLY J 118 15.43 -21.81 16.70
C GLY J 118 16.63 -22.74 16.78
N SER J 119 17.72 -22.38 16.10
CA SER J 119 18.90 -23.24 16.09
C SER J 119 19.50 -23.41 17.47
N SER J 120 19.20 -22.52 18.41
CA SER J 120 19.67 -22.68 19.77
C SER J 120 18.96 -23.83 20.48
N GLN J 121 17.70 -24.09 20.12
CA GLN J 121 16.94 -25.17 20.74
C GLN J 121 17.20 -26.51 20.07
N GLN J 122 17.38 -26.50 18.75
CA GLN J 122 17.36 -27.71 17.95
C GLN J 122 18.51 -27.68 16.95
N PRO J 123 19.62 -28.36 17.23
CA PRO J 123 20.80 -28.23 16.36
C PRO J 123 20.58 -28.72 14.94
N ARG J 124 19.60 -29.59 14.71
CA ARG J 124 19.33 -30.06 13.36
C ARG J 124 18.70 -28.99 12.47
N LEU J 125 18.29 -27.86 13.05
CA LEU J 125 17.64 -26.82 12.28
C LEU J 125 18.61 -25.91 11.54
N PHE J 126 19.90 -25.95 11.90
CA PHE J 126 20.85 -25.03 11.26
C PHE J 126 20.94 -25.25 9.77
N VAL J 127 21.00 -26.52 9.33
CA VAL J 127 21.04 -26.81 7.90
C VAL J 127 19.79 -26.27 7.22
N GLY J 128 18.65 -26.39 7.88
CA GLY J 128 17.42 -25.85 7.32
C GLY J 128 17.48 -24.34 7.15
N MET J 129 18.03 -23.64 8.15
CA MET J 129 18.17 -22.19 8.04
C MET J 129 19.05 -21.82 6.85
N ILE J 130 20.19 -22.50 6.71
CA ILE J 130 21.09 -22.19 5.60
C ILE J 130 20.40 -22.46 4.26
N LEU J 131 19.66 -23.57 4.17
CA LEU J 131 19.01 -23.90 2.91
C LEU J 131 17.98 -22.85 2.52
N ILE J 132 17.20 -22.36 3.49
CA ILE J 132 16.21 -21.32 3.19
C ILE J 132 16.91 -20.02 2.82
N LEU J 133 17.98 -19.67 3.55
CA LEU J 133 18.69 -18.43 3.28
C LEU J 133 19.19 -18.38 1.85
N ILE J 134 19.61 -19.52 1.31
CA ILE J 134 20.12 -19.55 -0.06
C ILE J 134 19.02 -19.17 -1.05
N PHE J 135 17.80 -19.65 -0.82
CA PHE J 135 16.70 -19.25 -1.69
C PHE J 135 16.42 -17.76 -1.59
N ALA J 136 16.56 -17.18 -0.39
CA ALA J 136 16.43 -15.73 -0.24
C ALA J 136 17.60 -15.01 -0.90
N GLU J 137 18.82 -15.50 -0.68
CA GLU J 137 20.01 -14.88 -1.28
C GLU J 137 19.90 -14.83 -2.79
N VAL J 138 19.35 -15.89 -3.40
CA VAL J 138 19.32 -15.97 -4.86
C VAL J 138 18.48 -14.85 -5.45
N LEU J 139 17.50 -14.34 -4.71
CA LEU J 139 16.67 -13.27 -5.25
C LEU J 139 17.50 -12.05 -5.61
N GLY J 140 18.46 -11.69 -4.75
CA GLY J 140 19.37 -10.61 -5.10
C GLY J 140 20.19 -10.93 -6.33
N LEU J 141 20.57 -12.19 -6.49
CA LEU J 141 21.37 -12.58 -7.65
C LEU J 141 20.59 -12.38 -8.95
N TYR J 142 19.31 -12.71 -8.96
CA TYR J 142 18.48 -12.41 -10.13
C TYR J 142 18.49 -10.92 -10.43
N GLY J 143 18.40 -10.08 -9.39
CA GLY J 143 18.47 -8.65 -9.61
C GLY J 143 19.76 -8.23 -10.28
N LEU J 144 20.88 -8.82 -9.86
CA LEU J 144 22.16 -8.53 -10.49
C LEU J 144 22.17 -8.96 -11.95
N ILE J 145 21.66 -10.16 -12.23
CA ILE J 145 21.71 -10.70 -13.60
C ILE J 145 20.97 -9.77 -14.55
N VAL J 146 19.78 -9.31 -14.17
CA VAL J 146 19.06 -8.37 -15.03
C VAL J 146 19.84 -7.07 -15.19
N ALA J 147 20.43 -6.57 -14.09
CA ALA J 147 21.15 -5.31 -14.16
C ALA J 147 22.33 -5.40 -15.12
N LEU J 148 23.07 -6.51 -15.07
CA LEU J 148 24.22 -6.64 -15.98
C LEU J 148 23.77 -6.76 -17.43
N LEU J 149 22.66 -7.45 -17.69
CA LEU J 149 22.14 -7.53 -19.05
C LEU J 149 21.78 -6.15 -19.58
N LEU J 150 21.04 -5.37 -18.81
CA LEU J 150 20.67 -4.02 -19.23
C LEU J 150 21.92 -3.19 -19.49
N ASN J 151 22.89 -3.23 -18.58
CA ASN J 151 24.08 -2.41 -18.73
C ASN J 151 24.86 -2.79 -19.98
N SER J 152 24.94 -4.08 -20.28
CA SER J 152 25.66 -4.50 -21.48
C SER J 152 25.07 -3.90 -22.74
N ARG J 153 23.77 -3.60 -22.71
CA ARG J 153 23.05 -3.04 -23.84
C ARG J 153 22.93 -1.52 -23.77
N ALA J 154 23.51 -0.89 -22.75
CA ALA J 154 23.30 0.54 -22.53
C ALA J 154 24.05 1.42 -23.52
N THR J 155 25.11 0.91 -24.16
CA THR J 155 25.94 1.77 -25.00
C THR J 155 26.28 1.15 -26.35
N GLN J 156 25.63 0.06 -26.75
CA GLN J 156 25.82 -0.46 -28.10
C GLN J 156 24.88 0.24 -29.07
N ASP J 157 25.41 0.57 -30.25
CA ASP J 157 24.63 1.11 -31.36
C ASP J 157 23.99 2.45 -31.04
N VAL J 158 24.47 3.16 -30.02
CA VAL J 158 23.96 4.49 -29.73
C VAL J 158 24.64 5.50 -30.66
N VAL J 159 23.92 6.58 -30.97
CA VAL J 159 24.36 7.51 -31.99
C VAL J 159 24.52 8.92 -31.43
N CYS J 160 24.93 9.02 -30.16
CA CYS J 160 25.19 10.32 -29.56
C CYS J 160 26.25 11.07 -30.35
N MET K 1 -0.99 -36.63 -51.11
CA MET K 1 -2.18 -35.74 -50.99
C MET K 1 -2.82 -35.90 -49.63
N SER K 2 -3.58 -34.89 -49.20
CA SER K 2 -4.21 -34.90 -47.90
C SER K 2 -5.57 -34.21 -47.99
N SER K 3 -6.50 -34.68 -47.17
CA SER K 3 -7.83 -34.10 -47.12
C SER K 3 -8.49 -34.54 -45.82
N PHE K 4 -9.64 -33.94 -45.53
CA PHE K 4 -10.38 -34.33 -44.33
C PHE K 4 -10.66 -35.81 -44.32
N TYR K 5 -10.86 -36.43 -45.48
CA TYR K 5 -11.11 -37.86 -45.54
C TYR K 5 -9.89 -38.67 -45.10
N THR K 6 -8.71 -38.06 -45.06
CA THR K 6 -7.55 -38.74 -44.49
C THR K 6 -7.79 -39.03 -43.01
N VAL K 7 -8.37 -38.09 -42.28
CA VAL K 7 -8.65 -38.30 -40.86
C VAL K 7 -9.75 -39.34 -40.71
N VAL K 8 -10.80 -39.27 -41.54
CA VAL K 8 -11.87 -40.25 -41.47
C VAL K 8 -11.31 -41.66 -41.70
N GLY K 9 -10.34 -41.78 -42.61
CA GLY K 9 -9.74 -43.08 -42.85
C GLY K 9 -9.08 -43.66 -41.62
N VAL K 10 -8.33 -42.84 -40.88
CA VAL K 10 -7.71 -43.30 -39.65
C VAL K 10 -8.79 -43.60 -38.61
N PHE K 11 -9.83 -42.76 -38.54
CA PHE K 11 -10.89 -42.97 -37.57
C PHE K 11 -11.55 -44.34 -37.75
N ILE K 12 -11.74 -44.76 -39.00
CA ILE K 12 -12.40 -46.05 -39.26
C ILE K 12 -11.55 -47.20 -38.74
N VAL K 13 -10.26 -47.19 -39.06
CA VAL K 13 -9.40 -48.31 -38.67
C VAL K 13 -9.20 -48.32 -37.16
N VAL K 14 -9.02 -47.15 -36.55
CA VAL K 14 -8.90 -47.09 -35.09
C VAL K 14 -10.17 -47.63 -34.45
N SER K 15 -11.33 -47.24 -34.99
CA SER K 15 -12.59 -47.79 -34.50
C SER K 15 -12.63 -49.31 -34.69
N ALA K 16 -12.19 -49.78 -35.85
CA ALA K 16 -12.23 -51.22 -36.13
C ALA K 16 -11.31 -52.00 -35.19
N MET K 17 -10.08 -51.55 -35.03
CA MET K 17 -9.12 -52.31 -34.23
C MET K 17 -9.47 -52.27 -32.75
N SER K 18 -10.12 -51.20 -32.30
CA SER K 18 -10.53 -51.13 -30.90
C SER K 18 -11.69 -52.07 -30.60
N VAL K 19 -12.72 -52.08 -31.45
CA VAL K 19 -13.85 -52.96 -31.23
C VAL K 19 -13.44 -54.42 -31.45
N LEU K 20 -12.43 -54.64 -32.29
CA LEU K 20 -11.84 -55.97 -32.39
C LEU K 20 -11.17 -56.37 -31.08
N PHE K 21 -10.45 -55.43 -30.45
CA PHE K 21 -9.80 -55.73 -29.17
C PHE K 21 -10.83 -55.99 -28.08
N TRP K 22 -11.94 -55.26 -28.10
CA TRP K 22 -13.00 -55.50 -27.13
C TRP K 22 -13.40 -56.97 -27.12
N ILE K 23 -13.34 -57.61 -28.29
CA ILE K 23 -13.75 -59.01 -28.40
C ILE K 23 -12.64 -59.95 -27.96
N MET K 24 -11.40 -59.66 -28.35
CA MET K 24 -10.29 -60.56 -28.06
C MET K 24 -9.62 -60.31 -26.72
N ALA K 25 -10.09 -59.33 -25.95
CA ALA K 25 -9.41 -58.97 -24.72
C ALA K 25 -9.35 -60.16 -23.77
N PRO K 26 -8.30 -60.30 -22.98
CA PRO K 26 -8.17 -61.48 -22.11
C PRO K 26 -9.21 -61.49 -21.01
N LYS K 27 -9.52 -62.70 -20.54
CA LYS K 27 -10.50 -62.86 -19.47
C LYS K 27 -9.96 -62.37 -18.13
N ASN K 28 -8.67 -62.58 -17.88
CA ASN K 28 -8.08 -62.18 -16.60
C ASN K 28 -7.99 -60.66 -16.53
N ASN K 29 -8.59 -60.07 -15.50
CA ASN K 29 -8.64 -58.62 -15.37
C ASN K 29 -9.20 -58.00 -16.66
N GLN K 30 -10.28 -58.60 -17.15
CA GLN K 30 -10.84 -58.18 -18.44
C GLN K 30 -11.21 -56.70 -18.43
N ALA K 31 -11.80 -56.23 -17.34
CA ALA K 31 -12.30 -54.86 -17.30
C ALA K 31 -11.20 -53.83 -17.42
N VAL K 32 -10.03 -54.09 -16.82
CA VAL K 32 -8.93 -53.13 -16.90
C VAL K 32 -8.37 -53.07 -18.32
N TRP K 33 -8.18 -54.24 -18.94
CA TRP K 33 -7.71 -54.27 -20.33
C TRP K 33 -8.69 -53.56 -21.25
N ARG K 34 -9.96 -53.95 -21.17
CA ARG K 34 -10.96 -53.43 -22.10
C ARG K 34 -11.07 -51.91 -21.99
N SER K 35 -10.93 -51.36 -20.79
CA SER K 35 -11.07 -49.93 -20.59
C SER K 35 -9.81 -49.16 -20.99
N THR K 36 -8.64 -49.62 -20.52
CA THR K 36 -7.42 -48.84 -20.69
C THR K 36 -7.01 -48.76 -22.15
N VAL K 37 -6.94 -49.89 -22.85
CA VAL K 37 -6.44 -49.90 -24.21
C VAL K 37 -7.37 -49.13 -25.14
N ILE K 38 -8.67 -49.42 -25.07
CA ILE K 38 -9.62 -48.80 -25.99
C ILE K 38 -9.67 -47.30 -25.76
N LEU K 39 -9.72 -46.87 -24.50
CA LEU K 39 -9.73 -45.45 -24.21
C LEU K 39 -8.42 -44.79 -24.62
N THR K 40 -7.29 -45.50 -24.46
CA THR K 40 -6.00 -44.95 -24.87
C THR K 40 -5.97 -44.68 -26.36
N LEU K 41 -6.38 -45.66 -27.18
CA LEU K 41 -6.37 -45.46 -28.62
C LEU K 41 -7.28 -44.30 -29.02
N ALA K 42 -8.46 -44.22 -28.41
CA ALA K 42 -9.39 -43.14 -28.74
C ALA K 42 -8.79 -41.79 -28.39
N MET K 43 -8.29 -41.64 -27.15
CA MET K 43 -7.72 -40.37 -26.74
C MET K 43 -6.43 -40.06 -27.50
N MET K 44 -5.64 -41.10 -27.78
CA MET K 44 -4.41 -40.89 -28.56
C MET K 44 -4.75 -40.42 -29.98
N PHE K 45 -5.80 -40.99 -30.58
CA PHE K 45 -6.19 -40.59 -31.93
C PHE K 45 -6.58 -39.12 -31.99
N LEU K 46 -7.34 -38.65 -30.99
CA LEU K 46 -7.79 -37.26 -31.01
C LEU K 46 -6.62 -36.29 -31.07
N MET K 47 -5.54 -36.58 -30.34
CA MET K 47 -4.38 -35.70 -30.36
C MET K 47 -3.78 -35.60 -31.75
N TRP K 48 -3.70 -36.73 -32.46
CA TRP K 48 -3.18 -36.69 -33.83
C TRP K 48 -4.15 -35.99 -34.76
N ALA K 49 -5.44 -36.35 -34.69
CA ALA K 49 -6.41 -35.79 -35.64
C ALA K 49 -6.49 -34.28 -35.51
N ILE K 50 -6.51 -33.76 -34.29
CA ILE K 50 -6.55 -32.31 -34.10
C ILE K 50 -5.28 -31.67 -34.65
N THR K 51 -4.12 -32.23 -34.32
CA THR K 51 -2.87 -31.68 -34.81
C THR K 51 -2.78 -31.77 -36.32
N PHE K 52 -3.42 -32.77 -36.92
CA PHE K 52 -3.39 -32.91 -38.37
C PHE K 52 -4.33 -31.90 -39.04
N LEU K 53 -5.57 -31.84 -38.57
CA LEU K 53 -6.53 -30.90 -39.17
C LEU K 53 -6.03 -29.47 -39.08
N CYS K 54 -5.35 -29.13 -37.97
CA CYS K 54 -4.87 -27.76 -37.78
C CYS K 54 -3.88 -27.34 -38.87
N GLN K 55 -3.41 -28.27 -39.70
CA GLN K 55 -2.37 -27.97 -40.69
C GLN K 55 -2.82 -28.28 -42.11
N LEU K 56 -4.13 -28.45 -42.34
CA LEU K 56 -4.62 -28.71 -43.70
C LEU K 56 -4.66 -27.43 -44.52
N HIS K 57 -5.41 -26.44 -44.05
CA HIS K 57 -5.65 -25.20 -44.80
C HIS K 57 -5.30 -24.02 -43.91
N PRO K 58 -4.01 -23.81 -43.64
CA PRO K 58 -3.60 -22.79 -42.67
C PRO K 58 -3.89 -21.38 -43.18
N LEU K 59 -4.25 -20.50 -42.24
CA LEU K 59 -4.49 -19.10 -42.54
C LEU K 59 -3.25 -18.23 -42.34
N VAL K 60 -2.13 -18.80 -41.90
CA VAL K 60 -0.88 -18.08 -41.76
C VAL K 60 0.26 -18.98 -42.25
N ALA K 61 1.37 -18.36 -42.60
CA ALA K 61 2.52 -19.06 -43.12
C ALA K 61 3.80 -18.65 -42.39
N PRO K 62 4.78 -19.54 -42.30
CA PRO K 62 6.03 -19.20 -41.60
C PRO K 62 6.72 -17.97 -42.21
N ARG K 63 7.24 -17.11 -41.32
CA ARG K 63 8.04 -15.96 -41.71
C ARG K 63 9.31 -15.92 -40.87
N ARG K 64 10.44 -15.60 -41.52
CA ARG K 64 11.68 -15.41 -40.79
C ARG K 64 12.66 -14.64 -41.66
N SER K 65 13.71 -14.14 -41.01
CA SER K 65 14.75 -13.39 -41.68
C SER K 65 16.16 -13.86 -41.33
N ASP K 66 16.31 -14.80 -40.40
CA ASP K 66 17.61 -15.20 -39.88
C ASP K 66 18.25 -16.35 -40.65
N LEU K 67 17.53 -16.95 -41.61
CA LEU K 67 17.99 -18.17 -42.25
C LEU K 67 19.10 -17.86 -43.25
N ARG K 68 20.22 -18.56 -43.13
CA ARG K 68 21.32 -18.37 -44.06
C ARG K 68 20.90 -18.75 -45.47
N PRO K 69 21.44 -18.07 -46.49
CA PRO K 69 20.91 -18.25 -47.85
C PRO K 69 21.13 -19.63 -48.45
N GLU K 70 22.13 -20.38 -48.00
CA GLU K 70 22.29 -21.76 -48.45
C GLU K 70 21.49 -22.75 -47.63
N PHE K 71 20.87 -22.30 -46.53
CA PHE K 71 20.04 -23.14 -45.66
C PHE K 71 20.43 -24.61 -45.67
N ASP L 212 1.32 27.08 -33.03
CA ASP L 212 1.63 25.79 -32.33
C ASP L 212 0.65 25.55 -31.19
N ASP L 213 -0.36 24.72 -31.44
CA ASP L 213 -1.41 24.46 -30.46
C ASP L 213 -1.01 23.35 -29.50
N ILE L 214 0.11 23.52 -28.81
CA ILE L 214 0.65 22.50 -27.92
C ILE L 214 -0.16 22.41 -26.64
N LEU L 215 0.06 21.34 -25.87
CA LEU L 215 -0.52 21.23 -24.55
C LEU L 215 0.20 22.15 -23.56
N SER L 216 1.53 22.06 -23.51
CA SER L 216 2.34 22.96 -22.71
C SER L 216 3.78 22.89 -23.21
N SER L 217 4.50 23.99 -22.99
CA SER L 217 5.93 24.01 -23.30
C SER L 217 6.75 23.31 -22.23
N ILE L 218 6.15 23.05 -21.06
CA ILE L 218 6.82 22.38 -19.95
C ILE L 218 6.19 21.00 -19.69
N TRP L 219 4.89 20.96 -19.45
CA TRP L 219 4.19 19.71 -19.13
C TRP L 219 3.67 19.05 -20.41
N THR L 220 4.61 18.69 -21.28
CA THR L 220 4.26 18.09 -22.55
C THR L 220 3.57 16.75 -22.33
N GLU L 221 2.83 16.31 -23.37
CA GLU L 221 2.18 15.01 -23.31
C GLU L 221 3.19 13.91 -23.04
N GLY L 222 4.43 14.06 -23.53
CA GLY L 222 5.44 13.06 -23.28
C GLY L 222 5.80 12.96 -21.81
N LEU L 223 6.00 14.11 -21.16
CA LEU L 223 6.37 14.11 -19.74
C LEU L 223 5.24 13.57 -18.88
N LEU L 224 4.00 13.96 -19.17
CA LEU L 224 2.87 13.52 -18.35
C LEU L 224 2.68 12.00 -18.44
N MET L 225 2.84 11.43 -19.64
CA MET L 225 2.72 9.98 -19.78
C MET L 225 3.75 9.27 -18.91
N CYS L 226 4.99 9.77 -18.90
CA CYS L 226 6.02 9.16 -18.06
C CYS L 226 5.64 9.27 -16.58
N LEU L 227 5.10 10.41 -16.17
CA LEU L 227 4.85 10.63 -14.74
C LEU L 227 3.71 9.77 -14.22
N ILE L 228 2.60 9.69 -14.95
CA ILE L 228 1.46 8.92 -14.44
C ILE L 228 1.79 7.43 -14.44
N VAL L 229 2.58 6.95 -15.40
CA VAL L 229 3.07 5.58 -15.34
C VAL L 229 3.97 5.40 -14.11
N SER L 230 4.86 6.36 -13.87
CA SER L 230 5.71 6.31 -12.69
C SER L 230 4.88 6.35 -11.42
N ALA L 231 3.83 7.17 -11.39
CA ALA L 231 2.97 7.23 -10.22
C ALA L 231 2.30 5.89 -9.96
N LEU L 232 1.83 5.23 -11.01
CA LEU L 232 1.22 3.91 -10.84
C LEU L 232 2.22 2.91 -10.27
N LEU L 233 3.44 2.88 -10.84
CA LEU L 233 4.45 1.94 -10.36
C LEU L 233 4.85 2.26 -8.93
N LEU L 234 4.99 3.54 -8.60
CA LEU L 234 5.36 3.91 -7.24
C LEU L 234 4.26 3.53 -6.25
N PHE L 235 3.00 3.69 -6.65
CA PHE L 235 1.90 3.30 -5.77
C PHE L 235 1.92 1.81 -5.48
N ILE L 236 2.14 0.99 -6.52
CA ILE L 236 2.23 -0.45 -6.31
C ILE L 236 3.41 -0.78 -5.40
N LEU L 237 4.53 -0.12 -5.60
CA LEU L 237 5.71 -0.37 -4.76
C LEU L 237 5.42 -0.02 -3.31
N ILE L 238 4.77 1.11 -3.06
CA ILE L 238 4.48 1.52 -1.68
C ILE L 238 3.55 0.51 -1.00
N VAL L 239 2.51 0.08 -1.71
CA VAL L 239 1.60 -0.92 -1.15
C VAL L 239 2.37 -2.20 -0.83
N ALA L 240 3.27 -2.61 -1.73
CA ALA L 240 4.04 -3.82 -1.49
C ALA L 240 4.89 -3.68 -0.23
N LEU L 241 5.66 -2.60 -0.12
CA LEU L 241 6.47 -2.38 1.07
C LEU L 241 5.62 -2.21 2.32
N SER L 242 4.40 -1.68 2.18
CA SER L 242 3.53 -1.52 3.33
C SER L 242 3.09 -2.86 3.92
N TRP L 243 3.00 -3.90 3.08
CA TRP L 243 2.72 -5.24 3.59
C TRP L 243 3.96 -5.89 4.19
N ILE L 244 5.12 -5.70 3.55
CA ILE L 244 6.35 -6.32 4.02
C ILE L 244 6.72 -5.80 5.40
N SER L 245 6.39 -4.54 5.69
CA SER L 245 6.77 -3.95 6.97
C SER L 245 6.06 -4.60 8.15
N ASN L 246 5.05 -5.43 7.90
CA ASN L 246 4.22 -6.00 8.96
C ASN L 246 4.55 -7.46 9.22
N LEU L 247 5.70 -7.95 8.77
CA LEU L 247 6.12 -9.31 9.06
C LEU L 247 6.67 -9.38 10.48
N ASP L 248 5.93 -10.04 11.37
CA ASP L 248 6.33 -10.21 12.77
C ASP L 248 6.72 -11.66 13.00
N ILE L 249 7.87 -11.87 13.64
CA ILE L 249 8.33 -13.22 13.92
C ILE L 249 7.53 -13.79 15.09
N THR L 250 7.23 -15.09 15.01
CA THR L 250 6.46 -15.78 16.04
C THR L 250 7.38 -16.26 17.16
N TYR L 251 7.90 -15.28 17.93
CA TYR L 251 8.95 -15.56 18.91
C TYR L 251 8.57 -16.68 19.88
N GLY L 252 7.29 -16.76 20.26
CA GLY L 252 6.91 -17.69 21.31
C GLY L 252 7.26 -19.12 21.00
N ALA L 253 7.15 -19.52 19.73
CA ALA L 253 7.45 -20.90 19.36
C ALA L 253 8.94 -21.18 19.35
N LEU L 254 9.77 -20.16 19.16
CA LEU L 254 11.20 -20.36 18.96
C LEU L 254 11.99 -20.44 20.26
N GLU L 255 11.49 -19.86 21.34
CA GLU L 255 12.23 -19.76 22.60
C GLU L 255 11.57 -20.63 23.65
N LYS L 256 12.34 -21.57 24.21
CA LYS L 256 11.82 -22.47 25.23
C LYS L 256 11.46 -21.69 26.49
N SER L 257 10.32 -22.05 27.08
CA SER L 257 9.87 -21.50 28.35
C SER L 257 9.40 -22.64 29.25
N THR L 258 9.75 -22.54 30.53
CA THR L 258 9.48 -23.63 31.47
C THR L 258 9.05 -23.08 32.82
N ASN L 259 8.34 -23.91 33.57
CA ASN L 259 7.92 -23.58 34.93
C ASN L 259 7.84 -24.88 35.72
N PRO L 260 7.95 -24.81 37.05
CA PRO L 260 7.87 -26.03 37.86
C PRO L 260 6.46 -26.51 38.14
N ILE L 261 5.44 -25.77 37.73
CA ILE L 261 4.07 -26.14 38.09
C ILE L 261 3.55 -27.24 37.17
N LYS L 262 3.84 -27.15 35.87
CA LYS L 262 3.33 -28.13 34.92
C LYS L 262 3.97 -29.49 35.16
N LYS L 263 3.35 -30.52 34.59
CA LYS L 263 3.90 -31.87 34.63
C LYS L 263 5.25 -31.92 33.93
N THR M 7 28.71 -45.85 -2.33
CA THR M 7 28.51 -44.52 -1.68
C THR M 7 27.65 -43.63 -2.57
N GLY M 8 26.82 -42.79 -1.95
CA GLY M 8 25.82 -42.05 -2.71
C GLY M 8 26.42 -41.08 -3.70
N LYS M 9 27.51 -40.42 -3.33
CA LYS M 9 28.07 -39.38 -4.20
C LYS M 9 28.48 -39.94 -5.56
N ALA M 10 28.72 -41.25 -5.65
CA ALA M 10 29.09 -41.84 -6.94
C ALA M 10 27.91 -41.91 -7.89
N TRP M 11 26.71 -42.20 -7.39
CA TRP M 11 25.55 -42.33 -8.26
C TRP M 11 25.19 -41.00 -8.92
N CYS M 12 25.30 -39.89 -8.19
CA CYS M 12 25.04 -38.58 -8.77
C CYS M 12 25.95 -38.35 -9.98
N CYS M 13 27.25 -38.57 -9.81
CA CYS M 13 28.21 -38.24 -10.87
C CYS M 13 28.04 -39.18 -12.07
N THR M 14 27.85 -40.48 -11.83
CA THR M 14 27.80 -41.43 -12.93
C THR M 14 26.57 -41.22 -13.80
N VAL M 15 25.41 -40.97 -13.18
CA VAL M 15 24.19 -40.75 -13.96
C VAL M 15 24.30 -39.45 -14.75
N LEU M 16 24.77 -38.38 -14.10
CA LEU M 16 24.93 -37.11 -14.79
C LEU M 16 25.89 -37.25 -15.96
N SER M 17 27.03 -37.89 -15.74
CA SER M 17 28.01 -38.03 -16.80
C SER M 17 27.52 -38.95 -17.92
N ALA M 18 26.67 -39.92 -17.58
CA ALA M 18 26.12 -40.81 -18.61
C ALA M 18 25.37 -40.01 -19.67
N PHE M 19 24.49 -39.11 -19.23
CA PHE M 19 23.83 -38.21 -20.18
C PHE M 19 24.81 -37.22 -20.79
N GLY M 20 25.84 -36.83 -20.04
CA GLY M 20 26.84 -35.93 -20.57
C GLY M 20 27.57 -36.51 -21.77
N VAL M 21 27.69 -37.83 -21.83
CA VAL M 21 28.30 -38.48 -22.99
C VAL M 21 27.32 -38.48 -24.17
N VAL M 22 26.09 -38.92 -23.93
CA VAL M 22 25.13 -39.11 -25.02
C VAL M 22 24.76 -37.77 -25.65
N ILE M 23 24.25 -36.85 -24.84
CA ILE M 23 23.70 -35.60 -25.38
C ILE M 23 24.78 -34.82 -26.10
N LEU M 24 25.96 -34.69 -25.48
CA LEU M 24 27.05 -33.95 -26.11
C LEU M 24 27.45 -34.59 -27.44
N SER M 25 27.57 -35.92 -27.45
CA SER M 25 27.98 -36.60 -28.68
C SER M 25 26.98 -36.39 -29.79
N VAL M 26 25.68 -36.46 -29.47
CA VAL M 26 24.66 -36.21 -30.48
C VAL M 26 24.74 -34.78 -30.99
N ILE M 27 24.85 -33.82 -30.08
CA ILE M 27 24.98 -32.41 -30.48
C ILE M 27 26.16 -32.24 -31.42
N ALA M 28 27.31 -32.83 -31.07
CA ALA M 28 28.49 -32.73 -31.92
C ALA M 28 28.21 -33.28 -33.31
N HIS M 29 27.48 -34.39 -33.40
CA HIS M 29 27.20 -34.99 -34.70
C HIS M 29 26.35 -34.06 -35.56
N LEU M 30 25.34 -33.42 -34.98
CA LEU M 30 24.53 -32.49 -35.76
C LEU M 30 25.35 -31.31 -36.24
N PHE M 31 26.22 -30.77 -35.37
CA PHE M 31 27.13 -29.71 -35.81
C PHE M 31 28.04 -30.19 -36.93
N ASN M 32 28.61 -31.39 -36.78
CA ASN M 32 29.54 -31.89 -37.78
C ASN M 32 28.87 -32.15 -39.12
N THR M 33 27.55 -32.31 -39.14
CA THR M 33 26.80 -32.49 -40.37
C THR M 33 26.05 -31.24 -40.78
N ASN M 34 26.30 -30.11 -40.13
CA ASN M 34 25.75 -28.83 -40.53
C ASN M 34 24.23 -28.89 -40.63
N HIS M 35 23.61 -29.41 -39.57
CA HIS M 35 22.16 -29.50 -39.53
C HIS M 35 21.54 -28.13 -39.33
N GLU M 36 20.43 -27.87 -40.04
CA GLU M 36 19.83 -26.55 -40.02
C GLU M 36 19.48 -26.10 -38.60
N SER M 37 19.09 -27.05 -37.73
CA SER M 37 18.65 -26.71 -36.39
C SER M 37 19.77 -26.18 -35.50
N PHE M 38 21.02 -26.24 -35.96
CA PHE M 38 22.14 -25.85 -35.11
C PHE M 38 23.03 -24.81 -35.76
N VAL M 39 23.05 -24.77 -37.10
CA VAL M 39 23.86 -23.80 -37.83
C VAL M 39 23.04 -23.00 -38.83
N GLY M 40 21.72 -23.16 -38.84
CA GLY M 40 20.91 -22.57 -39.90
C GLY M 40 20.86 -21.05 -39.87
N SER M 41 20.88 -20.46 -38.68
CA SER M 41 20.65 -19.03 -38.54
C SER M 41 21.97 -18.26 -38.63
N ILE M 42 21.86 -16.99 -39.03
CA ILE M 42 23.00 -16.08 -39.05
C ILE M 42 23.56 -15.85 -37.66
N ASN M 43 22.85 -16.27 -36.61
CA ASN M 43 23.32 -16.11 -35.24
C ASN M 43 24.04 -17.32 -34.70
N ASP M 44 23.89 -18.49 -35.33
CA ASP M 44 24.61 -19.67 -34.92
C ASP M 44 26.10 -19.53 -35.26
N PRO M 45 26.96 -20.30 -34.59
CA PRO M 45 28.39 -20.23 -34.88
C PRO M 45 28.69 -20.63 -36.33
N GLU M 46 29.78 -20.09 -36.86
CA GLU M 46 30.03 -20.10 -38.29
C GLU M 46 30.50 -21.45 -38.83
N ASP M 47 31.21 -22.25 -38.03
CA ASP M 47 31.94 -23.41 -38.56
C ASP M 47 31.56 -24.64 -37.72
N GLY M 48 30.70 -25.49 -38.29
CA GLY M 48 30.21 -26.66 -37.62
C GLY M 48 31.31 -27.55 -37.05
N PRO M 49 32.15 -28.10 -37.92
CA PRO M 49 33.18 -29.04 -37.45
C PRO M 49 34.06 -28.49 -36.34
N ALA M 50 34.31 -27.19 -36.34
CA ALA M 50 35.15 -26.61 -35.29
C ALA M 50 34.49 -26.72 -33.93
N VAL M 51 33.23 -26.30 -33.83
CA VAL M 51 32.49 -26.43 -32.58
C VAL M 51 32.22 -27.89 -32.27
N ALA M 52 31.95 -28.69 -33.31
CA ALA M 52 31.76 -30.12 -33.09
C ALA M 52 33.00 -30.74 -32.46
N HIS M 53 34.18 -30.39 -32.96
CA HIS M 53 35.41 -30.85 -32.35
C HIS M 53 35.52 -30.38 -30.90
N THR M 54 35.15 -29.13 -30.65
CA THR M 54 35.18 -28.63 -29.27
C THR M 54 34.24 -29.44 -28.37
N VAL M 55 33.05 -29.76 -28.87
CA VAL M 55 32.09 -30.51 -28.07
C VAL M 55 32.56 -31.95 -27.86
N TYR M 56 33.12 -32.56 -28.91
CA TYR M 56 33.58 -33.95 -28.79
C TYR M 56 34.56 -34.11 -27.64
N LEU M 57 35.47 -33.13 -27.48
CA LEU M 57 36.38 -33.17 -26.34
C LEU M 57 35.62 -33.18 -25.03
N ALA M 58 34.56 -32.36 -24.92
CA ALA M 58 33.76 -32.35 -23.71
C ALA M 58 33.10 -33.70 -23.48
N ALA M 59 32.63 -34.34 -24.55
CA ALA M 59 32.04 -35.68 -24.41
C ALA M 59 33.06 -36.66 -23.86
N LEU M 60 34.30 -36.61 -24.35
CA LEU M 60 35.33 -37.49 -23.83
C LEU M 60 35.60 -37.22 -22.36
N VAL M 61 35.59 -35.95 -21.95
CA VAL M 61 35.81 -35.62 -20.55
C VAL M 61 34.76 -36.32 -19.67
N TYR M 62 33.49 -36.23 -20.06
CA TYR M 62 32.45 -36.88 -19.29
C TYR M 62 32.61 -38.40 -19.29
N LEU M 63 33.11 -38.97 -20.39
CA LEU M 63 33.33 -40.41 -20.43
C LEU M 63 34.34 -40.84 -19.37
N VAL M 64 35.37 -40.03 -19.14
CA VAL M 64 36.35 -40.34 -18.11
C VAL M 64 35.68 -40.38 -16.74
N PHE M 65 34.86 -39.38 -16.44
CA PHE M 65 34.10 -39.39 -15.19
C PHE M 65 33.20 -40.61 -15.11
N PHE M 66 32.57 -40.97 -16.24
CA PHE M 66 31.62 -42.07 -16.24
C PHE M 66 32.30 -43.38 -15.87
N VAL M 67 33.38 -43.72 -16.57
CA VAL M 67 34.04 -45.01 -16.32
C VAL M 67 34.69 -45.03 -14.94
N PHE M 68 35.22 -43.90 -14.48
CA PHE M 68 35.82 -43.87 -13.15
C PHE M 68 34.77 -44.13 -12.07
N CYS M 69 33.68 -43.39 -12.11
CA CYS M 69 32.61 -43.60 -11.13
C CYS M 69 31.97 -44.97 -11.25
N GLY M 70 32.12 -45.64 -12.40
CA GLY M 70 31.63 -47.00 -12.52
C GLY M 70 32.22 -47.92 -11.47
N PHE M 71 33.52 -47.79 -11.22
CA PHE M 71 34.14 -48.54 -10.13
C PHE M 71 33.57 -48.14 -8.78
N GLN M 72 33.36 -46.84 -8.57
CA GLN M 72 32.93 -46.36 -7.25
C GLN M 72 31.57 -46.92 -6.86
N VAL M 73 30.68 -47.09 -7.83
CA VAL M 73 29.39 -47.73 -7.54
C VAL M 73 29.53 -49.25 -7.51
N TYR M 74 30.50 -49.80 -8.25
CA TYR M 74 30.65 -51.24 -8.32
C TYR M 74 31.23 -51.83 -7.04
N LEU M 75 32.26 -51.19 -6.48
CA LEU M 75 32.93 -51.72 -5.29
C LEU M 75 32.07 -51.52 -4.05
N GLN N 1 -41.19 56.42 -14.64
CA GLN N 1 -41.13 56.11 -16.10
C GLN N 1 -39.74 56.38 -16.67
N VAL N 2 -39.26 55.45 -17.48
CA VAL N 2 -37.97 55.59 -18.13
C VAL N 2 -38.06 56.64 -19.23
N GLN N 3 -37.06 57.51 -19.31
CA GLN N 3 -37.01 58.50 -20.38
C GLN N 3 -35.56 58.85 -20.68
N LEU N 4 -35.33 59.27 -21.92
CA LEU N 4 -34.02 59.71 -22.38
C LEU N 4 -34.21 60.92 -23.28
N GLN N 5 -33.17 61.75 -23.35
CA GLN N 5 -33.20 62.96 -24.17
C GLN N 5 -31.81 63.19 -24.77
N GLU N 6 -31.72 63.12 -26.09
CA GLU N 6 -30.46 63.36 -26.77
C GLU N 6 -30.15 64.85 -26.85
N SER N 7 -28.93 65.15 -27.29
CA SER N 7 -28.52 66.51 -27.56
C SER N 7 -27.37 66.47 -28.57
N GLY N 8 -27.07 67.64 -29.13
CA GLY N 8 -26.02 67.76 -30.13
C GLY N 8 -26.55 67.74 -31.55
N GLY N 9 -25.73 67.28 -32.49
CA GLY N 9 -26.16 67.16 -33.87
C GLY N 9 -25.93 68.43 -34.67
N GLY N 10 -26.59 68.50 -35.82
CA GLY N 10 -26.51 69.64 -36.70
C GLY N 10 -25.57 69.41 -37.87
N LEU N 11 -25.40 70.47 -38.66
CA LEU N 11 -24.55 70.43 -39.84
C LEU N 11 -23.08 70.53 -39.46
N VAL N 12 -22.25 69.78 -40.18
CA VAL N 12 -20.80 69.89 -40.06
C VAL N 12 -20.18 69.52 -41.39
N GLN N 13 -19.03 70.13 -41.67
CA GLN N 13 -18.31 69.85 -42.91
C GLN N 13 -17.70 68.46 -42.87
N PRO N 14 -17.52 67.82 -44.03
CA PRO N 14 -16.76 66.57 -44.07
C PRO N 14 -15.37 66.75 -43.48
N GLY N 15 -14.90 65.73 -42.76
CA GLY N 15 -13.63 65.79 -42.08
C GLY N 15 -13.68 66.47 -40.72
N GLY N 16 -14.83 66.98 -40.30
CA GLY N 16 -14.96 67.68 -39.04
C GLY N 16 -15.15 66.74 -37.87
N SER N 17 -15.58 67.32 -36.75
CA SER N 17 -15.78 66.59 -35.51
C SER N 17 -17.01 67.13 -34.80
N LEU N 18 -17.59 66.29 -33.95
CA LEU N 18 -18.82 66.62 -33.25
C LEU N 18 -18.96 65.71 -32.05
N ARG N 19 -19.73 66.16 -31.05
CA ARG N 19 -19.99 65.39 -29.85
C ARG N 19 -21.49 65.27 -29.64
N LEU N 20 -21.99 64.05 -29.61
CA LEU N 20 -23.38 63.78 -29.26
C LEU N 20 -23.49 63.56 -27.75
N SER N 21 -24.68 63.80 -27.21
CA SER N 21 -24.92 63.66 -25.79
C SER N 21 -26.33 63.16 -25.55
N CYS N 22 -26.55 62.57 -24.38
CA CYS N 22 -27.83 61.99 -24.04
C CYS N 22 -27.95 61.84 -22.53
N VAL N 23 -29.01 62.41 -21.96
CA VAL N 23 -29.29 62.32 -20.53
C VAL N 23 -30.43 61.35 -20.30
N ALA N 24 -30.31 60.54 -19.26
CA ALA N 24 -31.29 59.51 -18.92
C ALA N 24 -31.83 59.73 -17.52
N SER N 25 -33.04 59.21 -17.28
CA SER N 25 -33.67 59.31 -15.97
C SER N 25 -34.67 58.18 -15.82
N GLY N 26 -35.06 57.92 -14.57
CA GLY N 26 -36.08 56.94 -14.26
C GLY N 26 -35.58 55.54 -13.95
N PHE N 27 -34.28 55.29 -14.07
CA PHE N 27 -33.73 53.98 -13.78
C PHE N 27 -32.28 54.13 -13.36
N THR N 28 -31.74 53.06 -12.76
CA THR N 28 -30.38 53.09 -12.26
C THR N 28 -29.40 53.05 -13.42
N PHE N 29 -29.01 54.24 -13.91
CA PHE N 29 -28.18 54.34 -15.11
C PHE N 29 -26.89 53.58 -14.99
N SER N 30 -26.40 53.36 -13.76
CA SER N 30 -25.14 52.64 -13.54
C SER N 30 -25.30 51.14 -13.61
N ARG N 31 -26.50 50.62 -13.86
CA ARG N 31 -26.75 49.18 -13.86
C ARG N 31 -27.02 48.61 -15.23
N TYR N 32 -27.11 49.42 -16.28
CA TYR N 32 -27.44 48.97 -17.62
C TYR N 32 -26.41 49.43 -18.62
N ALA N 33 -26.17 48.61 -19.64
CA ALA N 33 -25.38 49.03 -20.78
C ALA N 33 -26.17 50.00 -21.65
N MET N 34 -25.45 50.80 -22.44
CA MET N 34 -26.07 51.79 -23.30
C MET N 34 -25.48 51.68 -24.70
N THR N 35 -26.29 52.03 -25.71
CA THR N 35 -25.91 51.86 -27.10
C THR N 35 -26.38 53.05 -27.92
N TRP N 36 -25.69 53.29 -29.03
CA TRP N 36 -26.08 54.30 -30.01
C TRP N 36 -26.50 53.61 -31.29
N VAL N 37 -27.68 54.00 -31.80
CA VAL N 37 -28.19 53.48 -33.07
C VAL N 37 -28.63 54.65 -33.93
N ARG N 38 -28.57 54.47 -35.24
CA ARG N 38 -28.90 55.51 -36.18
C ARG N 38 -29.71 54.94 -37.33
N GLN N 39 -30.65 55.74 -37.82
CA GLN N 39 -31.41 55.44 -39.03
C GLN N 39 -30.89 56.32 -40.15
N ALA N 40 -30.61 55.72 -41.30
CA ALA N 40 -29.87 56.36 -42.38
C ALA N 40 -30.67 56.30 -43.68
N PRO N 41 -30.38 57.20 -44.62
CA PRO N 41 -31.12 57.19 -45.90
C PRO N 41 -31.00 55.84 -46.59
N GLY N 42 -32.17 55.26 -46.90
CA GLY N 42 -32.22 53.95 -47.52
C GLY N 42 -32.12 52.80 -46.56
N LYS N 43 -32.17 53.04 -45.25
CA LYS N 43 -32.02 51.99 -44.26
C LYS N 43 -33.02 52.17 -43.14
N GLY N 44 -33.18 51.11 -42.35
CA GLY N 44 -33.76 51.19 -41.02
C GLY N 44 -32.69 51.56 -40.01
N LEU N 45 -32.89 51.10 -38.77
CA LEU N 45 -31.91 51.32 -37.72
C LEU N 45 -30.68 50.44 -37.93
N GLU N 46 -29.51 51.00 -37.65
CA GLU N 46 -28.27 50.24 -37.65
C GLU N 46 -27.49 50.50 -36.36
N TRP N 47 -26.72 49.49 -35.97
CA TRP N 47 -25.95 49.51 -34.73
C TRP N 47 -24.69 50.35 -34.91
N VAL N 48 -24.46 51.29 -33.99
CA VAL N 48 -23.27 52.14 -34.06
C VAL N 48 -22.26 51.66 -33.02
N SER N 49 -22.60 51.79 -31.75
CA SER N 49 -21.66 51.43 -30.69
C SER N 49 -22.43 51.18 -29.41
N ASP N 50 -21.78 50.47 -28.49
CA ASP N 50 -22.36 50.15 -27.19
C ASP N 50 -21.24 50.12 -26.16
N ILE N 51 -21.60 50.43 -24.91
CA ILE N 51 -20.64 50.57 -23.83
C ILE N 51 -21.22 49.93 -22.58
N SER N 52 -20.38 49.20 -21.84
CA SER N 52 -20.84 48.53 -20.64
C SER N 52 -21.15 49.55 -19.54
N SER N 53 -21.62 49.03 -18.41
CA SER N 53 -21.98 49.88 -17.28
C SER N 53 -20.75 50.60 -16.71
N GLY N 54 -19.58 49.97 -16.76
CA GLY N 54 -18.39 50.56 -16.17
C GLY N 54 -17.51 51.27 -17.17
N GLY N 55 -17.81 51.13 -18.46
CA GLY N 55 -17.01 51.74 -19.50
C GLY N 55 -15.70 51.02 -19.80
N SER N 56 -15.38 49.96 -19.05
CA SER N 56 -14.16 49.22 -19.30
C SER N 56 -14.20 48.42 -20.59
N SER N 57 -15.40 48.18 -21.14
CA SER N 57 -15.57 47.35 -22.32
C SER N 57 -16.45 48.09 -23.32
N THR N 58 -16.11 47.98 -24.60
CA THR N 58 -16.74 48.79 -25.62
C THR N 58 -16.69 48.06 -26.95
N PHE N 59 -17.67 48.36 -27.81
CA PHE N 59 -17.76 47.78 -29.14
C PHE N 59 -18.08 48.87 -30.14
N TYR N 60 -17.45 48.79 -31.32
CA TYR N 60 -17.72 49.71 -32.42
C TYR N 60 -18.06 48.91 -33.67
N THR N 61 -19.08 49.36 -34.39
CA THR N 61 -19.36 48.78 -35.71
C THR N 61 -18.20 49.08 -36.65
N ASP N 62 -17.92 48.14 -37.56
CA ASP N 62 -16.77 48.26 -38.45
C ASP N 62 -16.79 49.57 -39.23
N SER N 63 -17.98 50.07 -39.56
CA SER N 63 -18.08 51.33 -40.30
C SER N 63 -17.36 52.46 -39.57
N VAL N 64 -17.47 52.48 -38.25
CA VAL N 64 -16.96 53.57 -37.42
C VAL N 64 -15.82 53.12 -36.52
N LYS N 65 -15.15 52.03 -36.87
CA LYS N 65 -14.18 51.42 -35.95
C LYS N 65 -13.16 52.43 -35.46
N GLY N 66 -12.57 53.21 -36.37
CA GLY N 66 -11.58 54.20 -36.00
C GLY N 66 -12.14 55.62 -36.04
N ARG N 67 -13.45 55.74 -36.22
CA ARG N 67 -14.08 57.03 -36.46
C ARG N 67 -14.64 57.67 -35.19
N PHE N 68 -15.23 56.87 -34.30
CA PHE N 68 -15.90 57.39 -33.11
C PHE N 68 -15.28 56.83 -31.85
N THR N 69 -15.62 57.46 -30.74
CA THR N 69 -15.39 56.91 -29.41
C THR N 69 -16.61 57.20 -28.55
N ILE N 70 -16.89 56.28 -27.62
CA ILE N 70 -18.09 56.32 -26.80
C ILE N 70 -17.69 56.37 -25.33
N SER N 71 -18.48 57.07 -24.53
CA SER N 71 -18.15 57.23 -23.12
C SER N 71 -19.40 57.58 -22.33
N ARG N 72 -19.29 57.45 -21.00
CA ARG N 72 -20.38 57.74 -20.10
C ARG N 72 -19.83 58.36 -18.83
N ASP N 73 -20.75 58.90 -18.01
CA ASP N 73 -20.42 59.34 -16.65
C ASP N 73 -21.57 58.92 -15.75
N ASN N 74 -21.34 57.92 -14.90
CA ASN N 74 -22.41 57.42 -14.05
C ASN N 74 -22.82 58.41 -12.97
N ALA N 75 -21.99 59.43 -12.70
CA ALA N 75 -22.31 60.36 -11.63
C ALA N 75 -23.50 61.25 -11.95
N LYS N 76 -23.82 61.45 -13.24
CA LYS N 76 -24.94 62.32 -13.59
C LYS N 76 -25.78 61.75 -14.73
N ASN N 77 -25.85 60.42 -14.87
CA ASN N 77 -26.76 59.76 -15.79
C ASN N 77 -26.66 60.35 -17.20
N THR N 78 -25.45 60.35 -17.75
CA THR N 78 -25.19 60.95 -19.05
C THR N 78 -24.36 60.01 -19.91
N LEU N 79 -24.61 60.06 -21.22
CA LEU N 79 -23.94 59.22 -22.20
C LEU N 79 -23.47 60.10 -23.34
N TYR N 80 -22.35 59.71 -23.97
CA TYR N 80 -21.74 60.52 -25.01
C TYR N 80 -21.31 59.65 -26.18
N LEU N 81 -21.20 60.31 -27.35
CA LEU N 81 -20.51 59.75 -28.50
C LEU N 81 -19.70 60.87 -29.14
N GLN N 82 -18.42 60.61 -29.37
CA GLN N 82 -17.51 61.61 -29.94
C GLN N 82 -17.26 61.27 -31.41
N MET N 83 -17.46 62.25 -32.28
CA MET N 83 -17.37 62.07 -33.73
C MET N 83 -16.13 62.78 -34.25
N ASN N 84 -15.34 62.09 -35.06
CA ASN N 84 -14.14 62.64 -35.65
C ASN N 84 -14.04 62.21 -37.11
N SER N 85 -13.58 63.11 -37.97
CA SER N 85 -13.39 62.84 -39.39
C SER N 85 -14.67 62.25 -40.00
N LEU N 86 -15.78 62.94 -39.79
CA LEU N 86 -17.06 62.51 -40.34
C LEU N 86 -17.00 62.47 -41.86
N LYS N 87 -17.79 61.58 -42.43
CA LYS N 87 -17.93 61.42 -43.87
C LYS N 87 -19.41 61.48 -44.23
N PRO N 88 -19.73 61.76 -45.50
CA PRO N 88 -21.15 61.88 -45.89
C PRO N 88 -22.02 60.73 -45.40
N ASP N 89 -21.50 59.49 -45.41
CA ASP N 89 -22.33 58.34 -45.02
C ASP N 89 -22.85 58.47 -43.59
N ASP N 90 -22.19 59.26 -42.75
CA ASP N 90 -22.64 59.44 -41.37
C ASP N 90 -23.91 60.28 -41.27
N THR N 91 -24.39 60.85 -42.38
CA THR N 91 -25.59 61.66 -42.36
C THR N 91 -26.77 60.77 -41.99
N ALA N 92 -27.27 60.91 -40.77
CA ALA N 92 -28.31 60.05 -40.26
C ALA N 92 -28.91 60.68 -39.00
N ILE N 93 -29.98 60.08 -38.52
CA ILE N 93 -30.63 60.48 -37.27
C ILE N 93 -30.30 59.43 -36.22
N TYR N 94 -29.80 59.89 -35.07
CA TYR N 94 -29.21 59.01 -34.07
C TYR N 94 -30.09 58.94 -32.82
N PHE N 95 -29.98 57.82 -32.11
CA PHE N 95 -30.69 57.63 -30.85
C PHE N 95 -29.76 57.01 -29.81
N CYS N 96 -29.96 57.37 -28.55
CA CYS N 96 -29.43 56.62 -27.43
C CYS N 96 -30.50 55.67 -26.90
N ALA N 97 -30.07 54.49 -26.48
CA ALA N 97 -31.00 53.43 -26.11
C ALA N 97 -30.56 52.76 -24.82
N LYS N 98 -31.53 52.37 -23.99
CA LYS N 98 -31.26 51.63 -22.78
C LYS N 98 -31.01 50.16 -23.13
N GLY N 99 -29.80 49.68 -22.89
CA GLY N 99 -29.41 48.34 -23.27
C GLY N 99 -29.75 47.30 -22.22
N VAL N 100 -29.13 46.13 -22.37
CA VAL N 100 -29.33 45.00 -21.47
C VAL N 100 -28.58 45.24 -20.15
N PRO N 101 -28.91 44.51 -19.09
CA PRO N 101 -28.23 44.74 -17.81
C PRO N 101 -26.72 44.55 -17.93
N SER N 102 -25.97 45.44 -17.26
CA SER N 102 -24.53 45.34 -17.12
C SER N 102 -23.75 45.39 -18.44
N TYR N 103 -23.87 44.36 -19.28
CA TYR N 103 -23.03 44.33 -20.47
C TYR N 103 -23.65 43.41 -21.51
N TYR N 104 -23.22 43.60 -22.76
CA TYR N 104 -23.74 42.88 -23.91
C TYR N 104 -22.92 41.63 -24.19
N SER N 105 -23.59 40.49 -24.30
CA SER N 105 -22.99 39.32 -24.91
C SER N 105 -23.15 39.40 -26.43
N ASP N 106 -22.35 38.59 -27.13
CA ASP N 106 -22.38 38.65 -28.60
C ASP N 106 -23.76 38.35 -29.13
N TYR N 107 -24.45 37.36 -28.56
CA TYR N 107 -25.76 36.99 -29.07
C TYR N 107 -26.76 38.14 -28.94
N GLU N 108 -26.75 38.83 -27.80
CA GLU N 108 -27.62 39.99 -27.63
C GLU N 108 -27.30 41.07 -28.65
N ARG N 109 -26.01 41.29 -28.93
CA ARG N 109 -25.61 42.34 -29.84
C ARG N 109 -26.11 42.07 -31.26
N ARG N 110 -25.83 40.87 -31.79
CA ARG N 110 -26.29 40.56 -33.14
C ARG N 110 -27.80 40.42 -33.21
N SER N 111 -28.47 40.24 -32.07
CA SER N 111 -29.92 40.32 -32.00
C SER N 111 -30.42 41.76 -31.94
N LYS N 112 -29.51 42.74 -31.83
CA LYS N 112 -29.89 44.15 -31.79
C LYS N 112 -30.88 44.43 -30.67
N ARG N 113 -30.66 43.80 -29.53
CA ARG N 113 -31.55 43.94 -28.38
C ARG N 113 -31.36 45.30 -27.72
N TYR N 114 -32.47 46.00 -27.51
CA TYR N 114 -32.49 47.16 -26.62
C TYR N 114 -33.90 47.31 -26.07
N ASP N 115 -33.99 47.93 -24.89
CA ASP N 115 -35.25 47.98 -24.16
C ASP N 115 -36.03 49.27 -24.35
N SER N 116 -35.34 50.38 -24.60
CA SER N 116 -36.02 51.65 -24.88
C SER N 116 -35.08 52.55 -25.67
N ARG N 117 -35.67 53.44 -26.46
CA ARG N 117 -34.92 54.32 -27.33
C ARG N 117 -35.41 55.75 -27.16
N GLY N 118 -34.48 56.70 -27.29
CA GLY N 118 -34.78 58.10 -27.08
C GLY N 118 -35.44 58.76 -28.27
N GLN N 119 -35.21 60.07 -28.40
CA GLN N 119 -35.79 60.88 -29.46
C GLN N 119 -34.69 61.21 -30.46
N GLY N 120 -34.96 60.93 -31.74
CA GLY N 120 -33.96 61.06 -32.78
C GLY N 120 -33.35 62.44 -32.90
N THR N 121 -32.02 62.51 -32.96
CA THR N 121 -31.29 63.75 -33.15
C THR N 121 -30.36 63.56 -34.34
N GLN N 122 -30.43 64.47 -35.30
CA GLN N 122 -29.81 64.27 -36.60
C GLN N 122 -28.51 65.06 -36.75
N VAL N 123 -27.56 64.47 -37.48
CA VAL N 123 -26.35 65.13 -37.93
C VAL N 123 -26.25 64.95 -39.44
N THR N 124 -25.81 66.00 -40.13
CA THR N 124 -25.58 65.94 -41.56
C THR N 124 -24.18 66.44 -41.86
N VAL N 125 -23.48 65.74 -42.74
CA VAL N 125 -22.08 66.01 -42.98
C VAL N 125 -21.90 66.78 -44.30
N GLN O 1 13.71 71.89 3.52
CA GLN O 1 13.50 72.45 2.15
C GLN O 1 14.01 71.49 1.09
N VAL O 2 13.42 71.58 -0.10
CA VAL O 2 13.78 70.73 -1.23
C VAL O 2 14.08 71.63 -2.41
N GLN O 3 15.17 71.32 -3.13
CA GLN O 3 15.64 72.19 -4.19
C GLN O 3 16.08 71.36 -5.40
N LEU O 4 15.75 71.87 -6.59
CA LEU O 4 16.20 71.30 -7.85
C LEU O 4 16.73 72.43 -8.72
N GLN O 5 17.66 72.09 -9.61
CA GLN O 5 18.28 73.10 -10.47
C GLN O 5 18.69 72.47 -11.79
N GLU O 6 18.11 72.96 -12.88
CA GLU O 6 18.52 72.53 -14.20
C GLU O 6 19.87 73.14 -14.57
N SER O 7 20.49 72.57 -15.61
CA SER O 7 21.66 73.15 -16.22
C SER O 7 21.63 72.83 -17.70
N GLY O 8 22.34 73.65 -18.48
CA GLY O 8 22.28 73.57 -19.93
C GLY O 8 21.12 74.37 -20.50
N GLY O 9 21.15 74.53 -21.81
CA GLY O 9 20.12 75.28 -22.52
C GLY O 9 20.71 76.21 -23.55
N GLY O 10 19.91 76.53 -24.57
CA GLY O 10 20.33 77.44 -25.61
C GLY O 10 19.77 77.07 -26.97
N LEU O 11 20.19 77.78 -28.00
CA LEU O 11 19.69 77.54 -29.35
C LEU O 11 20.42 76.37 -29.99
N VAL O 12 19.68 75.55 -30.73
CA VAL O 12 20.21 74.41 -31.46
C VAL O 12 19.56 74.38 -32.83
N GLN O 13 20.13 73.59 -33.73
CA GLN O 13 19.57 73.46 -35.06
C GLN O 13 19.26 71.99 -35.37
N PRO O 14 18.35 71.74 -36.30
CA PRO O 14 17.83 70.37 -36.48
C PRO O 14 18.94 69.36 -36.70
N GLY O 15 18.75 68.17 -36.13
CA GLY O 15 19.76 67.13 -36.16
C GLY O 15 20.78 67.22 -35.04
N GLY O 16 20.73 68.27 -34.23
CA GLY O 16 21.70 68.48 -33.18
C GLY O 16 21.38 67.72 -31.91
N SER O 17 22.23 67.94 -30.90
CA SER O 17 22.11 67.29 -29.60
C SER O 17 22.45 68.30 -28.50
N LEU O 18 21.73 68.21 -27.39
CA LEU O 18 21.98 69.07 -26.24
C LEU O 18 21.54 68.34 -24.98
N ARG O 19 22.50 67.76 -24.26
CA ARG O 19 22.23 67.01 -23.04
C ARG O 19 21.99 67.99 -21.89
N LEU O 20 20.72 68.14 -21.50
CA LEU O 20 20.42 68.90 -20.30
C LEU O 20 20.77 68.12 -19.05
N SER O 21 21.04 68.84 -17.97
CA SER O 21 21.42 68.24 -16.69
C SER O 21 20.53 68.79 -15.58
N CYS O 22 20.30 67.96 -14.57
CA CYS O 22 19.50 68.33 -13.41
C CYS O 22 20.19 67.81 -12.15
N VAL O 23 20.18 68.65 -11.11
CA VAL O 23 20.74 68.29 -9.81
C VAL O 23 19.72 68.66 -8.74
N ALA O 24 19.65 67.84 -7.70
CA ALA O 24 18.64 67.99 -6.67
C ALA O 24 19.25 67.75 -5.30
N SER O 25 18.58 68.26 -4.28
CA SER O 25 19.03 68.11 -2.90
C SER O 25 17.83 68.27 -1.97
N GLY O 26 18.02 67.87 -0.72
CA GLY O 26 17.00 68.02 0.30
C GLY O 26 16.13 66.81 0.53
N PHE O 27 16.38 65.70 -0.17
CA PHE O 27 15.58 64.49 0.00
C PHE O 27 16.43 63.29 -0.42
N THR O 28 16.02 62.11 0.03
CA THR O 28 16.74 60.89 -0.29
C THR O 28 16.53 60.54 -1.76
N PHE O 29 17.44 61.03 -2.60
CA PHE O 29 17.24 61.06 -4.04
C PHE O 29 16.91 59.68 -4.60
N SER O 30 17.56 58.64 -4.09
CA SER O 30 17.40 57.30 -4.66
C SER O 30 16.04 56.68 -4.39
N ARG O 31 15.17 57.33 -3.62
CA ARG O 31 13.89 56.77 -3.23
C ARG O 31 12.73 57.26 -4.09
N TYR O 32 12.95 58.15 -5.04
CA TYR O 32 11.88 58.81 -5.78
C TYR O 32 12.08 58.68 -7.29
N ALA O 33 10.98 58.54 -8.01
CA ALA O 33 11.01 58.66 -9.46
C ALA O 33 11.20 60.12 -9.87
N MET O 34 11.64 60.32 -11.11
CA MET O 34 11.90 61.66 -11.63
C MET O 34 11.34 61.77 -13.04
N THR O 35 11.00 63.01 -13.42
CA THR O 35 10.38 63.26 -14.72
C THR O 35 10.91 64.57 -15.30
N TRP O 36 10.87 64.66 -16.63
CA TRP O 36 11.11 65.89 -17.36
C TRP O 36 9.81 66.33 -18.02
N VAL O 37 9.46 67.60 -17.88
CA VAL O 37 8.29 68.16 -18.52
C VAL O 37 8.68 69.46 -19.22
N ARG O 38 7.93 69.80 -20.27
CA ARG O 38 8.25 70.96 -21.10
C ARG O 38 6.98 71.73 -21.41
N GLN O 39 7.17 72.99 -21.79
CA GLN O 39 6.08 73.88 -22.22
C GLN O 39 6.53 74.59 -23.49
N ALA O 40 5.97 74.18 -24.62
CA ALA O 40 6.26 74.86 -25.88
C ALA O 40 5.45 76.15 -25.98
N PRO O 41 5.94 77.14 -26.70
CA PRO O 41 5.17 78.38 -26.87
C PRO O 41 3.77 78.10 -27.42
N GLY O 42 2.79 78.77 -26.84
CA GLY O 42 1.40 78.59 -27.26
C GLY O 42 0.74 77.34 -26.76
N LYS O 43 1.38 76.60 -25.83
CA LYS O 43 0.83 75.36 -25.32
C LYS O 43 1.12 75.27 -23.83
N GLY O 44 0.42 74.34 -23.17
CA GLY O 44 0.59 74.12 -21.75
C GLY O 44 1.72 73.16 -21.44
N LEU O 45 1.78 72.76 -20.18
CA LEU O 45 2.79 71.81 -19.74
C LEU O 45 2.59 70.45 -20.41
N GLU O 46 3.70 69.81 -20.77
CA GLU O 46 3.67 68.57 -21.53
C GLU O 46 4.65 67.56 -20.96
N TRP O 47 4.21 66.31 -20.88
CA TRP O 47 5.02 65.22 -20.36
C TRP O 47 6.08 64.82 -21.39
N VAL O 48 7.34 64.75 -20.96
CA VAL O 48 8.42 64.34 -21.86
C VAL O 48 8.81 62.90 -21.55
N SER O 49 9.35 62.67 -20.36
CA SER O 49 9.78 61.34 -19.97
C SER O 49 9.85 61.26 -18.45
N ASP O 50 9.88 60.03 -17.96
CA ASP O 50 10.04 59.77 -16.53
C ASP O 50 10.84 58.48 -16.36
N ILE O 51 11.52 58.39 -15.22
CA ILE O 51 12.48 57.32 -14.96
C ILE O 51 12.28 56.83 -13.52
N SER O 52 12.37 55.52 -13.33
CA SER O 52 12.13 54.93 -12.03
C SER O 52 13.31 55.19 -11.09
N SER O 53 13.16 54.73 -9.85
CA SER O 53 14.22 54.91 -8.84
C SER O 53 15.49 54.18 -9.23
N GLY O 54 15.37 52.94 -9.70
CA GLY O 54 16.53 52.15 -10.08
C GLY O 54 17.02 52.37 -11.48
N GLY O 55 16.34 53.20 -12.27
CA GLY O 55 16.71 53.45 -13.65
C GLY O 55 16.44 52.30 -14.60
N SER O 56 15.83 51.21 -14.13
CA SER O 56 15.59 50.05 -14.97
C SER O 56 14.33 50.15 -15.80
N SER O 57 13.44 51.11 -15.50
CA SER O 57 12.17 51.24 -16.19
C SER O 57 12.00 52.69 -16.62
N THR O 58 11.52 52.89 -17.84
CA THR O 58 11.49 54.21 -18.46
C THR O 58 10.21 54.36 -19.28
N PHE O 59 9.77 55.62 -19.42
CA PHE O 59 8.64 55.96 -20.28
C PHE O 59 9.00 57.17 -21.11
N TYR O 60 8.59 57.16 -22.38
CA TYR O 60 8.81 58.27 -23.29
C TYR O 60 7.48 58.70 -23.92
N THR O 61 7.30 60.01 -24.05
CA THR O 61 6.20 60.51 -24.86
C THR O 61 6.46 60.23 -26.33
N ASP O 62 5.39 60.00 -27.09
CA ASP O 62 5.52 59.61 -28.48
C ASP O 62 6.34 60.60 -29.30
N SER O 63 6.23 61.89 -28.99
CA SER O 63 6.99 62.90 -29.73
C SER O 63 8.49 62.68 -29.63
N VAL O 64 8.95 62.03 -28.57
CA VAL O 64 10.37 61.77 -28.36
C VAL O 64 10.69 60.29 -28.26
N LYS O 65 9.68 59.42 -28.29
CA LYS O 65 9.88 58.01 -28.01
C LYS O 65 10.92 57.38 -28.92
N GLY O 66 11.00 57.82 -30.18
CA GLY O 66 11.96 57.27 -31.10
C GLY O 66 13.34 57.90 -31.09
N ARG O 67 13.52 59.01 -30.37
CA ARG O 67 14.77 59.77 -30.48
C ARG O 67 15.53 59.87 -29.16
N PHE O 68 14.87 60.28 -28.09
CA PHE O 68 15.57 60.65 -26.87
C PHE O 68 15.95 59.42 -26.04
N THR O 69 16.76 59.69 -25.01
CA THR O 69 17.01 58.73 -23.93
C THR O 69 17.25 59.52 -22.66
N ILE O 70 16.96 58.88 -21.53
CA ILE O 70 17.00 59.52 -20.21
C ILE O 70 17.78 58.63 -19.26
N SER O 71 18.46 59.26 -18.30
CA SER O 71 19.30 58.52 -17.36
C SER O 71 19.42 59.29 -16.05
N ARG O 72 19.91 58.60 -15.03
CA ARG O 72 20.12 59.19 -13.72
C ARG O 72 21.31 58.53 -13.05
N ASP O 73 21.85 59.21 -12.04
CA ASP O 73 22.98 58.72 -11.25
C ASP O 73 22.66 58.96 -9.77
N ASN O 74 22.30 57.89 -9.07
CA ASN O 74 21.91 58.02 -7.67
C ASN O 74 23.10 58.34 -6.77
N ALA O 75 24.32 58.13 -7.24
CA ALA O 75 25.49 58.39 -6.40
C ALA O 75 25.73 59.88 -6.20
N LYS O 76 25.28 60.74 -7.12
CA LYS O 76 25.51 62.17 -7.00
C LYS O 76 24.28 62.99 -7.36
N ASN O 77 23.08 62.44 -7.15
CA ASN O 77 21.84 63.23 -7.15
C ASN O 77 21.71 64.05 -8.43
N THR O 78 21.70 63.38 -9.57
CA THR O 78 21.61 64.09 -10.84
C THR O 78 20.90 63.22 -11.88
N LEU O 79 20.39 63.90 -12.90
CA LEU O 79 19.68 63.28 -14.01
C LEU O 79 20.16 63.85 -15.32
N TYR O 80 19.94 63.11 -16.40
CA TYR O 80 20.33 63.54 -17.73
C TYR O 80 19.24 63.19 -18.74
N LEU O 81 18.99 64.11 -19.66
CA LEU O 81 18.12 63.87 -20.81
C LEU O 81 18.90 64.19 -22.07
N GLN O 82 18.94 63.24 -23.01
CA GLN O 82 19.89 63.32 -24.12
C GLN O 82 19.49 64.39 -25.14
N MET O 83 18.23 64.38 -25.58
CA MET O 83 17.75 65.32 -26.59
C MET O 83 18.62 65.27 -27.86
N ASN O 84 18.99 64.06 -28.27
CA ASN O 84 19.65 63.89 -29.56
C ASN O 84 18.64 63.90 -30.70
N SER O 85 19.13 64.06 -31.93
CA SER O 85 18.27 64.06 -33.11
C SER O 85 17.19 65.13 -32.98
N LEU O 86 17.61 66.33 -32.58
CA LEU O 86 16.69 67.40 -32.25
C LEU O 86 15.93 67.87 -33.49
N LYS O 87 14.71 68.33 -33.27
CA LYS O 87 13.84 68.88 -34.30
C LYS O 87 13.25 70.19 -33.81
N PRO O 88 12.82 71.06 -34.73
CA PRO O 88 12.34 72.39 -34.30
C PRO O 88 11.16 72.33 -33.36
N ASP O 89 10.26 71.36 -33.52
CA ASP O 89 9.12 71.24 -32.62
C ASP O 89 9.51 70.82 -31.21
N ASP O 90 10.79 70.55 -30.97
CA ASP O 90 11.30 70.34 -29.62
C ASP O 90 11.46 71.65 -28.86
N THR O 91 11.28 72.79 -29.52
CA THR O 91 11.44 74.09 -28.89
C THR O 91 10.50 74.23 -27.70
N ALA O 92 11.05 74.50 -26.53
CA ALA O 92 10.25 74.68 -25.33
C ALA O 92 11.17 75.04 -24.17
N ILE O 93 10.56 75.50 -23.08
CA ILE O 93 11.23 75.53 -21.79
C ILE O 93 11.03 74.18 -21.13
N TYR O 94 12.10 73.65 -20.54
CA TYR O 94 12.10 72.31 -19.95
C TYR O 94 12.27 72.42 -18.44
N PHE O 95 11.61 71.52 -17.71
CA PHE O 95 11.65 71.50 -16.25
C PHE O 95 12.01 70.11 -15.76
N CYS O 96 12.79 70.08 -14.67
CA CYS O 96 13.11 68.85 -13.97
C CYS O 96 12.30 68.78 -12.69
N ALA O 97 11.60 67.67 -12.48
CA ALA O 97 10.60 67.58 -11.43
C ALA O 97 10.78 66.31 -10.61
N LYS O 98 10.58 66.42 -9.30
CA LYS O 98 10.58 65.26 -8.42
C LYS O 98 9.25 64.52 -8.54
N GLY O 99 9.30 63.25 -8.92
CA GLY O 99 8.12 62.46 -9.16
C GLY O 99 7.61 61.75 -7.91
N VAL O 100 6.73 60.78 -8.14
CA VAL O 100 6.14 59.98 -7.07
C VAL O 100 7.20 59.04 -6.50
N PRO O 101 7.05 58.56 -5.27
CA PRO O 101 8.05 57.65 -4.70
C PRO O 101 8.14 56.34 -5.47
N SER O 102 9.33 55.76 -5.47
CA SER O 102 9.60 54.46 -6.09
C SER O 102 9.41 54.47 -7.59
N TYR O 103 8.17 54.48 -8.08
CA TYR O 103 7.95 54.43 -9.52
C TYR O 103 6.52 54.85 -9.85
N TYR O 104 6.32 55.18 -11.12
CA TYR O 104 5.05 55.70 -11.61
C TYR O 104 4.11 54.58 -12.03
N SER O 105 2.87 54.60 -11.52
CA SER O 105 1.80 53.88 -12.17
C SER O 105 1.23 54.73 -13.31
N ASP O 106 0.56 54.06 -14.26
CA ASP O 106 0.00 54.81 -15.37
C ASP O 106 -1.04 55.82 -14.91
N TYR O 107 -1.76 55.50 -13.83
CA TYR O 107 -2.73 56.43 -13.29
C TYR O 107 -2.06 57.71 -12.82
N GLU O 108 -0.94 57.57 -12.10
CA GLU O 108 -0.18 58.75 -11.69
C GLU O 108 0.40 59.47 -12.90
N ARG O 109 0.82 58.71 -13.92
CA ARG O 109 1.43 59.32 -15.08
C ARG O 109 0.42 60.12 -15.88
N ARG O 110 -0.75 59.54 -16.18
CA ARG O 110 -1.74 60.26 -16.96
C ARG O 110 -2.30 61.45 -16.20
N SER O 111 -2.27 61.40 -14.86
CA SER O 111 -2.63 62.56 -14.06
C SER O 111 -1.52 63.59 -14.00
N LYS O 112 -0.35 63.30 -14.57
CA LYS O 112 0.76 64.25 -14.59
C LYS O 112 1.11 64.71 -13.18
N ARG O 113 1.19 63.75 -12.27
CA ARG O 113 1.47 64.06 -10.87
C ARG O 113 2.97 64.27 -10.64
N TYR O 114 3.30 65.30 -9.86
CA TYR O 114 4.66 65.50 -9.39
C TYR O 114 4.62 66.39 -8.16
N ASP O 115 5.71 66.38 -7.41
CA ASP O 115 5.75 67.15 -6.16
C ASP O 115 6.24 68.58 -6.40
N SER O 116 7.31 68.76 -7.16
CA SER O 116 7.88 70.08 -7.36
C SER O 116 8.76 70.06 -8.61
N ARG O 117 9.07 71.27 -9.09
CA ARG O 117 9.94 71.46 -10.25
C ARG O 117 10.97 72.55 -9.94
N GLY O 118 12.07 72.50 -10.67
CA GLY O 118 13.03 73.58 -10.66
C GLY O 118 12.62 74.70 -11.59
N GLN O 119 13.40 75.78 -11.54
CA GLN O 119 13.23 76.90 -12.47
C GLN O 119 13.84 76.50 -13.81
N GLY O 120 12.98 76.22 -14.77
CA GLY O 120 13.39 75.53 -15.99
C GLY O 120 14.32 76.34 -16.85
N THR O 121 14.78 75.68 -17.91
CA THR O 121 15.73 76.22 -18.87
C THR O 121 15.19 76.03 -20.28
N GLN O 122 15.55 76.94 -21.18
CA GLN O 122 14.99 76.94 -22.53
C GLN O 122 15.86 76.18 -23.50
N VAL O 123 15.22 75.57 -24.49
CA VAL O 123 15.87 75.00 -25.67
C VAL O 123 15.12 75.51 -26.88
N THR O 124 15.85 75.98 -27.89
CA THR O 124 15.23 76.66 -29.02
C THR O 124 15.94 76.31 -30.32
N VAL O 125 15.25 76.61 -31.42
CA VAL O 125 15.81 76.44 -32.75
C VAL O 125 15.60 77.72 -33.54
N GLN P 1 52.14 31.59 -17.07
CA GLN P 1 52.46 32.22 -18.37
C GLN P 1 51.43 31.81 -19.43
N VAL P 2 51.30 32.63 -20.46
CA VAL P 2 50.33 32.38 -21.53
C VAL P 2 50.90 32.87 -22.85
N GLN P 3 50.56 32.17 -23.92
CA GLN P 3 50.96 32.56 -25.27
C GLN P 3 49.77 32.51 -26.21
N LEU P 4 49.65 33.53 -27.06
CA LEU P 4 48.73 33.51 -28.19
C LEU P 4 49.49 33.97 -29.43
N GLN P 5 49.33 33.24 -30.53
CA GLN P 5 49.95 33.59 -31.80
C GLN P 5 48.89 33.55 -32.89
N GLU P 6 48.66 34.69 -33.54
CA GLU P 6 47.74 34.74 -34.66
C GLU P 6 48.44 34.36 -35.95
N SER P 7 47.63 34.04 -36.96
CA SER P 7 48.15 33.72 -38.28
C SER P 7 47.12 34.12 -39.32
N GLY P 8 47.59 34.25 -40.56
CA GLY P 8 46.76 34.75 -41.65
C GLY P 8 47.06 36.20 -41.95
N GLY P 9 46.07 36.95 -42.42
CA GLY P 9 46.24 38.36 -42.68
C GLY P 9 46.90 38.63 -44.02
N GLY P 10 47.15 39.91 -44.26
CA GLY P 10 47.68 40.38 -45.52
C GLY P 10 46.68 41.22 -46.29
N LEU P 11 46.91 41.32 -47.59
CA LEU P 11 46.12 42.15 -48.48
C LEU P 11 45.15 41.28 -49.28
N VAL P 12 43.90 41.75 -49.41
CA VAL P 12 42.84 40.98 -50.03
C VAL P 12 42.05 41.89 -50.97
N GLN P 13 41.34 41.26 -51.90
CA GLN P 13 40.50 41.97 -52.85
C GLN P 13 39.48 42.82 -52.09
N PRO P 14 38.98 43.91 -52.69
CA PRO P 14 37.97 44.71 -51.99
C PRO P 14 36.74 43.91 -51.64
N GLY P 15 36.37 42.94 -52.48
CA GLY P 15 35.42 41.91 -52.12
C GLY P 15 36.11 40.57 -52.14
N GLY P 16 36.20 39.91 -50.99
CA GLY P 16 37.00 38.70 -50.89
C GLY P 16 36.75 37.86 -49.65
N SER P 17 37.77 37.13 -49.22
CA SER P 17 37.63 36.17 -48.13
C SER P 17 39.02 35.76 -47.65
N LEU P 18 39.21 35.77 -46.33
CA LEU P 18 40.49 35.35 -45.73
C LEU P 18 40.23 34.96 -44.27
N ARG P 19 40.24 33.65 -44.00
CA ARG P 19 39.98 33.17 -42.65
C ARG P 19 41.24 33.29 -41.79
N LEU P 20 41.11 33.94 -40.64
CA LEU P 20 42.20 34.07 -39.69
C LEU P 20 42.20 32.91 -38.71
N SER P 21 43.33 32.75 -38.02
CA SER P 21 43.48 31.66 -37.05
C SER P 21 44.38 32.11 -35.90
N CYS P 22 44.23 31.41 -34.77
CA CYS P 22 44.97 31.72 -33.55
C CYS P 22 45.28 30.43 -32.81
N VAL P 23 46.48 30.34 -32.24
CA VAL P 23 46.93 29.16 -31.51
C VAL P 23 47.37 29.58 -30.12
N ALA P 24 47.07 28.74 -29.14
CA ALA P 24 47.26 29.06 -27.74
C ALA P 24 48.04 27.96 -27.02
N SER P 25 48.74 28.36 -25.95
CA SER P 25 49.41 27.42 -25.07
C SER P 25 49.58 28.09 -23.70
N GLY P 26 49.89 27.28 -22.69
CA GLY P 26 50.12 27.76 -21.35
C GLY P 26 48.94 27.67 -20.41
N PHE P 27 47.76 27.32 -20.91
CA PHE P 27 46.57 27.22 -20.06
C PHE P 27 45.66 26.13 -20.61
N THR P 28 44.74 25.67 -19.77
CA THR P 28 43.79 24.64 -20.15
C THR P 28 42.77 25.21 -21.12
N PHE P 29 42.99 24.97 -22.41
CA PHE P 29 42.24 25.69 -23.44
C PHE P 29 40.74 25.40 -23.38
N SER P 30 40.36 24.18 -22.99
CA SER P 30 38.95 23.83 -22.92
C SER P 30 38.22 24.55 -21.80
N ARG P 31 38.95 25.17 -20.87
CA ARG P 31 38.35 25.78 -19.69
C ARG P 31 37.92 27.23 -19.91
N TYR P 32 38.27 27.85 -21.03
CA TYR P 32 38.10 29.29 -21.21
C TYR P 32 37.34 29.61 -22.49
N ALA P 33 36.54 30.66 -22.44
CA ALA P 33 36.00 31.27 -23.64
C ALA P 33 37.09 32.06 -24.36
N MET P 34 36.84 32.40 -25.62
CA MET P 34 37.78 33.15 -26.43
C MET P 34 37.04 34.23 -27.21
N THR P 35 37.79 35.27 -27.60
CA THR P 35 37.18 36.39 -28.32
C THR P 35 38.20 36.99 -29.28
N TRP P 36 37.68 37.62 -30.33
CA TRP P 36 38.48 38.37 -31.29
C TRP P 36 38.15 39.84 -31.19
N VAL P 37 39.17 40.69 -31.21
CA VAL P 37 38.99 42.13 -31.21
C VAL P 37 39.83 42.74 -32.34
N ARG P 38 39.40 43.88 -32.84
CA ARG P 38 40.06 44.56 -33.95
C ARG P 38 40.14 46.04 -33.66
N GLN P 39 41.11 46.70 -34.29
CA GLN P 39 41.34 48.13 -34.13
C GLN P 39 41.55 48.76 -35.49
N ALA P 40 40.75 49.77 -35.82
CA ALA P 40 41.01 50.60 -36.98
C ALA P 40 41.93 51.75 -36.59
N PRO P 41 42.61 52.37 -37.56
CA PRO P 41 43.59 53.42 -37.23
C PRO P 41 43.03 54.48 -36.29
N GLY P 42 43.64 54.61 -35.11
CA GLY P 42 43.25 55.62 -34.15
C GLY P 42 42.00 55.31 -33.34
N LYS P 43 41.28 54.25 -33.67
CA LYS P 43 40.07 53.91 -32.93
C LYS P 43 40.39 52.99 -31.76
N GLY P 44 39.42 52.90 -30.85
CA GLY P 44 39.52 51.94 -29.76
C GLY P 44 39.23 50.53 -30.23
N LEU P 45 39.42 49.58 -29.31
CA LEU P 45 39.25 48.18 -29.63
C LEU P 45 37.78 47.85 -29.88
N GLU P 46 37.48 47.36 -31.08
CA GLU P 46 36.14 46.87 -31.39
C GLU P 46 36.01 45.40 -30.98
N TRP P 47 34.93 45.09 -30.29
CA TRP P 47 34.58 43.70 -30.04
C TRP P 47 34.08 43.07 -31.33
N VAL P 48 34.72 41.99 -31.78
CA VAL P 48 34.33 41.35 -33.03
C VAL P 48 33.41 40.19 -32.72
N SER P 49 33.91 39.18 -32.02
CA SER P 49 33.11 38.01 -31.70
C SER P 49 33.75 37.27 -30.52
N ASP P 50 32.93 36.44 -29.88
CA ASP P 50 33.38 35.60 -28.78
C ASP P 50 32.62 34.29 -28.85
N ILE P 51 33.20 33.27 -28.23
CA ILE P 51 32.70 31.90 -28.34
C ILE P 51 32.89 31.20 -27.01
N SER P 52 31.89 30.44 -26.59
CA SER P 52 31.99 29.71 -25.33
C SER P 52 32.95 28.53 -25.48
N SER P 53 33.44 28.04 -24.33
CA SER P 53 34.50 27.05 -24.35
C SER P 53 34.07 25.73 -24.98
N GLY P 54 32.78 25.39 -24.92
CA GLY P 54 32.30 24.21 -25.60
C GLY P 54 32.01 24.39 -27.06
N GLY P 55 32.16 25.62 -27.57
CA GLY P 55 31.85 25.93 -28.95
C GLY P 55 30.39 25.98 -29.27
N SER P 56 29.51 25.73 -28.31
CA SER P 56 28.08 25.64 -28.57
C SER P 56 27.44 27.00 -28.77
N SER P 57 28.00 28.05 -28.17
CA SER P 57 27.38 29.36 -28.14
C SER P 57 28.37 30.42 -28.60
N THR P 58 27.86 31.42 -29.31
CA THR P 58 28.69 32.46 -29.89
C THR P 58 27.93 33.77 -29.89
N PHE P 59 28.68 34.87 -29.99
CA PHE P 59 28.12 36.20 -30.12
C PHE P 59 28.86 36.93 -31.23
N TYR P 60 28.12 37.68 -32.04
CA TYR P 60 28.69 38.46 -33.13
C TYR P 60 28.30 39.92 -32.98
N THR P 61 29.30 40.80 -33.05
CA THR P 61 29.01 42.23 -33.11
C THR P 61 28.22 42.52 -34.38
N ASP P 62 27.27 43.46 -34.27
CA ASP P 62 26.31 43.66 -35.36
C ASP P 62 26.97 44.06 -36.66
N SER P 63 28.16 44.66 -36.61
CA SER P 63 28.83 45.06 -37.85
C SER P 63 29.15 43.87 -38.73
N VAL P 64 29.40 42.71 -38.12
CA VAL P 64 29.73 41.48 -38.82
C VAL P 64 28.67 40.40 -38.63
N LYS P 65 27.47 40.79 -38.20
CA LYS P 65 26.45 39.84 -37.77
C LYS P 65 26.34 38.63 -38.69
N GLY P 66 26.13 38.88 -39.98
CA GLY P 66 25.93 37.82 -40.95
C GLY P 66 27.14 37.51 -41.81
N ARG P 67 28.27 38.17 -41.59
CA ARG P 67 29.42 38.06 -42.48
C ARG P 67 30.49 37.10 -41.96
N PHE P 68 30.78 37.12 -40.67
CA PHE P 68 31.83 36.29 -40.09
C PHE P 68 31.24 35.07 -39.40
N THR P 69 32.12 34.11 -39.11
CA THR P 69 31.81 33.02 -38.19
C THR P 69 33.06 32.70 -37.38
N ILE P 70 32.85 32.29 -36.14
CA ILE P 70 33.93 31.97 -35.22
C ILE P 70 33.83 30.50 -34.85
N SER P 71 34.98 29.82 -34.78
CA SER P 71 35.00 28.40 -34.48
C SER P 71 36.29 28.08 -33.74
N ARG P 72 36.28 26.92 -33.08
CA ARG P 72 37.42 26.51 -32.26
C ARG P 72 37.53 25.00 -32.26
N ASP P 73 38.73 24.52 -31.92
CA ASP P 73 39.01 23.10 -31.74
C ASP P 73 39.68 22.93 -30.39
N ASN P 74 39.02 22.20 -29.48
CA ASN P 74 39.57 22.02 -28.14
C ASN P 74 40.68 20.99 -28.09
N ALA P 75 40.83 20.15 -29.12
CA ALA P 75 41.85 19.12 -29.09
C ALA P 75 43.26 19.67 -29.30
N LYS P 76 43.41 20.77 -30.05
CA LYS P 76 44.74 21.30 -30.33
C LYS P 76 44.76 22.83 -30.23
N ASN P 77 44.03 23.38 -29.25
CA ASN P 77 44.25 24.76 -28.82
C ASN P 77 44.25 25.74 -29.99
N THR P 78 43.21 25.68 -30.83
CA THR P 78 43.18 26.49 -32.05
C THR P 78 41.84 27.18 -32.21
N LEU P 79 41.88 28.38 -32.81
CA LEU P 79 40.70 29.16 -33.16
C LEU P 79 40.69 29.41 -34.67
N TYR P 80 39.50 29.69 -35.20
CA TYR P 80 39.36 30.12 -36.58
C TYR P 80 38.31 31.22 -36.66
N LEU P 81 38.60 32.25 -37.45
CA LEU P 81 37.65 33.30 -37.79
C LEU P 81 37.53 33.34 -39.31
N GLN P 82 36.33 33.04 -39.82
CA GLN P 82 36.19 32.73 -41.24
C GLN P 82 36.37 33.97 -42.13
N MET P 83 35.70 35.07 -41.80
CA MET P 83 35.84 36.33 -42.53
C MET P 83 35.65 36.14 -44.05
N ASN P 84 34.59 35.46 -44.44
CA ASN P 84 34.19 35.38 -45.84
C ASN P 84 33.36 36.62 -46.22
N SER P 85 33.11 36.76 -47.53
CA SER P 85 32.29 37.87 -48.04
C SER P 85 32.85 39.21 -47.58
N LEU P 86 34.17 39.28 -47.46
CA LEU P 86 34.82 40.45 -46.88
C LEU P 86 34.57 41.68 -47.73
N LYS P 87 34.45 42.83 -47.07
CA LYS P 87 34.23 44.12 -47.72
C LYS P 87 35.23 45.14 -47.20
N PRO P 88 35.45 46.22 -47.96
CA PRO P 88 36.61 47.09 -47.68
C PRO P 88 36.70 47.62 -46.25
N ASP P 89 35.59 48.04 -45.65
CA ASP P 89 35.68 48.72 -44.35
C ASP P 89 36.12 47.79 -43.23
N ASP P 90 36.13 46.47 -43.46
CA ASP P 90 36.69 45.54 -42.48
C ASP P 90 38.20 45.66 -42.37
N THR P 91 38.84 46.49 -43.20
CA THR P 91 40.27 46.73 -43.12
C THR P 91 40.64 47.19 -41.71
N ALA P 92 41.43 46.39 -41.01
CA ALA P 92 41.80 46.68 -39.64
C ALA P 92 42.89 45.71 -39.21
N ILE P 93 43.40 45.92 -38.01
CA ILE P 93 44.36 45.01 -37.38
C ILE P 93 43.64 44.24 -36.29
N TYR P 94 43.74 42.92 -36.32
CA TYR P 94 42.93 42.02 -35.51
C TYR P 94 43.79 41.35 -34.44
N PHE P 95 43.17 41.06 -33.29
CA PHE P 95 43.87 40.49 -32.15
C PHE P 95 43.11 39.29 -31.59
N CYS P 96 43.86 38.25 -31.22
CA CYS P 96 43.32 37.12 -30.48
C CYS P 96 43.50 37.35 -28.99
N ALA P 97 42.50 36.96 -28.20
CA ALA P 97 42.50 37.24 -26.77
C ALA P 97 41.87 36.09 -26.00
N LYS P 98 42.41 35.79 -24.82
CA LYS P 98 41.85 34.79 -23.93
C LYS P 98 40.74 35.41 -23.08
N GLY P 99 39.57 34.76 -23.07
CA GLY P 99 38.41 35.28 -22.39
C GLY P 99 38.23 34.74 -20.98
N VAL P 100 37.05 34.97 -20.43
CA VAL P 100 36.67 34.54 -19.09
C VAL P 100 36.43 33.03 -19.07
N PRO P 101 36.43 32.40 -17.90
CA PRO P 101 36.15 30.96 -17.85
C PRO P 101 34.79 30.62 -18.44
N SER P 102 34.73 29.47 -19.12
CA SER P 102 33.49 28.92 -19.65
C SER P 102 32.78 29.80 -20.66
N TYR P 103 32.14 30.89 -20.22
CA TYR P 103 31.33 31.67 -21.14
C TYR P 103 31.10 33.07 -20.58
N TYR P 104 30.72 33.97 -21.47
CA TYR P 104 30.56 35.38 -21.16
C TYR P 104 29.13 35.69 -20.70
N SER P 105 29.01 36.48 -19.64
CA SER P 105 27.78 37.21 -19.41
C SER P 105 27.82 38.53 -20.18
N ASP P 106 26.62 39.09 -20.43
CA ASP P 106 26.58 40.35 -21.15
C ASP P 106 27.30 41.45 -20.38
N TYR P 107 27.32 41.36 -19.04
CA TYR P 107 28.06 42.34 -18.24
C TYR P 107 29.56 42.24 -18.52
N GLU P 108 30.10 41.03 -18.52
CA GLU P 108 31.50 40.85 -18.88
C GLU P 108 31.74 41.24 -20.33
N ARG P 109 30.80 40.91 -21.22
CA ARG P 109 30.97 41.23 -22.63
C ARG P 109 31.00 42.74 -22.84
N ARG P 110 30.05 43.46 -22.25
CA ARG P 110 30.05 44.92 -22.40
C ARG P 110 31.24 45.55 -21.71
N SER P 111 31.70 44.96 -20.61
CA SER P 111 32.92 45.43 -19.97
C SER P 111 34.17 45.03 -20.74
N LYS P 112 34.04 44.27 -21.82
CA LYS P 112 35.17 43.89 -22.66
C LYS P 112 36.28 43.24 -21.84
N ARG P 113 35.87 42.34 -20.94
CA ARG P 113 36.83 41.62 -20.10
C ARG P 113 37.63 40.63 -20.92
N TYR P 114 38.96 40.69 -20.79
CA TYR P 114 39.82 39.63 -21.28
C TYR P 114 41.09 39.60 -20.43
N ASP P 115 41.72 38.44 -20.39
CA ASP P 115 42.89 38.23 -19.53
C ASP P 115 44.21 38.49 -20.24
N SER P 116 44.30 38.18 -21.53
CA SER P 116 45.53 38.43 -22.27
C SER P 116 45.20 38.50 -23.76
N ARG P 117 46.07 39.18 -24.50
CA ARG P 117 45.86 39.44 -25.91
C ARG P 117 47.10 39.06 -26.71
N GLY P 118 46.88 38.67 -27.96
CA GLY P 118 47.95 38.28 -28.86
C GLY P 118 48.59 39.47 -29.54
N GLN P 119 49.22 39.18 -30.68
CA GLN P 119 49.95 40.18 -31.46
C GLN P 119 49.12 40.52 -32.69
N GLY P 120 48.92 41.81 -32.92
CA GLY P 120 48.04 42.28 -33.98
C GLY P 120 48.39 41.77 -35.36
N THR P 121 47.39 41.22 -36.06
CA THR P 121 47.55 40.77 -37.44
C THR P 121 46.73 41.69 -38.35
N GLN P 122 47.39 42.29 -39.33
CA GLN P 122 46.74 43.31 -40.15
C GLN P 122 46.02 42.67 -41.33
N VAL P 123 44.79 43.14 -41.57
CA VAL P 123 44.00 42.72 -42.73
C VAL P 123 43.71 43.95 -43.57
N THR P 124 44.10 43.89 -44.85
CA THR P 124 43.77 44.92 -45.83
C THR P 124 42.86 44.31 -46.87
N VAL P 125 41.70 44.92 -47.06
CA VAL P 125 40.67 44.37 -47.95
C VAL P 125 40.66 45.12 -49.27
N GLN Q 1 26.25 -8.65 -49.38
CA GLN Q 1 26.19 -7.52 -50.35
C GLN Q 1 24.76 -7.04 -50.54
N VAL Q 2 24.60 -5.74 -50.79
CA VAL Q 2 23.31 -5.14 -51.04
C VAL Q 2 23.33 -4.49 -52.41
N GLN Q 3 22.17 -4.45 -53.05
CA GLN Q 3 22.06 -3.97 -54.43
C GLN Q 3 20.96 -2.92 -54.53
N LEU Q 4 21.24 -1.85 -55.27
CA LEU Q 4 20.29 -0.79 -55.54
C LEU Q 4 20.37 -0.42 -57.01
N GLN Q 5 19.24 0.02 -57.56
CA GLN Q 5 19.13 0.28 -58.99
C GLN Q 5 18.25 1.51 -59.21
N GLU Q 6 18.85 2.57 -59.73
CA GLU Q 6 18.09 3.76 -60.06
C GLU Q 6 17.36 3.61 -61.40
N SER Q 7 16.42 4.51 -61.63
CA SER Q 7 15.75 4.60 -62.93
C SER Q 7 15.29 6.03 -63.14
N GLY Q 8 15.07 6.37 -64.41
CA GLY Q 8 14.67 7.73 -64.77
C GLY Q 8 15.87 8.64 -64.93
N GLY Q 9 15.81 9.53 -65.92
CA GLY Q 9 16.91 10.44 -66.18
C GLY Q 9 16.79 11.05 -67.56
N GLY Q 10 17.90 11.59 -68.02
CA GLY Q 10 17.94 12.22 -69.34
C GLY Q 10 17.72 13.71 -69.26
N LEU Q 11 17.68 14.32 -70.45
CA LEU Q 11 17.56 15.76 -70.54
C LEU Q 11 16.10 16.19 -70.39
N VAL Q 12 15.90 17.36 -69.78
CA VAL Q 12 14.59 17.92 -69.57
C VAL Q 12 14.68 19.43 -69.72
N GLN Q 13 13.59 20.02 -70.22
CA GLN Q 13 13.55 21.46 -70.38
C GLN Q 13 13.38 22.15 -69.03
N PRO Q 14 13.85 23.39 -68.89
CA PRO Q 14 13.56 24.14 -67.66
C PRO Q 14 12.06 24.18 -67.39
N GLY Q 15 11.70 24.03 -66.11
CA GLY Q 15 10.32 23.93 -65.72
C GLY Q 15 9.72 22.54 -65.79
N GLY Q 16 10.52 21.53 -66.12
CA GLY Q 16 10.03 20.16 -66.24
C GLY Q 16 9.72 19.52 -64.90
N SER Q 17 9.17 18.31 -64.98
CA SER Q 17 8.60 17.63 -63.82
C SER Q 17 8.99 16.15 -63.81
N LEU Q 18 10.26 15.86 -64.07
CA LEU Q 18 10.72 14.48 -64.13
C LEU Q 18 10.57 13.78 -62.79
N ARG Q 19 10.40 12.46 -62.84
CA ARG Q 19 10.22 11.61 -61.66
C ARG Q 19 11.30 10.53 -61.64
N LEU Q 20 12.05 10.47 -60.55
CA LEU Q 20 13.10 9.48 -60.38
C LEU Q 20 12.60 8.30 -59.56
N SER Q 21 13.27 7.16 -59.70
CA SER Q 21 12.83 5.93 -59.06
C SER Q 21 14.03 5.06 -58.71
N CYS Q 22 13.83 4.18 -57.72
CA CYS Q 22 14.88 3.30 -57.24
C CYS Q 22 14.25 2.03 -56.70
N VAL Q 23 14.94 0.91 -56.88
CA VAL Q 23 14.54 -0.37 -56.31
C VAL Q 23 15.76 -1.03 -55.69
N ALA Q 24 15.53 -1.81 -54.64
CA ALA Q 24 16.62 -2.34 -53.83
C ALA Q 24 16.33 -3.79 -53.45
N SER Q 25 17.38 -4.49 -53.04
CA SER Q 25 17.28 -5.88 -52.61
C SER Q 25 18.43 -6.18 -51.66
N GLY Q 26 18.30 -7.30 -50.95
CA GLY Q 26 19.37 -7.78 -50.08
C GLY Q 26 19.34 -7.25 -48.66
N PHE Q 27 18.34 -6.47 -48.30
CA PHE Q 27 18.18 -6.00 -46.92
C PHE Q 27 16.70 -5.71 -46.69
N THR Q 28 16.30 -5.71 -45.43
CA THR Q 28 14.93 -5.40 -45.08
C THR Q 28 14.68 -3.93 -45.36
N PHE Q 29 14.08 -3.65 -46.51
CA PHE Q 29 13.94 -2.28 -46.99
C PHE Q 29 13.13 -1.42 -46.03
N SER Q 30 12.24 -2.05 -45.25
CA SER Q 30 11.43 -1.31 -44.29
C SER Q 30 12.23 -0.87 -43.07
N ARG Q 31 13.38 -1.50 -42.80
CA ARG Q 31 14.09 -1.28 -41.56
C ARG Q 31 15.02 -0.08 -41.59
N TYR Q 32 15.31 0.47 -42.77
CA TYR Q 32 16.32 1.51 -42.92
C TYR Q 32 15.73 2.76 -43.57
N ALA Q 33 16.23 3.92 -43.15
CA ALA Q 33 15.94 5.16 -43.84
C ALA Q 33 16.63 5.16 -45.21
N MET Q 34 16.09 5.97 -46.12
CA MET Q 34 16.59 6.04 -47.49
C MET Q 34 16.94 7.47 -47.84
N THR Q 35 17.93 7.64 -48.72
CA THR Q 35 18.51 8.93 -49.00
C THR Q 35 18.79 9.09 -50.49
N TRP Q 36 18.65 10.32 -50.98
CA TRP Q 36 19.10 10.70 -52.32
C TRP Q 36 20.23 11.70 -52.19
N VAL Q 37 21.34 11.42 -52.87
CA VAL Q 37 22.46 12.36 -52.96
C VAL Q 37 22.80 12.55 -54.43
N ARG Q 38 23.18 13.78 -54.77
CA ARG Q 38 23.49 14.16 -56.15
C ARG Q 38 24.86 14.81 -56.21
N GLN Q 39 25.55 14.60 -57.32
CA GLN Q 39 26.84 15.23 -57.59
C GLN Q 39 26.76 16.03 -58.88
N ALA Q 40 26.92 17.35 -58.76
CA ALA Q 40 27.11 18.14 -59.96
C ALA Q 40 28.56 18.01 -60.42
N PRO Q 41 28.82 18.10 -61.73
CA PRO Q 41 30.19 17.90 -62.23
C PRO Q 41 31.22 18.76 -61.49
N GLY Q 42 32.24 18.13 -60.92
CA GLY Q 42 33.28 18.83 -60.19
C GLY Q 42 32.94 19.18 -58.76
N LYS Q 43 31.72 18.94 -58.31
CA LYS Q 43 31.34 19.20 -56.94
C LYS Q 43 31.38 17.93 -56.10
N GLY Q 44 31.34 18.11 -54.79
CA GLY Q 44 31.17 16.99 -53.88
C GLY Q 44 29.72 16.54 -53.81
N LEU Q 45 29.51 15.45 -53.10
CA LEU Q 45 28.17 14.91 -52.94
C LEU Q 45 27.29 15.89 -52.17
N GLU Q 46 26.10 16.17 -52.70
CA GLU Q 46 25.15 17.06 -52.06
C GLU Q 46 23.94 16.26 -51.57
N TRP Q 47 23.58 16.49 -50.32
CA TRP Q 47 22.42 15.84 -49.71
C TRP Q 47 21.14 16.42 -50.30
N VAL Q 48 20.32 15.57 -50.94
CA VAL Q 48 19.09 16.04 -51.57
C VAL Q 48 17.91 15.86 -50.61
N SER Q 49 17.61 14.61 -50.26
CA SER Q 49 16.47 14.34 -49.40
C SER Q 49 16.64 12.98 -48.77
N ASP Q 50 15.91 12.77 -47.67
CA ASP Q 50 15.91 11.48 -46.97
C ASP Q 50 14.55 11.28 -46.35
N ILE Q 51 14.19 10.01 -46.13
CA ILE Q 51 12.86 9.63 -45.69
C ILE Q 51 12.99 8.50 -44.67
N SER Q 52 12.18 8.54 -43.63
CA SER Q 52 12.26 7.56 -42.56
C SER Q 52 11.70 6.21 -43.02
N SER Q 53 11.80 5.22 -42.14
CA SER Q 53 11.30 3.88 -42.44
C SER Q 53 9.81 3.90 -42.75
N GLY Q 54 9.03 4.60 -41.95
CA GLY Q 54 7.59 4.62 -42.11
C GLY Q 54 7.08 5.51 -43.22
N GLY Q 55 7.96 6.31 -43.84
CA GLY Q 55 7.52 7.31 -44.78
C GLY Q 55 6.75 8.45 -44.15
N SER Q 56 6.75 8.54 -42.82
CA SER Q 56 5.99 9.57 -42.12
C SER Q 56 6.77 10.86 -41.94
N SER Q 57 8.10 10.81 -42.04
CA SER Q 57 8.95 11.97 -41.77
C SER Q 57 9.97 12.10 -42.90
N THR Q 58 10.23 13.35 -43.29
CA THR Q 58 11.09 13.62 -44.43
C THR Q 58 11.88 14.89 -44.20
N PHE Q 59 12.96 15.04 -44.95
CA PHE Q 59 13.81 16.21 -44.93
C PHE Q 59 14.14 16.62 -46.35
N TYR Q 60 14.14 17.92 -46.61
CA TYR Q 60 14.47 18.46 -47.92
C TYR Q 60 15.55 19.52 -47.78
N THR Q 61 16.58 19.44 -48.61
CA THR Q 61 17.56 20.51 -48.67
C THR Q 61 16.92 21.76 -49.27
N ASP Q 62 17.42 22.93 -48.86
CA ASP Q 62 16.80 24.19 -49.24
C ASP Q 62 16.73 24.38 -50.75
N SER Q 63 17.64 23.76 -51.51
CA SER Q 63 17.63 23.93 -52.96
C SER Q 63 16.36 23.39 -53.60
N VAL Q 64 15.64 22.50 -52.91
CA VAL Q 64 14.51 21.78 -53.50
C VAL Q 64 13.33 21.79 -52.55
N LYS Q 65 13.38 22.63 -51.52
CA LYS Q 65 12.49 22.47 -50.38
C LYS Q 65 11.01 22.42 -50.79
N GLY Q 66 10.65 23.07 -51.89
CA GLY Q 66 9.27 23.06 -52.34
C GLY Q 66 9.10 22.44 -53.71
N ARG Q 67 10.20 22.08 -54.36
CA ARG Q 67 10.14 21.59 -55.74
C ARG Q 67 10.14 20.07 -55.83
N PHE Q 68 10.69 19.38 -54.84
CA PHE Q 68 10.71 17.91 -54.83
C PHE Q 68 9.79 17.38 -53.75
N THR Q 69 9.35 16.13 -53.94
CA THR Q 69 8.73 15.34 -52.89
C THR Q 69 9.25 13.92 -52.98
N ILE Q 70 9.52 13.33 -51.83
CA ILE Q 70 10.10 12.00 -51.71
C ILE Q 70 9.06 11.07 -51.10
N SER Q 71 8.96 9.85 -51.60
CA SER Q 71 7.97 8.91 -51.10
C SER Q 71 8.51 7.49 -51.21
N ARG Q 72 7.84 6.58 -50.52
CA ARG Q 72 8.34 5.23 -50.30
C ARG Q 72 7.20 4.24 -50.43
N ASP Q 73 7.54 3.01 -50.83
CA ASP Q 73 6.61 1.88 -50.84
C ASP Q 73 7.33 0.67 -50.25
N ASN Q 74 7.04 0.34 -48.99
CA ASN Q 74 7.73 -0.77 -48.34
C ASN Q 74 7.34 -2.12 -48.93
N ALA Q 75 6.19 -2.22 -49.60
CA ALA Q 75 5.76 -3.50 -50.14
C ALA Q 75 6.55 -3.90 -51.38
N LYS Q 76 7.04 -2.93 -52.14
CA LYS Q 76 7.76 -3.19 -53.39
C LYS Q 76 9.25 -2.90 -53.29
N ASN Q 77 9.77 -2.63 -52.09
CA ASN Q 77 11.20 -2.40 -51.91
C ASN Q 77 11.70 -1.32 -52.87
N THR Q 78 10.96 -0.22 -52.95
CA THR Q 78 11.22 0.79 -53.97
C THR Q 78 11.04 2.19 -53.38
N LEU Q 79 11.71 3.15 -54.01
CA LEU Q 79 11.81 4.52 -53.54
C LEU Q 79 11.57 5.47 -54.71
N TYR Q 80 10.91 6.59 -54.44
CA TYR Q 80 10.50 7.53 -55.49
C TYR Q 80 10.92 8.95 -55.11
N LEU Q 81 11.18 9.77 -56.14
CA LEU Q 81 11.50 11.19 -55.95
C LEU Q 81 10.83 11.98 -57.07
N GLN Q 82 9.66 12.54 -56.79
CA GLN Q 82 8.96 13.37 -57.76
C GLN Q 82 9.54 14.78 -57.76
N MET Q 83 9.72 15.35 -58.95
CA MET Q 83 10.26 16.68 -59.13
C MET Q 83 9.35 17.51 -60.02
N ASN Q 84 9.30 18.81 -59.75
CA ASN Q 84 8.61 19.76 -60.62
C ASN Q 84 9.33 21.10 -60.55
N SER Q 85 9.14 21.90 -61.59
CA SER Q 85 9.85 23.16 -61.74
C SER Q 85 11.37 22.93 -61.72
N LEU Q 86 11.78 21.86 -62.40
CA LEU Q 86 13.19 21.55 -62.53
C LEU Q 86 13.91 22.67 -63.30
N LYS Q 87 15.13 22.96 -62.90
CA LYS Q 87 15.88 24.07 -63.47
C LYS Q 87 17.32 23.64 -63.73
N PRO Q 88 18.08 24.45 -64.49
CA PRO Q 88 19.45 24.04 -64.85
C PRO Q 88 20.33 23.65 -63.67
N ASP Q 89 20.20 24.34 -62.52
CA ASP Q 89 21.08 24.05 -61.40
C ASP Q 89 21.00 22.58 -60.96
N ASP Q 90 19.88 21.92 -61.27
CA ASP Q 90 19.66 20.54 -60.90
C ASP Q 90 20.45 19.55 -61.75
N THR Q 91 21.21 20.02 -62.74
CA THR Q 91 21.97 19.13 -63.61
C THR Q 91 23.02 18.37 -62.80
N ALA Q 92 22.80 17.07 -62.62
CA ALA Q 92 23.69 16.27 -61.79
C ALA Q 92 23.34 14.80 -61.98
N ILE Q 93 24.22 13.95 -61.47
CA ILE Q 93 23.96 12.52 -61.38
C ILE Q 93 23.43 12.24 -59.97
N TYR Q 94 22.31 11.51 -59.90
CA TYR Q 94 21.59 11.27 -58.66
C TYR Q 94 21.75 9.82 -58.22
N PHE Q 95 22.08 9.61 -56.95
CA PHE Q 95 22.37 8.30 -56.40
C PHE Q 95 21.33 7.91 -55.37
N CYS Q 96 20.85 6.67 -55.47
CA CYS Q 96 19.98 6.08 -54.45
C CYS Q 96 20.84 5.38 -53.41
N ALA Q 97 20.63 5.73 -52.13
CA ALA Q 97 21.52 5.30 -51.06
C ALA Q 97 20.73 4.76 -49.87
N LYS Q 98 21.28 3.72 -49.25
CA LYS Q 98 20.70 3.15 -48.03
C LYS Q 98 21.21 3.93 -46.82
N GLY Q 99 20.28 4.44 -46.02
CA GLY Q 99 20.61 5.27 -44.87
C GLY Q 99 20.74 4.50 -43.58
N VAL Q 100 20.72 5.25 -42.48
CA VAL Q 100 20.82 4.69 -41.13
C VAL Q 100 19.52 3.97 -40.76
N PRO Q 101 19.54 3.09 -39.77
CA PRO Q 101 18.31 2.40 -39.36
C PRO Q 101 17.21 3.38 -38.94
N SER Q 102 15.97 3.02 -39.28
CA SER Q 102 14.78 3.73 -38.82
C SER Q 102 14.69 5.17 -39.32
N TYR Q 103 15.52 6.07 -38.79
CA TYR Q 103 15.39 7.48 -39.15
C TYR Q 103 16.68 8.21 -38.83
N TYR Q 104 16.84 9.36 -39.48
CA TYR Q 104 18.04 10.17 -39.36
C TYR Q 104 17.92 11.15 -38.18
N SER Q 105 18.89 11.10 -37.27
CA SER Q 105 19.05 12.18 -36.32
C SER Q 105 19.75 13.37 -36.98
N ASP Q 106 19.71 14.51 -36.32
CA ASP Q 106 20.37 15.69 -36.86
C ASP Q 106 21.87 15.42 -37.07
N TYR Q 107 22.51 14.79 -36.10
CA TYR Q 107 23.95 14.53 -36.21
C TYR Q 107 24.26 13.62 -37.38
N GLU Q 108 23.51 12.53 -37.53
CA GLU Q 108 23.74 11.61 -38.63
C GLU Q 108 23.58 12.31 -39.97
N ARG Q 109 22.55 13.17 -40.09
CA ARG Q 109 22.32 13.87 -41.34
C ARG Q 109 23.46 14.83 -41.65
N ARG Q 110 23.89 15.63 -40.67
CA ARG Q 110 24.97 16.58 -40.92
C ARG Q 110 26.29 15.86 -41.18
N SER Q 111 26.46 14.66 -40.66
CA SER Q 111 27.63 13.86 -41.00
C SER Q 111 27.51 13.22 -42.37
N LYS Q 112 26.36 13.35 -43.04
CA LYS Q 112 26.14 12.75 -44.35
C LYS Q 112 26.44 11.25 -44.31
N ARG Q 113 25.99 10.61 -43.24
CA ARG Q 113 26.22 9.18 -43.05
C ARG Q 113 25.26 8.36 -43.90
N TYR Q 114 25.81 7.54 -44.79
CA TYR Q 114 25.03 6.56 -45.53
C TYR Q 114 25.89 5.33 -45.76
N ASP Q 115 25.22 4.17 -45.86
CA ASP Q 115 25.94 2.91 -45.89
C ASP Q 115 26.47 2.59 -47.29
N SER Q 116 25.60 2.67 -48.30
CA SER Q 116 25.97 2.33 -49.66
C SER Q 116 25.00 3.03 -50.61
N ARG Q 117 25.44 3.17 -51.87
CA ARG Q 117 24.63 3.82 -52.88
C ARG Q 117 24.88 3.16 -54.23
N GLY Q 118 23.89 3.28 -55.11
CA GLY Q 118 23.97 2.65 -56.42
C GLY Q 118 24.71 3.48 -57.44
N GLN Q 119 24.65 3.01 -58.69
CA GLN Q 119 25.21 3.71 -59.84
C GLN Q 119 24.14 4.66 -60.37
N GLY Q 120 24.29 5.94 -60.06
CA GLY Q 120 23.21 6.89 -60.28
C GLY Q 120 22.93 7.15 -61.74
N THR Q 121 21.79 7.79 -61.98
CA THR Q 121 21.34 8.18 -63.30
C THR Q 121 21.55 9.68 -63.51
N GLN Q 122 21.91 10.06 -64.73
CA GLN Q 122 22.19 11.46 -65.04
C GLN Q 122 20.91 12.23 -65.33
N VAL Q 123 20.83 13.45 -64.81
CA VAL Q 123 19.76 14.39 -65.13
C VAL Q 123 20.39 15.70 -65.57
N THR Q 124 19.90 16.25 -66.68
CA THR Q 124 20.42 17.49 -67.23
C THR Q 124 19.28 18.41 -67.62
N VAL Q 125 19.51 19.71 -67.47
CA VAL Q 125 18.54 20.73 -67.87
C VAL Q 125 19.27 21.89 -68.54
N MET R 1 13.49 14.23 -34.83
CA MET R 1 12.64 13.20 -34.14
C MET R 1 11.52 12.74 -35.07
N THR R 2 10.88 11.63 -34.71
CA THR R 2 9.79 11.06 -35.49
C THR R 2 8.56 10.90 -34.62
N GLU R 3 7.40 11.19 -35.19
CA GLU R 3 6.16 11.17 -34.41
C GLU R 3 5.88 9.80 -33.82
N LEU R 4 6.22 8.73 -34.54
CA LEU R 4 6.05 7.38 -34.02
C LEU R 4 7.19 6.94 -33.10
N CYS R 5 8.29 7.69 -33.07
CA CYS R 5 9.49 7.30 -32.32
C CYS R 5 10.02 8.49 -31.54
N PRO R 6 9.27 8.99 -30.56
CA PRO R 6 9.78 10.08 -29.74
C PRO R 6 10.95 9.61 -28.89
N VAL R 7 11.83 10.56 -28.56
CA VAL R 7 13.09 10.20 -27.91
C VAL R 7 12.86 9.54 -26.55
N TYR R 8 11.73 9.81 -25.90
CA TYR R 8 11.45 9.21 -24.60
C TYR R 8 10.88 7.80 -24.68
N ALA R 9 10.66 7.28 -25.89
CA ALA R 9 10.02 5.97 -26.01
C ALA R 9 10.72 4.87 -25.22
N PRO R 10 12.04 4.77 -25.21
CA PRO R 10 12.67 3.64 -24.50
C PRO R 10 12.38 3.60 -23.00
N PHE R 11 11.97 4.71 -22.40
CA PHE R 11 11.74 4.73 -20.96
C PHE R 11 10.77 3.64 -20.55
N PHE R 12 9.63 3.54 -21.25
CA PHE R 12 8.63 2.55 -20.87
C PHE R 12 9.17 1.14 -20.99
N GLY R 13 10.03 0.88 -21.97
CA GLY R 13 10.68 -0.41 -22.05
C GLY R 13 11.60 -0.67 -20.87
N ALA R 14 12.45 0.30 -20.55
CA ALA R 14 13.42 0.11 -19.48
C ALA R 14 12.74 -0.08 -18.14
N ILE R 15 11.75 0.76 -17.82
CA ILE R 15 11.08 0.64 -16.54
C ILE R 15 10.24 -0.62 -16.49
N GLY R 16 9.63 -1.01 -17.61
CA GLY R 16 8.91 -2.27 -17.65
C GLY R 16 9.83 -3.45 -17.42
N CYS R 17 11.01 -3.42 -18.04
CA CYS R 17 11.99 -4.49 -17.83
C CYS R 17 12.38 -4.58 -16.36
N ALA R 18 12.65 -3.44 -15.73
CA ALA R 18 12.99 -3.44 -14.31
C ALA R 18 11.80 -3.88 -13.46
N SER R 19 10.61 -3.38 -13.78
CA SER R 19 9.42 -3.70 -12.98
C SER R 19 9.18 -5.20 -12.91
N ALA R 20 9.46 -5.92 -14.00
CA ALA R 20 9.17 -7.35 -14.04
C ALA R 20 9.91 -8.09 -12.93
N ILE R 21 11.17 -7.75 -12.72
CA ILE R 21 11.97 -8.45 -11.72
C ILE R 21 11.82 -7.84 -10.33
N ILE R 22 11.54 -6.54 -10.24
CA ILE R 22 11.43 -5.88 -8.94
C ILE R 22 10.18 -6.38 -8.21
N PHE R 23 9.02 -6.30 -8.85
CA PHE R 23 7.77 -6.68 -8.19
C PHE R 23 7.74 -8.17 -7.87
N THR R 24 8.30 -9.01 -8.76
CA THR R 24 8.37 -10.43 -8.45
C THR R 24 9.34 -10.71 -7.32
N SER R 25 10.45 -9.98 -7.24
CA SER R 25 11.39 -10.17 -6.14
C SER R 25 10.74 -9.86 -4.81
N LEU R 26 9.99 -8.76 -4.73
CA LEU R 26 9.30 -8.43 -3.49
C LEU R 26 8.28 -9.49 -3.13
N GLY R 27 7.53 -9.99 -4.12
CA GLY R 27 6.60 -11.07 -3.86
C GLY R 27 7.28 -12.33 -3.36
N ALA R 28 8.37 -12.72 -4.04
CA ALA R 28 9.09 -13.91 -3.63
C ALA R 28 9.74 -13.76 -2.26
N ALA R 29 10.27 -12.57 -1.96
CA ALA R 29 10.88 -12.35 -0.65
C ALA R 29 9.85 -12.50 0.46
N TYR R 30 8.67 -11.90 0.27
CA TYR R 30 7.62 -12.02 1.29
C TYR R 30 7.20 -13.46 1.47
N GLY R 31 7.06 -14.21 0.38
CA GLY R 31 6.73 -15.62 0.49
C GLY R 31 7.81 -16.42 1.19
N THR R 32 9.08 -16.14 0.87
CA THR R 32 10.18 -16.85 1.52
C THR R 32 10.23 -16.52 3.01
N ALA R 33 10.01 -15.25 3.37
CA ALA R 33 10.16 -14.85 4.76
C ALA R 33 9.04 -15.40 5.62
N LYS R 34 7.78 -15.16 5.23
CA LYS R 34 6.67 -15.52 6.10
C LYS R 34 6.58 -17.03 6.31
N SER R 35 6.77 -17.82 5.25
CA SER R 35 6.77 -19.27 5.40
C SER R 35 8.04 -19.77 6.08
N GLY R 36 9.17 -19.09 5.86
CA GLY R 36 10.40 -19.52 6.49
C GLY R 36 10.32 -19.50 8.01
N VAL R 37 9.67 -18.49 8.57
CA VAL R 37 9.45 -18.44 10.02
C VAL R 37 8.63 -19.65 10.46
N GLY R 38 7.60 -20.01 9.69
CA GLY R 38 6.80 -21.16 10.04
C GLY R 38 7.60 -22.44 10.10
N ILE R 39 8.55 -22.61 9.18
CA ILE R 39 9.39 -23.80 9.19
C ILE R 39 10.24 -23.82 10.45
N CYS R 40 10.82 -22.68 10.82
CA CYS R 40 11.61 -22.61 12.06
C CYS R 40 10.72 -22.88 13.27
N ALA R 41 9.51 -22.33 13.27
CA ALA R 41 8.63 -22.46 14.44
C ALA R 41 8.25 -23.90 14.71
N THR R 42 8.13 -24.72 13.66
CA THR R 42 7.72 -26.12 13.83
C THR R 42 8.90 -27.07 14.01
N CYS R 43 10.01 -26.83 13.30
CA CYS R 43 11.10 -27.80 13.30
C CYS R 43 11.80 -27.95 14.64
N VAL R 44 11.61 -26.99 15.56
CA VAL R 44 12.26 -27.10 16.87
C VAL R 44 11.74 -28.32 17.62
N LEU R 45 10.45 -28.63 17.46
CA LEU R 45 9.86 -29.81 18.08
C LEU R 45 9.79 -31.01 17.14
N ARG R 46 9.65 -30.79 15.84
CA ARG R 46 9.49 -31.85 14.85
C ARG R 46 10.54 -31.68 13.75
N PRO R 47 11.82 -31.86 14.07
CA PRO R 47 12.87 -31.63 13.08
C PRO R 47 12.79 -32.56 11.88
N ASP R 48 12.21 -33.75 12.02
CA ASP R 48 12.14 -34.68 10.90
C ASP R 48 11.27 -34.17 9.76
N LEU R 49 10.39 -33.20 10.02
CA LEU R 49 9.54 -32.64 8.98
C LEU R 49 10.24 -31.57 8.14
N LEU R 50 11.49 -31.23 8.47
CA LEU R 50 12.15 -30.08 7.86
C LEU R 50 12.09 -30.13 6.33
N PHE R 51 12.73 -31.13 5.74
CA PHE R 51 12.86 -31.17 4.28
C PHE R 51 11.55 -31.52 3.59
N LYS R 52 10.59 -32.09 4.32
CA LYS R 52 9.25 -32.27 3.78
C LYS R 52 8.50 -30.94 3.71
N ASN R 53 8.68 -30.10 4.72
CA ASN R 53 7.93 -28.85 4.86
C ASN R 53 8.48 -27.70 4.04
N ILE R 54 9.64 -27.85 3.39
CA ILE R 54 10.29 -26.73 2.73
C ILE R 54 9.63 -26.32 1.43
N VAL R 55 8.60 -27.04 0.98
CA VAL R 55 8.02 -26.82 -0.34
C VAL R 55 7.59 -25.37 -0.53
N PRO R 56 6.93 -24.73 0.44
CA PRO R 56 6.48 -23.35 0.21
C PRO R 56 7.61 -22.42 -0.20
N VAL R 57 8.81 -22.61 0.34
CA VAL R 57 9.95 -21.81 -0.09
C VAL R 57 10.28 -22.11 -1.55
N ILE R 58 10.18 -23.39 -1.95
CA ILE R 58 10.47 -23.75 -3.33
C ILE R 58 9.52 -23.02 -4.27
N MET R 59 8.22 -23.08 -3.98
CA MET R 59 7.24 -22.47 -4.86
C MET R 59 7.41 -20.96 -4.93
N ALA R 60 7.72 -20.32 -3.80
CA ALA R 60 7.97 -18.89 -3.82
C ALA R 60 9.14 -18.56 -4.75
N GLY R 61 10.16 -19.43 -4.79
CA GLY R 61 11.28 -19.20 -5.68
C GLY R 61 10.88 -19.20 -7.15
N ILE R 62 9.95 -20.08 -7.53
CA ILE R 62 9.55 -20.17 -8.93
C ILE R 62 8.94 -18.85 -9.41
N ILE R 63 8.26 -18.13 -8.53
CA ILE R 63 7.66 -16.86 -8.94
C ILE R 63 8.74 -15.90 -9.43
N ALA R 64 9.90 -15.91 -8.78
CA ALA R 64 10.99 -15.05 -9.23
C ALA R 64 11.54 -15.51 -10.57
N ILE R 65 11.51 -16.81 -10.86
CA ILE R 65 11.98 -17.30 -12.16
C ILE R 65 11.12 -16.71 -13.27
N TYR R 66 9.79 -16.68 -13.07
CA TYR R 66 8.92 -16.05 -14.07
C TYR R 66 9.33 -14.60 -14.29
N GLY R 67 9.60 -13.86 -13.22
CA GLY R 67 10.02 -12.48 -13.37
C GLY R 67 11.31 -12.35 -14.16
N LEU R 68 12.28 -13.22 -13.87
CA LEU R 68 13.55 -13.20 -14.60
C LEU R 68 13.33 -13.51 -16.08
N VAL R 69 12.48 -14.49 -16.38
CA VAL R 69 12.26 -14.89 -17.77
C VAL R 69 11.70 -13.73 -18.58
N VAL R 70 10.65 -13.08 -18.06
CA VAL R 70 10.04 -11.96 -18.79
C VAL R 70 11.03 -10.80 -18.89
N SER R 71 11.75 -10.52 -17.81
CA SER R 71 12.69 -9.41 -17.83
C SER R 71 13.75 -9.61 -18.91
N VAL R 72 14.26 -10.84 -19.03
CA VAL R 72 15.25 -11.14 -20.07
C VAL R 72 14.64 -10.93 -21.45
N LEU R 73 13.42 -11.44 -21.66
CA LEU R 73 12.83 -11.44 -22.99
C LEU R 73 12.58 -10.03 -23.50
N VAL R 74 12.01 -9.15 -22.67
CA VAL R 74 11.78 -7.77 -23.10
C VAL R 74 13.11 -7.05 -23.27
N CYS R 75 14.09 -7.35 -22.40
CA CYS R 75 15.38 -6.66 -22.48
C CYS R 75 16.01 -6.85 -23.86
N TYR R 76 15.85 -8.02 -24.46
CA TYR R 76 16.43 -8.30 -25.76
C TYR R 76 15.72 -7.58 -26.90
N SER R 77 14.77 -6.71 -26.62
CA SER R 77 14.07 -5.94 -27.65
C SER R 77 14.22 -4.44 -27.48
N LEU R 78 15.05 -4.00 -26.53
CA LEU R 78 15.27 -2.58 -26.32
C LEU R 78 16.18 -2.01 -27.41
N GLY R 79 16.00 -0.72 -27.69
CA GLY R 79 16.81 -0.04 -28.68
C GLY R 79 16.57 1.45 -28.64
N GLN R 80 17.56 2.23 -29.06
CA GLN R 80 17.47 3.69 -28.89
C GLN R 80 16.30 4.27 -29.67
N LYS R 81 16.11 3.83 -30.92
CA LYS R 81 15.13 4.43 -31.81
C LYS R 81 13.83 3.64 -31.88
N GLN R 82 13.54 2.82 -30.88
CA GLN R 82 12.35 1.98 -30.92
C GLN R 82 11.08 2.82 -30.93
N ALA R 83 10.03 2.27 -31.51
CA ALA R 83 8.77 2.97 -31.63
C ALA R 83 8.06 3.07 -30.28
N LEU R 84 7.16 4.04 -30.19
CA LEU R 84 6.35 4.20 -28.97
C LEU R 84 5.42 3.01 -28.77
N TYR R 85 4.91 2.44 -29.86
CA TYR R 85 4.06 1.25 -29.74
C TYR R 85 4.82 0.11 -29.06
N THR R 86 6.08 -0.09 -29.46
CA THR R 86 6.88 -1.13 -28.82
C THR R 86 7.09 -0.85 -27.34
N GLY R 87 7.28 0.43 -26.99
CA GLY R 87 7.53 0.77 -25.60
C GLY R 87 6.40 0.35 -24.68
N PHE R 88 5.16 0.68 -25.05
CA PHE R 88 4.02 0.37 -24.20
C PHE R 88 3.73 -1.12 -24.19
N ILE R 89 4.06 -1.84 -25.26
CA ILE R 89 3.96 -3.30 -25.24
C ILE R 89 4.88 -3.85 -24.17
N GLN R 90 6.12 -3.36 -24.13
CA GLN R 90 7.07 -3.82 -23.12
C GLN R 90 6.61 -3.47 -21.72
N LEU R 91 6.06 -2.27 -21.53
CA LEU R 91 5.52 -1.91 -20.22
C LEU R 91 4.39 -2.85 -19.81
N GLY R 92 3.47 -3.13 -20.74
CA GLY R 92 2.37 -4.04 -20.42
C GLY R 92 2.86 -5.42 -20.05
N ALA R 93 3.86 -5.93 -20.77
CA ALA R 93 4.41 -7.24 -20.45
C ALA R 93 5.04 -7.26 -19.07
N GLY R 94 5.88 -6.26 -18.77
CA GLY R 94 6.53 -6.23 -17.48
C GLY R 94 5.56 -6.01 -16.33
N LEU R 95 4.63 -5.07 -16.49
CA LEU R 95 3.66 -4.81 -15.43
C LEU R 95 2.74 -5.99 -15.19
N SER R 96 2.38 -6.72 -16.26
CA SER R 96 1.46 -7.85 -16.12
C SER R 96 2.03 -8.92 -15.21
N VAL R 97 3.27 -9.36 -15.48
CA VAL R 97 3.88 -10.40 -14.67
C VAL R 97 4.28 -9.85 -13.31
N GLY R 98 4.72 -8.60 -13.25
CA GLY R 98 5.14 -8.01 -11.99
C GLY R 98 4.02 -7.94 -10.99
N LEU R 99 2.91 -7.29 -11.37
CA LEU R 99 1.77 -7.17 -10.47
C LEU R 99 1.17 -8.53 -10.17
N SER R 100 1.18 -9.45 -11.14
CA SER R 100 0.68 -10.80 -10.90
C SER R 100 1.56 -11.55 -9.92
N GLY R 101 2.87 -11.56 -10.15
CA GLY R 101 3.77 -12.29 -9.27
C GLY R 101 3.80 -11.74 -7.86
N LEU R 102 3.64 -10.42 -7.72
CA LEU R 102 3.58 -9.81 -6.39
C LEU R 102 2.47 -10.43 -5.56
N ALA R 103 1.27 -10.56 -6.14
CA ALA R 103 0.16 -11.16 -5.40
C ALA R 103 0.40 -12.64 -5.14
N ALA R 104 0.92 -13.38 -6.13
CA ALA R 104 1.14 -14.81 -5.96
C ALA R 104 2.14 -15.06 -4.83
N GLY R 105 3.18 -14.25 -4.73
CA GLY R 105 4.15 -14.43 -3.66
C GLY R 105 3.54 -14.21 -2.28
N PHE R 106 2.69 -13.20 -2.15
CA PHE R 106 2.03 -12.96 -0.86
C PHE R 106 1.14 -14.13 -0.47
N ALA R 107 0.35 -14.65 -1.41
CA ALA R 107 -0.55 -15.76 -1.09
C ALA R 107 0.23 -17.01 -0.70
N ILE R 108 1.32 -17.30 -1.40
CA ILE R 108 2.14 -18.45 -1.06
C ILE R 108 2.68 -18.31 0.36
N GLY R 109 3.09 -17.10 0.73
CA GLY R 109 3.58 -16.85 2.07
C GLY R 109 2.55 -17.11 3.15
N ILE R 110 1.36 -16.55 2.99
CA ILE R 110 0.33 -16.65 4.02
C ILE R 110 -0.17 -18.08 4.14
N VAL R 111 -0.42 -18.74 3.00
CA VAL R 111 -0.88 -20.13 3.04
C VAL R 111 0.23 -21.04 3.56
N GLY R 112 1.46 -20.84 3.09
CA GLY R 112 2.57 -21.65 3.56
C GLY R 112 2.84 -21.47 5.05
N ASP R 113 2.69 -20.25 5.56
CA ASP R 113 2.88 -20.03 6.98
C ASP R 113 1.91 -20.89 7.79
N ALA R 114 0.64 -20.90 7.38
CA ALA R 114 -0.33 -21.76 8.05
C ALA R 114 -0.06 -23.23 7.75
N GLY R 115 0.32 -23.54 6.52
CA GLY R 115 0.38 -24.94 6.09
C GLY R 115 1.38 -25.77 6.89
N VAL R 116 2.60 -25.24 7.06
CA VAL R 116 3.62 -26.00 7.76
C VAL R 116 3.25 -26.19 9.23
N ARG R 117 2.60 -25.20 9.84
CA ARG R 117 2.15 -25.36 11.21
C ARG R 117 1.08 -26.45 11.31
N GLY R 118 0.10 -26.41 10.42
CA GLY R 118 -0.90 -27.46 10.39
C GLY R 118 -0.31 -28.83 10.10
N SER R 119 0.70 -28.88 9.23
CA SER R 119 1.34 -30.15 8.94
C SER R 119 1.87 -30.81 10.20
N SER R 120 2.32 -30.02 11.17
CA SER R 120 2.89 -30.58 12.39
C SER R 120 1.84 -31.33 13.21
N GLN R 121 0.63 -30.77 13.34
CA GLN R 121 -0.36 -31.32 14.24
C GLN R 121 -1.27 -32.36 13.59
N GLN R 122 -1.36 -32.38 12.27
CA GLN R 122 -2.29 -33.27 11.56
C GLN R 122 -1.60 -33.81 10.32
N PRO R 123 -1.07 -35.05 10.36
CA PRO R 123 -0.25 -35.52 9.23
C PRO R 123 -1.00 -35.58 7.91
N ARG R 124 -2.31 -35.81 7.93
CA ARG R 124 -3.09 -35.84 6.70
C ARG R 124 -3.13 -34.47 6.03
N LEU R 125 -2.78 -33.41 6.76
CA LEU R 125 -2.97 -32.05 6.29
C LEU R 125 -1.88 -31.56 5.36
N PHE R 126 -0.78 -32.30 5.22
CA PHE R 126 0.29 -31.87 4.33
C PHE R 126 -0.19 -31.82 2.88
N VAL R 127 -0.83 -32.89 2.42
CA VAL R 127 -1.34 -32.91 1.04
C VAL R 127 -2.37 -31.81 0.84
N GLY R 128 -3.18 -31.55 1.86
CA GLY R 128 -4.12 -30.44 1.77
C GLY R 128 -3.43 -29.11 1.53
N MET R 129 -2.31 -28.88 2.22
CA MET R 129 -1.51 -27.69 1.97
C MET R 129 -1.03 -27.63 0.53
N ILE R 130 -0.45 -28.73 0.04
CA ILE R 130 0.12 -28.73 -1.29
C ILE R 130 -0.94 -28.41 -2.34
N LEU R 131 -2.13 -28.98 -2.19
CA LEU R 131 -3.20 -28.72 -3.15
C LEU R 131 -3.53 -27.23 -3.22
N ILE R 132 -3.71 -26.59 -2.07
CA ILE R 132 -4.04 -25.16 -2.05
C ILE R 132 -2.88 -24.36 -2.61
N LEU R 133 -1.64 -24.75 -2.27
CA LEU R 133 -0.49 -23.92 -2.61
C LEU R 133 -0.26 -23.86 -4.12
N ILE R 134 -0.61 -24.91 -4.85
CA ILE R 134 -0.44 -24.88 -6.31
C ILE R 134 -1.29 -23.77 -6.91
N PHE R 135 -2.52 -23.62 -6.43
CA PHE R 135 -3.43 -22.63 -7.00
C PHE R 135 -3.09 -21.21 -6.58
N ALA R 136 -2.11 -21.03 -5.70
CA ALA R 136 -1.45 -19.73 -5.55
C ALA R 136 -0.32 -19.58 -6.55
N GLU R 137 0.46 -20.66 -6.76
CA GLU R 137 1.56 -20.61 -7.71
C GLU R 137 1.09 -20.28 -9.11
N VAL R 138 0.00 -20.93 -9.57
CA VAL R 138 -0.44 -20.76 -10.94
C VAL R 138 -0.80 -19.32 -11.24
N LEU R 139 -1.21 -18.56 -10.23
CA LEU R 139 -1.57 -17.17 -10.45
C LEU R 139 -0.38 -16.36 -10.97
N GLY R 140 0.84 -16.74 -10.62
CA GLY R 140 1.99 -16.13 -11.23
C GLY R 140 2.17 -16.58 -12.67
N LEU R 141 1.78 -17.81 -12.99
CA LEU R 141 1.91 -18.33 -14.34
C LEU R 141 0.99 -17.58 -15.31
N TYR R 142 -0.24 -17.29 -14.88
CA TYR R 142 -1.14 -16.52 -15.74
C TYR R 142 -0.54 -15.17 -16.09
N GLY R 143 0.15 -14.53 -15.14
CA GLY R 143 0.83 -13.29 -15.46
C GLY R 143 1.91 -13.49 -16.51
N LEU R 144 2.66 -14.59 -16.41
CA LEU R 144 3.67 -14.90 -17.42
C LEU R 144 3.03 -15.09 -18.79
N ILE R 145 1.89 -15.78 -18.85
CA ILE R 145 1.27 -16.07 -20.14
C ILE R 145 0.89 -14.78 -20.85
N VAL R 146 0.26 -13.83 -20.15
CA VAL R 146 -0.11 -12.57 -20.78
C VAL R 146 1.15 -11.83 -21.22
N ALA R 147 2.19 -11.87 -20.40
CA ALA R 147 3.44 -11.20 -20.77
C ALA R 147 4.00 -11.77 -22.06
N LEU R 148 4.00 -13.10 -22.19
CA LEU R 148 4.51 -13.72 -23.42
C LEU R 148 3.67 -13.34 -24.62
N LEU R 149 2.34 -13.28 -24.45
CA LEU R 149 1.46 -12.90 -25.55
C LEU R 149 1.76 -11.49 -26.02
N LEU R 150 1.81 -10.53 -25.10
CA LEU R 150 2.09 -9.14 -25.48
C LEU R 150 3.48 -9.03 -26.10
N ASN R 151 4.47 -9.69 -25.51
CA ASN R 151 5.83 -9.60 -26.02
C ASN R 151 5.92 -10.12 -27.45
N SER R 152 5.13 -11.13 -27.79
CA SER R 152 5.18 -11.70 -29.13
C SER R 152 4.83 -10.67 -30.21
N ARG R 153 4.12 -9.60 -29.84
CA ARG R 153 3.73 -8.56 -30.78
C ARG R 153 4.65 -7.35 -30.76
N ALA R 154 5.75 -7.40 -30.00
CA ALA R 154 6.54 -6.21 -29.76
C ALA R 154 7.19 -5.68 -31.03
N THR R 155 7.55 -6.56 -31.98
CA THR R 155 8.28 -6.15 -33.16
C THR R 155 7.59 -6.57 -34.47
N GLN R 156 6.36 -7.06 -34.40
CA GLN R 156 5.67 -7.57 -35.58
C GLN R 156 5.21 -6.42 -36.46
N ASP R 157 5.93 -6.19 -37.55
CA ASP R 157 5.53 -5.23 -38.59
C ASP R 157 5.39 -3.81 -38.06
N VAL R 158 6.08 -3.49 -36.96
CA VAL R 158 6.13 -2.11 -36.48
C VAL R 158 7.17 -1.36 -37.28
N VAL R 159 6.82 -0.14 -37.69
CA VAL R 159 7.67 0.68 -38.55
C VAL R 159 7.81 2.06 -37.91
N CYS R 160 9.04 2.55 -37.85
CA CYS R 160 9.32 3.85 -37.25
C CYS R 160 8.74 4.98 -38.09
N GLU S 3 -17.36 -68.55 -8.88
CA GLU S 3 -16.01 -67.95 -9.13
C GLU S 3 -15.96 -66.51 -8.66
N LYS S 4 -14.76 -66.08 -8.24
CA LYS S 4 -14.59 -64.71 -7.76
C LYS S 4 -14.84 -63.73 -8.89
N GLU S 5 -15.60 -62.67 -8.60
CA GLU S 5 -15.93 -61.65 -9.58
C GLU S 5 -14.93 -60.51 -9.51
N GLU S 6 -14.59 -59.96 -10.67
CA GLU S 6 -13.83 -58.71 -10.72
C GLU S 6 -14.77 -57.55 -10.45
N ALA S 7 -14.37 -56.68 -9.50
CA ALA S 7 -15.17 -55.51 -9.13
C ALA S 7 -14.29 -54.27 -9.18
N ILE S 8 -14.18 -53.69 -10.37
CA ILE S 8 -13.47 -52.43 -10.54
C ILE S 8 -14.33 -51.44 -11.34
N PHE S 9 -15.23 -51.96 -12.15
CA PHE S 9 -16.15 -51.09 -12.89
C PHE S 9 -17.26 -50.58 -11.98
N ARG S 10 -17.73 -51.43 -11.06
CA ARG S 10 -18.63 -51.03 -10.00
C ARG S 10 -18.21 -51.75 -8.72
N SER S 11 -18.69 -51.24 -7.59
CA SER S 11 -18.39 -51.86 -6.31
C SER S 11 -18.80 -53.33 -6.32
N ALA S 12 -18.09 -54.14 -5.54
CA ALA S 12 -18.44 -55.54 -5.41
C ALA S 12 -19.79 -55.68 -4.73
N GLU S 13 -20.51 -56.75 -5.08
CA GLU S 13 -21.77 -57.04 -4.43
C GLU S 13 -21.54 -57.44 -2.97
N MET S 14 -22.43 -56.98 -2.09
CA MET S 14 -22.32 -57.23 -0.67
C MET S 14 -23.55 -57.95 -0.15
N ALA S 15 -23.36 -58.77 0.88
CA ALA S 15 -24.43 -59.45 1.57
C ALA S 15 -24.38 -59.13 3.05
N LEU S 16 -25.55 -59.14 3.68
CA LEU S 16 -25.67 -58.96 5.13
C LEU S 16 -25.91 -60.30 5.77
N VAL S 17 -25.05 -60.67 6.72
CA VAL S 17 -25.11 -61.96 7.39
C VAL S 17 -25.31 -61.74 8.87
N GLN S 18 -26.09 -62.61 9.48
CA GLN S 18 -26.37 -62.58 10.91
C GLN S 18 -25.77 -63.83 11.56
N PHE S 19 -24.91 -63.63 12.54
CA PHE S 19 -24.23 -64.72 13.24
C PHE S 19 -24.99 -65.06 14.51
N TYR S 20 -25.33 -66.35 14.65
CA TYR S 20 -25.87 -66.90 15.89
C TYR S 20 -24.73 -67.66 16.57
N ILE S 21 -24.02 -66.98 17.47
CA ILE S 21 -22.86 -67.55 18.15
C ILE S 21 -23.29 -67.94 19.56
N PRO S 22 -23.29 -69.22 19.92
CA PRO S 22 -23.51 -69.57 21.32
C PRO S 22 -22.37 -69.06 22.17
N GLN S 23 -22.72 -68.58 23.37
CA GLN S 23 -21.77 -67.87 24.21
C GLN S 23 -20.51 -68.69 24.49
N GLU S 24 -20.64 -70.01 24.59
CA GLU S 24 -19.51 -70.84 25.00
C GLU S 24 -18.36 -70.79 24.00
N ILE S 25 -18.62 -70.42 22.74
CA ILE S 25 -17.57 -70.29 21.74
C ILE S 25 -17.49 -68.86 21.21
N SER S 26 -18.02 -67.89 21.96
CA SER S 26 -17.94 -66.50 21.53
C SER S 26 -16.50 -66.08 21.29
N ARG S 27 -15.61 -66.43 22.22
CA ARG S 27 -14.22 -66.00 22.10
C ARG S 27 -13.52 -66.67 20.91
N ASP S 28 -13.68 -67.98 20.77
CA ASP S 28 -12.99 -68.70 19.70
C ASP S 28 -13.46 -68.23 18.33
N SER S 29 -14.78 -68.12 18.14
CA SER S 29 -15.32 -67.74 16.84
C SER S 29 -14.86 -66.35 16.44
N ALA S 30 -14.84 -65.40 17.39
CA ALA S 30 -14.37 -64.06 17.07
C ALA S 30 -12.94 -64.09 16.53
N TYR S 31 -12.10 -64.96 17.10
CA TYR S 31 -10.72 -65.05 16.63
C TYR S 31 -10.65 -65.50 15.18
N THR S 32 -11.43 -66.52 14.82
CA THR S 32 -11.39 -67.03 13.45
C THR S 32 -11.84 -65.96 12.46
N LEU S 33 -12.91 -65.23 12.79
CA LEU S 33 -13.37 -64.18 11.89
C LEU S 33 -12.31 -63.09 11.73
N GLY S 34 -11.61 -62.75 12.82
CA GLY S 34 -10.50 -61.83 12.70
C GLY S 34 -9.39 -62.35 11.82
N GLN S 35 -9.19 -63.67 11.83
CA GLN S 35 -8.17 -64.27 10.97
C GLN S 35 -8.59 -64.28 9.51
N LEU S 36 -9.90 -64.38 9.24
CA LEU S 36 -10.36 -64.28 7.86
C LEU S 36 -10.17 -62.88 7.31
N GLY S 37 -10.54 -61.86 8.08
CA GLY S 37 -10.35 -60.49 7.66
C GLY S 37 -11.34 -60.00 6.63
N LEU S 38 -12.54 -60.58 6.58
CA LEU S 38 -13.53 -60.24 5.57
C LEU S 38 -14.74 -59.49 6.11
N VAL S 39 -15.17 -59.76 7.34
CA VAL S 39 -16.44 -59.25 7.83
C VAL S 39 -16.28 -57.84 8.37
N GLN S 40 -17.27 -57.00 8.10
CA GLN S 40 -17.41 -55.68 8.71
C GLN S 40 -18.71 -55.65 9.50
N PHE S 41 -18.62 -55.39 10.80
CA PHE S 41 -19.74 -55.55 11.71
C PHE S 41 -20.54 -54.26 11.86
N ARG S 42 -21.85 -54.41 12.06
CA ARG S 42 -22.70 -53.31 12.47
C ARG S 42 -22.75 -53.24 13.99
N ASP S 43 -22.90 -52.01 14.50
CA ASP S 43 -23.01 -51.77 15.94
C ASP S 43 -24.48 -51.89 16.33
N LEU S 44 -24.83 -53.00 16.98
CA LEU S 44 -26.21 -53.24 17.40
C LEU S 44 -26.55 -52.57 18.72
N ASN S 45 -25.56 -52.07 19.46
CA ASN S 45 -25.79 -51.46 20.77
C ASN S 45 -25.56 -49.95 20.75
N SER S 46 -25.88 -49.30 19.62
CA SER S 46 -25.59 -47.87 19.49
C SER S 46 -26.35 -47.02 20.51
N LYS S 47 -27.43 -47.53 21.08
CA LYS S 47 -28.18 -46.77 22.07
C LYS S 47 -27.55 -46.82 23.45
N VAL S 48 -26.75 -47.84 23.72
CA VAL S 48 -26.26 -48.10 25.07
C VAL S 48 -25.13 -47.13 25.41
N ARG S 49 -25.10 -46.70 26.67
CA ARG S 49 -23.99 -45.89 27.15
C ARG S 49 -22.69 -46.68 27.12
N ALA S 50 -21.58 -45.96 26.92
CA ALA S 50 -20.30 -46.61 26.69
C ALA S 50 -19.95 -47.59 27.80
N PHE S 51 -20.18 -47.20 29.06
CA PHE S 51 -19.75 -48.00 30.20
C PHE S 51 -20.69 -49.14 30.53
N GLN S 52 -21.80 -49.29 29.81
CA GLN S 52 -22.77 -50.34 30.09
C GLN S 52 -22.71 -51.51 29.11
N ARG S 53 -21.91 -51.42 28.06
CA ARG S 53 -21.76 -52.55 27.16
C ARG S 53 -21.20 -53.75 27.92
N THR S 54 -21.60 -54.94 27.48
CA THR S 54 -21.54 -56.10 28.36
C THR S 54 -20.12 -56.56 28.66
N PHE S 55 -19.18 -56.39 27.72
CA PHE S 55 -17.81 -56.83 27.91
C PHE S 55 -16.90 -55.72 28.43
N VAL S 56 -17.45 -54.75 29.16
CA VAL S 56 -16.65 -53.60 29.59
C VAL S 56 -15.53 -54.04 30.53
N ASN S 57 -15.86 -54.87 31.52
CA ASN S 57 -14.86 -55.21 32.53
C ASN S 57 -13.74 -56.07 31.96
N GLU S 58 -14.05 -56.96 31.02
CA GLU S 58 -13.00 -57.73 30.37
C GLU S 58 -12.02 -56.82 29.65
N ILE S 59 -12.54 -55.77 29.01
CA ILE S 59 -11.67 -54.81 28.33
C ILE S 59 -10.79 -54.07 29.34
N ARG S 60 -11.36 -53.71 30.49
CA ARG S 60 -10.60 -52.96 31.48
C ARG S 60 -9.34 -53.72 31.91
N ARG S 61 -9.46 -55.03 32.14
CA ARG S 61 -8.29 -55.82 32.48
C ARG S 61 -7.20 -55.67 31.42
N LEU S 62 -7.57 -55.89 30.16
CA LEU S 62 -6.58 -55.84 29.09
C LEU S 62 -6.10 -54.41 28.83
N ASP S 63 -6.97 -53.41 29.05
CA ASP S 63 -6.52 -52.04 28.96
C ASP S 63 -5.44 -51.76 30.00
N ASN S 64 -5.63 -52.25 31.22
CA ASN S 64 -4.63 -52.00 32.27
C ASN S 64 -3.29 -52.64 31.90
N VAL S 65 -3.31 -53.87 31.37
CA VAL S 65 -2.08 -54.50 30.90
C VAL S 65 -1.43 -53.64 29.83
N GLU S 66 -2.24 -53.10 28.92
CA GLU S 66 -1.69 -52.28 27.85
C GLU S 66 -1.00 -51.04 28.42
N ARG S 67 -1.58 -50.44 29.46
CA ARG S 67 -0.91 -49.32 30.13
C ARG S 67 0.45 -49.75 30.66
N GLN S 68 0.51 -50.92 31.30
CA GLN S 68 1.77 -51.37 31.89
C GLN S 68 2.81 -51.64 30.80
N TYR S 69 2.40 -52.20 29.68
CA TYR S 69 3.34 -52.41 28.58
C TYR S 69 3.85 -51.10 28.03
N ARG S 70 2.98 -50.08 27.95
CA ARG S 70 3.46 -48.75 27.60
C ARG S 70 4.50 -48.27 28.59
N TYR S 71 4.27 -48.51 29.88
CA TYR S 71 5.23 -48.09 30.89
C TYR S 71 6.57 -48.80 30.73
N PHE S 72 6.55 -50.10 30.48
CA PHE S 72 7.80 -50.83 30.27
C PHE S 72 8.57 -50.26 29.09
N TYR S 73 7.87 -50.00 27.99
CA TYR S 73 8.53 -49.46 26.80
C TYR S 73 9.18 -48.12 27.09
N SER S 74 8.58 -47.32 27.98
CA SER S 74 9.19 -46.05 28.36
C SER S 74 10.54 -46.27 29.04
N LEU S 75 10.62 -47.26 29.94
CA LEU S 75 11.88 -47.53 30.62
C LEU S 75 12.93 -48.04 29.65
N LEU S 76 12.54 -48.90 28.71
CA LEU S 76 13.49 -49.35 27.69
C LEU S 76 14.14 -48.16 26.99
N LYS S 77 13.35 -47.12 26.72
CA LYS S 77 13.89 -45.94 26.06
C LYS S 77 14.70 -45.06 27.01
N LYS S 78 14.32 -45.02 28.28
CA LYS S 78 15.11 -44.24 29.24
C LYS S 78 16.54 -44.77 29.31
N HIS S 79 16.70 -46.09 29.40
CA HIS S 79 18.00 -46.72 29.49
C HIS S 79 18.57 -47.12 28.12
N ASP S 80 17.88 -46.77 27.03
CA ASP S 80 18.42 -46.94 25.69
C ASP S 80 18.72 -48.41 25.38
N ILE S 81 17.71 -49.26 25.54
CA ILE S 81 17.81 -50.69 25.22
C ILE S 81 16.88 -50.98 24.05
N LYS S 82 17.43 -51.66 23.04
CA LYS S 82 16.65 -51.95 21.85
C LYS S 82 15.56 -52.98 22.13
N LEU S 83 14.33 -52.66 21.76
CA LEU S 83 13.26 -53.64 21.79
C LEU S 83 13.43 -54.63 20.64
N TYR S 84 13.31 -55.92 20.97
CA TYR S 84 13.49 -56.95 19.94
C TYR S 84 12.28 -56.98 19.01
N GLU S 85 12.53 -57.45 17.79
CA GLU S 85 11.54 -57.42 16.72
C GLU S 85 10.95 -58.81 16.49
N GLY S 86 9.63 -58.91 16.56
CA GLY S 86 8.96 -60.15 16.19
C GLY S 86 8.71 -60.24 14.70
N ASP S 87 8.58 -61.48 14.21
CA ASP S 87 8.31 -61.71 12.80
C ASP S 87 6.86 -61.35 12.48
N THR S 88 6.68 -60.42 11.54
CA THR S 88 5.33 -59.97 11.20
C THR S 88 4.47 -61.08 10.63
N ASP S 89 5.08 -62.07 9.98
CA ASP S 89 4.34 -63.08 9.23
C ASP S 89 4.17 -64.39 10.00
N LYS S 90 4.49 -64.41 11.29
CA LYS S 90 4.42 -65.66 12.04
C LYS S 90 2.99 -66.15 12.24
N TYR S 91 2.00 -65.26 12.21
CA TYR S 91 0.61 -65.69 12.30
C TYR S 91 -0.01 -65.87 10.92
N LEU S 92 -0.09 -64.78 10.16
CA LEU S 92 -0.77 -64.78 8.88
C LEU S 92 -0.52 -63.44 8.21
N ASP S 93 -0.74 -63.41 6.88
CA ASP S 93 -0.78 -62.17 6.11
C ASP S 93 -2.04 -62.21 5.24
N GLY S 94 -3.16 -61.78 5.80
CA GLY S 94 -4.40 -61.66 5.05
C GLY S 94 -4.82 -62.94 4.35
N SER S 95 -4.19 -64.07 4.70
CA SER S 95 -4.40 -65.31 3.98
C SER S 95 -5.66 -66.04 4.42
N GLY S 96 -6.25 -65.67 5.55
CA GLY S 96 -7.37 -66.42 6.10
C GLY S 96 -6.98 -67.72 6.76
N GLU S 97 -5.70 -67.92 7.03
CA GLU S 97 -5.23 -69.17 7.60
C GLU S 97 -5.57 -69.26 9.09
N LEU S 98 -6.15 -70.39 9.48
CA LEU S 98 -6.52 -70.62 10.86
C LEU S 98 -5.28 -70.80 11.74
N TYR S 99 -5.30 -70.20 12.93
CA TYR S 99 -4.30 -70.50 13.95
C TYR S 99 -4.96 -70.47 15.32
N VAL S 100 -4.40 -71.26 16.23
CA VAL S 100 -5.03 -71.52 17.53
C VAL S 100 -4.84 -70.31 18.45
N PRO S 101 -5.90 -69.79 19.07
CA PRO S 101 -5.74 -68.62 19.94
C PRO S 101 -5.16 -69.00 21.28
N PRO S 102 -4.60 -68.03 22.02
CA PRO S 102 -4.18 -68.31 23.39
C PRO S 102 -5.34 -68.74 24.28
N SER S 103 -5.04 -69.58 25.26
CA SER S 103 -6.01 -70.00 26.24
C SER S 103 -6.30 -68.87 27.23
N GLY S 104 -7.40 -69.02 27.98
CA GLY S 104 -7.70 -68.07 29.02
C GLY S 104 -6.61 -68.00 30.08
N SER S 105 -6.03 -69.15 30.41
CA SER S 105 -4.97 -69.17 31.42
C SER S 105 -3.73 -68.41 30.94
N VAL S 106 -3.43 -68.46 29.65
CA VAL S 106 -2.30 -67.70 29.13
C VAL S 106 -2.54 -66.21 29.28
N ILE S 107 -3.74 -65.75 28.92
CA ILE S 107 -4.06 -64.33 29.06
C ILE S 107 -3.99 -63.91 30.52
N ASP S 108 -4.57 -64.73 31.41
CA ASP S 108 -4.47 -64.43 32.84
C ASP S 108 -3.03 -64.42 33.30
N ASP S 109 -2.16 -65.24 32.69
CA ASP S 109 -0.75 -65.22 33.04
C ASP S 109 -0.11 -63.89 32.65
N TYR S 110 -0.47 -63.35 31.48
CA TYR S 110 -0.02 -62.00 31.13
C TYR S 110 -0.46 -60.98 32.16
N VAL S 111 -1.71 -61.07 32.59
CA VAL S 111 -2.25 -60.10 33.54
C VAL S 111 -1.48 -60.16 34.86
N ARG S 112 -1.27 -61.37 35.37
CA ARG S 112 -0.52 -61.52 36.62
C ARG S 112 0.91 -61.02 36.46
N ASN S 113 1.60 -61.46 35.41
CA ASN S 113 3.01 -61.12 35.26
C ASN S 113 3.19 -59.62 35.07
N ALA S 114 2.34 -58.99 34.26
CA ALA S 114 2.48 -57.56 34.03
C ALA S 114 2.30 -56.77 35.33
N SER S 115 1.31 -57.16 36.15
CA SER S 115 1.14 -56.51 37.43
C SER S 115 2.37 -56.72 38.32
N TYR S 116 2.92 -57.93 38.32
CA TYR S 116 4.08 -58.24 39.14
C TYR S 116 5.29 -57.41 38.70
N LEU S 117 5.51 -57.29 37.40
CA LEU S 117 6.69 -56.57 36.91
C LEU S 117 6.61 -55.08 37.23
N GLU S 118 5.43 -54.48 37.09
CA GLU S 118 5.29 -53.06 37.40
C GLU S 118 5.65 -52.78 38.85
N GLU S 119 5.19 -53.63 39.76
CA GLU S 119 5.45 -53.40 41.18
C GLU S 119 6.94 -53.49 41.49
N ARG S 120 7.69 -54.32 40.76
CA ARG S 120 9.13 -54.40 40.95
C ARG S 120 9.84 -53.21 40.31
N LEU S 121 9.54 -52.94 39.04
CA LEU S 121 10.25 -51.88 38.32
C LEU S 121 10.02 -50.51 38.95
N ILE S 122 8.79 -50.22 39.36
CA ILE S 122 8.52 -48.93 39.96
C ILE S 122 9.29 -48.77 41.26
N GLN S 123 9.62 -49.88 41.91
CA GLN S 123 10.43 -49.82 43.12
C GLN S 123 11.91 -49.66 42.77
N MET S 124 12.43 -50.52 41.90
CA MET S 124 13.84 -50.46 41.55
C MET S 124 14.19 -49.15 40.86
N GLU S 125 13.32 -48.68 39.96
CA GLU S 125 13.62 -47.46 39.21
C GLU S 125 13.76 -46.26 40.15
N ASP S 126 12.81 -46.10 41.08
CA ASP S 126 12.89 -44.98 42.01
C ASP S 126 14.12 -45.09 42.90
N ALA S 127 14.42 -46.30 43.38
CA ALA S 127 15.61 -46.48 44.21
C ALA S 127 16.87 -46.07 43.46
N THR S 128 16.91 -46.26 42.14
CA THR S 128 18.07 -45.85 41.37
C THR S 128 18.13 -44.33 41.22
N ASP S 129 16.98 -43.69 40.99
CA ASP S 129 16.96 -42.24 40.85
C ASP S 129 17.39 -41.56 42.15
N GLN S 130 17.05 -42.15 43.30
CA GLN S 130 17.50 -41.59 44.56
C GLN S 130 19.02 -41.52 44.63
N ILE S 131 19.70 -42.55 44.11
CA ILE S 131 21.16 -42.56 44.10
C ILE S 131 21.68 -41.53 43.12
N GLU S 132 21.08 -41.45 41.93
CA GLU S 132 21.53 -40.47 40.94
C GLU S 132 21.46 -39.06 41.47
N VAL S 133 20.45 -38.75 42.28
CA VAL S 133 20.33 -37.41 42.86
C VAL S 133 21.53 -37.12 43.74
N GLN S 134 21.88 -38.05 44.63
CA GLN S 134 23.03 -37.86 45.50
C GLN S 134 24.31 -37.69 44.69
N LYS S 135 24.47 -38.50 43.63
CA LYS S 135 25.66 -38.36 42.79
C LYS S 135 25.77 -36.96 42.22
N ASN S 136 24.69 -36.46 41.62
CA ASN S 136 24.72 -35.12 41.05
C ASN S 136 24.94 -34.06 42.11
N ASP S 137 24.37 -34.25 43.31
CA ASP S 137 24.58 -33.30 44.39
C ASP S 137 26.05 -33.25 44.79
N LEU S 138 26.66 -34.41 45.04
CA LEU S 138 28.05 -34.43 45.48
C LEU S 138 28.98 -33.88 44.41
N GLU S 139 28.76 -34.27 43.16
CA GLU S 139 29.66 -33.82 42.09
C GLU S 139 29.61 -32.32 41.90
N GLN S 140 28.46 -31.70 42.15
CA GLN S 140 28.40 -30.24 42.16
C GLN S 140 29.18 -29.68 43.34
N TYR S 141 28.98 -30.27 44.52
CA TYR S 141 29.75 -29.87 45.70
C TYR S 141 31.24 -30.06 45.47
N ARG S 142 31.61 -31.18 44.85
CA ARG S 142 33.01 -31.44 44.56
C ARG S 142 33.60 -30.37 43.66
N PHE S 143 32.83 -29.92 42.67
CA PHE S 143 33.35 -28.93 41.72
C PHE S 143 33.72 -27.63 42.42
N ILE S 144 32.89 -27.15 43.36
CA ILE S 144 33.17 -25.90 44.04
C ILE S 144 34.46 -26.01 44.85
N LEU S 145 34.62 -27.11 45.59
CA LEU S 145 35.84 -27.29 46.38
C LEU S 145 37.08 -27.32 45.50
N GLN S 146 36.94 -27.76 44.26
CA GLN S 146 38.08 -27.82 43.34
C GLN S 146 38.45 -26.46 42.77
N SER S 147 37.65 -25.42 43.01
CA SER S 147 37.98 -24.10 42.49
C SER S 147 39.15 -23.48 43.23
N GLY S 148 39.92 -22.66 42.53
CA GLY S 148 41.05 -21.99 43.14
C GLY S 148 40.62 -20.93 44.14
N ASP S 149 41.55 -20.62 45.04
CA ASP S 149 41.27 -19.68 46.13
C ASP S 149 41.05 -18.26 45.65
N GLU S 150 41.53 -17.90 44.45
CA GLU S 150 41.22 -16.58 43.91
C GLU S 150 39.73 -16.39 43.71
N PHE S 151 38.98 -17.50 43.59
CA PHE S 151 37.53 -17.42 43.51
C PHE S 151 36.92 -16.84 44.77
N PHE S 152 37.59 -17.00 45.91
CA PHE S 152 37.10 -16.52 47.20
C PHE S 152 37.76 -15.23 47.65
N LEU S 153 38.57 -14.59 46.80
CA LEU S 153 39.52 -13.59 47.29
C LEU S 153 38.81 -12.33 47.77
N LYS S 154 37.86 -11.82 47.00
CA LYS S 154 37.19 -10.56 47.36
C LYS S 154 36.17 -10.78 48.47
N VAL S 184 29.64 -16.36 58.62
CA VAL S 184 30.61 -16.68 57.59
C VAL S 184 30.72 -15.53 56.61
N ASN S 185 31.90 -15.39 56.01
CA ASN S 185 32.19 -14.21 55.19
C ASN S 185 31.44 -14.18 53.86
N TYR S 186 30.81 -15.28 53.45
CA TYR S 186 30.27 -15.34 52.10
C TYR S 186 29.16 -16.39 52.01
N VAL S 187 28.39 -16.29 50.93
CA VAL S 187 27.42 -17.30 50.54
C VAL S 187 27.80 -17.79 49.15
N THR S 188 27.74 -19.10 48.94
CA THR S 188 28.16 -19.67 47.68
C THR S 188 27.31 -20.89 47.36
N GLY S 189 27.19 -21.18 46.07
CA GLY S 189 26.42 -22.31 45.63
C GLY S 189 26.50 -22.46 44.13
N VAL S 190 25.62 -23.31 43.60
CA VAL S 190 25.53 -23.56 42.17
C VAL S 190 24.12 -23.24 41.73
N ILE S 191 24.00 -22.62 40.55
CA ILE S 191 22.72 -22.16 40.03
C ILE S 191 22.68 -22.42 38.53
N ALA S 192 21.46 -22.51 38.00
CA ALA S 192 21.29 -22.75 36.57
C ALA S 192 21.88 -21.59 35.76
N ARG S 193 22.52 -21.93 34.64
CA ARG S 193 23.04 -20.92 33.73
C ARG S 193 21.96 -19.93 33.34
N ASP S 194 20.72 -20.39 33.16
CA ASP S 194 19.66 -19.52 32.66
C ASP S 194 19.37 -18.37 33.62
N LYS S 195 19.50 -18.60 34.92
CA LYS S 195 18.97 -17.69 35.92
C LYS S 195 20.03 -16.81 36.59
N VAL S 196 21.32 -17.06 36.36
CA VAL S 196 22.35 -16.30 37.08
C VAL S 196 22.22 -14.82 36.80
N ALA S 197 21.83 -14.46 35.57
CA ALA S 197 21.67 -13.04 35.25
C ALA S 197 20.59 -12.39 36.11
N THR S 198 19.53 -13.13 36.43
CA THR S 198 18.48 -12.58 37.29
C THR S 198 18.94 -12.46 38.74
N LEU S 199 19.76 -13.41 39.20
CA LEU S 199 20.19 -13.39 40.59
C LEU S 199 20.95 -12.12 40.92
N GLU S 200 21.95 -11.78 40.11
CA GLU S 200 22.75 -10.60 40.40
C GLU S 200 21.93 -9.33 40.24
N GLN S 201 20.95 -9.32 39.33
CA GLN S 201 20.07 -8.17 39.21
C GLN S 201 19.30 -7.93 40.51
N ILE S 202 18.78 -9.00 41.11
CA ILE S 202 18.04 -8.87 42.36
C ILE S 202 18.97 -8.45 43.50
N LEU S 203 20.10 -9.15 43.62
CA LEU S 203 21.00 -8.89 44.74
C LEU S 203 21.54 -7.46 44.71
N TRP S 204 21.75 -6.91 43.52
CA TRP S 204 22.26 -5.54 43.43
C TRP S 204 21.32 -4.56 44.13
N ARG S 205 20.01 -4.74 43.95
CA ARG S 205 19.04 -3.89 44.65
C ARG S 205 19.05 -4.17 46.15
N VAL S 206 19.06 -5.45 46.52
CA VAL S 206 18.98 -5.81 47.94
C VAL S 206 20.16 -5.21 48.71
N LEU S 207 21.35 -5.22 48.12
CA LEU S 207 22.55 -4.73 48.76
C LEU S 207 22.87 -3.29 48.42
N ARG S 208 21.94 -2.58 47.75
CA ARG S 208 22.09 -1.16 47.47
C ARG S 208 23.39 -0.87 46.72
N GLY S 209 23.78 -1.76 45.82
CA GLY S 209 24.95 -1.55 45.00
C GLY S 209 26.28 -1.90 45.64
N ASN S 210 26.28 -2.40 46.87
CA ASN S 210 27.49 -2.87 47.51
C ASN S 210 27.84 -4.30 47.11
N LEU S 211 27.26 -4.78 46.02
CA LEU S 211 27.38 -6.16 45.62
C LEU S 211 28.81 -6.49 45.20
N PHE S 212 29.38 -7.53 45.80
CA PHE S 212 30.61 -8.16 45.31
C PHE S 212 30.26 -9.59 44.94
N PHE S 213 30.40 -9.91 43.66
CA PHE S 213 29.75 -11.09 43.10
C PHE S 213 30.65 -11.71 42.03
N LYS S 214 30.78 -13.03 42.08
CA LYS S 214 31.61 -13.79 41.15
C LYS S 214 30.84 -14.99 40.62
N THR S 215 31.10 -15.32 39.35
CA THR S 215 30.43 -16.43 38.68
C THR S 215 31.44 -17.22 37.87
N VAL S 216 31.33 -18.54 37.90
CA VAL S 216 32.23 -19.44 37.20
C VAL S 216 31.42 -20.51 36.50
N GLU S 217 31.82 -20.85 35.27
CA GLU S 217 31.11 -21.81 34.47
C GLU S 217 31.38 -23.24 34.94
N ILE S 218 30.41 -24.11 34.73
CA ILE S 218 30.61 -25.55 34.74
C ILE S 218 30.59 -26.03 33.29
N GLU S 219 31.63 -26.76 32.89
CA GLU S 219 31.91 -26.96 31.48
C GLU S 219 30.90 -27.85 30.76
N GLN S 220 30.04 -28.57 31.48
CA GLN S 220 29.17 -29.54 30.83
C GLN S 220 27.80 -29.53 31.47
N PRO S 221 26.76 -29.97 30.75
CA PRO S 221 25.42 -30.01 31.34
C PRO S 221 25.36 -30.87 32.58
N VAL S 222 24.47 -30.49 33.50
CA VAL S 222 24.18 -31.25 34.70
C VAL S 222 22.78 -31.82 34.56
N TYR S 223 22.57 -33.03 35.09
CA TYR S 223 21.37 -33.80 34.81
C TYR S 223 20.37 -33.65 35.95
N ASP S 224 19.15 -33.24 35.59
CA ASP S 224 18.05 -33.02 36.53
C ASP S 224 17.01 -34.11 36.30
N VAL S 225 17.16 -35.22 37.02
CA VAL S 225 16.38 -36.42 36.73
C VAL S 225 14.89 -36.19 36.97
N LYS S 226 14.52 -35.45 38.02
CA LYS S 226 13.11 -35.18 38.23
C LYS S 226 12.50 -34.41 37.06
N THR S 227 13.30 -33.57 36.41
CA THR S 227 12.87 -32.89 35.20
C THR S 227 13.13 -33.69 33.94
N ARG S 228 13.95 -34.74 34.03
CA ARG S 228 14.30 -35.57 32.87
C ARG S 228 14.93 -34.72 31.76
N GLU S 229 15.72 -33.73 32.17
CA GLU S 229 16.49 -32.89 31.28
C GLU S 229 17.87 -32.68 31.89
N TYR S 230 18.80 -32.13 31.10
CA TYR S 230 20.07 -31.67 31.62
C TYR S 230 20.31 -30.23 31.20
N LYS S 231 20.96 -29.47 32.08
CA LYS S 231 21.09 -28.03 31.95
C LYS S 231 22.51 -27.59 32.28
N HIS S 232 22.92 -26.47 31.67
CA HIS S 232 24.15 -25.80 32.06
C HIS S 232 23.99 -25.15 33.42
N LYS S 233 25.11 -25.02 34.15
CA LYS S 233 25.08 -24.44 35.49
C LYS S 233 26.32 -23.58 35.72
N ASN S 234 26.21 -22.71 36.72
CA ASN S 234 27.30 -21.82 37.13
C ASN S 234 27.50 -21.91 38.64
N ALA S 235 28.75 -21.89 39.07
CA ALA S 235 29.05 -21.66 40.46
C ALA S 235 29.11 -20.15 40.74
N PHE S 236 28.74 -19.77 41.96
CA PHE S 236 28.66 -18.37 42.31
C PHE S 236 29.00 -18.18 43.79
N ILE S 237 29.39 -16.97 44.13
CA ILE S 237 29.73 -16.63 45.51
C ILE S 237 29.43 -15.16 45.74
N VAL S 238 28.98 -14.84 46.95
CA VAL S 238 28.60 -13.48 47.33
C VAL S 238 29.18 -13.18 48.70
N PHE S 239 29.67 -11.96 48.89
CA PHE S 239 30.37 -11.56 50.10
C PHE S 239 29.53 -10.60 50.93
N SER S 240 29.46 -10.85 52.23
CA SER S 240 28.84 -9.94 53.18
C SER S 240 29.13 -10.44 54.59
N HIS S 241 28.97 -9.55 55.56
CA HIS S 241 29.21 -9.86 56.96
C HIS S 241 27.95 -9.91 57.81
N GLY S 242 26.95 -9.10 57.48
CA GLY S 242 25.78 -8.98 58.35
C GLY S 242 25.01 -10.28 58.43
N ASP S 243 24.62 -10.66 59.65
CA ASP S 243 23.87 -11.90 59.83
C ASP S 243 22.55 -11.86 59.06
N LEU S 244 21.75 -10.81 59.28
CA LEU S 244 20.46 -10.73 58.59
C LEU S 244 20.64 -10.68 57.08
N ILE S 245 21.69 -10.00 56.61
CA ILE S 245 21.95 -9.92 55.18
C ILE S 245 22.29 -11.29 54.62
N ILE S 246 23.14 -12.04 55.32
CA ILE S 246 23.49 -13.38 54.88
C ILE S 246 22.23 -14.25 54.80
N LYS S 247 21.37 -14.17 55.81
CA LYS S 247 20.17 -14.98 55.82
C LYS S 247 19.25 -14.64 54.65
N ARG S 248 19.07 -13.35 54.38
CA ARG S 248 18.21 -12.96 53.26
C ARG S 248 18.79 -13.44 51.93
N ILE S 249 20.10 -13.32 51.75
CA ILE S 249 20.73 -13.77 50.51
C ILE S 249 20.43 -15.24 50.28
N ARG S 250 20.54 -16.06 51.34
CA ARG S 250 20.27 -17.48 51.21
C ARG S 250 18.83 -17.73 50.74
N LYS S 251 17.87 -17.06 51.36
CA LYS S 251 16.48 -17.27 50.98
C LYS S 251 16.21 -16.84 49.54
N ILE S 252 16.85 -15.76 49.08
CA ILE S 252 16.70 -15.35 47.69
C ILE S 252 17.24 -16.42 46.76
N ALA S 253 18.47 -16.87 47.00
CA ALA S 253 19.07 -17.86 46.12
C ALA S 253 18.28 -19.16 46.13
N GLU S 254 17.79 -19.58 47.29
CA GLU S 254 16.99 -20.79 47.37
C GLU S 254 15.60 -20.62 46.79
N SER S 255 15.13 -19.39 46.60
CA SER S 255 13.86 -19.19 45.91
C SER S 255 14.02 -19.44 44.41
N LEU S 256 15.15 -19.05 43.85
CA LEU S 256 15.57 -19.62 42.57
C LEU S 256 16.06 -21.03 42.81
N ASP S 257 16.37 -21.75 41.74
CA ASP S 257 16.65 -23.18 41.81
C ASP S 257 18.07 -23.50 42.29
N ALA S 258 18.73 -22.58 42.97
CA ALA S 258 20.13 -22.78 43.35
C ALA S 258 20.26 -23.81 44.48
N ASN S 259 21.42 -24.44 44.53
CA ASN S 259 21.83 -25.27 45.67
C ASN S 259 22.97 -24.58 46.38
N LEU S 260 22.86 -24.46 47.70
CA LEU S 260 23.82 -23.73 48.51
C LEU S 260 24.73 -24.72 49.25
N TYR S 261 26.02 -24.41 49.28
CA TYR S 261 27.02 -25.29 49.87
C TYR S 261 27.86 -24.53 50.89
N ASP S 262 28.36 -25.26 51.88
CA ASP S 262 29.19 -24.71 52.94
C ASP S 262 30.65 -25.06 52.69
N VAL S 263 31.52 -24.06 52.77
CA VAL S 263 32.93 -24.22 52.42
C VAL S 263 33.78 -23.45 53.43
N ASP S 264 34.88 -24.07 53.86
CA ASP S 264 35.78 -23.43 54.80
C ASP S 264 36.58 -22.31 54.15
N SER S 265 36.96 -21.33 54.96
CA SER S 265 37.69 -20.17 54.44
C SER S 265 39.15 -20.49 54.12
N SER S 266 39.75 -21.43 54.85
CA SER S 266 41.17 -21.73 54.71
C SER S 266 41.40 -22.75 53.60
N ASN S 267 42.57 -22.66 52.97
CA ASN S 267 42.93 -23.64 51.95
C ASN S 267 43.04 -25.04 52.54
N GLU S 268 43.53 -25.15 53.78
CA GLU S 268 43.57 -26.45 54.45
C GLU S 268 42.15 -27.00 54.64
N GLY S 269 41.22 -26.14 55.05
CA GLY S 269 39.84 -26.59 55.21
C GLY S 269 39.25 -27.10 53.93
N ARG S 270 39.46 -26.37 52.83
CA ARG S 270 38.98 -26.84 51.53
C ARG S 270 39.61 -28.18 51.17
N SER S 271 40.92 -28.30 51.39
CA SER S 271 41.60 -29.56 51.07
C SER S 271 41.03 -30.71 51.89
N GLN S 272 40.83 -30.50 53.19
CA GLN S 272 40.25 -31.55 54.03
C GLN S 272 38.84 -31.91 53.57
N GLN S 273 38.02 -30.89 53.30
CA GLN S 273 36.64 -31.14 52.87
C GLN S 273 36.62 -31.83 51.50
N LEU S 274 37.50 -31.42 50.59
CA LEU S 274 37.56 -32.07 49.28
C LEU S 274 37.90 -33.55 49.43
N ALA S 275 38.84 -33.87 50.32
CA ALA S 275 39.16 -35.28 50.58
C ALA S 275 37.95 -36.01 51.16
N LYS S 276 37.27 -35.39 52.12
CA LYS S 276 36.10 -36.02 52.73
C LYS S 276 35.03 -36.31 51.68
N VAL S 277 34.77 -35.34 50.80
CA VAL S 277 33.80 -35.55 49.73
C VAL S 277 34.27 -36.64 48.78
N ASN S 278 35.56 -36.63 48.42
CA ASN S 278 36.05 -37.59 47.43
C ASN S 278 35.89 -39.01 47.92
N LYS S 279 36.17 -39.27 49.20
CA LYS S 279 35.89 -40.59 49.76
C LYS S 279 34.41 -40.92 49.64
N ASN S 280 33.55 -39.99 50.07
CA ASN S 280 32.11 -40.25 50.05
C ASN S 280 31.63 -40.51 48.62
N LEU S 281 32.08 -39.68 47.68
CA LEU S 281 31.64 -39.84 46.29
C LEU S 281 32.21 -41.12 45.68
N SER S 282 33.49 -41.42 45.95
CA SER S 282 34.09 -42.62 45.38
C SER S 282 33.38 -43.88 45.85
N ASP S 283 32.94 -43.92 47.11
CA ASP S 283 32.18 -45.07 47.59
C ASP S 283 30.84 -45.19 46.87
N LEU S 284 30.18 -44.05 46.63
CA LEU S 284 28.82 -44.07 46.12
C LEU S 284 28.71 -44.80 44.78
N TYR S 285 29.74 -44.69 43.93
CA TYR S 285 29.67 -45.35 42.63
C TYR S 285 29.45 -46.85 42.78
N THR S 286 29.88 -47.44 43.90
CA THR S 286 29.67 -48.86 44.12
C THR S 286 28.18 -49.19 44.18
N VAL S 287 27.42 -48.41 44.95
CA VAL S 287 26.00 -48.69 45.09
C VAL S 287 25.27 -48.42 43.78
N LEU S 288 25.66 -47.37 43.06
CA LEU S 288 25.03 -47.07 41.79
C LEU S 288 25.29 -48.18 40.77
N LYS S 289 26.52 -48.67 40.71
CA LYS S 289 26.85 -49.70 39.73
C LYS S 289 26.08 -50.99 40.00
N THR S 290 26.04 -51.43 41.25
CA THR S 290 25.38 -52.69 41.58
C THR S 290 23.87 -52.61 41.33
N THR S 291 23.23 -51.51 41.74
CA THR S 291 21.82 -51.32 41.45
C THR S 291 21.58 -51.20 39.95
N SER S 292 22.43 -50.44 39.25
CA SER S 292 22.24 -50.22 37.82
C SER S 292 22.25 -51.53 37.04
N THR S 293 23.27 -52.36 37.27
CA THR S 293 23.36 -53.62 36.56
C THR S 293 22.20 -54.55 36.92
N THR S 294 21.72 -54.50 38.16
CA THR S 294 20.53 -55.25 38.51
C THR S 294 19.33 -54.77 37.73
N LEU S 295 19.16 -53.45 37.60
CA LEU S 295 18.02 -52.90 36.89
C LEU S 295 18.06 -53.29 35.42
N GLU S 296 19.22 -53.16 34.78
CA GLU S 296 19.34 -53.56 33.38
C GLU S 296 19.08 -55.04 33.19
N SER S 297 19.58 -55.86 34.12
CA SER S 297 19.30 -57.29 34.05
C SER S 297 17.80 -57.56 34.05
N GLU S 298 17.04 -56.77 34.82
CA GLU S 298 15.59 -56.89 34.77
C GLU S 298 15.04 -56.51 33.40
N LEU S 299 15.54 -55.41 32.84
CA LEU S 299 14.98 -54.91 31.58
C LEU S 299 15.28 -55.83 30.42
N TYR S 300 16.49 -56.38 30.36
CA TYR S 300 16.88 -57.18 29.20
C TYR S 300 15.96 -58.39 29.03
N ALA S 301 15.47 -58.96 30.13
CA ALA S 301 14.52 -60.05 30.02
C ALA S 301 13.23 -59.59 29.32
N ILE S 302 12.74 -58.41 29.69
CA ILE S 302 11.53 -57.89 29.07
C ILE S 302 11.79 -57.49 27.61
N ALA S 303 12.94 -56.83 27.37
CA ALA S 303 13.22 -56.30 26.03
C ALA S 303 13.18 -57.40 24.98
N LYS S 304 13.49 -58.64 25.34
CA LYS S 304 13.52 -59.73 24.38
C LYS S 304 12.14 -60.28 24.05
N GLU S 305 11.11 -59.93 24.83
CA GLU S 305 9.80 -60.54 24.66
C GLU S 305 8.65 -59.56 24.66
N LEU S 306 8.86 -58.28 24.99
CA LEU S 306 7.75 -57.37 25.17
C LEU S 306 6.91 -57.25 23.90
N ASP S 307 7.54 -57.20 22.73
CA ASP S 307 6.79 -57.13 21.48
C ASP S 307 5.88 -58.35 21.34
N SER S 308 6.41 -59.54 21.57
CA SER S 308 5.59 -60.74 21.46
C SER S 308 4.37 -60.67 22.38
N TRP S 309 4.58 -60.21 23.62
CA TRP S 309 3.45 -60.03 24.53
C TRP S 309 2.45 -59.03 23.98
N PHE S 310 2.94 -57.91 23.45
CA PHE S 310 2.06 -56.82 23.07
C PHE S 310 1.11 -57.24 21.95
N GLN S 311 1.60 -58.01 20.98
CA GLN S 311 0.74 -58.43 19.88
C GLN S 311 -0.41 -59.28 20.38
N ASP S 312 -0.13 -60.24 21.27
CA ASP S 312 -1.19 -61.11 21.78
C ASP S 312 -2.24 -60.34 22.57
N VAL S 313 -1.80 -59.45 23.46
CA VAL S 313 -2.74 -58.75 24.33
C VAL S 313 -3.63 -57.82 23.51
N THR S 314 -3.05 -57.09 22.56
CA THR S 314 -3.84 -56.17 21.77
C THR S 314 -4.89 -56.89 20.94
N ARG S 315 -4.58 -58.09 20.44
CA ARG S 315 -5.57 -58.86 19.69
C ARG S 315 -6.65 -59.40 20.63
N GLU S 316 -6.27 -59.83 21.83
CA GLU S 316 -7.27 -60.21 22.82
C GLU S 316 -8.17 -59.03 23.16
N LYS S 317 -7.58 -57.85 23.33
CA LYS S 317 -8.38 -56.65 23.57
C LYS S 317 -9.28 -56.37 22.38
N ALA S 318 -8.78 -56.58 21.16
CA ALA S 318 -9.53 -56.21 19.96
C ALA S 318 -10.81 -57.01 19.81
N ILE S 319 -10.76 -58.33 20.03
CA ILE S 319 -11.93 -59.16 19.77
C ILE S 319 -13.08 -58.75 20.69
N PHE S 320 -12.79 -58.36 21.93
CA PHE S 320 -13.84 -57.90 22.81
C PHE S 320 -14.45 -56.59 22.35
N GLU S 321 -13.64 -55.74 21.69
CA GLU S 321 -14.21 -54.54 21.08
C GLU S 321 -15.13 -54.90 19.93
N ILE S 322 -14.92 -56.06 19.30
CA ILE S 322 -15.87 -56.55 18.30
C ILE S 322 -17.11 -57.12 19.00
N LEU S 323 -16.90 -57.99 19.98
CA LEU S 323 -18.04 -58.59 20.68
C LEU S 323 -18.90 -57.53 21.35
N ASN S 324 -18.33 -56.39 21.70
CA ASN S 324 -19.13 -55.31 22.28
C ASN S 324 -20.20 -54.82 21.30
N LYS S 325 -20.01 -55.05 20.00
CA LYS S 325 -20.98 -54.63 18.99
C LYS S 325 -22.12 -55.63 18.82
N SER S 326 -21.99 -56.83 19.36
CA SER S 326 -23.04 -57.82 19.23
C SER S 326 -24.14 -57.58 20.26
N ASN S 327 -25.32 -58.13 19.97
CA ASN S 327 -26.46 -58.06 20.88
C ASN S 327 -26.59 -59.41 21.59
N TYR S 328 -26.70 -59.36 22.91
CA TYR S 328 -26.58 -60.54 23.76
C TYR S 328 -27.95 -61.00 24.21
N ASP S 329 -28.32 -62.23 23.85
CA ASP S 329 -29.57 -62.85 24.31
C ASP S 329 -29.26 -63.63 25.58
N THR S 330 -29.60 -63.04 26.73
CA THR S 330 -29.28 -63.68 28.00
C THR S 330 -30.15 -64.91 28.28
N ASN S 331 -31.25 -65.08 27.55
CA ASN S 331 -32.14 -66.20 27.80
C ASN S 331 -31.55 -67.50 27.25
N ARG S 332 -31.22 -67.52 25.96
CA ARG S 332 -30.60 -68.67 25.33
C ARG S 332 -29.08 -68.62 25.34
N LYS S 333 -28.48 -67.58 25.92
CA LYS S 333 -27.03 -67.44 26.00
C LYS S 333 -26.41 -67.47 24.60
N ILE S 334 -26.90 -66.56 23.74
CA ILE S 334 -26.47 -66.47 22.36
C ILE S 334 -26.12 -65.02 22.06
N LEU S 335 -25.05 -64.82 21.29
CA LEU S 335 -24.66 -63.51 20.80
C LEU S 335 -25.12 -63.36 19.37
N ILE S 336 -25.82 -62.26 19.09
CA ILE S 336 -26.30 -61.95 17.75
C ILE S 336 -25.39 -60.85 17.19
N ALA S 337 -24.80 -61.11 16.03
CA ALA S 337 -23.89 -60.16 15.39
C ALA S 337 -24.24 -60.04 13.92
N GLU S 338 -24.32 -58.80 13.44
CA GLU S 338 -24.57 -58.50 12.03
C GLU S 338 -23.31 -57.95 11.39
N GLY S 339 -23.02 -58.41 10.17
CA GLY S 339 -21.84 -57.96 9.47
C GLY S 339 -22.02 -58.05 7.98
N TRP S 340 -21.34 -57.16 7.26
CA TRP S 340 -21.33 -57.18 5.80
C TRP S 340 -20.23 -58.10 5.29
N ILE S 341 -20.49 -58.73 4.16
CA ILE S 341 -19.53 -59.66 3.56
C ILE S 341 -19.70 -59.62 2.04
N PRO S 342 -18.62 -59.67 1.27
CA PRO S 342 -18.77 -59.74 -0.20
C PRO S 342 -19.60 -60.96 -0.61
N ARG S 343 -20.44 -60.76 -1.63
CA ARG S 343 -21.42 -61.77 -2.00
C ARG S 343 -20.77 -63.07 -2.44
N ASP S 344 -19.66 -63.01 -3.17
CA ASP S 344 -19.06 -64.20 -3.74
C ASP S 344 -18.18 -64.97 -2.77
N GLU S 345 -17.80 -64.37 -1.65
CA GLU S 345 -16.96 -65.03 -0.66
C GLU S 345 -17.75 -65.59 0.52
N LEU S 346 -19.07 -65.61 0.43
CA LEU S 346 -19.86 -66.34 1.42
C LEU S 346 -19.38 -67.79 1.53
N ALA S 347 -18.95 -68.37 0.41
CA ALA S 347 -18.57 -69.77 0.39
C ALA S 347 -17.39 -70.04 1.33
N THR S 348 -16.33 -69.24 1.20
CA THR S 348 -15.16 -69.43 2.05
C THR S 348 -15.49 -69.13 3.51
N LEU S 349 -16.33 -68.12 3.75
CA LEU S 349 -16.77 -67.84 5.11
C LEU S 349 -17.51 -69.03 5.70
N GLN S 350 -18.39 -69.64 4.92
CA GLN S 350 -19.09 -70.85 5.38
C GLN S 350 -18.10 -71.97 5.66
N ALA S 351 -17.13 -72.17 4.76
CA ALA S 351 -16.19 -73.28 4.92
C ALA S 351 -15.33 -73.11 6.17
N ARG S 352 -14.80 -71.91 6.39
CA ARG S 352 -13.85 -71.71 7.49
C ARG S 352 -14.51 -71.94 8.84
N LEU S 353 -15.71 -71.41 9.05
CA LEU S 353 -16.42 -71.68 10.30
C LEU S 353 -16.77 -73.15 10.43
N GLY S 354 -16.98 -73.84 9.30
CA GLY S 354 -17.11 -75.28 9.36
C GLY S 354 -15.86 -75.95 9.90
N GLU S 355 -14.69 -75.46 9.50
CA GLU S 355 -13.44 -75.99 10.03
C GLU S 355 -13.35 -75.79 11.54
N MET S 356 -13.79 -74.63 12.03
CA MET S 356 -13.78 -74.39 13.47
C MET S 356 -14.70 -75.35 14.20
N ILE S 357 -15.94 -75.50 13.72
CA ILE S 357 -16.87 -76.43 14.35
C ILE S 357 -16.28 -77.83 14.36
N ALA S 358 -15.65 -78.24 13.26
CA ALA S 358 -15.02 -79.55 13.22
C ALA S 358 -13.90 -79.65 14.24
N ARG S 359 -13.10 -78.59 14.37
CA ARG S 359 -11.98 -78.62 15.31
C ARG S 359 -12.47 -78.73 16.75
N LEU S 360 -13.53 -77.99 17.10
CA LEU S 360 -14.06 -78.05 18.46
C LEU S 360 -14.93 -79.27 18.69
N GLY S 361 -15.64 -79.73 17.66
CA GLY S 361 -16.51 -80.88 17.82
C GLY S 361 -17.85 -80.57 18.43
N ILE S 362 -18.40 -79.39 18.18
CA ILE S 362 -19.67 -78.96 18.76
C ILE S 362 -20.73 -78.96 17.67
N ASP S 363 -21.93 -79.46 18.03
CA ASP S 363 -23.05 -79.51 17.09
C ASP S 363 -23.76 -78.16 17.01
N VAL S 364 -23.02 -77.11 16.67
CA VAL S 364 -23.60 -75.76 16.64
C VAL S 364 -24.70 -75.71 15.58
N PRO S 365 -25.86 -75.10 15.87
CA PRO S 365 -26.95 -75.03 14.87
C PRO S 365 -26.81 -73.88 13.89
N SER S 366 -26.08 -74.12 12.80
CA SER S 366 -26.04 -73.17 11.69
C SER S 366 -25.57 -71.80 12.16
N ILE S 367 -24.33 -71.71 12.59
CA ILE S 367 -23.78 -70.51 13.23
C ILE S 367 -24.00 -69.24 12.42
N ILE S 368 -24.22 -69.34 11.11
CA ILE S 368 -24.28 -68.17 10.24
C ILE S 368 -25.52 -68.24 9.36
N GLN S 369 -26.16 -67.08 9.17
CA GLN S 369 -27.39 -66.96 8.39
C GLN S 369 -27.31 -65.70 7.54
N VAL S 370 -27.70 -65.81 6.27
CA VAL S 370 -27.72 -64.65 5.39
C VAL S 370 -29.03 -63.90 5.58
N LEU S 371 -29.00 -62.59 5.32
CA LEU S 371 -30.10 -61.71 5.68
C LEU S 371 -30.33 -60.71 4.56
N ASP S 372 -31.48 -60.02 4.64
CA ASP S 372 -31.90 -59.05 3.63
C ASP S 372 -32.55 -57.87 4.35
N THR S 373 -31.94 -56.70 4.25
CA THR S 373 -32.40 -55.53 4.99
C THR S 373 -32.17 -54.27 4.18
N ASN S 374 -32.99 -53.25 4.45
CA ASN S 374 -32.90 -51.95 3.79
C ASN S 374 -31.84 -51.06 4.45
N HIS S 375 -30.60 -51.53 4.39
CA HIS S 375 -29.46 -50.78 4.90
C HIS S 375 -28.41 -50.63 3.80
N THR S 376 -27.68 -49.52 3.83
CA THR S 376 -26.67 -49.23 2.81
C THR S 376 -25.42 -50.06 3.07
N PRO S 377 -25.03 -50.95 2.15
CA PRO S 377 -23.81 -51.74 2.35
C PRO S 377 -22.57 -50.91 2.08
N PRO S 378 -21.40 -51.40 2.48
CA PRO S 378 -20.15 -50.68 2.21
C PRO S 378 -19.67 -50.81 0.78
N THR S 379 -18.90 -49.80 0.35
CA THR S 379 -18.34 -49.76 -1.00
C THR S 379 -16.97 -50.42 -1.01
N PHE S 380 -16.76 -51.33 -1.96
CA PHE S 380 -15.53 -52.12 -2.02
C PHE S 380 -15.11 -52.33 -3.46
N HIS S 381 -13.87 -51.98 -3.78
CA HIS S 381 -13.29 -52.19 -5.11
C HIS S 381 -12.04 -53.05 -4.98
N ARG S 382 -11.98 -54.13 -5.74
CA ARG S 382 -10.80 -54.97 -5.77
C ARG S 382 -9.78 -54.41 -6.75
N THR S 383 -8.51 -54.47 -6.37
CA THR S 383 -7.44 -53.85 -7.14
C THR S 383 -6.18 -54.69 -7.10
N ASN S 384 -5.35 -54.52 -8.12
CA ASN S 384 -4.02 -55.10 -8.18
C ASN S 384 -2.97 -54.01 -8.03
N LYS S 385 -1.70 -54.42 -8.05
CA LYS S 385 -0.61 -53.47 -7.84
C LYS S 385 -0.65 -52.35 -8.86
N PHE S 386 -1.16 -52.61 -10.07
CA PHE S 386 -1.23 -51.57 -11.09
C PHE S 386 -2.37 -50.59 -10.81
N THR S 387 -3.56 -51.12 -10.50
CA THR S 387 -4.73 -50.27 -10.32
C THR S 387 -4.75 -49.55 -8.98
N ALA S 388 -4.09 -50.10 -7.97
CA ALA S 388 -4.24 -49.57 -6.61
C ALA S 388 -3.85 -48.11 -6.53
N GLY S 389 -2.79 -47.71 -7.24
CA GLY S 389 -2.37 -46.31 -7.18
C GLY S 389 -3.43 -45.37 -7.72
N PHE S 390 -4.03 -45.70 -8.87
CA PHE S 390 -5.04 -44.85 -9.46
C PHE S 390 -6.30 -44.80 -8.59
N GLN S 391 -6.71 -45.94 -8.03
CA GLN S 391 -7.90 -45.96 -7.21
C GLN S 391 -7.75 -45.05 -5.99
N SER S 392 -6.58 -45.06 -5.37
CA SER S 392 -6.35 -44.22 -4.20
C SER S 392 -6.64 -42.75 -4.51
N ILE S 393 -6.25 -42.30 -5.70
CA ILE S 393 -6.43 -40.89 -6.05
C ILE S 393 -7.91 -40.54 -6.14
N CYS S 394 -8.76 -41.51 -6.45
CA CYS S 394 -10.21 -41.24 -6.49
C CYS S 394 -10.82 -41.33 -5.09
N ASP S 395 -10.48 -42.39 -4.34
CA ASP S 395 -10.99 -42.51 -2.98
C ASP S 395 -10.58 -41.32 -2.11
N CYS S 396 -9.44 -40.69 -2.42
CA CYS S 396 -9.01 -39.56 -1.63
C CYS S 396 -10.02 -38.43 -1.66
N TYR S 397 -10.75 -38.27 -2.76
CA TYR S 397 -11.75 -37.22 -2.85
C TYR S 397 -13.03 -37.60 -2.12
N GLY S 398 -13.47 -38.85 -2.26
CA GLY S 398 -14.67 -39.32 -1.60
C GLY S 398 -15.05 -40.73 -2.00
N ILE S 399 -15.67 -41.47 -1.10
CA ILE S 399 -16.01 -42.87 -1.36
C ILE S 399 -17.25 -42.93 -2.23
N ALA S 400 -17.23 -43.79 -3.24
CA ALA S 400 -18.33 -43.89 -4.18
C ALA S 400 -19.55 -44.51 -3.52
N GLN S 401 -20.72 -44.13 -4.03
CA GLN S 401 -21.96 -44.75 -3.60
C GLN S 401 -22.01 -46.21 -4.06
N TYR S 402 -22.80 -47.01 -3.35
CA TYR S 402 -22.84 -48.44 -3.61
C TYR S 402 -23.22 -48.73 -5.06
N ARG S 403 -22.41 -49.57 -5.70
CA ARG S 403 -22.61 -50.00 -7.08
C ARG S 403 -22.59 -48.84 -8.07
N GLU S 404 -22.14 -47.66 -7.62
CA GLU S 404 -21.99 -46.53 -8.52
C GLU S 404 -20.81 -46.76 -9.46
N ILE S 405 -20.85 -46.10 -10.62
CA ILE S 405 -19.74 -46.19 -11.57
C ILE S 405 -18.47 -45.72 -10.88
N ASN S 406 -17.46 -46.59 -10.85
CA ASN S 406 -16.20 -46.25 -10.20
C ASN S 406 -15.45 -45.21 -11.03
N ALA S 407 -14.97 -44.16 -10.37
CA ALA S 407 -14.15 -43.15 -11.03
C ALA S 407 -12.77 -43.66 -11.38
N GLY S 408 -12.38 -44.85 -10.90
CA GLY S 408 -11.04 -45.37 -11.11
C GLY S 408 -10.69 -45.67 -12.55
N LEU S 409 -11.47 -46.52 -13.21
CA LEU S 409 -11.11 -46.95 -14.56
C LEU S 409 -10.91 -45.79 -15.52
N PRO S 410 -11.80 -44.82 -15.61
CA PRO S 410 -11.53 -43.67 -16.48
C PRO S 410 -10.26 -42.94 -16.09
N THR S 411 -9.90 -42.94 -14.81
CA THR S 411 -8.74 -42.18 -14.35
C THR S 411 -7.43 -42.82 -14.78
N ILE S 412 -7.42 -44.13 -15.03
CA ILE S 412 -6.16 -44.83 -15.29
C ILE S 412 -5.41 -44.16 -16.43
N VAL S 413 -6.12 -43.83 -17.51
CA VAL S 413 -5.49 -43.26 -18.69
C VAL S 413 -5.63 -41.74 -18.72
N THR S 414 -6.83 -41.22 -18.47
CA THR S 414 -7.08 -39.80 -18.65
C THR S 414 -6.30 -38.94 -17.66
N PHE S 415 -5.89 -39.52 -16.52
CA PHE S 415 -5.11 -38.71 -15.56
C PHE S 415 -3.71 -38.48 -16.09
N PRO S 416 -2.89 -39.48 -16.38
CA PRO S 416 -1.58 -39.20 -16.97
C PRO S 416 -1.67 -38.53 -18.33
N PHE S 417 -2.72 -38.80 -19.12
CA PHE S 417 -2.78 -38.21 -20.46
C PHE S 417 -3.05 -36.71 -20.40
N MET S 418 -4.02 -36.29 -19.58
CA MET S 418 -4.23 -34.86 -19.40
C MET S 418 -2.98 -34.18 -18.90
N PHE S 419 -2.19 -34.86 -18.08
CA PHE S 419 -0.87 -34.35 -17.71
C PHE S 419 0.02 -34.22 -18.93
N ALA S 420 0.02 -35.23 -19.80
CA ALA S 420 0.93 -35.22 -20.94
C ALA S 420 0.64 -34.08 -21.90
N ILE S 421 -0.63 -33.67 -22.01
CA ILE S 421 -0.99 -32.56 -22.88
C ILE S 421 -0.30 -31.28 -22.42
N MET S 422 -0.17 -31.10 -21.10
CA MET S 422 0.54 -29.95 -20.58
C MET S 422 2.05 -30.16 -20.60
N PHE S 423 2.51 -31.29 -20.08
CA PHE S 423 3.93 -31.58 -19.91
C PHE S 423 4.52 -32.24 -21.16
N GLY S 424 4.36 -31.59 -22.31
CA GLY S 424 4.77 -32.17 -23.57
C GLY S 424 6.19 -31.86 -23.98
N ASP S 425 7.10 -32.81 -23.77
CA ASP S 425 8.48 -32.68 -24.23
C ASP S 425 9.12 -34.05 -24.18
N MET S 426 9.61 -34.53 -25.33
CA MET S 426 10.14 -35.89 -25.38
C MET S 426 11.34 -36.07 -24.46
N GLY S 427 12.17 -35.05 -24.30
CA GLY S 427 13.31 -35.18 -23.41
C GLY S 427 12.90 -35.31 -21.96
N HIS S 428 11.99 -34.44 -21.51
CA HIS S 428 11.53 -34.52 -20.12
C HIS S 428 10.68 -35.76 -19.91
N GLY S 429 9.87 -36.13 -20.90
CA GLY S 429 9.12 -37.37 -20.79
C GLY S 429 10.02 -38.57 -20.67
N PHE S 430 11.12 -38.59 -21.43
CA PHE S 430 12.05 -39.71 -21.36
C PHE S 430 12.74 -39.78 -20.00
N LEU S 431 13.22 -38.64 -19.50
CA LEU S 431 13.89 -38.62 -18.21
C LEU S 431 12.95 -39.10 -17.10
N MET S 432 11.70 -38.64 -17.12
CA MET S 432 10.75 -39.08 -16.10
C MET S 432 10.40 -40.55 -16.25
N THR S 433 10.37 -41.06 -17.49
CA THR S 433 10.11 -42.48 -17.68
C THR S 433 11.20 -43.33 -17.05
N LEU S 434 12.46 -42.94 -17.24
CA LEU S 434 13.55 -43.71 -16.66
C LEU S 434 13.44 -43.75 -15.14
N ALA S 435 13.12 -42.61 -14.52
CA ALA S 435 12.95 -42.58 -13.07
C ALA S 435 11.87 -43.56 -12.62
N ALA S 436 10.69 -43.48 -13.24
CA ALA S 436 9.60 -44.39 -12.88
C ALA S 436 9.97 -45.84 -13.18
N LEU S 437 10.61 -46.08 -14.33
CA LEU S 437 10.93 -47.46 -14.71
C LEU S 437 11.87 -48.11 -13.71
N SER S 438 12.83 -47.36 -13.19
CA SER S 438 13.74 -47.91 -12.19
C SER S 438 12.98 -48.33 -10.94
N LEU S 439 12.03 -47.51 -10.48
CA LEU S 439 11.23 -47.88 -9.32
C LEU S 439 10.41 -49.13 -9.60
N VAL S 440 9.90 -49.27 -10.83
CA VAL S 440 9.09 -50.44 -11.17
C VAL S 440 9.94 -51.69 -11.19
N LEU S 441 11.11 -51.63 -11.82
CA LEU S 441 11.94 -52.82 -11.97
C LEU S 441 12.47 -53.30 -10.62
N ASN S 442 12.85 -52.38 -9.74
CA ASN S 442 13.43 -52.72 -8.45
C ASN S 442 12.37 -52.96 -7.36
N GLU S 443 11.09 -53.00 -7.71
CA GLU S 443 10.04 -52.88 -6.70
C GLU S 443 10.15 -53.95 -5.62
N LYS S 444 10.65 -55.14 -5.95
CA LYS S 444 10.74 -56.20 -4.95
C LYS S 444 11.68 -55.81 -3.82
N LYS S 445 12.76 -55.07 -4.13
CA LYS S 445 13.66 -54.61 -3.08
C LYS S 445 13.10 -53.38 -2.36
N ILE S 446 12.54 -52.44 -3.12
CA ILE S 446 12.03 -51.21 -2.51
C ILE S 446 10.87 -51.52 -1.58
N ASN S 447 10.07 -52.54 -1.90
CA ASN S 447 8.87 -52.81 -1.11
C ASN S 447 9.22 -53.12 0.33
N LYS S 448 10.30 -53.87 0.56
CA LYS S 448 10.60 -54.35 1.90
C LYS S 448 11.18 -53.26 2.80
N MET S 449 12.08 -52.43 2.28
CA MET S 449 12.73 -51.42 3.11
C MET S 449 11.74 -50.34 3.53
N LYS S 450 11.95 -49.79 4.73
CA LYS S 450 11.11 -48.74 5.24
C LYS S 450 11.39 -47.42 4.53
N ARG S 451 10.36 -46.59 4.41
CA ARG S 451 10.39 -45.41 3.56
C ARG S 451 9.77 -44.21 4.25
N GLY S 452 10.40 -43.04 4.08
CA GLY S 452 9.75 -41.80 4.44
C GLY S 452 8.66 -41.44 3.45
N GLU S 453 7.64 -40.72 3.95
CA GLU S 453 6.46 -40.49 3.14
C GLU S 453 6.75 -39.67 1.89
N ILE S 454 7.79 -38.83 1.92
CA ILE S 454 8.14 -38.08 0.71
C ILE S 454 8.63 -39.03 -0.37
N PHE S 455 9.23 -40.15 0.03
CA PHE S 455 9.66 -41.18 -0.92
C PHE S 455 8.62 -42.27 -1.08
N ASP S 456 7.82 -42.53 -0.04
CA ASP S 456 6.81 -43.59 -0.12
C ASP S 456 5.73 -43.24 -1.13
N MET S 457 5.34 -41.96 -1.22
CA MET S 457 4.33 -41.57 -2.20
C MET S 457 4.81 -41.85 -3.62
N ALA S 458 6.08 -41.58 -3.91
CA ALA S 458 6.63 -41.86 -5.22
C ALA S 458 6.55 -43.35 -5.54
N PHE S 459 6.98 -44.19 -4.59
CA PHE S 459 6.92 -45.63 -4.82
C PHE S 459 5.48 -46.12 -4.95
N THR S 460 4.57 -45.59 -4.13
CA THR S 460 3.18 -45.99 -4.22
C THR S 460 2.60 -45.66 -5.60
N GLY S 461 3.01 -44.52 -6.17
CA GLY S 461 2.55 -44.07 -7.47
C GLY S 461 3.39 -44.50 -8.64
N ARG S 462 4.31 -45.45 -8.46
CA ARG S 462 5.29 -45.74 -9.50
C ARG S 462 4.63 -46.04 -10.84
N TYR S 463 3.54 -46.80 -10.83
CA TYR S 463 2.86 -47.10 -12.09
C TYR S 463 2.12 -45.90 -12.65
N ILE S 464 1.77 -44.91 -11.81
CA ILE S 464 1.24 -43.65 -12.34
C ILE S 464 2.31 -42.90 -13.10
N ILE S 465 3.49 -42.74 -12.47
CA ILE S 465 4.56 -41.95 -13.08
C ILE S 465 5.03 -42.62 -14.37
N LEU S 466 5.01 -43.95 -14.40
CA LEU S 466 5.42 -44.65 -15.61
C LEU S 466 4.56 -44.25 -16.80
N LEU S 467 3.23 -44.37 -16.66
CA LEU S 467 2.34 -43.88 -17.71
C LEU S 467 2.46 -42.38 -17.87
N MET S 468 2.64 -41.66 -16.76
CA MET S 468 2.79 -40.21 -16.84
C MET S 468 3.95 -39.82 -17.74
N GLY S 469 5.00 -40.64 -17.76
CA GLY S 469 6.14 -40.40 -18.63
C GLY S 469 5.92 -40.86 -20.06
N VAL S 470 5.35 -42.06 -20.22
CA VAL S 470 5.21 -42.62 -21.57
C VAL S 470 4.30 -41.73 -22.41
N PHE S 471 3.16 -41.32 -21.87
CA PHE S 471 2.28 -40.43 -22.62
C PHE S 471 2.94 -39.09 -22.87
N SER S 472 3.78 -38.62 -21.94
CA SER S 472 4.49 -37.37 -22.16
C SER S 472 5.41 -37.47 -23.37
N MET S 473 6.06 -38.62 -23.55
CA MET S 473 6.88 -38.81 -24.74
C MET S 473 6.03 -38.78 -26.00
N TYR S 474 4.83 -39.34 -25.96
CA TYR S 474 3.98 -39.33 -27.15
C TYR S 474 3.57 -37.89 -27.51
N THR S 475 3.01 -37.16 -26.54
CA THR S 475 2.59 -35.80 -26.82
C THR S 475 3.76 -34.91 -27.20
N GLY S 476 4.93 -35.13 -26.60
CA GLY S 476 6.10 -34.38 -27.00
C GLY S 476 6.43 -34.57 -28.47
N PHE S 477 6.15 -35.77 -29.01
CA PHE S 477 6.39 -36.01 -30.43
C PHE S 477 5.40 -35.25 -31.30
N LEU S 478 4.14 -35.14 -30.85
CA LEU S 478 3.16 -34.39 -31.64
C LEU S 478 3.45 -32.90 -31.60
N TYR S 479 3.81 -32.36 -30.43
CA TYR S 479 4.32 -31.01 -30.38
C TYR S 479 5.66 -30.88 -31.09
N ASN S 480 6.31 -32.00 -31.41
CA ASN S 480 7.59 -32.00 -32.10
C ASN S 480 8.60 -31.15 -31.33
N ASP S 481 8.90 -31.60 -30.11
CA ASP S 481 9.74 -30.82 -29.21
C ASP S 481 10.50 -31.78 -28.30
N ILE S 482 11.83 -31.77 -28.41
CA ILE S 482 12.71 -32.52 -27.53
C ILE S 482 13.75 -31.55 -26.99
N PHE S 483 13.74 -31.35 -25.67
CA PHE S 483 14.67 -30.43 -25.01
C PHE S 483 14.69 -29.08 -25.74
N SER S 484 13.53 -28.65 -26.19
CA SER S 484 13.33 -27.35 -26.86
C SER S 484 13.86 -27.33 -28.28
N LYS S 485 14.14 -28.48 -28.88
CA LYS S 485 14.56 -28.57 -30.28
C LYS S 485 13.54 -29.40 -31.05
N THR S 486 13.29 -29.01 -32.29
CA THR S 486 12.40 -29.76 -33.15
C THR S 486 13.14 -30.94 -33.79
N MET S 487 12.37 -31.89 -34.30
CA MET S 487 12.89 -33.08 -34.93
C MET S 487 12.48 -33.10 -36.40
N THR S 488 13.45 -33.26 -37.28
CA THR S 488 13.21 -33.25 -38.73
C THR S 488 12.99 -34.65 -39.27
N ILE S 489 11.92 -35.31 -38.81
CA ILE S 489 11.74 -36.73 -39.14
C ILE S 489 11.15 -36.92 -40.53
N PHE S 490 10.37 -35.97 -41.02
CA PHE S 490 9.69 -36.12 -42.31
C PHE S 490 9.91 -34.87 -43.16
N LYS S 491 9.61 -35.01 -44.45
CA LYS S 491 9.68 -33.88 -45.36
C LYS S 491 8.62 -32.85 -44.99
N SER S 492 9.03 -31.59 -44.94
CA SER S 492 8.15 -30.51 -44.51
C SER S 492 7.09 -30.21 -45.56
N GLY S 493 5.94 -29.74 -45.08
CA GLY S 493 4.87 -29.26 -45.94
C GLY S 493 5.03 -27.84 -46.41
N TRP S 494 6.07 -27.15 -45.96
CA TRP S 494 6.33 -25.76 -46.32
C TRP S 494 7.62 -25.69 -47.14
N LYS S 495 7.58 -24.93 -48.24
CA LYS S 495 8.73 -24.73 -49.10
C LYS S 495 9.13 -23.26 -49.08
N TRP S 496 10.42 -22.99 -48.86
CA TRP S 496 10.94 -21.64 -48.83
C TRP S 496 11.17 -21.12 -50.26
N PRO S 497 11.38 -19.81 -50.41
CA PRO S 497 11.72 -19.25 -51.72
C PRO S 497 12.95 -19.89 -52.34
N ASP S 498 13.17 -19.64 -53.63
CA ASP S 498 14.30 -20.21 -54.33
C ASP S 498 15.61 -19.53 -53.96
N HIS S 499 15.59 -18.21 -53.72
CA HIS S 499 16.80 -17.47 -53.41
C HIS S 499 16.49 -16.32 -52.47
N TRP S 500 17.49 -15.96 -51.67
CA TRP S 500 17.44 -14.75 -50.86
C TRP S 500 18.86 -14.47 -50.39
N LYS S 501 19.08 -13.24 -49.93
CA LYS S 501 20.38 -12.79 -49.45
C LYS S 501 20.41 -12.78 -47.93
N LYS S 502 21.59 -12.51 -47.39
CA LYS S 502 21.76 -12.39 -45.95
C LYS S 502 20.80 -11.35 -45.39
N GLY S 503 20.12 -11.72 -44.31
CA GLY S 503 19.27 -10.77 -43.60
C GLY S 503 18.04 -10.33 -44.34
N GLU S 504 17.56 -11.13 -45.30
CA GLU S 504 16.40 -10.76 -46.11
C GLU S 504 15.20 -11.59 -45.68
N SER S 505 14.06 -10.91 -45.46
CA SER S 505 12.88 -11.58 -44.95
C SER S 505 12.24 -12.47 -46.02
N ILE S 506 11.80 -13.65 -45.61
CA ILE S 506 11.22 -14.63 -46.52
C ILE S 506 9.95 -15.19 -45.91
N THR S 507 9.11 -15.75 -46.78
CA THR S 507 7.86 -16.38 -46.38
C THR S 507 7.73 -17.71 -47.11
N ALA S 508 7.27 -18.73 -46.40
CA ALA S 508 7.22 -20.07 -46.95
C ALA S 508 5.93 -20.28 -47.75
N THR S 509 5.97 -21.26 -48.65
CA THR S 509 4.83 -21.63 -49.50
C THR S 509 4.37 -23.03 -49.14
N SER S 510 3.06 -23.19 -48.96
CA SER S 510 2.50 -24.49 -48.60
C SER S 510 2.54 -25.45 -49.78
N VAL S 511 3.09 -26.64 -49.55
CA VAL S 511 3.17 -27.69 -50.56
C VAL S 511 2.66 -29.03 -50.05
N GLY S 512 2.17 -29.11 -48.82
CA GLY S 512 1.68 -30.36 -48.29
C GLY S 512 1.34 -30.20 -46.82
N THR S 513 0.96 -31.33 -46.20
CA THR S 513 0.62 -31.37 -44.79
C THR S 513 1.53 -32.38 -44.09
N TYR S 514 2.09 -31.96 -42.96
CA TYR S 514 3.02 -32.81 -42.24
C TYR S 514 2.27 -34.02 -41.68
N PRO S 515 2.86 -35.22 -41.74
CA PRO S 515 2.08 -36.43 -41.44
C PRO S 515 1.75 -36.63 -39.96
N ILE S 516 2.71 -36.36 -39.07
CA ILE S 516 2.50 -36.57 -37.64
C ILE S 516 3.12 -35.40 -36.88
N GLY S 517 2.29 -34.67 -36.14
CA GLY S 517 2.77 -33.61 -35.29
C GLY S 517 2.97 -32.30 -36.03
N LEU S 518 3.49 -31.32 -35.29
CA LEU S 518 3.73 -30.01 -35.87
C LEU S 518 4.86 -30.07 -36.88
N ASP S 519 4.67 -29.39 -38.02
CA ASP S 519 5.71 -29.31 -39.02
C ASP S 519 6.94 -28.61 -38.46
N TRP S 520 8.11 -29.19 -38.67
CA TRP S 520 9.33 -28.64 -38.10
C TRP S 520 9.74 -27.31 -38.72
N ALA S 521 9.14 -26.91 -39.83
CA ALA S 521 9.48 -25.62 -40.43
C ALA S 521 9.18 -24.45 -39.51
N TRP S 522 8.30 -24.62 -38.53
CA TRP S 522 7.91 -23.53 -37.64
C TRP S 522 9.01 -23.13 -36.68
N HIS S 523 10.05 -23.94 -36.52
CA HIS S 523 11.07 -23.64 -35.52
C HIS S 523 11.77 -22.32 -35.81
N GLY S 524 12.01 -21.55 -34.75
CA GLY S 524 12.72 -20.30 -34.88
C GLY S 524 11.99 -19.26 -35.72
N THR S 525 10.76 -19.59 -36.13
CA THR S 525 10.02 -18.70 -37.00
C THR S 525 9.48 -17.51 -36.20
N GLU S 526 9.50 -16.33 -36.83
CA GLU S 526 9.20 -15.11 -36.10
C GLU S 526 7.74 -15.03 -35.67
N ASN S 527 6.83 -15.70 -36.39
CA ASN S 527 5.42 -15.74 -36.02
C ASN S 527 5.00 -17.12 -35.53
N ALA S 528 5.93 -17.88 -34.95
CA ALA S 528 5.60 -19.22 -34.48
C ALA S 528 4.48 -19.21 -33.45
N LEU S 529 4.58 -18.32 -32.45
CA LEU S 529 3.59 -18.30 -31.38
C LEU S 529 2.20 -17.98 -31.91
N LEU S 530 2.10 -17.13 -32.93
CA LEU S 530 0.79 -16.80 -33.48
C LEU S 530 0.10 -18.04 -34.04
N PHE S 531 0.86 -19.04 -34.45
CA PHE S 531 0.27 -20.29 -34.91
C PHE S 531 0.00 -21.24 -33.74
N SER S 532 1.05 -21.59 -32.99
CA SER S 532 0.91 -22.65 -32.00
C SER S 532 -0.11 -22.31 -30.93
N ASN S 533 -0.27 -21.04 -30.59
CA ASN S 533 -1.29 -20.66 -29.62
C ASN S 533 -2.69 -20.94 -30.15
N SER S 534 -2.94 -20.64 -31.43
CA SER S 534 -4.21 -21.00 -32.03
C SER S 534 -4.41 -22.50 -32.00
N TYR S 535 -3.33 -23.26 -32.22
CA TYR S 535 -3.40 -24.72 -32.19
C TYR S 535 -3.71 -25.23 -30.79
N LYS S 536 -2.91 -24.84 -29.81
CA LYS S 536 -3.02 -25.42 -28.47
C LYS S 536 -4.29 -24.95 -27.75
N MET S 537 -4.71 -23.70 -27.96
CA MET S 537 -5.95 -23.24 -27.35
C MET S 537 -7.14 -24.05 -27.86
N LYS S 538 -7.21 -24.24 -29.17
CA LYS S 538 -8.30 -25.05 -29.74
C LYS S 538 -8.19 -26.50 -29.29
N LEU S 539 -6.97 -27.02 -29.17
CA LEU S 539 -6.78 -28.36 -28.64
C LEU S 539 -7.37 -28.49 -27.24
N SER S 540 -7.07 -27.53 -26.37
CA SER S 540 -7.52 -27.61 -24.99
C SER S 540 -9.04 -27.61 -24.90
N ILE S 541 -9.71 -26.75 -25.67
CA ILE S 541 -11.17 -26.69 -25.64
C ILE S 541 -11.75 -28.01 -26.12
N LEU S 542 -11.24 -28.54 -27.23
CA LEU S 542 -11.78 -29.78 -27.78
C LEU S 542 -11.59 -30.94 -26.80
N MET S 543 -10.36 -31.11 -26.29
CA MET S 543 -10.12 -32.19 -25.35
C MET S 543 -10.94 -31.99 -24.08
N GLY S 544 -11.06 -30.76 -23.61
CA GLY S 544 -11.85 -30.51 -22.42
C GLY S 544 -13.31 -30.87 -22.61
N PHE S 545 -13.91 -30.41 -23.73
CA PHE S 545 -15.30 -30.72 -23.99
C PHE S 545 -15.52 -32.22 -24.13
N ILE S 546 -14.66 -32.90 -24.89
CA ILE S 546 -14.80 -34.33 -25.10
C ILE S 546 -14.69 -35.06 -23.77
N HIS S 547 -13.73 -34.67 -22.94
CA HIS S 547 -13.58 -35.30 -21.63
C HIS S 547 -14.83 -35.11 -20.78
N MET S 548 -15.37 -33.89 -20.77
CA MET S 548 -16.54 -33.61 -19.94
C MET S 548 -17.76 -34.38 -20.42
N THR S 549 -18.06 -34.33 -21.71
CA THR S 549 -19.24 -35.02 -22.22
C THR S 549 -19.11 -36.52 -22.09
N TYR S 550 -17.88 -37.05 -22.18
CA TYR S 550 -17.68 -38.48 -21.99
C TYR S 550 -18.06 -38.90 -20.57
N SER S 551 -17.52 -38.21 -19.57
CA SER S 551 -17.79 -38.58 -18.18
C SER S 551 -19.23 -38.24 -17.79
N TYR S 552 -19.81 -37.22 -18.41
CA TYR S 552 -21.22 -36.92 -18.15
C TYR S 552 -22.10 -38.10 -18.51
N PHE S 553 -21.71 -38.87 -19.53
CA PHE S 553 -22.50 -40.02 -19.94
C PHE S 553 -22.48 -41.14 -18.91
N PHE S 554 -21.54 -41.11 -17.96
CA PHE S 554 -21.63 -42.03 -16.83
C PHE S 554 -22.87 -41.75 -15.99
N SER S 555 -23.36 -40.52 -16.00
CA SER S 555 -24.59 -40.20 -15.29
C SER S 555 -25.74 -41.05 -15.80
N LEU S 556 -25.84 -41.19 -17.13
CA LEU S 556 -26.84 -42.06 -17.71
C LEU S 556 -26.63 -43.51 -17.27
N ALA S 557 -25.37 -43.96 -17.24
CA ALA S 557 -25.09 -45.33 -16.85
C ALA S 557 -25.49 -45.62 -15.41
N ASN S 558 -25.44 -44.63 -14.53
CA ASN S 558 -25.96 -44.80 -13.18
C ASN S 558 -27.48 -44.89 -13.19
N HIS S 559 -28.14 -43.96 -13.88
CA HIS S 559 -29.60 -43.89 -13.82
C HIS S 559 -30.25 -45.13 -14.38
N LEU S 560 -29.71 -45.67 -15.48
CA LEU S 560 -30.27 -46.89 -16.04
C LEU S 560 -30.07 -48.08 -15.11
N TYR S 561 -28.93 -48.13 -14.41
CA TYR S 561 -28.68 -49.25 -13.50
C TYR S 561 -29.63 -49.22 -12.30
N PHE S 562 -29.84 -48.04 -11.72
CA PHE S 562 -30.74 -47.89 -10.59
C PHE S 562 -32.20 -47.76 -11.01
N ASN S 563 -32.49 -47.82 -12.31
CA ASN S 563 -33.87 -47.70 -12.79
C ASN S 563 -34.49 -46.39 -12.35
N SER S 564 -33.66 -45.35 -12.24
CA SER S 564 -34.14 -44.01 -11.87
C SER S 564 -34.61 -43.25 -13.10
N MET S 565 -35.71 -43.74 -13.68
CA MET S 565 -36.22 -43.16 -14.92
C MET S 565 -36.52 -41.68 -14.77
N ILE S 566 -36.93 -41.24 -13.58
CA ILE S 566 -37.25 -39.82 -13.39
C ILE S 566 -36.04 -38.96 -13.68
N ASP S 567 -34.84 -39.45 -13.40
CA ASP S 567 -33.64 -38.66 -13.63
C ASP S 567 -33.29 -38.57 -15.11
N ILE S 568 -33.64 -39.58 -15.90
CA ILE S 568 -33.39 -39.51 -17.34
C ILE S 568 -34.14 -38.32 -17.94
N ILE S 569 -35.42 -38.21 -17.62
CA ILE S 569 -36.23 -37.10 -18.13
C ILE S 569 -35.91 -35.80 -17.40
N GLY S 570 -35.57 -35.88 -16.11
CA GLY S 570 -35.45 -34.70 -15.30
C GLY S 570 -34.11 -34.01 -15.35
N ASN S 571 -33.01 -34.77 -15.37
CA ASN S 571 -31.67 -34.22 -15.25
C ASN S 571 -30.81 -34.47 -16.47
N PHE S 572 -30.73 -35.72 -16.95
CA PHE S 572 -29.76 -36.03 -17.99
C PHE S 572 -30.08 -35.32 -19.30
N ILE S 573 -31.28 -35.54 -19.84
CA ILE S 573 -31.61 -34.99 -21.15
C ILE S 573 -31.55 -33.47 -21.15
N PRO S 574 -32.19 -32.76 -20.23
CA PRO S 574 -32.08 -31.29 -20.25
C PRO S 574 -30.65 -30.80 -20.14
N GLY S 575 -29.84 -31.44 -19.30
CA GLY S 575 -28.44 -31.03 -19.19
C GLY S 575 -27.66 -31.33 -20.45
N LEU S 576 -27.94 -32.46 -21.09
CA LEU S 576 -27.25 -32.80 -22.33
C LEU S 576 -27.54 -31.78 -23.41
N LEU S 577 -28.82 -31.47 -23.64
CA LEU S 577 -29.16 -30.49 -24.66
C LEU S 577 -28.56 -29.13 -24.35
N PHE S 578 -28.53 -28.76 -23.07
CA PHE S 578 -28.05 -27.43 -22.71
C PHE S 578 -26.58 -27.24 -23.08
N MET S 579 -25.72 -28.15 -22.64
CA MET S 579 -24.28 -27.97 -22.87
C MET S 579 -23.89 -28.36 -24.29
N GLN S 580 -24.47 -29.44 -24.82
CA GLN S 580 -24.20 -29.81 -26.20
C GLN S 580 -24.66 -28.73 -27.17
N GLY S 581 -25.74 -28.02 -26.84
CA GLY S 581 -26.27 -26.99 -27.70
C GLY S 581 -25.46 -25.70 -27.72
N ILE S 582 -24.50 -25.55 -26.80
CA ILE S 582 -23.69 -24.34 -26.74
C ILE S 582 -22.24 -24.69 -27.01
N PHE S 583 -21.65 -25.50 -26.14
CA PHE S 583 -20.23 -25.79 -26.24
C PHE S 583 -19.95 -27.00 -27.12
N GLY S 584 -20.91 -27.89 -27.29
CA GLY S 584 -20.83 -28.86 -28.37
C GLY S 584 -20.87 -28.18 -29.72
N TYR S 585 -21.76 -27.19 -29.87
CA TYR S 585 -21.82 -26.44 -31.11
C TYR S 585 -20.50 -25.71 -31.38
N LEU S 586 -19.92 -25.11 -30.34
CA LEU S 586 -18.63 -24.46 -30.51
C LEU S 586 -17.56 -25.46 -30.95
N SER S 587 -17.57 -26.65 -30.33
CA SER S 587 -16.61 -27.67 -30.72
C SER S 587 -16.77 -28.04 -32.20
N VAL S 588 -18.01 -28.21 -32.65
CA VAL S 588 -18.24 -28.52 -34.06
C VAL S 588 -17.69 -27.41 -34.96
N CYS S 589 -17.97 -26.15 -34.59
CA CYS S 589 -17.50 -25.04 -35.41
C CYS S 589 -15.97 -25.03 -35.50
N ILE S 590 -15.29 -25.28 -34.38
CA ILE S 590 -13.83 -25.27 -34.39
C ILE S 590 -13.30 -26.30 -35.39
N VAL S 591 -13.83 -27.52 -35.35
CA VAL S 591 -13.39 -28.55 -36.27
C VAL S 591 -13.75 -28.17 -37.70
N TYR S 592 -14.95 -27.62 -37.90
CA TYR S 592 -15.38 -27.28 -39.25
C TYR S 592 -14.48 -26.23 -39.90
N LYS S 593 -14.10 -25.20 -39.14
CA LYS S 593 -13.31 -24.12 -39.72
C LYS S 593 -12.00 -24.64 -40.30
N TRP S 594 -11.45 -25.71 -39.74
CA TRP S 594 -10.24 -26.31 -40.27
C TRP S 594 -10.47 -27.04 -41.59
N ALA S 595 -11.69 -27.54 -41.82
CA ALA S 595 -11.95 -28.30 -43.03
C ALA S 595 -12.08 -27.42 -44.27
N VAL S 596 -12.60 -26.21 -44.12
CA VAL S 596 -12.86 -25.33 -45.26
C VAL S 596 -11.57 -24.65 -45.68
N ASP S 597 -11.34 -24.58 -46.99
CA ASP S 597 -10.21 -23.86 -47.57
C ASP S 597 -10.68 -22.44 -47.89
N TRP S 598 -10.43 -21.53 -46.94
CA TRP S 598 -10.98 -20.19 -47.05
C TRP S 598 -10.29 -19.39 -48.15
N VAL S 599 -8.96 -19.45 -48.22
CA VAL S 599 -8.25 -18.65 -49.21
C VAL S 599 -8.57 -19.10 -50.62
N LYS S 600 -8.79 -20.41 -50.83
CA LYS S 600 -9.19 -20.86 -52.15
C LYS S 600 -10.57 -20.32 -52.52
N ASP S 601 -11.52 -20.37 -51.58
CA ASP S 601 -12.85 -19.84 -51.85
C ASP S 601 -12.86 -18.32 -51.93
N GLY S 602 -11.87 -17.65 -51.37
CA GLY S 602 -11.87 -16.20 -51.32
C GLY S 602 -12.80 -15.61 -50.29
N LYS S 603 -13.45 -16.44 -49.48
CA LYS S 603 -14.36 -15.96 -48.48
C LYS S 603 -13.61 -15.48 -47.23
N PRO S 604 -14.16 -14.53 -46.49
CA PRO S 604 -13.50 -14.08 -45.26
C PRO S 604 -13.65 -15.12 -44.16
N ALA S 605 -12.53 -15.47 -43.55
CA ALA S 605 -12.55 -16.47 -42.47
C ALA S 605 -13.20 -15.86 -41.24
N PRO S 606 -14.26 -16.46 -40.71
CA PRO S 606 -14.97 -15.85 -39.57
C PRO S 606 -14.21 -16.00 -38.27
N GLY S 607 -14.45 -15.05 -37.37
CA GLY S 607 -13.91 -15.11 -36.03
C GLY S 607 -14.83 -15.87 -35.09
N LEU S 608 -14.42 -17.08 -34.69
CA LEU S 608 -15.30 -17.93 -33.90
C LEU S 608 -15.66 -17.30 -32.56
N LEU S 609 -14.70 -16.61 -31.92
CA LEU S 609 -14.98 -16.04 -30.62
C LEU S 609 -16.04 -14.94 -30.70
N ASN S 610 -15.92 -14.05 -31.70
CA ASN S 610 -16.97 -13.07 -31.92
C ASN S 610 -18.28 -13.75 -32.28
N MET S 611 -18.22 -14.80 -33.10
CA MET S 611 -19.42 -15.52 -33.47
C MET S 611 -20.10 -16.11 -32.24
N LEU S 612 -19.33 -16.66 -31.31
CA LEU S 612 -19.90 -17.23 -30.09
C LEU S 612 -20.63 -16.17 -29.28
N ILE S 613 -19.99 -15.01 -29.09
CA ILE S 613 -20.60 -13.96 -28.28
C ILE S 613 -21.87 -13.44 -28.94
N ASN S 614 -21.82 -13.22 -30.26
CA ASN S 614 -22.94 -12.57 -30.93
C ASN S 614 -24.21 -13.41 -30.92
N MET S 615 -24.08 -14.74 -30.94
CA MET S 615 -25.28 -15.57 -30.96
C MET S 615 -26.06 -15.46 -29.65
N PHE S 616 -25.46 -14.93 -28.59
CA PHE S 616 -26.16 -14.63 -27.35
C PHE S 616 -26.61 -13.17 -27.29
N LEU S 617 -25.70 -12.24 -27.55
CA LEU S 617 -25.96 -10.82 -27.32
C LEU S 617 -26.65 -10.14 -28.49
N SER S 618 -26.69 -10.76 -29.67
CA SER S 618 -27.36 -10.18 -30.81
C SER S 618 -27.80 -11.29 -31.75
N PRO S 619 -28.74 -12.14 -31.33
CA PRO S 619 -29.12 -13.29 -32.16
C PRO S 619 -29.74 -12.85 -33.47
N GLY S 620 -29.59 -13.71 -34.49
CA GLY S 620 -30.17 -13.44 -35.78
C GLY S 620 -29.39 -12.52 -36.68
N THR S 621 -28.19 -12.11 -36.28
CA THR S 621 -27.35 -11.23 -37.06
C THR S 621 -25.94 -11.81 -37.15
N ILE S 622 -25.30 -11.63 -38.30
CA ILE S 622 -24.02 -12.26 -38.59
C ILE S 622 -23.13 -11.29 -39.34
N ASP S 623 -21.83 -11.33 -39.04
CA ASP S 623 -20.85 -10.58 -39.81
C ASP S 623 -20.34 -11.42 -40.98
N ASP S 624 -19.76 -12.59 -40.66
CA ASP S 624 -19.22 -13.50 -41.65
C ASP S 624 -19.82 -14.88 -41.43
N GLU S 625 -20.41 -15.44 -42.49
CA GLU S 625 -21.09 -16.72 -42.39
C GLU S 625 -20.09 -17.87 -42.44
N LEU S 626 -20.11 -18.72 -41.41
CA LEU S 626 -19.29 -19.92 -41.42
C LEU S 626 -19.87 -20.96 -42.38
N TYR S 627 -21.19 -20.96 -42.58
CA TYR S 627 -21.83 -21.95 -43.43
C TYR S 627 -23.23 -21.45 -43.74
N PRO S 628 -23.90 -22.02 -44.75
CA PRO S 628 -25.25 -21.56 -45.09
C PRO S 628 -26.23 -21.73 -43.94
N HIS S 629 -27.23 -20.84 -43.90
CA HIS S 629 -28.27 -20.86 -42.88
C HIS S 629 -27.70 -20.73 -41.47
N GLN S 630 -26.57 -20.03 -41.35
CA GLN S 630 -25.95 -19.81 -40.05
C GLN S 630 -26.94 -19.24 -39.05
N ALA S 631 -27.55 -18.10 -39.38
CA ALA S 631 -28.42 -17.42 -38.44
C ALA S 631 -29.63 -18.26 -38.07
N LYS S 632 -30.20 -18.97 -39.05
CA LYS S 632 -31.45 -19.69 -38.79
C LYS S 632 -31.28 -20.76 -37.73
N VAL S 633 -30.15 -21.48 -37.76
CA VAL S 633 -29.95 -22.57 -36.81
C VAL S 633 -29.51 -22.03 -35.45
N GLN S 634 -28.71 -20.96 -35.43
CA GLN S 634 -28.20 -20.45 -34.16
C GLN S 634 -29.32 -20.00 -33.24
N VAL S 635 -30.31 -19.28 -33.79
CA VAL S 635 -31.42 -18.83 -32.97
C VAL S 635 -32.19 -20.03 -32.43
N PHE S 636 -32.27 -21.11 -33.20
CA PHE S 636 -32.89 -22.34 -32.69
C PHE S 636 -32.09 -22.89 -31.51
N LEU S 637 -30.76 -22.92 -31.62
CA LEU S 637 -29.95 -23.43 -30.53
C LEU S 637 -30.11 -22.57 -29.28
N LEU S 638 -30.15 -21.24 -29.45
CA LEU S 638 -30.36 -20.37 -28.31
C LEU S 638 -31.70 -20.64 -27.64
N LEU S 639 -32.76 -20.77 -28.43
CA LEU S 639 -34.07 -21.08 -27.86
C LEU S 639 -34.06 -22.42 -27.15
N MET S 640 -33.40 -23.42 -27.74
CA MET S 640 -33.31 -24.73 -27.10
C MET S 640 -32.61 -24.63 -25.74
N ALA S 641 -31.51 -23.89 -25.70
CA ALA S 641 -30.78 -23.73 -24.44
C ALA S 641 -31.66 -23.04 -23.39
N LEU S 642 -32.39 -22.01 -23.79
CA LEU S 642 -33.26 -21.31 -22.85
C LEU S 642 -34.37 -22.22 -22.33
N VAL S 643 -34.99 -22.99 -23.23
CA VAL S 643 -36.11 -23.84 -22.84
C VAL S 643 -35.65 -24.91 -21.85
N CYS S 644 -34.40 -25.35 -21.96
CA CYS S 644 -33.91 -26.42 -21.09
C CYS S 644 -33.82 -26.00 -19.63
N ILE S 645 -33.70 -24.70 -19.35
CA ILE S 645 -33.54 -24.22 -17.97
C ILE S 645 -34.80 -24.54 -17.17
N PRO S 646 -35.96 -23.99 -17.52
CA PRO S 646 -37.17 -24.32 -16.74
C PRO S 646 -37.49 -25.80 -16.75
N TRP S 647 -37.21 -26.49 -17.86
CA TRP S 647 -37.39 -27.93 -17.92
C TRP S 647 -36.53 -28.62 -16.87
N LEU S 648 -35.25 -28.29 -16.83
CA LEU S 648 -34.36 -28.82 -15.81
C LEU S 648 -34.83 -28.42 -14.42
N LEU S 649 -35.36 -27.20 -14.28
CA LEU S 649 -35.64 -26.64 -12.97
C LEU S 649 -36.89 -27.25 -12.34
N LEU S 650 -37.93 -27.51 -13.12
CA LEU S 650 -39.27 -27.78 -12.60
C LEU S 650 -39.69 -29.24 -12.63
N VAL S 651 -39.35 -29.97 -13.69
CA VAL S 651 -40.06 -31.21 -13.98
C VAL S 651 -39.94 -32.20 -12.82
N LYS S 652 -38.74 -32.33 -12.26
CA LYS S 652 -38.58 -33.32 -11.19
C LYS S 652 -39.36 -32.94 -9.95
N PRO S 653 -39.23 -31.73 -9.39
CA PRO S 653 -40.09 -31.37 -8.25
C PRO S 653 -41.58 -31.54 -8.52
N LEU S 654 -42.06 -31.14 -9.71
CA LEU S 654 -43.47 -31.31 -10.02
C LEU S 654 -43.86 -32.77 -10.04
N HIS S 655 -43.01 -33.61 -10.63
CA HIS S 655 -43.29 -35.04 -10.64
C HIS S 655 -43.41 -35.58 -9.22
N PHE S 656 -42.55 -35.10 -8.31
CA PHE S 656 -42.63 -35.54 -6.92
C PHE S 656 -43.96 -35.16 -6.28
N LYS S 657 -44.39 -33.91 -6.45
CA LYS S 657 -45.63 -33.47 -5.83
C LYS S 657 -46.81 -34.30 -6.33
N PHE S 658 -46.84 -34.60 -7.63
CA PHE S 658 -47.89 -35.46 -8.17
C PHE S 658 -47.71 -36.91 -7.76
N THR S 659 -46.52 -37.30 -7.33
CA THR S 659 -46.22 -38.68 -6.98
C THR S 659 -46.68 -39.64 -8.08
N GLU S 706 -42.64 -31.36 4.40
CA GLU S 706 -41.87 -30.31 3.73
C GLU S 706 -40.93 -30.90 2.67
N ASP S 707 -41.19 -32.15 2.28
CA ASP S 707 -40.31 -32.83 1.33
C ASP S 707 -40.27 -32.11 0.00
N PHE S 708 -41.43 -31.67 -0.50
CA PHE S 708 -41.44 -30.93 -1.77
C PHE S 708 -40.60 -29.66 -1.66
N GLY S 709 -40.69 -28.96 -0.53
CA GLY S 709 -39.87 -27.78 -0.34
C GLY S 709 -38.39 -28.10 -0.38
N ASP S 710 -37.99 -29.19 0.28
CA ASP S 710 -36.59 -29.61 0.23
C ASP S 710 -36.20 -30.03 -1.18
N ILE S 711 -37.05 -30.79 -1.86
CA ILE S 711 -36.76 -31.19 -3.23
C ILE S 711 -36.64 -29.97 -4.13
N MET S 712 -37.56 -29.02 -3.98
CA MET S 712 -37.54 -27.83 -4.83
C MET S 712 -36.29 -26.99 -4.59
N ILE S 713 -36.01 -26.67 -3.32
CA ILE S 713 -34.86 -25.82 -3.04
C ILE S 713 -33.57 -26.51 -3.43
N HIS S 714 -33.53 -27.83 -3.34
CA HIS S 714 -32.36 -28.57 -3.81
C HIS S 714 -32.23 -28.47 -5.33
N GLN S 715 -33.32 -28.73 -6.05
CA GLN S 715 -33.26 -28.80 -7.50
C GLN S 715 -32.84 -27.46 -8.11
N VAL S 716 -33.41 -26.36 -7.61
CA VAL S 716 -33.10 -25.05 -8.19
C VAL S 716 -31.61 -24.75 -8.04
N ILE S 717 -31.04 -25.04 -6.86
CA ILE S 717 -29.61 -24.81 -6.66
C ILE S 717 -28.81 -25.67 -7.62
N HIS S 718 -29.25 -26.90 -7.86
CA HIS S 718 -28.55 -27.78 -8.78
C HIS S 718 -28.49 -27.18 -10.18
N THR S 719 -29.59 -26.58 -10.62
CA THR S 719 -29.62 -25.97 -11.94
C THR S 719 -28.66 -24.79 -12.04
N ILE S 720 -28.62 -23.94 -11.02
CA ILE S 720 -27.73 -22.79 -11.03
C ILE S 720 -26.28 -23.25 -11.03
N GLU S 721 -25.97 -24.28 -10.24
CA GLU S 721 -24.64 -24.87 -10.29
C GLU S 721 -24.33 -25.39 -11.69
N PHE S 722 -25.25 -26.18 -12.25
CA PHE S 722 -24.99 -26.83 -13.53
C PHE S 722 -24.79 -25.80 -14.65
N CYS S 723 -25.72 -24.85 -14.77
CA CYS S 723 -25.63 -23.89 -15.87
C CYS S 723 -24.40 -23.00 -15.73
N LEU S 724 -24.09 -22.58 -14.50
CA LEU S 724 -22.88 -21.78 -14.28
C LEU S 724 -21.63 -22.62 -14.51
N ASN S 725 -21.63 -23.87 -14.07
CA ASN S 725 -20.44 -24.70 -14.17
C ASN S 725 -20.04 -24.95 -15.62
N CYS S 726 -21.02 -25.03 -16.53
CA CYS S 726 -20.68 -25.25 -17.93
C CYS S 726 -19.76 -24.16 -18.45
N VAL S 727 -20.00 -22.91 -18.05
CA VAL S 727 -19.12 -21.82 -18.45
C VAL S 727 -17.77 -21.92 -17.75
N SER S 728 -17.78 -22.06 -16.42
CA SER S 728 -16.53 -22.08 -15.66
C SER S 728 -15.66 -23.26 -16.03
N HIS S 729 -16.26 -24.45 -16.18
CA HIS S 729 -15.47 -25.64 -16.39
C HIS S 729 -14.84 -25.66 -17.78
N THR S 730 -15.62 -25.32 -18.82
CA THR S 730 -15.05 -25.30 -20.15
C THR S 730 -13.99 -24.21 -20.29
N ALA S 731 -14.18 -23.08 -19.59
CA ALA S 731 -13.13 -22.08 -19.53
C ALA S 731 -11.93 -22.59 -18.74
N SER S 732 -12.17 -23.31 -17.65
CA SER S 732 -11.07 -23.76 -16.80
C SER S 732 -10.10 -24.67 -17.54
N TYR S 733 -10.55 -25.35 -18.59
CA TYR S 733 -9.67 -26.25 -19.32
C TYR S 733 -8.58 -25.52 -20.09
N LEU S 734 -8.63 -24.19 -20.18
CA LEU S 734 -7.56 -23.46 -20.84
C LEU S 734 -6.21 -23.67 -20.16
N ARG S 735 -6.20 -24.11 -18.91
CA ARG S 735 -4.94 -24.36 -18.22
C ARG S 735 -4.12 -25.44 -18.94
N LEU S 736 -4.77 -26.32 -19.71
CA LEU S 736 -4.02 -27.26 -20.52
C LEU S 736 -3.10 -26.52 -21.49
N TRP S 737 -3.61 -25.45 -22.09
CA TRP S 737 -2.77 -24.63 -22.96
C TRP S 737 -1.76 -23.83 -22.15
N ALA S 738 -2.21 -23.20 -21.07
CA ALA S 738 -1.36 -22.25 -20.35
C ALA S 738 -0.09 -22.92 -19.84
N LEU S 739 -0.23 -24.06 -19.17
CA LEU S 739 0.94 -24.71 -18.59
C LEU S 739 1.86 -25.31 -19.65
N SER S 740 1.33 -25.61 -20.84
CA SER S 740 2.19 -26.05 -21.93
C SER S 740 3.04 -24.91 -22.46
N LEU S 741 2.42 -23.76 -22.68
CA LEU S 741 3.15 -22.61 -23.20
C LEU S 741 4.24 -22.16 -22.23
N ALA S 742 3.90 -22.06 -20.94
CA ALA S 742 4.89 -21.65 -19.95
C ALA S 742 6.03 -22.66 -19.88
N HIS S 743 5.71 -23.95 -19.92
CA HIS S 743 6.75 -24.98 -19.86
C HIS S 743 7.68 -24.88 -21.05
N ALA S 744 7.13 -24.72 -22.26
CA ALA S 744 7.96 -24.63 -23.45
C ALA S 744 8.89 -23.44 -23.39
N GLN S 745 8.35 -22.25 -23.08
CA GLN S 745 9.17 -21.04 -23.13
C GLN S 745 10.24 -21.03 -22.04
N LEU S 746 9.96 -21.59 -20.86
CA LEU S 746 10.99 -21.72 -19.84
C LEU S 746 12.13 -22.59 -20.33
N SER S 747 11.81 -23.71 -20.98
CA SER S 747 12.84 -24.63 -21.45
C SER S 747 13.72 -23.97 -22.50
N SER S 748 13.12 -23.22 -23.43
CA SER S 748 13.91 -22.62 -24.50
C SER S 748 14.83 -21.53 -23.96
N VAL S 749 14.36 -20.74 -22.98
CA VAL S 749 15.22 -19.73 -22.37
C VAL S 749 16.34 -20.40 -21.60
N LEU S 750 16.04 -21.50 -20.90
CA LEU S 750 17.08 -22.22 -20.17
C LEU S 750 18.16 -22.71 -21.12
N TRP S 751 17.77 -23.29 -22.25
CA TRP S 751 18.75 -23.70 -23.25
C TRP S 751 19.52 -22.49 -23.78
N THR S 752 18.81 -21.41 -24.11
CA THR S 752 19.47 -20.25 -24.70
C THR S 752 20.49 -19.65 -23.75
N MET S 753 20.24 -19.71 -22.45
CA MET S 753 21.11 -19.06 -21.48
C MET S 753 22.26 -19.94 -20.98
N THR S 754 22.21 -21.26 -21.18
CA THR S 754 23.29 -22.10 -20.67
C THR S 754 24.08 -22.85 -21.73
N ILE S 755 23.44 -23.76 -22.48
CA ILE S 755 24.19 -24.58 -23.42
C ILE S 755 24.44 -23.82 -24.71
N GLN S 756 23.48 -22.99 -25.13
CA GLN S 756 23.68 -22.20 -26.34
C GLN S 756 24.90 -21.29 -26.20
N ILE S 757 25.24 -20.89 -24.98
CA ILE S 757 26.40 -20.04 -24.76
C ILE S 757 27.68 -20.80 -25.05
N ALA S 758 27.75 -22.07 -24.66
CA ALA S 758 29.00 -22.81 -24.74
C ALA S 758 29.54 -22.89 -26.16
N PHE S 759 28.66 -22.89 -27.16
CA PHE S 759 29.11 -23.05 -28.54
C PHE S 759 29.91 -21.86 -29.05
N GLY S 760 29.84 -20.71 -28.37
CA GLY S 760 30.64 -19.57 -28.80
C GLY S 760 32.13 -19.79 -28.61
N PHE S 761 32.53 -20.31 -27.46
CA PHE S 761 33.94 -20.43 -27.14
C PHE S 761 34.62 -21.50 -28.00
N ARG S 762 35.95 -21.46 -28.01
CA ARG S 762 36.73 -22.37 -28.81
C ARG S 762 37.99 -22.73 -28.04
N GLY S 763 38.63 -23.82 -28.46
CA GLY S 763 39.83 -24.25 -27.78
C GLY S 763 39.53 -24.82 -26.41
N PHE S 764 40.57 -24.83 -25.56
CA PHE S 764 40.45 -25.45 -24.25
C PHE S 764 39.35 -24.80 -23.41
N VAL S 765 39.30 -23.47 -23.38
CA VAL S 765 38.26 -22.78 -22.64
C VAL S 765 36.89 -23.16 -23.19
N GLY S 766 36.79 -23.38 -24.49
CA GLY S 766 35.56 -23.89 -25.05
C GLY S 766 35.20 -25.26 -24.50
N VAL S 767 36.19 -26.13 -24.33
CA VAL S 767 35.94 -27.45 -23.77
C VAL S 767 35.44 -27.32 -22.34
N PHE S 768 36.16 -26.54 -21.51
CA PHE S 768 35.77 -26.41 -20.12
C PHE S 768 34.39 -25.78 -19.96
N MET S 769 34.12 -24.73 -20.73
CA MET S 769 32.80 -24.10 -20.66
C MET S 769 31.71 -25.08 -21.07
N THR S 770 31.94 -25.87 -22.12
CA THR S 770 30.96 -26.86 -22.52
C THR S 770 30.73 -27.88 -21.40
N VAL S 771 31.80 -28.34 -20.76
CA VAL S 771 31.66 -29.30 -19.67
C VAL S 771 30.85 -28.67 -18.52
N ALA S 772 31.20 -27.45 -18.15
CA ALA S 772 30.55 -26.81 -17.01
C ALA S 772 29.09 -26.48 -17.30
N LEU S 773 28.83 -25.89 -18.46
CA LEU S 773 27.48 -25.38 -18.72
C LEU S 773 26.47 -26.50 -18.96
N PHE S 774 26.92 -27.65 -19.45
CA PHE S 774 26.01 -28.79 -19.52
C PHE S 774 25.56 -29.22 -18.13
N ALA S 775 26.51 -29.26 -17.18
CA ALA S 775 26.15 -29.63 -15.82
C ALA S 775 25.13 -28.65 -15.24
N MET S 776 25.33 -27.36 -15.49
CA MET S 776 24.33 -26.37 -15.07
C MET S 776 23.00 -26.62 -15.77
N TRP S 777 23.03 -26.86 -17.08
CA TRP S 777 21.79 -27.07 -17.83
C TRP S 777 21.06 -28.31 -17.37
N PHE S 778 21.77 -29.42 -17.21
CA PHE S 778 21.13 -30.67 -16.86
C PHE S 778 20.57 -30.62 -15.43
N ALA S 779 21.33 -30.04 -14.49
CA ALA S 779 20.86 -29.97 -13.12
C ALA S 779 19.58 -29.14 -13.02
N LEU S 780 19.56 -27.97 -13.67
CA LEU S 780 18.36 -27.15 -13.67
C LEU S 780 17.21 -27.83 -14.40
N THR S 781 17.51 -28.56 -15.48
CA THR S 781 16.47 -29.27 -16.21
C THR S 781 15.77 -30.28 -15.29
N CYS S 782 16.54 -31.06 -14.54
CA CYS S 782 15.95 -32.03 -13.63
C CYS S 782 15.16 -31.35 -12.53
N ALA S 783 15.78 -30.36 -11.87
CA ALA S 783 15.18 -29.76 -10.68
C ALA S 783 13.96 -28.92 -11.04
N VAL S 784 14.13 -27.93 -11.89
CA VAL S 784 13.08 -26.95 -12.14
C VAL S 784 12.03 -27.51 -13.09
N LEU S 785 12.45 -28.10 -14.21
CA LEU S 785 11.51 -28.47 -15.25
C LEU S 785 10.89 -29.84 -15.00
N VAL S 786 11.71 -30.87 -14.82
CA VAL S 786 11.18 -32.22 -14.70
C VAL S 786 10.47 -32.40 -13.37
N LEU S 787 11.08 -31.94 -12.27
CA LEU S 787 10.54 -32.19 -10.95
C LEU S 787 9.50 -31.15 -10.53
N MET S 788 9.90 -29.88 -10.47
CA MET S 788 9.01 -28.84 -9.96
C MET S 788 7.88 -28.57 -10.94
N GLU S 789 8.22 -28.12 -12.15
CA GLU S 789 7.19 -27.84 -13.14
C GLU S 789 6.40 -29.10 -13.48
N GLY S 790 7.03 -30.27 -13.39
CA GLY S 790 6.32 -31.51 -13.66
C GLY S 790 5.23 -31.78 -12.64
N THR S 791 5.58 -31.72 -11.35
CA THR S 791 4.60 -31.97 -10.31
C THR S 791 3.49 -30.92 -10.31
N SER S 792 3.83 -29.66 -10.59
CA SER S 792 2.80 -28.64 -10.71
C SER S 792 1.82 -28.97 -11.81
N ALA S 793 2.33 -29.44 -12.96
CA ALA S 793 1.45 -29.87 -14.03
C ALA S 793 0.61 -31.08 -13.60
N MET S 794 1.20 -31.99 -12.83
CA MET S 794 0.46 -33.17 -12.38
C MET S 794 -0.72 -32.77 -11.50
N LEU S 795 -0.49 -31.88 -10.53
CA LEU S 795 -1.55 -31.53 -9.59
C LEU S 795 -2.68 -30.76 -10.26
N HIS S 796 -2.37 -29.96 -11.28
CA HIS S 796 -3.42 -29.32 -12.05
C HIS S 796 -4.31 -30.35 -12.76
N SER S 797 -3.69 -31.37 -13.35
CA SER S 797 -4.47 -32.42 -13.99
C SER S 797 -5.29 -33.19 -12.98
N LEU S 798 -4.82 -33.29 -11.74
CA LEU S 798 -5.61 -33.92 -10.69
C LEU S 798 -6.85 -33.09 -10.38
N ARG S 799 -6.68 -31.76 -10.26
CA ARG S 799 -7.82 -30.90 -9.99
C ARG S 799 -8.85 -30.97 -11.10
N LEU S 800 -8.39 -31.10 -12.35
CA LEU S 800 -9.33 -31.24 -13.45
C LEU S 800 -10.21 -32.48 -13.28
N HIS S 801 -9.70 -33.52 -12.64
CA HIS S 801 -10.46 -34.74 -12.47
C HIS S 801 -11.43 -34.63 -11.29
N TRP S 802 -10.95 -34.13 -10.15
CA TRP S 802 -11.80 -34.03 -8.98
C TRP S 802 -13.00 -33.11 -9.24
N VAL S 803 -12.78 -31.99 -9.90
CA VAL S 803 -13.81 -30.97 -10.02
C VAL S 803 -14.48 -31.01 -11.39
N GLU S 804 -13.70 -30.78 -12.45
CA GLU S 804 -14.30 -30.60 -13.77
C GLU S 804 -15.02 -31.86 -14.24
N SER S 805 -14.44 -33.03 -13.95
CA SER S 805 -14.98 -34.29 -14.45
C SER S 805 -15.93 -34.95 -13.45
N MET S 806 -15.44 -35.26 -12.25
CA MET S 806 -16.21 -36.06 -11.31
C MET S 806 -17.48 -35.34 -10.86
N SER S 807 -17.47 -34.02 -10.84
CA SER S 807 -18.67 -33.29 -10.42
C SER S 807 -19.87 -33.58 -11.31
N LYS S 808 -19.64 -34.07 -12.53
CA LYS S 808 -20.73 -34.31 -13.47
C LYS S 808 -21.30 -35.73 -13.39
N PHE S 809 -20.65 -36.67 -12.71
CA PHE S 809 -21.21 -38.01 -12.61
C PHE S 809 -21.05 -38.67 -11.23
N PHE S 810 -20.40 -37.99 -10.28
CA PHE S 810 -20.01 -38.60 -9.01
C PHE S 810 -20.89 -38.06 -7.89
N VAL S 811 -21.58 -38.97 -7.19
CA VAL S 811 -22.40 -38.59 -6.04
C VAL S 811 -21.62 -38.67 -4.74
N GLY S 812 -20.91 -39.78 -4.49
CA GLY S 812 -20.11 -39.91 -3.29
C GLY S 812 -20.93 -40.29 -2.06
N GLU S 813 -20.44 -39.87 -0.89
CA GLU S 813 -21.09 -40.14 0.39
C GLU S 813 -21.20 -41.64 0.67
N GLY S 814 -20.23 -42.41 0.20
CA GLY S 814 -20.25 -43.84 0.41
C GLY S 814 -19.63 -44.26 1.73
N LEU S 815 -20.09 -45.40 2.25
CA LEU S 815 -19.48 -46.00 3.44
C LEU S 815 -18.29 -46.85 3.02
N PRO S 816 -17.08 -46.53 3.46
CA PRO S 816 -15.92 -47.32 3.02
C PRO S 816 -15.91 -48.71 3.63
N TYR S 817 -15.55 -49.69 2.81
CA TYR S 817 -15.39 -51.07 3.29
C TYR S 817 -14.11 -51.18 4.09
N GLU S 818 -14.23 -51.59 5.35
CA GLU S 818 -13.08 -51.69 6.25
C GLU S 818 -13.32 -52.85 7.20
N PRO S 819 -12.94 -54.07 6.80
CA PRO S 819 -13.29 -55.26 7.59
C PRO S 819 -12.45 -55.39 8.86
N PHE S 820 -12.98 -56.19 9.77
CA PHE S 820 -12.23 -56.55 10.98
C PHE S 820 -11.13 -57.54 10.62
N ALA S 821 -9.88 -57.13 10.81
CA ALA S 821 -8.76 -58.00 10.48
C ALA S 821 -7.59 -57.69 11.41
N PHE S 822 -6.78 -58.72 11.67
CA PHE S 822 -5.60 -58.56 12.51
C PHE S 822 -4.43 -58.05 11.70
N GLU S 823 -3.58 -57.26 12.35
CA GLU S 823 -2.33 -56.79 11.75
C GLU S 823 -1.31 -56.60 12.84
N TYR S 824 -0.09 -56.28 12.43
CA TYR S 824 1.02 -56.07 13.35
C TYR S 824 0.94 -54.66 13.93
N LYS S 825 0.85 -54.59 15.25
CA LYS S 825 0.84 -53.29 15.95
C LYS S 825 2.26 -52.81 16.14
N ASP S 826 2.47 -51.50 15.90
CA ASP S 826 3.82 -50.98 15.81
C ASP S 826 4.48 -50.78 17.17
N MET S 827 3.73 -50.35 18.18
CA MET S 827 4.30 -49.92 19.45
C MET S 827 5.42 -48.92 19.21
#